data_9V55
#
_entry.id   9V55
#
_cell.length_a   1.00
_cell.length_b   1.00
_cell.length_c   1.00
_cell.angle_alpha   90.00
_cell.angle_beta   90.00
_cell.angle_gamma   90.00
#
_symmetry.space_group_name_H-M   'P 1'
#
loop_
_entity.id
_entity.type
_entity.pdbx_description
1 polymer 'Outer membrane protein TolC'
2 polymer 'Uncharacterized lipoprotein YbjP'
3 polymer 'Multidrug efflux pump subunit AcrA'
#
loop_
_entity_poly.entity_id
_entity_poly.type
_entity_poly.pdbx_seq_one_letter_code
_entity_poly.pdbx_strand_id
1 'polypeptide(L)'
;MKKLLPILIGLSLSGFSSLSQAENLMQVYQQARLSNPELRKSAADRDAAFEKINEARSPLLPQLGLGADYTYSNGYRDAN
GINSNATSASLQLTQSIFDMSKWRALTLQEKAAGIQDVTYQTDQQTLILNTATAYFNVLNAIDVLSYTQAQKEAIYRQLD
QTTQRFNVGLVAITDVQNARAQYDTVLANEVTARNNLDNAVEQLRQITGNYYPELAALNVENFKTDKPQPVNALLKEAEK
RNLSLLQARLSQDLAREQIRQAQDGHLPTLDLTASTGISDTSYSGSKTRGAAGTQYDDSNMGQNKVGLSFSLPIYQGGMV
NSQVKQAQYNFVGASEQLESAHRSVVQTVRSSFNNINASISSINAYKQAVVSAQSSLDAMEAGYSVGTRTIVDVLDATTT
LYNAKQELANARYNYLINQLNIKSALGTLNEQDLLALNNALSKPVSTNPENVAPQTPEQNAIADGYAPDSPAPVVQQTSA
RTTTSNGHNPFRN
;
C1,C2,C3
2 'polypeptide(L)'
;MRYSKLTMLIPCALLLSACTTVTPAYKDNGTRSGPCVEGGPDNVAQQFYDYRILHRSNDITALRPYLSDKLATLLSDASR
DNNHRELLTNDPFSSRTTLPDSAHVASASTIPNRDARNIPLRVDLKQGDQGWQDEVLMIQEGQCWVIDDVRYLGGSVHAT
AGTLRQSIENR
;
P1,P2,P3
3 'polypeptide(L)'
;MNKNRGFTPLAVVLMLSGSLALTGCDDKQAQQGGQQMPAVGVVTVKTEPLQITTELPGRTSAYRIAEVRPQVSGIILKRN
FKEGSDIEAGVSLYQIDPATYQATYDSAKGDLAKAQAAANIAQLTVNRYQKLLGTQYISKQEYDQALADAQQANAAVTAA
KAAVETARINLAYTKVTSPISGRIGKSNVTEGALVQNGQATALATVQQLDPIYVDVTQSSNDFLRLKQELANGTLKQENG
KAKVSLITSDGIKFPQDGTLEFSDVTVDQTTGSITLRAIFPNPDHTLLPGMFVRARLEEGLNPNAILVPQQGVTRTPRGD
ATVLVVGADDKVETRPIVASQAIGDKWLVTEGLKAGDRVVISGLQKVRPGVQVKAQEVTADNNQQAASGAQPEQSKS
;
A1,A2,A3,a2,a1,a3
#
# COMPACT_ATOMS: atom_id res chain seq x y z
N GLU A 23 -30.67 51.76 20.70
CA GLU A 23 -31.15 51.53 22.06
C GLU A 23 -30.19 50.63 22.83
N ASN A 24 -29.63 51.16 23.91
CA ASN A 24 -28.76 50.38 24.78
C ASN A 24 -29.52 49.96 26.03
N LEU A 25 -28.82 49.35 26.98
CA LEU A 25 -29.47 48.82 28.17
C LEU A 25 -30.08 49.92 29.03
N MET A 26 -29.41 51.07 29.13
CA MET A 26 -29.88 52.12 30.02
C MET A 26 -31.23 52.66 29.59
N GLN A 27 -31.37 53.01 28.31
CA GLN A 27 -32.66 53.51 27.82
C GLN A 27 -33.73 52.43 27.89
N VAL A 28 -33.37 51.18 27.62
CA VAL A 28 -34.33 50.09 27.70
C VAL A 28 -34.87 49.97 29.12
N TYR A 29 -34.00 50.02 30.12
CA TYR A 29 -34.45 49.92 31.49
C TYR A 29 -35.24 51.15 31.92
N GLN A 30 -34.85 52.34 31.43
CA GLN A 30 -35.59 53.55 31.76
C GLN A 30 -37.02 53.47 31.23
N GLN A 31 -37.18 52.96 30.00
CA GLN A 31 -38.53 52.77 29.46
C GLN A 31 -39.28 51.68 30.22
N ALA A 32 -38.59 50.58 30.56
CA ALA A 32 -39.26 49.47 31.25
C ALA A 32 -39.75 49.87 32.63
N ARG A 33 -38.97 50.66 33.37
CA ARG A 33 -39.40 51.09 34.70
C ARG A 33 -40.70 51.89 34.62
N LEU A 34 -40.87 52.65 33.55
CA LEU A 34 -42.07 53.47 33.40
C LEU A 34 -43.30 52.61 33.10
N SER A 35 -43.28 51.90 31.97
CA SER A 35 -44.43 51.13 31.52
C SER A 35 -44.17 49.64 31.73
N ASN A 36 -44.51 49.16 32.92
CA ASN A 36 -44.44 47.74 33.23
C ASN A 36 -45.52 47.37 34.24
N PRO A 37 -46.55 46.63 33.83
CA PRO A 37 -47.69 46.32 34.71
C PRO A 37 -47.41 45.19 35.69
N GLU A 38 -46.22 45.21 36.29
CA GLU A 38 -45.88 44.27 37.36
C GLU A 38 -45.36 45.05 38.56
N LEU A 39 -44.70 46.18 38.29
CA LEU A 39 -44.29 47.07 39.37
C LEU A 39 -45.40 48.00 39.78
N ARG A 40 -46.30 48.36 38.85
CA ARG A 40 -47.40 49.24 39.19
C ARG A 40 -48.35 48.57 40.18
N LYS A 41 -48.61 47.28 39.99
CA LYS A 41 -49.48 46.56 40.93
C LYS A 41 -48.86 46.51 42.32
N SER A 42 -47.56 46.25 42.40
CA SER A 42 -46.89 46.23 43.70
C SER A 42 -46.90 47.61 44.35
N ALA A 43 -46.73 48.66 43.56
CA ALA A 43 -46.80 50.02 44.10
C ALA A 43 -48.19 50.33 44.62
N ALA A 44 -49.23 49.90 43.90
CA ALA A 44 -50.60 50.11 44.35
C ALA A 44 -50.87 49.34 45.65
N ASP A 45 -50.38 48.11 45.73
CA ASP A 45 -50.55 47.32 46.96
C ASP A 45 -49.84 48.01 48.12
N ARG A 46 -48.62 48.52 47.88
CA ARG A 46 -47.90 49.26 48.91
C ARG A 46 -48.68 50.49 49.36
N ASP A 47 -49.25 51.22 48.41
CA ASP A 47 -50.00 52.42 48.76
C ASP A 47 -51.25 52.08 49.56
N ALA A 48 -51.93 50.99 49.20
CA ALA A 48 -53.09 50.55 49.98
C ALA A 48 -52.69 50.16 51.39
N ALA A 49 -51.58 49.44 51.53
CA ALA A 49 -51.12 49.05 52.86
C ALA A 49 -50.77 50.26 53.71
N PHE A 50 -50.15 51.28 53.09
CA PHE A 50 -49.84 52.51 53.82
C PHE A 50 -51.10 53.28 54.18
N GLU A 51 -52.10 53.26 53.30
CA GLU A 51 -53.35 53.94 53.56
C GLU A 51 -54.16 53.26 54.66
N LYS A 52 -53.94 51.96 54.86
CA LYS A 52 -54.65 51.25 55.92
C LYS A 52 -54.36 51.81 57.31
N ILE A 53 -53.28 52.58 57.46
CA ILE A 53 -52.96 53.16 58.76
C ILE A 53 -54.08 54.08 59.23
N ASN A 54 -54.66 54.85 58.31
CA ASN A 54 -55.75 55.75 58.69
C ASN A 54 -56.97 54.98 59.18
N GLU A 55 -57.31 53.89 58.50
CA GLU A 55 -58.45 53.07 58.95
C GLU A 55 -58.15 52.41 60.28
N ALA A 56 -56.91 52.00 60.50
CA ALA A 56 -56.55 51.41 61.79
C ALA A 56 -56.60 52.43 62.91
N ARG A 57 -56.25 53.69 62.62
CA ARG A 57 -56.32 54.75 63.62
C ARG A 57 -57.72 55.32 63.79
N SER A 58 -58.64 55.02 62.87
CA SER A 58 -59.98 55.61 62.95
C SER A 58 -60.72 55.31 64.25
N PRO A 59 -60.71 54.09 64.82
CA PRO A 59 -61.44 53.88 66.08
C PRO A 59 -60.96 54.76 67.22
N LEU A 60 -59.67 55.12 67.23
CA LEU A 60 -59.16 55.99 68.28
C LEU A 60 -59.80 57.37 68.22
N LEU A 61 -60.02 57.89 67.02
CA LEU A 61 -60.60 59.21 66.86
C LEU A 61 -62.06 59.22 67.32
N PRO A 62 -62.57 60.36 67.76
CA PRO A 62 -63.95 60.41 68.26
C PRO A 62 -64.96 60.01 67.20
N GLN A 63 -66.00 59.30 67.63
CA GLN A 63 -67.08 58.87 66.75
C GLN A 63 -68.35 59.61 67.13
N LEU A 64 -69.16 59.96 66.13
CA LEU A 64 -70.42 60.63 66.41
C LEU A 64 -71.42 60.32 65.30
N GLY A 65 -72.70 60.42 65.64
CA GLY A 65 -73.75 60.12 64.68
C GLY A 65 -75.08 60.69 65.12
N LEU A 66 -76.06 60.56 64.24
CA LEU A 66 -77.42 61.03 64.48
C LEU A 66 -78.39 59.92 64.11
N GLY A 67 -79.41 59.72 64.95
CA GLY A 67 -80.38 58.68 64.70
C GLY A 67 -81.77 59.01 65.21
N ALA A 68 -82.78 58.81 64.36
CA ALA A 68 -84.16 59.11 64.73
C ALA A 68 -85.02 57.88 64.49
N ASP A 69 -86.14 57.82 65.21
CA ASP A 69 -87.07 56.70 65.09
C ASP A 69 -88.46 57.16 65.49
N TYR A 70 -89.45 56.36 65.08
CA TYR A 70 -90.85 56.62 65.42
C TYR A 70 -91.52 55.27 65.65
N THR A 71 -92.23 55.14 66.77
CA THR A 71 -92.80 53.86 67.17
C THR A 71 -94.22 54.06 67.66
N TYR A 72 -95.15 53.28 67.11
CA TYR A 72 -96.53 53.23 67.56
C TYR A 72 -96.77 51.89 68.26
N SER A 73 -97.30 51.95 69.48
CA SER A 73 -97.56 50.76 70.27
C SER A 73 -99.04 50.69 70.61
N ASN A 74 -99.60 49.49 70.52
CA ASN A 74 -101.00 49.23 70.86
C ASN A 74 -101.03 48.26 72.04
N GLY A 75 -101.73 48.65 73.11
CA GLY A 75 -101.80 47.81 74.28
C GLY A 75 -102.69 46.60 74.07
N TYR A 76 -102.50 45.62 74.95
CA TYR A 76 -103.27 44.37 74.87
C TYR A 76 -103.40 43.79 76.26
N ARG A 77 -104.39 42.91 76.41
CA ARG A 77 -104.66 42.20 77.67
C ARG A 77 -104.96 43.24 78.74
N ASP A 78 -104.16 43.36 79.81
CA ASP A 78 -104.48 44.30 80.88
C ASP A 78 -104.51 45.74 80.39
N ALA A 79 -103.56 46.12 79.53
CA ALA A 79 -103.55 47.46 78.96
C ALA A 79 -104.44 47.55 77.73
N ASN A 80 -105.68 47.10 77.87
CA ASN A 80 -106.63 47.18 76.77
C ASN A 80 -107.03 48.63 76.51
N GLY A 81 -107.15 48.99 75.25
CA GLY A 81 -107.51 50.34 74.88
C GLY A 81 -106.50 51.40 75.28
N ILE A 82 -105.21 51.08 75.17
CA ILE A 82 -104.13 52.04 75.43
C ILE A 82 -103.20 52.03 74.23
N ASN A 83 -102.99 53.20 73.63
CA ASN A 83 -102.14 53.36 72.47
C ASN A 83 -101.14 54.48 72.71
N SER A 84 -99.93 54.30 72.21
CA SER A 84 -98.87 55.29 72.36
C SER A 84 -98.18 55.53 71.02
N ASN A 85 -97.68 56.75 70.85
CA ASN A 85 -96.94 57.13 69.64
C ASN A 85 -95.76 57.99 70.09
N ALA A 86 -94.55 57.46 69.95
CA ALA A 86 -93.35 58.12 70.45
C ALA A 86 -92.35 58.29 69.31
N THR A 87 -91.90 59.52 69.10
CA THR A 87 -90.88 59.83 68.10
C THR A 87 -89.67 60.40 68.82
N SER A 88 -88.49 59.84 68.53
CA SER A 88 -87.27 60.23 69.20
C SER A 88 -86.20 60.57 68.17
N ALA A 89 -85.30 61.46 68.56
CA ALA A 89 -84.16 61.84 67.72
C ALA A 89 -82.98 62.14 68.63
N SER A 90 -81.89 61.40 68.47
CA SER A 90 -80.74 61.49 69.35
C SER A 90 -79.46 61.70 68.55
N LEU A 91 -78.66 62.65 68.99
CA LEU A 91 -77.32 62.88 68.46
C LEU A 91 -76.32 62.40 69.49
N GLN A 92 -75.48 61.44 69.11
CA GLN A 92 -74.56 60.78 70.04
C GLN A 92 -73.12 61.03 69.63
N LEU A 93 -72.24 61.08 70.63
CA LEU A 93 -70.81 61.26 70.41
C LEU A 93 -70.08 60.45 71.46
N THR A 94 -69.36 59.41 71.02
CA THR A 94 -68.61 58.53 71.90
C THR A 94 -67.12 58.64 71.60
N GLN A 95 -66.31 58.45 72.64
CA GLN A 95 -64.85 58.56 72.50
C GLN A 95 -64.19 57.73 73.59
N SER A 96 -63.22 56.91 73.19
CA SER A 96 -62.49 56.09 74.14
C SER A 96 -61.44 56.92 74.86
N ILE A 97 -61.02 56.45 76.03
CA ILE A 97 -60.00 57.10 76.83
C ILE A 97 -58.75 56.24 76.97
N PHE A 98 -58.92 54.99 77.40
CA PHE A 98 -57.80 54.08 77.59
C PHE A 98 -58.19 52.71 77.05
N ASP A 99 -57.64 52.35 75.89
CA ASP A 99 -57.88 51.03 75.30
C ASP A 99 -56.62 50.68 74.50
N MET A 100 -55.74 49.87 75.09
CA MET A 100 -54.46 49.56 74.47
C MET A 100 -54.61 48.76 73.18
N SER A 101 -55.75 48.09 72.97
CA SER A 101 -55.93 47.26 71.79
C SER A 101 -55.85 48.09 70.51
N LYS A 102 -56.45 49.27 70.50
CA LYS A 102 -56.43 50.12 69.31
C LYS A 102 -55.01 50.58 68.99
N TRP A 103 -54.24 50.97 70.01
CA TRP A 103 -52.86 51.39 69.78
C TRP A 103 -52.02 50.22 69.27
N ARG A 104 -52.23 49.03 69.82
CA ARG A 104 -51.52 47.85 69.33
C ARG A 104 -51.87 47.56 67.87
N ALA A 105 -53.15 47.71 67.51
CA ALA A 105 -53.56 47.50 66.13
C ALA A 105 -52.90 48.52 65.21
N LEU A 106 -52.80 49.77 65.66
CA LEU A 106 -52.13 50.80 64.86
C LEU A 106 -50.67 50.45 64.63
N THR A 107 -49.98 50.02 65.68
CA THR A 107 -48.58 49.61 65.53
C THR A 107 -48.44 48.42 64.59
N LEU A 108 -49.36 47.46 64.69
CA LEU A 108 -49.33 46.31 63.79
C LEU A 108 -49.50 46.74 62.34
N GLN A 109 -50.41 47.67 62.10
CA GLN A 109 -50.61 48.17 60.74
C GLN A 109 -49.35 48.87 60.22
N GLU A 110 -48.68 49.64 61.09
CA GLU A 110 -47.45 50.30 60.68
C GLU A 110 -46.38 49.28 60.29
N LYS A 111 -46.23 48.22 61.09
CA LYS A 111 -45.23 47.20 60.77
C LYS A 111 -45.58 46.47 59.47
N ALA A 112 -46.87 46.21 59.25
CA ALA A 112 -47.29 45.58 57.99
C ALA A 112 -46.96 46.48 56.80
N ALA A 113 -47.16 47.80 56.94
CA ALA A 113 -46.79 48.71 55.87
C ALA A 113 -45.28 48.66 55.61
N GLY A 114 -44.48 48.57 56.67
CA GLY A 114 -43.04 48.46 56.48
C GLY A 114 -42.63 47.22 55.71
N ILE A 115 -43.20 46.07 56.09
CA ILE A 115 -42.84 44.85 55.38
C ILE A 115 -43.32 44.89 53.93
N GLN A 116 -44.47 45.53 53.68
CA GLN A 116 -44.92 45.70 52.30
C GLN A 116 -43.94 46.55 51.50
N ASP A 117 -43.41 47.61 52.11
CA ASP A 117 -42.40 48.43 51.43
C ASP A 117 -41.17 47.62 51.10
N VAL A 118 -40.74 46.75 52.02
CA VAL A 118 -39.59 45.88 51.74
C VAL A 118 -39.89 44.98 50.54
N THR A 119 -41.11 44.44 50.48
CA THR A 119 -41.50 43.61 49.34
C THR A 119 -41.45 44.41 48.04
N TYR A 120 -41.88 45.67 48.07
CA TYR A 120 -41.82 46.49 46.87
C TYR A 120 -40.39 46.71 46.41
N GLN A 121 -39.47 46.93 47.35
CA GLN A 121 -38.05 47.06 46.98
C GLN A 121 -37.55 45.78 46.32
N THR A 122 -37.92 44.63 46.87
CA THR A 122 -37.54 43.36 46.26
C THR A 122 -38.07 43.27 44.83
N ASP A 123 -39.31 43.72 44.62
CA ASP A 123 -39.89 43.70 43.27
C ASP A 123 -39.10 44.58 42.31
N GLN A 124 -38.64 45.74 42.79
CA GLN A 124 -37.80 46.59 41.95
C GLN A 124 -36.53 45.86 41.53
N GLN A 125 -35.88 45.18 42.47
CA GLN A 125 -34.66 44.45 42.13
C GLN A 125 -34.94 43.36 41.10
N THR A 126 -36.03 42.62 41.29
CA THR A 126 -36.37 41.57 40.31
C THR A 126 -36.67 42.15 38.94
N LEU A 127 -37.29 43.34 38.88
CA LEU A 127 -37.53 43.97 37.59
C LEU A 127 -36.22 44.29 36.89
N ILE A 128 -35.25 44.83 37.63
CA ILE A 128 -33.96 45.14 37.03
C ILE A 128 -33.32 43.87 36.46
N LEU A 129 -33.31 42.80 37.27
CA LEU A 129 -32.70 41.56 36.81
C LEU A 129 -33.39 41.01 35.57
N ASN A 130 -34.73 41.04 35.57
CA ASN A 130 -35.50 40.49 34.47
C ASN A 130 -35.23 41.25 33.18
N THR A 131 -35.21 42.59 33.26
CA THR A 131 -34.99 43.35 32.02
C THR A 131 -33.58 43.14 31.49
N ALA A 132 -32.60 43.01 32.39
CA ALA A 132 -31.24 42.73 31.92
C ALA A 132 -31.16 41.39 31.18
N THR A 133 -31.73 40.34 31.79
CA THR A 133 -31.69 39.02 31.17
C THR A 133 -32.41 39.03 29.83
N ALA A 134 -33.61 39.64 29.77
CA ALA A 134 -34.35 39.67 28.52
C ALA A 134 -33.65 40.49 27.46
N TYR A 135 -32.87 41.50 27.85
CA TYR A 135 -32.12 42.27 26.87
C TYR A 135 -30.98 41.43 26.29
N PHE A 136 -30.29 40.66 27.13
CA PHE A 136 -29.16 39.89 26.61
C PHE A 136 -29.59 38.67 25.80
N ASN A 137 -30.79 38.12 26.08
CA ASN A 137 -31.28 36.98 25.30
C ASN A 137 -31.39 37.32 23.82
N VAL A 138 -31.76 38.56 23.50
CA VAL A 138 -31.92 38.95 22.10
C VAL A 138 -30.59 38.89 21.36
N LEU A 139 -29.52 39.40 21.99
CA LEU A 139 -28.20 39.34 21.37
C LEU A 139 -27.75 37.90 21.20
N ASN A 140 -28.02 37.05 22.20
CA ASN A 140 -27.67 35.64 22.07
C ASN A 140 -28.38 35.01 20.88
N ALA A 141 -29.67 35.29 20.72
CA ALA A 141 -30.41 34.74 19.60
C ALA A 141 -29.89 35.27 18.26
N ILE A 142 -29.50 36.54 18.22
CA ILE A 142 -28.94 37.11 17.00
C ILE A 142 -27.68 36.35 16.61
N ASP A 143 -26.80 36.11 17.57
CA ASP A 143 -25.56 35.38 17.28
C ASP A 143 -25.86 33.96 16.81
N VAL A 144 -26.83 33.30 17.45
CA VAL A 144 -27.18 31.93 17.06
C VAL A 144 -27.67 31.90 15.62
N LEU A 145 -28.53 32.86 15.24
CA LEU A 145 -29.03 32.89 13.88
C LEU A 145 -27.91 33.17 12.89
N SER A 146 -26.98 34.07 13.26
CA SER A 146 -25.86 34.37 12.37
C SER A 146 -25.00 33.14 12.13
N TYR A 147 -24.81 32.32 13.17
CA TYR A 147 -24.07 31.07 12.97
C TYR A 147 -24.85 30.08 12.10
N THR A 148 -26.16 29.98 12.32
CA THR A 148 -26.97 29.02 11.57
C THR A 148 -27.01 29.36 10.09
N GLN A 149 -26.97 30.65 9.75
CA GLN A 149 -26.96 31.02 8.33
C GLN A 149 -25.71 30.48 7.63
N ALA A 150 -24.54 30.64 8.25
CA ALA A 150 -23.31 30.12 7.66
C ALA A 150 -23.34 28.59 7.59
N GLN A 151 -23.89 27.94 8.62
CA GLN A 151 -24.01 26.49 8.57
C GLN A 151 -24.88 26.06 7.38
N LYS A 152 -25.99 26.77 7.16
CA LYS A 152 -26.86 26.45 6.03
C LYS A 152 -26.14 26.62 4.71
N GLU A 153 -25.37 27.70 4.56
CA GLU A 153 -24.65 27.93 3.32
C GLU A 153 -23.64 26.81 3.06
N ALA A 154 -22.88 26.43 4.09
CA ALA A 154 -21.89 25.37 3.92
C ALA A 154 -22.56 24.05 3.57
N ILE A 155 -23.67 23.73 4.23
CA ILE A 155 -24.32 22.44 3.97
C ILE A 155 -24.93 22.42 2.57
N TYR A 156 -25.48 23.55 2.12
CA TYR A 156 -25.99 23.62 0.76
C TYR A 156 -24.89 23.42 -0.26
N ARG A 157 -23.73 24.05 -0.04
CA ARG A 157 -22.61 23.83 -0.95
C ARG A 157 -22.16 22.36 -0.96
N GLN A 158 -22.15 21.73 0.23
CA GLN A 158 -21.81 20.31 0.29
C GLN A 158 -22.79 19.46 -0.49
N LEU A 159 -24.09 19.74 -0.36
CA LEU A 159 -25.10 18.99 -1.10
C LEU A 159 -24.93 19.18 -2.61
N ASP A 160 -24.65 20.42 -3.03
CA ASP A 160 -24.42 20.67 -4.46
C ASP A 160 -23.20 19.90 -4.95
N GLN A 161 -22.13 19.85 -4.14
CA GLN A 161 -20.95 19.08 -4.51
C GLN A 161 -21.29 17.60 -4.68
N THR A 162 -22.06 17.05 -3.74
CA THR A 162 -22.44 15.64 -3.83
C THR A 162 -23.29 15.37 -5.08
N THR A 163 -24.22 16.28 -5.39
CA THR A 163 -25.05 16.11 -6.58
C THR A 163 -24.20 16.17 -7.84
N GLN A 164 -23.21 17.07 -7.88
CA GLN A 164 -22.31 17.14 -9.03
C GLN A 164 -21.53 15.84 -9.18
N ARG A 165 -21.00 15.31 -8.08
CA ARG A 165 -20.26 14.05 -8.15
C ARG A 165 -21.14 12.91 -8.64
N PHE A 166 -22.39 12.87 -8.19
CA PHE A 166 -23.30 11.83 -8.67
C PHE A 166 -23.61 11.99 -10.15
N ASN A 167 -23.83 13.23 -10.59
CA ASN A 167 -24.17 13.47 -11.99
C ASN A 167 -23.02 13.06 -12.91
N VAL A 168 -21.79 13.45 -12.55
CA VAL A 168 -20.63 12.92 -13.28
C VAL A 168 -20.54 11.41 -13.05
N GLY A 169 -20.80 10.98 -11.83
CA GLY A 169 -20.79 9.59 -11.42
C GLY A 169 -19.52 9.24 -10.67
N LEU A 170 -19.58 9.39 -9.35
CA LEU A 170 -18.51 8.96 -8.46
C LEU A 170 -19.02 8.36 -7.16
N VAL A 171 -20.30 8.53 -6.82
CA VAL A 171 -20.87 8.04 -5.57
C VAL A 171 -22.22 7.40 -5.86
N ALA A 172 -22.69 6.61 -4.91
CA ALA A 172 -23.99 5.97 -5.04
C ALA A 172 -25.10 6.95 -4.67
N ILE A 173 -26.34 6.55 -4.94
CA ILE A 173 -27.49 7.40 -4.66
C ILE A 173 -27.70 7.62 -3.17
N THR A 174 -27.21 6.69 -2.33
CA THR A 174 -27.40 6.81 -0.89
C THR A 174 -26.71 8.06 -0.35
N ASP A 175 -25.54 8.38 -0.89
CA ASP A 175 -24.85 9.59 -0.46
C ASP A 175 -25.65 10.84 -0.80
N VAL A 176 -26.26 10.86 -1.98
CA VAL A 176 -27.10 12.01 -2.36
C VAL A 176 -28.30 12.13 -1.43
N GLN A 177 -28.93 11.00 -1.12
CA GLN A 177 -30.08 11.03 -0.21
C GLN A 177 -29.66 11.54 1.17
N ASN A 178 -28.51 11.08 1.67
CA ASN A 178 -28.03 11.54 2.96
C ASN A 178 -27.74 13.03 2.95
N ALA A 179 -27.12 13.53 1.88
CA ALA A 179 -26.84 14.96 1.79
C ALA A 179 -28.12 15.78 1.77
N ARG A 180 -29.13 15.32 1.03
CA ARG A 180 -30.40 16.04 1.00
C ARG A 180 -31.07 16.02 2.37
N ALA A 181 -30.97 14.90 3.09
CA ALA A 181 -31.51 14.84 4.44
C ALA A 181 -30.82 15.84 5.36
N GLN A 182 -29.50 15.95 5.27
CA GLN A 182 -28.78 16.91 6.09
C GLN A 182 -29.18 18.34 5.74
N TYR A 183 -29.39 18.62 4.45
CA TYR A 183 -29.82 19.95 4.05
C TYR A 183 -31.20 20.28 4.62
N ASP A 184 -32.12 19.32 4.57
CA ASP A 184 -33.44 19.56 5.15
C ASP A 184 -33.34 19.79 6.66
N THR A 185 -32.46 19.04 7.32
CA THR A 185 -32.27 19.24 8.76
C THR A 185 -31.76 20.65 9.06
N VAL A 186 -30.80 21.13 8.27
CA VAL A 186 -30.28 22.47 8.53
C VAL A 186 -31.32 23.54 8.21
N LEU A 187 -32.19 23.29 7.21
CA LEU A 187 -33.28 24.23 6.95
C LEU A 187 -34.23 24.31 8.15
N ALA A 188 -34.58 23.16 8.72
CA ALA A 188 -35.43 23.18 9.90
C ALA A 188 -34.76 23.88 11.07
N ASN A 189 -33.45 23.67 11.23
CA ASN A 189 -32.72 24.36 12.30
C ASN A 189 -32.72 25.86 12.11
N GLU A 190 -32.58 26.32 10.86
CA GLU A 190 -32.65 27.75 10.58
C GLU A 190 -34.02 28.32 10.94
N VAL A 191 -35.09 27.60 10.59
CA VAL A 191 -36.43 28.06 10.94
C VAL A 191 -36.57 28.16 12.46
N THR A 192 -36.05 27.16 13.18
CA THR A 192 -36.13 27.17 14.63
C THR A 192 -35.39 28.37 15.22
N ALA A 193 -34.20 28.67 14.70
CA ALA A 193 -33.44 29.81 15.21
C ALA A 193 -34.16 31.12 14.93
N ARG A 194 -34.76 31.25 13.75
CA ARG A 194 -35.52 32.45 13.44
C ARG A 194 -36.68 32.63 14.41
N ASN A 195 -37.42 31.55 14.69
CA ASN A 195 -38.51 31.64 15.65
C ASN A 195 -38.01 31.96 17.05
N ASN A 196 -36.83 31.45 17.42
CA ASN A 196 -36.26 31.78 18.72
C ASN A 196 -35.96 33.27 18.83
N LEU A 197 -35.39 33.86 17.78
CA LEU A 197 -35.14 35.29 17.79
C LEU A 197 -36.46 36.07 17.91
N ASP A 198 -37.48 35.64 17.17
CA ASP A 198 -38.77 36.32 17.26
C ASP A 198 -39.35 36.25 18.66
N ASN A 199 -39.26 35.09 19.30
CA ASN A 199 -39.78 34.94 20.66
C ASN A 199 -39.00 35.79 21.65
N ALA A 200 -37.68 35.89 21.48
CA ALA A 200 -36.90 36.76 22.36
C ALA A 200 -37.32 38.21 22.22
N VAL A 201 -37.52 38.67 20.98
CA VAL A 201 -37.96 40.05 20.77
C VAL A 201 -39.34 40.27 21.37
N GLU A 202 -40.21 39.27 21.25
CA GLU A 202 -41.56 39.40 21.82
C GLU A 202 -41.50 39.45 23.34
N GLN A 203 -40.62 38.67 23.96
CA GLN A 203 -40.45 38.75 25.41
C GLN A 203 -39.97 40.12 25.83
N LEU A 204 -39.02 40.69 25.09
CA LEU A 204 -38.56 42.04 25.39
C LEU A 204 -39.69 43.05 25.28
N ARG A 205 -40.51 42.92 24.24
CA ARG A 205 -41.65 43.82 24.08
C ARG A 205 -42.64 43.66 25.24
N GLN A 206 -42.88 42.42 25.67
CA GLN A 206 -43.78 42.19 26.80
C GLN A 206 -43.25 42.82 28.07
N ILE A 207 -41.94 42.77 28.28
CA ILE A 207 -41.37 43.32 29.51
C ILE A 207 -41.19 44.84 29.45
N THR A 208 -41.19 45.43 28.25
CA THR A 208 -41.04 46.88 28.13
C THR A 208 -42.24 47.58 27.52
N GLY A 209 -43.19 46.86 26.94
CA GLY A 209 -44.31 47.49 26.28
C GLY A 209 -43.93 48.32 25.08
N ASN A 210 -42.88 47.92 24.35
CA ASN A 210 -42.42 48.65 23.18
C ASN A 210 -41.63 47.71 22.30
N TYR A 211 -41.54 48.06 21.02
CA TYR A 211 -40.84 47.26 20.03
C TYR A 211 -39.50 47.91 19.72
N TYR A 212 -38.42 47.16 19.86
CA TYR A 212 -37.08 47.68 19.64
C TYR A 212 -36.50 47.08 18.38
N PRO A 213 -36.37 47.84 17.28
CA PRO A 213 -35.83 47.29 16.04
C PRO A 213 -34.32 47.32 15.93
N GLU A 214 -33.61 47.76 16.97
CA GLU A 214 -32.15 47.86 16.92
C GLU A 214 -31.62 47.99 18.34
N LEU A 215 -30.61 47.20 18.68
CA LEU A 215 -30.09 47.13 20.03
C LEU A 215 -28.58 47.31 20.03
N ALA A 216 -28.05 47.75 21.17
CA ALA A 216 -26.61 47.88 21.33
C ALA A 216 -26.00 46.52 21.65
N ALA A 217 -24.87 46.23 21.02
CA ALA A 217 -24.19 44.96 21.16
C ALA A 217 -22.89 45.12 21.94
N LEU A 218 -22.28 44.00 22.27
CA LEU A 218 -21.08 44.01 23.10
C LEU A 218 -19.88 44.53 22.33
N ASN A 219 -18.96 45.15 23.06
CA ASN A 219 -17.70 45.65 22.51
C ASN A 219 -16.57 44.74 22.94
N VAL A 220 -15.80 44.24 21.97
CA VAL A 220 -14.72 43.30 22.26
C VAL A 220 -13.60 44.01 23.03
N GLU A 221 -13.21 45.20 22.57
CA GLU A 221 -12.06 45.89 23.16
C GLU A 221 -12.40 46.43 24.55
N ASN A 222 -13.61 46.96 24.73
CA ASN A 222 -13.97 47.62 25.98
C ASN A 222 -14.36 46.64 27.08
N PHE A 223 -14.48 45.35 26.79
CA PHE A 223 -14.92 44.37 27.77
C PHE A 223 -13.71 43.79 28.50
N LYS A 224 -13.70 43.92 29.81
CA LYS A 224 -12.65 43.34 30.65
C LYS A 224 -13.28 42.69 31.86
N THR A 225 -12.71 41.56 32.28
CA THR A 225 -13.22 40.80 33.42
C THR A 225 -12.35 41.06 34.64
N ASP A 226 -12.99 41.45 35.73
CA ASP A 226 -12.30 41.81 36.97
C ASP A 226 -12.62 40.79 38.06
N LYS A 227 -11.63 40.50 38.89
CA LYS A 227 -11.83 39.57 39.99
C LYS A 227 -12.84 40.14 40.99
N PRO A 228 -13.73 39.31 41.53
CA PRO A 228 -14.67 39.79 42.54
C PRO A 228 -13.98 39.99 43.88
N GLN A 229 -14.61 40.80 44.72
CA GLN A 229 -14.12 41.01 46.07
C GLN A 229 -14.27 39.73 46.89
N PRO A 230 -13.48 39.57 47.95
CA PRO A 230 -13.53 38.31 48.71
C PRO A 230 -14.91 38.04 49.26
N VAL A 231 -15.25 36.75 49.33
CA VAL A 231 -16.57 36.34 49.81
C VAL A 231 -16.82 36.81 51.23
N ASN A 232 -15.77 37.11 51.99
CA ASN A 232 -15.95 37.62 53.34
C ASN A 232 -16.63 38.99 53.33
N ALA A 233 -16.16 39.89 52.47
CA ALA A 233 -16.80 41.20 52.35
C ALA A 233 -18.22 41.08 51.83
N LEU A 234 -18.43 40.15 50.88
CA LEU A 234 -19.78 39.92 50.36
C LEU A 234 -20.72 39.49 51.47
N LEU A 235 -20.28 38.55 52.31
CA LEU A 235 -21.11 38.10 53.43
C LEU A 235 -21.34 39.23 54.43
N LYS A 236 -20.31 40.03 54.69
CA LYS A 236 -20.46 41.14 55.63
C LYS A 236 -21.51 42.13 55.15
N GLU A 237 -21.50 42.45 53.86
CA GLU A 237 -22.49 43.39 53.35
C GLU A 237 -23.88 42.77 53.26
N ALA A 238 -23.97 41.51 52.85
CA ALA A 238 -25.27 40.87 52.67
C ALA A 238 -25.93 40.54 53.99
N GLU A 239 -25.16 40.43 55.07
CA GLU A 239 -25.76 40.16 56.38
C GLU A 239 -26.64 41.32 56.81
N LYS A 240 -26.22 42.54 56.54
CA LYS A 240 -26.93 43.73 57.01
C LYS A 240 -27.67 44.48 55.92
N ARG A 241 -27.52 44.10 54.65
CA ARG A 241 -28.19 44.82 53.57
C ARG A 241 -29.14 43.98 52.72
N ASN A 242 -29.26 42.68 52.98
CA ASN A 242 -30.13 41.85 52.15
C ASN A 242 -31.59 42.12 52.48
N LEU A 243 -32.43 42.08 51.43
CA LEU A 243 -33.84 42.43 51.60
C LEU A 243 -34.61 41.32 52.30
N SER A 244 -34.32 40.06 51.97
CA SER A 244 -35.04 38.94 52.58
C SER A 244 -34.78 38.88 54.08
N LEU A 245 -33.54 39.10 54.50
CA LEU A 245 -33.22 39.08 55.92
C LEU A 245 -33.94 40.19 56.66
N LEU A 246 -33.97 41.40 56.08
CA LEU A 246 -34.70 42.50 56.69
C LEU A 246 -36.19 42.19 56.80
N GLN A 247 -36.76 41.60 55.75
CA GLN A 247 -38.17 41.24 55.79
C GLN A 247 -38.46 40.22 56.89
N ALA A 248 -37.58 39.22 57.03
CA ALA A 248 -37.78 38.22 58.08
C ALA A 248 -37.65 38.84 59.47
N ARG A 249 -36.68 39.73 59.66
CA ARG A 249 -36.52 40.39 60.95
C ARG A 249 -37.75 41.25 61.28
N LEU A 250 -38.26 41.98 60.29
CA LEU A 250 -39.46 42.79 60.51
C LEU A 250 -40.66 41.90 60.81
N SER A 251 -40.75 40.73 60.16
CA SER A 251 -41.82 39.80 60.46
C SER A 251 -41.73 39.29 61.89
N GLN A 252 -40.52 39.01 62.37
CA GLN A 252 -40.36 38.59 63.76
C GLN A 252 -40.78 39.69 64.72
N ASP A 253 -40.42 40.94 64.41
CA ASP A 253 -40.86 42.06 65.24
C ASP A 253 -42.38 42.17 65.25
N LEU A 254 -43.02 41.98 64.09
CA LEU A 254 -44.47 42.00 64.02
C LEU A 254 -45.08 40.88 64.84
N ALA A 255 -44.45 39.70 64.83
CA ALA A 255 -44.94 38.60 65.66
C ALA A 255 -44.85 38.93 67.14
N ARG A 256 -43.76 39.57 67.56
CA ARG A 256 -43.66 39.99 68.97
C ARG A 256 -44.74 40.99 69.32
N GLU A 257 -44.99 41.95 68.42
CA GLU A 257 -46.07 42.91 68.65
C GLU A 257 -47.42 42.21 68.71
N GLN A 258 -47.59 41.14 67.92
CA GLN A 258 -48.81 40.36 67.99
C GLN A 258 -48.96 39.68 69.34
N ILE A 259 -47.85 39.16 69.87
CA ILE A 259 -47.88 38.59 71.23
C ILE A 259 -48.37 39.63 72.22
N ARG A 260 -47.80 40.85 72.15
CA ARG A 260 -48.18 41.88 73.10
C ARG A 260 -49.66 42.29 72.93
N GLN A 261 -50.11 42.40 71.69
CA GLN A 261 -51.50 42.76 71.43
C GLN A 261 -52.46 41.69 71.95
N ALA A 262 -52.12 40.41 71.76
CA ALA A 262 -52.97 39.35 72.29
C ALA A 262 -52.96 39.34 73.81
N GLN A 263 -51.80 39.58 74.42
CA GLN A 263 -51.71 39.63 75.87
C GLN A 263 -52.44 40.83 76.46
N ASP A 264 -52.64 41.89 75.68
CA ASP A 264 -53.33 43.07 76.19
C ASP A 264 -54.82 42.85 76.43
N GLY A 265 -55.32 41.62 76.32
CA GLY A 265 -56.73 41.37 76.59
C GLY A 265 -57.10 41.39 78.06
N HIS A 266 -56.10 41.35 78.95
CA HIS A 266 -56.39 41.39 80.37
C HIS A 266 -56.77 42.80 80.84
N LEU A 267 -56.30 43.82 80.14
CA LEU A 267 -56.49 45.19 80.60
C LEU A 267 -57.94 45.63 80.47
N PRO A 268 -58.40 46.51 81.35
CA PRO A 268 -59.76 47.05 81.25
C PRO A 268 -59.83 48.15 80.20
N THR A 269 -61.04 48.67 80.00
CA THR A 269 -61.29 49.70 79.01
C THR A 269 -62.21 50.78 79.60
N LEU A 270 -62.14 51.97 79.01
CA LEU A 270 -62.87 53.13 79.51
C LEU A 270 -63.28 54.00 78.33
N ASP A 271 -64.56 54.35 78.28
CA ASP A 271 -65.12 55.21 77.25
C ASP A 271 -65.91 56.33 77.89
N LEU A 272 -66.15 57.39 77.12
CA LEU A 272 -67.05 58.45 77.53
C LEU A 272 -68.03 58.73 76.40
N THR A 273 -69.30 58.93 76.77
CA THR A 273 -70.36 59.18 75.81
C THR A 273 -71.11 60.45 76.17
N ALA A 274 -71.59 61.14 75.13
CA ALA A 274 -72.48 62.27 75.28
C ALA A 274 -73.63 62.12 74.30
N SER A 275 -74.81 62.58 74.69
CA SER A 275 -75.98 62.42 73.83
C SER A 275 -76.96 63.54 74.09
N THR A 276 -77.52 64.06 72.99
CA THR A 276 -78.58 65.06 73.04
C THR A 276 -79.81 64.44 72.38
N GLY A 277 -80.85 64.21 73.17
CA GLY A 277 -82.04 63.50 72.70
C GLY A 277 -83.29 64.32 72.88
N ILE A 278 -84.13 64.33 71.85
CA ILE A 278 -85.43 65.00 71.86
C ILE A 278 -86.49 63.94 71.60
N SER A 279 -87.49 63.88 72.48
CA SER A 279 -88.55 62.88 72.40
C SER A 279 -89.90 63.56 72.45
N ASP A 280 -90.85 63.04 71.67
CA ASP A 280 -92.22 63.54 71.65
C ASP A 280 -93.15 62.34 71.71
N THR A 281 -93.92 62.24 72.78
CA THR A 281 -94.78 61.10 73.03
C THR A 281 -96.22 61.56 73.21
N SER A 282 -97.15 60.84 72.59
CA SER A 282 -98.58 61.10 72.70
C SER A 282 -99.31 59.81 73.02
N TYR A 283 -100.37 59.94 73.82
CA TYR A 283 -101.16 58.80 74.25
C TYR A 283 -102.59 58.93 73.74
N SER A 284 -103.22 57.77 73.52
CA SER A 284 -104.61 57.70 73.10
C SER A 284 -105.18 56.37 73.57
N GLY A 285 -106.43 56.12 73.21
CA GLY A 285 -107.12 54.91 73.63
C GLY A 285 -108.18 55.20 74.66
N SER A 286 -109.10 54.24 74.81
CA SER A 286 -110.26 54.43 75.67
C SER A 286 -109.86 54.62 77.13
N LYS A 287 -108.91 53.81 77.62
CA LYS A 287 -108.51 53.91 79.02
C LYS A 287 -107.84 55.24 79.32
N THR A 288 -107.02 55.74 78.38
CA THR A 288 -106.36 57.02 78.61
C THR A 288 -107.36 58.17 78.71
N ARG A 289 -108.40 58.15 77.87
CA ARG A 289 -109.41 59.19 77.90
C ARG A 289 -110.32 59.00 79.10
N GLY A 290 -109.79 59.18 80.30
CA GLY A 290 -110.55 58.99 81.54
C GLY A 290 -110.09 59.92 82.61
N ALA A 291 -109.95 59.39 83.83
CA ALA A 291 -109.56 60.18 85.00
C ALA A 291 -108.10 59.99 85.36
N ALA A 292 -107.24 59.69 84.38
CA ALA A 292 -105.82 59.54 84.66
C ALA A 292 -105.21 60.84 85.16
N GLY A 293 -105.55 61.97 84.53
CA GLY A 293 -105.12 63.26 84.99
C GLY A 293 -103.69 63.62 84.62
N THR A 294 -102.72 62.99 85.28
CA THR A 294 -101.32 63.32 85.10
C THR A 294 -100.47 62.18 84.53
N GLN A 295 -100.87 60.92 84.74
CA GLN A 295 -100.08 59.79 84.30
C GLN A 295 -100.26 59.47 82.83
N TYR A 296 -101.22 60.09 82.15
CA TYR A 296 -101.48 59.87 80.73
C TYR A 296 -101.53 61.23 80.04
N ASP A 297 -100.37 61.74 79.63
CA ASP A 297 -100.27 63.02 78.95
C ASP A 297 -99.16 62.97 77.92
N ASP A 298 -99.27 63.82 76.91
CA ASP A 298 -98.21 63.95 75.92
C ASP A 298 -96.99 64.62 76.53
N SER A 299 -95.82 64.06 76.29
CA SER A 299 -94.57 64.52 76.89
C SER A 299 -93.60 64.95 75.81
N ASN A 300 -93.05 66.16 75.98
CA ASN A 300 -92.01 66.69 75.09
C ASN A 300 -90.71 66.72 75.90
N MET A 301 -89.96 65.64 75.82
CA MET A 301 -88.79 65.42 76.67
C MET A 301 -87.51 65.83 75.94
N GLY A 302 -86.54 66.30 76.72
CA GLY A 302 -85.23 66.63 76.21
C GLY A 302 -84.14 66.30 77.20
N GLN A 303 -83.15 65.51 76.79
CA GLN A 303 -82.11 65.05 77.71
C GLN A 303 -80.74 65.22 77.08
N ASN A 304 -79.85 65.93 77.78
CA ASN A 304 -78.46 66.09 77.37
C ASN A 304 -77.61 65.13 78.21
N LYS A 305 -77.67 63.85 77.86
CA LYS A 305 -76.99 62.82 78.64
C LYS A 305 -75.48 62.87 78.40
N VAL A 306 -74.71 62.85 79.49
CA VAL A 306 -73.26 62.77 79.45
C VAL A 306 -72.82 61.78 80.52
N GLY A 307 -71.90 60.88 80.17
CA GLY A 307 -71.49 59.90 81.14
C GLY A 307 -70.22 59.18 80.71
N LEU A 308 -69.73 58.35 81.64
CA LEU A 308 -68.54 57.54 81.44
C LEU A 308 -68.92 56.06 81.51
N SER A 309 -67.95 55.21 81.19
CA SER A 309 -68.16 53.76 81.25
C SER A 309 -66.82 53.08 81.43
N PHE A 310 -66.73 52.19 82.42
CA PHE A 310 -65.54 51.40 82.69
C PHE A 310 -65.90 49.93 82.66
N SER A 311 -65.04 49.12 82.03
CA SER A 311 -65.30 47.69 81.89
C SER A 311 -64.02 46.91 82.14
N LEU A 312 -64.07 45.99 83.09
CA LEU A 312 -62.94 45.12 83.41
C LEU A 312 -63.35 43.67 83.26
N PRO A 313 -63.02 43.01 82.15
CA PRO A 313 -63.36 41.60 82.01
C PRO A 313 -62.61 40.74 83.02
N ILE A 314 -63.28 39.66 83.45
CA ILE A 314 -62.70 38.69 84.36
C ILE A 314 -62.77 37.34 83.66
N TYR A 315 -62.36 36.27 84.34
CA TYR A 315 -62.23 34.93 83.78
C TYR A 315 -63.28 34.62 82.71
N GLN A 316 -62.80 34.22 81.54
CA GLN A 316 -63.62 33.95 80.36
C GLN A 316 -63.26 32.59 79.77
N GLY A 317 -63.18 31.56 80.64
CA GLY A 317 -62.65 30.31 80.15
C GLY A 317 -61.17 30.46 79.83
N GLY A 318 -60.71 29.74 78.81
CA GLY A 318 -59.34 29.92 78.36
C GLY A 318 -59.14 31.27 77.71
N MET A 319 -59.73 31.45 76.52
CA MET A 319 -59.75 32.73 75.82
C MET A 319 -58.37 33.39 75.73
N VAL A 320 -58.09 34.34 76.62
CA VAL A 320 -56.91 35.16 76.49
C VAL A 320 -55.64 34.35 76.71
N ASN A 321 -55.67 33.42 77.67
CA ASN A 321 -54.48 32.60 77.92
C ASN A 321 -54.13 31.75 76.71
N SER A 322 -55.14 31.12 76.10
CA SER A 322 -54.89 30.34 74.90
C SER A 322 -54.41 31.21 73.75
N GLN A 323 -54.94 32.43 73.65
CA GLN A 323 -54.49 33.35 72.62
C GLN A 323 -53.03 33.72 72.82
N VAL A 324 -52.62 33.94 74.08
CA VAL A 324 -51.23 34.25 74.37
C VAL A 324 -50.33 33.08 74.01
N LYS A 325 -50.75 31.86 74.35
CA LYS A 325 -49.96 30.68 73.99
C LYS A 325 -49.83 30.55 72.48
N GLN A 326 -50.92 30.76 71.75
CA GLN A 326 -50.88 30.67 70.30
C GLN A 326 -49.96 31.73 69.71
N ALA A 327 -50.00 32.95 70.25
CA ALA A 327 -49.13 34.01 69.76
C ALA A 327 -47.66 33.69 70.04
N GLN A 328 -47.38 33.09 71.19
CA GLN A 328 -46.01 32.69 71.50
C GLN A 328 -45.53 31.62 70.51
N TYR A 329 -46.39 30.65 70.20
CA TYR A 329 -46.02 29.63 69.22
C TYR A 329 -45.78 30.25 67.85
N ASN A 330 -46.61 31.23 67.47
CA ASN A 330 -46.41 31.93 66.20
C ASN A 330 -45.07 32.67 66.19
N PHE A 331 -44.70 33.28 67.32
CA PHE A 331 -43.41 33.96 67.41
C PHE A 331 -42.26 32.97 67.26
N VAL A 332 -42.39 31.79 67.87
CA VAL A 332 -41.37 30.76 67.71
C VAL A 332 -41.22 30.38 66.24
N GLY A 333 -42.36 30.19 65.56
CA GLY A 333 -42.32 29.88 64.14
C GLY A 333 -41.65 30.99 63.32
N ALA A 334 -41.94 32.25 63.67
CA ALA A 334 -41.31 33.37 62.96
C ALA A 334 -39.81 33.38 63.16
N SER A 335 -39.36 33.06 64.37
CA SER A 335 -37.92 32.97 64.63
C SER A 335 -37.28 31.86 63.79
N GLU A 336 -37.96 30.71 63.69
CA GLU A 336 -37.45 29.64 62.84
C GLU A 336 -37.35 30.10 61.38
N GLN A 337 -38.36 30.85 60.93
CA GLN A 337 -38.33 31.38 59.57
C GLN A 337 -37.14 32.31 59.37
N LEU A 338 -36.86 33.17 60.35
CA LEU A 338 -35.72 34.06 60.26
C LEU A 338 -34.41 33.29 60.15
N GLU A 339 -34.25 32.26 60.97
CA GLU A 339 -33.03 31.45 60.89
C GLU A 339 -32.88 30.78 59.53
N SER A 340 -33.98 30.22 59.01
CA SER A 340 -33.94 29.60 57.69
C SER A 340 -33.58 30.61 56.62
N ALA A 341 -34.13 31.84 56.71
CA ALA A 341 -33.80 32.87 55.74
C ALA A 341 -32.32 33.22 55.78
N HIS A 342 -31.75 33.31 56.99
CA HIS A 342 -30.32 33.62 57.09
C HIS A 342 -29.47 32.51 56.45
N ARG A 343 -29.82 31.25 56.72
CA ARG A 343 -29.04 30.16 56.13
C ARG A 343 -29.14 30.18 54.60
N SER A 344 -30.35 30.40 54.08
CA SER A 344 -30.52 30.46 52.63
C SER A 344 -29.74 31.61 52.02
N VAL A 345 -29.72 32.76 52.70
CA VAL A 345 -28.98 33.91 52.19
C VAL A 345 -27.49 33.59 52.12
N VAL A 346 -26.95 32.96 53.16
CA VAL A 346 -25.53 32.61 53.16
C VAL A 346 -25.21 31.67 52.01
N GLN A 347 -26.03 30.63 51.83
CA GLN A 347 -25.78 29.68 50.76
C GLN A 347 -25.86 30.35 49.39
N THR A 348 -26.84 31.24 49.20
CA THR A 348 -26.98 31.95 47.93
C THR A 348 -25.76 32.81 47.65
N VAL A 349 -25.26 33.52 48.67
CA VAL A 349 -24.08 34.36 48.47
C VAL A 349 -22.88 33.51 48.07
N ARG A 350 -22.69 32.37 48.74
CA ARG A 350 -21.54 31.52 48.42
C ARG A 350 -21.63 31.00 46.98
N SER A 351 -22.82 30.52 46.59
CA SER A 351 -22.98 29.99 45.23
C SER A 351 -22.76 31.07 44.19
N SER A 352 -23.31 32.26 44.42
CA SER A 352 -23.16 33.35 43.46
C SER A 352 -21.71 33.81 43.37
N PHE A 353 -20.96 33.69 44.46
CA PHE A 353 -19.55 34.03 44.40
C PHE A 353 -18.77 33.01 43.57
N ASN A 354 -19.07 31.72 43.75
CA ASN A 354 -18.37 30.70 42.97
C ASN A 354 -18.69 30.79 41.49
N ASN A 355 -19.93 31.19 41.16
CA ASN A 355 -20.34 31.25 39.76
C ASN A 355 -19.45 32.20 38.95
N ILE A 356 -19.03 33.32 39.57
CA ILE A 356 -18.23 34.30 38.84
C ILE A 356 -16.89 33.70 38.42
N ASN A 357 -16.23 32.99 39.34
CA ASN A 357 -14.95 32.36 39.01
C ASN A 357 -15.13 31.30 37.93
N ALA A 358 -16.20 30.50 38.03
CA ALA A 358 -16.49 29.55 36.97
C ALA A 358 -16.64 30.25 35.62
N SER A 359 -17.32 31.40 35.61
CA SER A 359 -17.51 32.13 34.36
C SER A 359 -16.20 32.67 33.81
N ILE A 360 -15.30 33.13 34.69
CA ILE A 360 -14.00 33.62 34.24
C ILE A 360 -13.22 32.50 33.55
N SER A 361 -13.21 31.31 34.17
CA SER A 361 -12.51 30.19 33.55
C SER A 361 -13.13 29.83 32.21
N SER A 362 -14.47 29.83 32.14
CA SER A 362 -15.14 29.53 30.88
C SER A 362 -14.79 30.56 29.81
N ILE A 363 -14.70 31.83 30.19
CA ILE A 363 -14.34 32.89 29.25
C ILE A 363 -12.97 32.64 28.67
N ASN A 364 -12.00 32.31 29.53
CA ASN A 364 -10.65 32.04 29.04
C ASN A 364 -10.65 30.85 28.07
N ALA A 365 -11.34 29.76 28.44
CA ALA A 365 -11.37 28.59 27.58
C ALA A 365 -11.98 28.90 26.22
N TYR A 366 -13.10 29.64 26.20
CA TYR A 366 -13.75 29.94 24.94
C TYR A 366 -12.91 30.88 24.08
N LYS A 367 -12.20 31.82 24.71
CA LYS A 367 -11.30 32.68 23.95
C LYS A 367 -10.20 31.86 23.26
N GLN A 368 -9.61 30.92 24.00
CA GLN A 368 -8.58 30.08 23.38
C GLN A 368 -9.17 29.24 22.25
N ALA A 369 -10.38 28.72 22.44
CA ALA A 369 -11.03 27.95 21.38
C ALA A 369 -11.26 28.80 20.13
N VAL A 370 -11.66 30.06 20.33
CA VAL A 370 -11.85 30.97 19.20
C VAL A 370 -10.54 31.19 18.46
N VAL A 371 -9.44 31.36 19.20
CA VAL A 371 -8.14 31.55 18.56
C VAL A 371 -7.77 30.32 17.73
N SER A 372 -7.99 29.12 18.28
CA SER A 372 -7.68 27.90 17.53
C SER A 372 -8.53 27.78 16.27
N ALA A 373 -9.81 28.11 16.38
CA ALA A 373 -10.69 28.05 15.21
C ALA A 373 -10.24 29.02 14.14
N GLN A 374 -9.82 30.22 14.53
CA GLN A 374 -9.31 31.20 13.57
C GLN A 374 -8.05 30.68 12.88
N SER A 375 -7.17 30.03 13.64
CA SER A 375 -5.97 29.45 13.03
C SER A 375 -6.33 28.38 12.01
N SER A 376 -7.30 27.53 12.35
CA SER A 376 -7.73 26.49 11.41
C SER A 376 -8.34 27.10 10.15
N LEU A 377 -9.14 28.15 10.30
CA LEU A 377 -9.73 28.81 9.13
C LEU A 377 -8.65 29.41 8.25
N ASP A 378 -7.64 30.04 8.85
CA ASP A 378 -6.53 30.58 8.06
C ASP A 378 -5.79 29.46 7.33
N ALA A 379 -5.63 28.32 7.97
CA ALA A 379 -4.99 27.18 7.31
C ALA A 379 -5.80 26.74 6.09
N MET A 380 -7.11 26.63 6.24
CA MET A 380 -7.95 26.23 5.12
C MET A 380 -7.89 27.25 4.00
N GLU A 381 -7.92 28.54 4.33
CA GLU A 381 -7.86 29.56 3.30
C GLU A 381 -6.53 29.54 2.55
N ALA A 382 -5.42 29.38 3.28
CA ALA A 382 -4.12 29.31 2.63
C ALA A 382 -4.03 28.09 1.73
N GLY A 383 -4.52 26.94 2.18
CA GLY A 383 -4.52 25.76 1.34
C GLY A 383 -5.37 25.93 0.09
N TYR A 384 -6.54 26.58 0.24
CA TYR A 384 -7.40 26.82 -0.91
C TYR A 384 -6.75 27.75 -1.91
N SER A 385 -6.09 28.81 -1.44
CA SER A 385 -5.42 29.74 -2.34
C SER A 385 -4.25 29.06 -3.05
N VAL A 386 -3.48 28.23 -2.32
CA VAL A 386 -2.37 27.53 -2.93
C VAL A 386 -2.87 26.53 -3.97
N GLY A 387 -3.91 25.78 -3.64
CA GLY A 387 -4.50 24.85 -4.58
C GLY A 387 -4.68 23.44 -4.05
N THR A 388 -4.54 23.27 -2.74
CA THR A 388 -4.66 21.96 -2.12
C THR A 388 -5.99 21.75 -1.42
N ARG A 389 -6.94 22.68 -1.55
CA ARG A 389 -8.21 22.60 -0.85
C ARG A 389 -9.34 23.05 -1.75
N THR A 390 -10.56 22.73 -1.33
CA THR A 390 -11.78 23.13 -2.03
C THR A 390 -12.51 24.19 -1.22
N ILE A 391 -13.55 24.77 -1.83
CA ILE A 391 -14.34 25.80 -1.17
C ILE A 391 -15.12 25.23 0.00
N VAL A 392 -15.49 23.95 -0.07
CA VAL A 392 -16.26 23.33 1.01
C VAL A 392 -15.47 23.33 2.31
N ASP A 393 -14.16 23.11 2.22
CA ASP A 393 -13.33 23.07 3.43
C ASP A 393 -13.31 24.42 4.12
N VAL A 394 -13.13 25.51 3.36
CA VAL A 394 -13.10 26.82 3.98
C VAL A 394 -14.48 27.21 4.49
N LEU A 395 -15.55 26.76 3.83
CA LEU A 395 -16.88 27.02 4.34
C LEU A 395 -17.11 26.33 5.68
N ASP A 396 -16.67 25.08 5.81
CA ASP A 396 -16.80 24.38 7.09
C ASP A 396 -15.95 25.03 8.17
N ALA A 397 -14.76 25.50 7.81
CA ALA A 397 -13.93 26.22 8.78
C ALA A 397 -14.63 27.49 9.24
N THR A 398 -15.27 28.21 8.32
CA THR A 398 -16.01 29.40 8.70
C THR A 398 -17.17 29.06 9.64
N THR A 399 -17.86 27.95 9.36
CA THR A 399 -18.95 27.52 10.25
C THR A 399 -18.43 27.25 11.66
N THR A 400 -17.31 26.54 11.77
CA THR A 400 -16.74 26.25 13.08
C THR A 400 -16.33 27.53 13.80
N LEU A 401 -15.72 28.47 13.07
CA LEU A 401 -15.32 29.73 13.69
C LEU A 401 -16.53 30.51 14.18
N TYR A 402 -17.61 30.53 13.41
CA TYR A 402 -18.82 31.22 13.84
C TYR A 402 -19.41 30.58 15.09
N ASN A 403 -19.39 29.25 15.15
CA ASN A 403 -19.87 28.57 16.36
C ASN A 403 -19.05 28.98 17.57
N ALA A 404 -17.72 29.00 17.43
CA ALA A 404 -16.87 29.40 18.55
C ALA A 404 -17.14 30.84 18.98
N LYS A 405 -17.31 31.73 18.00
CA LYS A 405 -17.61 33.13 18.33
C LYS A 405 -18.92 33.25 19.09
N GLN A 406 -19.95 32.51 18.66
CA GLN A 406 -21.23 32.57 19.34
C GLN A 406 -21.12 32.06 20.78
N GLU A 407 -20.38 30.97 20.98
CA GLU A 407 -20.20 30.45 22.34
C GLU A 407 -19.49 31.45 23.22
N LEU A 408 -18.44 32.09 22.70
CA LEU A 408 -17.70 33.08 23.49
C LEU A 408 -18.60 34.26 23.86
N ALA A 409 -19.40 34.75 22.91
CA ALA A 409 -20.29 35.86 23.19
C ALA A 409 -21.32 35.49 24.26
N ASN A 410 -21.87 34.28 24.16
CA ASN A 410 -22.83 33.84 25.17
C ASN A 410 -22.20 33.77 26.54
N ALA A 411 -20.96 33.28 26.62
CA ALA A 411 -20.27 33.24 27.90
C ALA A 411 -20.04 34.64 28.47
N ARG A 412 -19.71 35.60 27.60
CA ARG A 412 -19.53 36.98 28.07
C ARG A 412 -20.83 37.53 28.62
N TYR A 413 -21.94 37.29 27.94
CA TYR A 413 -23.24 37.75 28.45
C TYR A 413 -23.56 37.09 29.79
N ASN A 414 -23.24 35.80 29.93
CA ASN A 414 -23.46 35.12 31.20
C ASN A 414 -22.65 35.75 32.32
N TYR A 415 -21.39 36.13 32.03
CA TYR A 415 -20.58 36.82 33.04
C TYR A 415 -21.20 38.15 33.44
N LEU A 416 -21.67 38.91 32.46
CA LEU A 416 -22.29 40.20 32.76
C LEU A 416 -23.54 40.02 33.62
N ILE A 417 -24.32 38.96 33.36
CA ILE A 417 -25.49 38.69 34.17
C ILE A 417 -25.09 38.25 35.59
N ASN A 418 -24.02 37.46 35.68
CA ASN A 418 -23.56 36.99 36.99
C ASN A 418 -23.10 38.13 37.88
N GLN A 419 -22.52 39.18 37.28
CA GLN A 419 -22.18 40.37 38.08
C GLN A 419 -23.42 40.97 38.73
N LEU A 420 -24.50 41.10 37.95
CA LEU A 420 -25.75 41.63 38.50
C LEU A 420 -26.32 40.69 39.56
N ASN A 421 -26.20 39.38 39.36
CA ASN A 421 -26.66 38.44 40.37
C ASN A 421 -25.90 38.61 41.68
N ILE A 422 -24.58 38.79 41.60
CA ILE A 422 -23.78 39.05 42.79
C ILE A 422 -24.25 40.33 43.47
N LYS A 423 -24.47 41.39 42.69
CA LYS A 423 -24.90 42.64 43.30
C LYS A 423 -26.30 42.56 43.88
N SER A 424 -27.16 41.70 43.35
CA SER A 424 -28.51 41.53 43.87
C SER A 424 -28.55 40.64 45.11
N ALA A 425 -27.59 39.72 45.25
CA ALA A 425 -27.53 38.90 46.46
C ALA A 425 -27.29 39.75 47.69
N LEU A 426 -26.54 40.84 47.56
CA LEU A 426 -26.29 41.75 48.67
C LEU A 426 -27.43 42.73 48.91
N GLY A 427 -28.44 42.75 48.04
CA GLY A 427 -29.53 43.68 48.20
C GLY A 427 -29.20 45.11 47.82
N THR A 428 -28.14 45.32 47.05
CA THR A 428 -27.72 46.67 46.68
C THR A 428 -27.75 46.87 45.17
N LEU A 429 -28.83 46.44 44.53
CA LEU A 429 -28.97 46.57 43.08
C LEU A 429 -29.76 47.83 42.74
N ASN A 430 -29.23 48.61 41.80
CA ASN A 430 -29.89 49.83 41.34
C ASN A 430 -29.37 50.15 39.95
N GLU A 431 -29.88 51.25 39.38
CA GLU A 431 -29.56 51.59 37.99
C GLU A 431 -28.11 52.02 37.81
N GLN A 432 -27.37 52.30 38.89
CA GLN A 432 -25.95 52.64 38.74
C GLN A 432 -25.16 51.45 38.20
N ASP A 433 -25.51 50.23 38.62
CA ASP A 433 -24.87 49.05 38.07
C ASP A 433 -25.13 48.93 36.58
N LEU A 434 -26.36 49.20 36.15
CA LEU A 434 -26.67 49.18 34.72
C LEU A 434 -25.89 50.25 33.97
N LEU A 435 -25.75 51.43 34.57
CA LEU A 435 -24.97 52.49 33.94
C LEU A 435 -23.51 52.06 33.78
N ALA A 436 -22.94 51.43 34.80
CA ALA A 436 -21.57 50.93 34.70
C ALA A 436 -21.45 49.86 33.62
N LEU A 437 -22.44 48.97 33.54
CA LEU A 437 -22.41 47.90 32.55
C LEU A 437 -22.60 48.44 31.14
N ASN A 438 -23.25 49.60 31.00
CA ASN A 438 -23.58 50.14 29.69
C ASN A 438 -22.36 50.54 28.88
N ASN A 439 -21.20 50.71 29.53
CA ASN A 439 -20.01 51.13 28.81
C ASN A 439 -19.47 50.04 27.88
N ALA A 440 -19.92 48.80 28.04
CA ALA A 440 -19.51 47.71 27.18
C ALA A 440 -20.36 47.55 25.94
N LEU A 441 -21.45 48.30 25.83
CA LEU A 441 -22.34 48.24 24.67
C LEU A 441 -22.12 49.48 23.82
N SER A 442 -21.56 49.28 22.62
CA SER A 442 -21.15 50.39 21.77
C SER A 442 -21.86 50.41 20.42
N LYS A 443 -21.91 49.28 19.72
CA LYS A 443 -22.37 49.43 18.35
C LYS A 443 -23.81 48.95 18.18
N PRO A 444 -24.58 49.59 17.29
CA PRO A 444 -25.95 49.14 17.06
C PRO A 444 -26.02 47.98 16.08
N VAL A 445 -26.97 47.09 16.32
CA VAL A 445 -27.24 45.94 15.45
C VAL A 445 -28.74 45.77 15.34
N SER A 446 -29.22 45.56 14.12
CA SER A 446 -30.64 45.36 13.89
C SER A 446 -31.08 43.99 14.39
N THR A 447 -32.37 43.88 14.70
CA THR A 447 -32.94 42.64 15.19
C THR A 447 -34.01 42.06 14.27
N ASN A 448 -34.12 42.57 13.05
CA ASN A 448 -35.04 41.99 12.10
C ASN A 448 -34.45 40.70 11.53
N PRO A 449 -35.14 39.56 11.66
CA PRO A 449 -34.56 38.30 11.18
C PRO A 449 -34.19 38.32 9.71
N GLU A 450 -34.98 39.00 8.87
CA GLU A 450 -34.64 39.09 7.46
C GLU A 450 -33.42 39.99 7.24
N ASN A 451 -33.27 41.04 8.04
CA ASN A 451 -32.15 41.95 7.85
C ASN A 451 -30.85 41.33 8.30
N VAL A 452 -30.84 40.67 9.46
CA VAL A 452 -29.60 40.08 9.97
C VAL A 452 -29.19 38.90 9.10
N ALA A 453 -30.16 38.11 8.62
CA ALA A 453 -29.88 36.94 7.80
C ALA A 453 -31.07 36.70 6.87
N PRO A 454 -31.00 37.20 5.63
CA PRO A 454 -32.06 37.03 4.63
C PRO A 454 -32.34 35.57 4.30
N GLU B 23 -60.04 1.68 20.92
CA GLU B 23 -60.31 2.90 21.67
C GLU B 23 -59.56 4.09 21.04
N ASN B 24 -60.28 4.90 20.29
CA ASN B 24 -59.70 6.08 19.67
C ASN B 24 -59.78 7.25 20.65
N LEU B 25 -59.40 8.44 20.19
CA LEU B 25 -59.32 9.60 21.08
C LEU B 25 -60.68 10.03 21.60
N MET B 26 -61.72 9.94 20.77
CA MET B 26 -63.03 10.46 21.15
C MET B 26 -63.59 9.70 22.36
N GLN B 27 -63.57 8.37 22.31
CA GLN B 27 -64.12 7.58 23.42
C GLN B 27 -63.31 7.79 24.69
N VAL B 28 -61.98 7.89 24.56
CA VAL B 28 -61.14 8.15 25.72
C VAL B 28 -61.49 9.49 26.34
N TYR B 29 -61.68 10.52 25.52
CA TYR B 29 -62.05 11.83 26.06
C TYR B 29 -63.42 11.80 26.71
N GLN B 30 -64.37 11.08 26.12
CA GLN B 30 -65.70 11.00 26.73
C GLN B 30 -65.63 10.32 28.10
N GLN B 31 -64.88 9.22 28.19
CA GLN B 31 -64.72 8.56 29.48
C GLN B 31 -64.02 9.46 30.48
N ALA B 32 -63.00 10.20 30.04
CA ALA B 32 -62.29 11.09 30.95
C ALA B 32 -63.21 12.21 31.45
N ARG B 33 -64.03 12.77 30.55
CA ARG B 33 -64.97 13.81 30.98
C ARG B 33 -65.99 13.24 31.95
N LEU B 34 -66.40 12.00 31.74
CA LEU B 34 -67.37 11.38 32.64
C LEU B 34 -66.81 11.26 34.05
N SER B 35 -65.65 10.62 34.20
CA SER B 35 -65.06 10.32 35.51
C SER B 35 -63.67 10.93 35.58
N ASN B 36 -63.55 12.08 36.23
CA ASN B 36 -62.27 12.73 36.45
C ASN B 36 -62.35 13.57 37.72
N PRO B 37 -61.67 13.18 38.79
CA PRO B 37 -61.79 13.92 40.05
C PRO B 37 -60.96 15.20 40.08
N GLU B 38 -60.98 15.95 38.99
CA GLU B 38 -60.36 17.28 38.96
C GLU B 38 -61.36 18.29 38.41
N LEU B 39 -62.22 17.83 37.50
CA LEU B 39 -63.30 18.66 36.99
C LEU B 39 -64.51 18.66 37.92
N ARG B 40 -64.75 17.56 38.62
CA ARG B 40 -65.89 17.51 39.55
C ARG B 40 -65.71 18.50 40.69
N LYS B 41 -64.47 18.64 41.20
CA LYS B 41 -64.23 19.63 42.26
C LYS B 41 -64.47 21.04 41.75
N SER B 42 -64.04 21.33 40.52
CA SER B 42 -64.29 22.65 39.94
C SER B 42 -65.78 22.90 39.78
N ALA B 43 -66.53 21.89 39.35
CA ALA B 43 -67.97 22.04 39.23
C ALA B 43 -68.62 22.27 40.59
N ALA B 44 -68.14 21.57 41.62
CA ALA B 44 -68.68 21.77 42.96
C ALA B 44 -68.38 23.17 43.48
N ASP B 45 -67.17 23.68 43.24
CA ASP B 45 -66.85 25.04 43.63
C ASP B 45 -67.70 26.05 42.89
N ARG B 46 -67.92 25.82 41.59
CA ARG B 46 -68.80 26.69 40.82
C ARG B 46 -70.21 26.69 41.39
N ASP B 47 -70.73 25.51 41.73
CA ASP B 47 -72.08 25.41 42.27
C ASP B 47 -72.18 26.09 43.63
N ALA B 48 -71.16 25.96 44.47
CA ALA B 48 -71.17 26.64 45.75
C ALA B 48 -71.15 28.16 45.57
N ALA B 49 -70.33 28.65 44.63
CA ALA B 49 -70.28 30.09 44.38
C ALA B 49 -71.63 30.59 43.86
N PHE B 50 -72.30 29.81 43.02
CA PHE B 50 -73.61 30.22 42.53
C PHE B 50 -74.67 30.14 43.63
N GLU B 51 -74.52 29.19 44.56
CA GLU B 51 -75.48 29.07 45.65
C GLU B 51 -75.30 30.18 46.68
N LYS B 52 -74.09 30.74 46.78
CA LYS B 52 -73.87 31.83 47.72
C LYS B 52 -74.73 33.06 47.43
N ILE B 53 -75.27 33.16 46.21
CA ILE B 53 -76.15 34.28 45.87
C ILE B 53 -77.36 34.32 46.80
N ASN B 54 -77.93 33.15 47.10
CA ASN B 54 -79.09 33.10 47.99
C ASN B 54 -78.73 33.60 49.39
N GLU B 55 -77.58 33.17 49.91
CA GLU B 55 -77.16 33.63 51.23
C GLU B 55 -76.90 35.14 51.23
N ALA B 56 -76.33 35.66 50.15
CA ALA B 56 -76.08 37.09 50.06
C ALA B 56 -77.38 37.88 49.98
N ARG B 57 -78.39 37.35 49.30
CA ARG B 57 -79.67 38.03 49.18
C ARG B 57 -80.56 37.85 50.40
N SER B 58 -80.27 36.87 51.24
CA SER B 58 -81.14 36.60 52.38
C SER B 58 -81.31 37.78 53.33
N PRO B 59 -80.29 38.58 53.68
CA PRO B 59 -80.53 39.69 54.62
C PRO B 59 -81.54 40.70 54.10
N LEU B 60 -81.71 40.81 52.78
CA LEU B 60 -82.74 41.69 52.24
C LEU B 60 -84.13 41.19 52.60
N LEU B 61 -84.31 39.88 52.67
CA LEU B 61 -85.61 39.31 52.95
C LEU B 61 -85.97 39.51 54.43
N PRO B 62 -87.27 39.52 54.75
CA PRO B 62 -87.67 39.73 56.15
C PRO B 62 -87.14 38.64 57.07
N GLN B 63 -86.78 39.05 58.29
CA GLN B 63 -86.24 38.14 59.30
C GLN B 63 -87.16 38.16 60.52
N LEU B 64 -87.72 37.01 60.87
CA LEU B 64 -88.62 36.91 62.01
C LEU B 64 -88.16 35.80 62.94
N GLY B 65 -88.44 35.98 64.23
CA GLY B 65 -88.03 35.03 65.25
C GLY B 65 -88.93 35.10 66.46
N LEU B 66 -88.71 34.16 67.36
CA LEU B 66 -89.47 34.06 68.61
C LEU B 66 -88.51 33.86 69.76
N GLY B 67 -88.73 34.60 70.86
CA GLY B 67 -87.85 34.51 72.00
C GLY B 67 -88.56 34.71 73.32
N ALA B 68 -88.31 33.82 74.28
CA ALA B 68 -88.94 33.89 75.59
C ALA B 68 -87.88 33.84 76.66
N ASP B 69 -88.22 34.36 77.84
CA ASP B 69 -87.30 34.39 78.96
C ASP B 69 -88.07 34.46 80.27
N TYR B 70 -87.39 34.14 81.36
CA TYR B 70 -87.95 34.20 82.69
C TYR B 70 -86.86 34.66 83.65
N THR B 71 -87.17 35.64 84.48
CA THR B 71 -86.17 36.27 85.34
C THR B 71 -86.74 36.49 86.73
N TYR B 72 -85.99 36.07 87.74
CA TYR B 72 -86.31 36.31 89.14
C TYR B 72 -85.31 37.30 89.71
N SER B 73 -85.81 38.38 90.30
CA SER B 73 -84.98 39.42 90.86
C SER B 73 -85.25 39.54 92.36
N ASN B 74 -84.17 39.71 93.13
CA ASN B 74 -84.26 39.89 94.58
C ASN B 74 -83.68 41.25 94.92
N GLY B 75 -84.44 42.08 95.62
CA GLY B 75 -84.00 43.40 95.97
C GLY B 75 -82.97 43.38 97.09
N TYR B 76 -82.27 44.51 97.23
CA TYR B 76 -81.24 44.66 98.23
C TYR B 76 -81.12 46.13 98.60
N ARG B 77 -80.51 46.38 99.76
CA ARG B 77 -80.28 47.73 100.29
C ARG B 77 -81.63 48.41 100.45
N ASP B 78 -81.91 49.52 99.76
CA ASP B 78 -83.18 50.22 99.96
C ASP B 78 -84.37 49.35 99.58
N ALA B 79 -84.20 48.47 98.59
CA ALA B 79 -85.28 47.56 98.20
C ALA B 79 -85.20 46.25 98.97
N ASN B 80 -85.11 46.33 100.28
CA ASN B 80 -85.06 45.13 101.11
C ASN B 80 -86.43 44.48 101.16
N GLY B 81 -86.43 43.15 101.12
CA GLY B 81 -87.69 42.41 101.16
C GLY B 81 -88.56 42.59 99.94
N ILE B 82 -87.98 42.91 98.79
CA ILE B 82 -88.72 43.06 97.55
C ILE B 82 -88.19 42.04 96.55
N ASN B 83 -89.07 41.20 96.04
CA ASN B 83 -88.74 40.16 95.08
C ASN B 83 -89.75 40.18 93.94
N SER B 84 -89.25 39.97 92.73
CA SER B 84 -90.08 39.99 91.53
C SER B 84 -89.78 38.77 90.67
N ASN B 85 -90.79 38.35 89.91
CA ASN B 85 -90.66 37.23 88.98
C ASN B 85 -91.40 37.60 87.70
N ALA B 86 -90.66 37.76 86.61
CA ALA B 86 -91.23 38.22 85.35
C ALA B 86 -90.88 37.26 84.23
N THR B 87 -91.90 36.80 83.51
CA THR B 87 -91.74 35.93 82.36
C THR B 87 -92.28 36.62 81.12
N SER B 88 -91.48 36.67 80.07
CA SER B 88 -91.83 37.39 78.85
C SER B 88 -91.68 36.47 77.64
N ALA B 89 -92.47 36.75 76.61
CA ALA B 89 -92.39 36.00 75.35
C ALA B 89 -92.74 36.95 74.22
N SER B 90 -91.83 37.10 73.25
CA SER B 90 -91.99 38.07 72.18
C SER B 90 -91.71 37.45 70.82
N LEU B 91 -92.55 37.77 69.86
CA LEU B 91 -92.36 37.39 68.46
C LEU B 91 -91.99 38.66 67.68
N GLN B 92 -90.82 38.64 67.05
CA GLN B 92 -90.27 39.81 66.38
C GLN B 92 -90.15 39.57 64.88
N LEU B 93 -90.30 40.65 64.11
CA LEU B 93 -90.15 40.59 62.66
C LEU B 93 -89.56 41.91 62.19
N THR B 94 -88.37 41.85 61.61
CA THR B 94 -87.66 43.03 61.13
C THR B 94 -87.42 42.92 59.64
N GLN B 95 -87.39 44.08 58.97
CA GLN B 95 -87.19 44.13 57.53
C GLN B 95 -86.54 45.46 57.17
N SER B 96 -85.47 45.39 56.38
CA SER B 96 -84.74 46.60 55.99
C SER B 96 -85.46 47.26 54.82
N ILE B 97 -85.74 48.57 54.95
CA ILE B 97 -86.48 49.27 53.90
C ILE B 97 -85.52 49.81 52.84
N PHE B 98 -84.47 50.51 53.27
CA PHE B 98 -83.50 51.09 52.34
C PHE B 98 -82.11 50.89 52.94
N ASP B 99 -81.34 49.97 52.36
CA ASP B 99 -79.93 49.78 52.72
C ASP B 99 -79.24 49.19 51.51
N MET B 100 -78.62 50.04 50.70
CA MET B 100 -78.03 49.60 49.44
C MET B 100 -76.76 48.78 49.60
N SER B 101 -76.21 48.69 50.82
CA SER B 101 -75.05 47.85 51.04
C SER B 101 -75.35 46.39 50.74
N LYS B 102 -76.54 45.93 51.13
CA LYS B 102 -76.93 44.55 50.85
C LYS B 102 -77.08 44.31 49.35
N TRP B 103 -77.65 45.27 48.63
CA TRP B 103 -77.75 45.14 47.17
C TRP B 103 -76.37 45.08 46.52
N ARG B 104 -75.45 45.92 47.00
CA ARG B 104 -74.09 45.90 46.47
C ARG B 104 -73.41 44.56 46.77
N ALA B 105 -73.64 44.00 47.96
CA ALA B 105 -73.10 42.69 48.28
C ALA B 105 -73.67 41.62 47.36
N LEU B 106 -74.97 41.71 47.05
CA LEU B 106 -75.58 40.76 46.13
C LEU B 106 -74.93 40.84 44.75
N THR B 107 -74.70 42.06 44.26
CA THR B 107 -74.04 42.23 42.97
C THR B 107 -72.62 41.67 43.00
N LEU B 108 -71.91 41.90 44.10
CA LEU B 108 -70.56 41.36 44.25
C LEU B 108 -70.57 39.83 44.18
N GLN B 109 -71.54 39.21 44.86
CA GLN B 109 -71.66 37.76 44.82
C GLN B 109 -71.94 37.26 43.40
N GLU B 110 -72.80 37.97 42.68
CA GLU B 110 -73.07 37.58 41.29
C GLU B 110 -71.80 37.64 40.44
N LYS B 111 -71.02 38.71 40.59
CA LYS B 111 -69.79 38.83 39.80
C LYS B 111 -68.79 37.73 40.18
N ALA B 112 -68.71 37.39 41.46
CA ALA B 112 -67.83 36.30 41.88
C ALA B 112 -68.26 34.98 41.26
N ALA B 113 -69.57 34.74 41.21
CA ALA B 113 -70.07 33.53 40.55
C ALA B 113 -69.67 33.50 39.08
N GLY B 114 -69.76 34.65 38.41
CA GLY B 114 -69.35 34.70 37.01
C GLY B 114 -67.89 34.37 36.80
N ILE B 115 -67.01 34.94 37.63
CA ILE B 115 -65.59 34.64 37.48
C ILE B 115 -65.31 33.17 37.80
N GLN B 116 -66.04 32.60 38.76
CA GLN B 116 -65.88 31.18 39.04
C GLN B 116 -66.28 30.33 37.84
N ASP B 117 -67.36 30.71 37.15
CA ASP B 117 -67.75 30.00 35.94
C ASP B 117 -66.67 30.08 34.86
N VAL B 118 -66.04 31.25 34.73
CA VAL B 118 -64.93 31.37 33.78
C VAL B 118 -63.80 30.41 34.14
N THR B 119 -63.50 30.31 35.44
CA THR B 119 -62.48 29.37 35.89
C THR B 119 -62.86 27.93 35.53
N TYR B 120 -64.14 27.58 35.68
CA TYR B 120 -64.57 26.24 35.32
C TYR B 120 -64.38 25.97 33.83
N GLN B 121 -64.66 26.96 32.98
CA GLN B 121 -64.42 26.78 31.55
C GLN B 121 -62.94 26.53 31.27
N THR B 122 -62.06 27.29 31.93
CA THR B 122 -60.62 27.06 31.78
C THR B 122 -60.25 25.64 32.21
N ASP B 123 -60.88 25.14 33.28
CA ASP B 123 -60.61 23.77 33.72
C ASP B 123 -61.02 22.75 32.67
N GLN B 124 -62.16 22.97 32.02
CA GLN B 124 -62.56 22.06 30.94
C GLN B 124 -61.52 22.04 29.83
N GLN B 125 -61.04 23.22 29.44
CA GLN B 125 -60.04 23.29 28.36
C GLN B 125 -58.76 22.54 28.75
N THR B 126 -58.29 22.75 29.98
CA THR B 126 -57.05 22.09 30.37
C THR B 126 -57.24 20.57 30.52
N LEU B 127 -58.44 20.12 30.87
CA LEU B 127 -58.69 18.68 30.89
C LEU B 127 -58.58 18.09 29.49
N ILE B 128 -59.15 18.78 28.49
CA ILE B 128 -59.03 18.29 27.11
C ILE B 128 -57.57 18.21 26.71
N LEU B 129 -56.80 19.26 27.01
CA LEU B 129 -55.39 19.26 26.65
C LEU B 129 -54.64 18.11 27.31
N ASN B 130 -54.90 17.88 28.60
CA ASN B 130 -54.19 16.84 29.33
C ASN B 130 -54.47 15.45 28.77
N THR B 131 -55.75 15.16 28.50
CA THR B 131 -56.07 13.83 27.99
C THR B 131 -55.45 13.60 26.61
N ALA B 132 -55.46 14.63 25.75
CA ALA B 132 -54.81 14.47 24.45
C ALA B 132 -53.32 14.20 24.60
N THR B 133 -52.65 14.95 25.50
CA THR B 133 -51.22 14.78 25.68
C THR B 133 -50.89 13.37 26.16
N ALA B 134 -51.64 12.86 27.13
CA ALA B 134 -51.37 11.51 27.62
C ALA B 134 -51.61 10.46 26.54
N TYR B 135 -52.69 10.63 25.77
CA TYR B 135 -53.00 9.66 24.73
C TYR B 135 -51.87 9.59 23.70
N PHE B 136 -51.28 10.72 23.34
CA PHE B 136 -50.18 10.67 22.38
C PHE B 136 -48.89 10.18 23.02
N ASN B 137 -48.70 10.44 24.32
CA ASN B 137 -47.51 9.95 25.00
C ASN B 137 -47.45 8.43 24.99
N VAL B 138 -48.62 7.78 25.13
CA VAL B 138 -48.62 6.31 25.13
C VAL B 138 -48.10 5.77 23.79
N LEU B 139 -48.57 6.34 22.68
CA LEU B 139 -48.11 5.90 21.37
C LEU B 139 -46.62 6.15 21.18
N ASN B 140 -46.14 7.31 21.65
CA ASN B 140 -44.70 7.57 21.56
C ASN B 140 -43.91 6.52 22.31
N ALA B 141 -44.38 6.14 23.50
CA ALA B 141 -43.70 5.10 24.27
C ALA B 141 -43.70 3.77 23.53
N ILE B 142 -44.81 3.44 22.87
CA ILE B 142 -44.87 2.19 22.11
C ILE B 142 -43.80 2.18 21.03
N ASP B 143 -43.71 3.27 20.27
CA ASP B 143 -42.72 3.34 19.20
C ASP B 143 -41.30 3.24 19.74
N VAL B 144 -41.03 3.92 20.86
CA VAL B 144 -39.70 3.88 21.45
C VAL B 144 -39.35 2.44 21.87
N LEU B 145 -40.32 1.74 22.46
CA LEU B 145 -40.07 0.36 22.88
C LEU B 145 -39.75 -0.54 21.68
N SER B 146 -40.50 -0.38 20.59
CA SER B 146 -40.24 -1.19 19.41
C SER B 146 -38.83 -0.94 18.87
N TYR B 147 -38.43 0.34 18.78
CA TYR B 147 -37.08 0.65 18.32
C TYR B 147 -36.03 0.05 19.24
N THR B 148 -36.27 0.12 20.55
CA THR B 148 -35.30 -0.39 21.51
C THR B 148 -35.13 -1.90 21.36
N GLN B 149 -36.22 -2.64 21.13
CA GLN B 149 -36.05 -4.08 20.97
C GLN B 149 -35.36 -4.42 19.66
N ALA B 150 -35.59 -3.64 18.60
CA ALA B 150 -34.83 -3.86 17.37
C ALA B 150 -33.33 -3.65 17.62
N GLN B 151 -32.99 -2.60 18.36
CA GLN B 151 -31.60 -2.37 18.72
C GLN B 151 -31.05 -3.54 19.54
N LYS B 152 -31.88 -4.10 20.43
CA LYS B 152 -31.45 -5.25 21.22
C LYS B 152 -31.09 -6.43 20.33
N GLU B 153 -31.93 -6.72 19.34
CA GLU B 153 -31.63 -7.82 18.43
C GLU B 153 -30.32 -7.58 17.69
N ALA B 154 -30.13 -6.36 17.17
CA ALA B 154 -28.90 -6.08 16.43
C ALA B 154 -27.67 -6.21 17.32
N ILE B 155 -27.74 -5.69 18.54
CA ILE B 155 -26.58 -5.72 19.43
C ILE B 155 -26.27 -7.15 19.87
N TYR B 156 -27.31 -7.96 20.11
CA TYR B 156 -27.05 -9.35 20.46
C TYR B 156 -26.38 -10.10 19.31
N ARG B 157 -26.82 -9.86 18.07
CA ARG B 157 -26.16 -10.50 16.94
C ARG B 157 -24.71 -10.03 16.83
N GLN B 158 -24.45 -8.74 17.05
CA GLN B 158 -23.08 -8.26 17.03
C GLN B 158 -22.22 -8.94 18.09
N LEU B 159 -22.75 -9.09 19.31
CA LEU B 159 -22.00 -9.73 20.38
C LEU B 159 -21.71 -11.19 20.04
N ASP B 160 -22.69 -11.89 19.47
CA ASP B 160 -22.46 -13.27 19.07
C ASP B 160 -21.39 -13.37 18.00
N GLN B 161 -21.41 -12.43 17.04
CA GLN B 161 -20.37 -12.39 16.01
C GLN B 161 -18.99 -12.21 16.63
N THR B 162 -18.87 -11.27 17.58
CA THR B 162 -17.59 -11.06 18.24
C THR B 162 -17.13 -12.28 19.01
N THR B 163 -18.07 -12.96 19.69
CA THR B 163 -17.72 -14.16 20.43
C THR B 163 -17.23 -15.26 19.49
N GLN B 164 -17.89 -15.44 18.35
CA GLN B 164 -17.43 -16.43 17.38
C GLN B 164 -16.03 -16.09 16.86
N ARG B 165 -15.81 -14.80 16.56
CA ARG B 165 -14.50 -14.38 16.06
C ARG B 165 -13.41 -14.65 17.09
N PHE B 166 -13.69 -14.40 18.36
CA PHE B 166 -12.72 -14.73 19.40
C PHE B 166 -12.53 -16.24 19.52
N ASN B 167 -13.61 -17.02 19.38
CA ASN B 167 -13.53 -18.46 19.57
C ASN B 167 -12.63 -19.09 18.51
N VAL B 168 -12.82 -18.73 17.24
CA VAL B 168 -11.88 -19.21 16.23
C VAL B 168 -10.53 -18.53 16.42
N GLY B 169 -10.53 -17.30 16.92
CA GLY B 169 -9.35 -16.53 17.24
C GLY B 169 -9.04 -15.52 16.15
N LEU B 170 -9.57 -14.31 16.32
CA LEU B 170 -9.25 -13.19 15.44
C LEU B 170 -9.12 -11.87 16.18
N VAL B 171 -9.57 -11.78 17.43
CA VAL B 171 -9.55 -10.54 18.20
C VAL B 171 -9.14 -10.85 19.62
N ALA B 172 -8.72 -9.81 20.34
CA ALA B 172 -8.34 -9.95 21.73
C ALA B 172 -9.57 -10.02 22.62
N ILE B 173 -9.34 -10.35 23.89
CA ILE B 173 -10.44 -10.47 24.85
C ILE B 173 -11.10 -9.13 25.13
N THR B 174 -10.38 -8.03 24.93
CA THR B 174 -10.93 -6.70 25.23
C THR B 174 -12.14 -6.40 24.34
N ASP B 175 -12.09 -6.83 23.08
CA ASP B 175 -13.23 -6.62 22.19
C ASP B 175 -14.45 -7.40 22.67
N VAL B 176 -14.24 -8.62 23.16
CA VAL B 176 -15.35 -9.41 23.70
C VAL B 176 -15.95 -8.72 24.92
N GLN B 177 -15.08 -8.21 25.81
CA GLN B 177 -15.58 -7.51 26.99
C GLN B 177 -16.38 -6.27 26.60
N ASN B 178 -15.88 -5.53 25.60
CA ASN B 178 -16.59 -4.34 25.15
C ASN B 178 -17.95 -4.70 24.56
N ALA B 179 -18.02 -5.77 23.76
CA ALA B 179 -19.29 -6.19 23.19
C ALA B 179 -20.28 -6.59 24.28
N ARG B 180 -19.80 -7.31 25.30
CA ARG B 180 -20.67 -7.69 26.41
C ARG B 180 -21.17 -6.45 27.15
N ALA B 181 -20.31 -5.44 27.33
CA ALA B 181 -20.73 -4.20 27.96
C ALA B 181 -21.83 -3.51 27.14
N GLN B 182 -21.66 -3.47 25.82
CA GLN B 182 -22.69 -2.89 24.97
C GLN B 182 -24.01 -3.64 25.10
N TYR B 183 -23.95 -4.97 25.13
CA TYR B 183 -25.17 -5.76 25.27
C TYR B 183 -25.87 -5.49 26.59
N ASP B 184 -25.11 -5.40 27.68
CA ASP B 184 -25.72 -5.12 28.98
C ASP B 184 -26.34 -3.73 29.02
N THR B 185 -25.67 -2.74 28.42
CA THR B 185 -26.24 -1.40 28.34
C THR B 185 -27.55 -1.42 27.55
N VAL B 186 -27.59 -2.18 26.46
CA VAL B 186 -28.81 -2.28 25.66
C VAL B 186 -29.93 -2.93 26.46
N LEU B 187 -29.61 -3.97 27.24
CA LEU B 187 -30.62 -4.61 28.08
C LEU B 187 -31.20 -3.63 29.08
N ALA B 188 -30.33 -2.84 29.72
CA ALA B 188 -30.82 -1.83 30.67
C ALA B 188 -31.71 -0.81 29.98
N ASN B 189 -31.34 -0.40 28.76
CA ASN B 189 -32.15 0.54 28.01
C ASN B 189 -33.53 -0.04 27.70
N GLU B 190 -33.57 -1.33 27.35
CA GLU B 190 -34.85 -1.99 27.08
C GLU B 190 -35.73 -2.01 28.32
N VAL B 191 -35.14 -2.32 29.48
CA VAL B 191 -35.91 -2.30 30.72
C VAL B 191 -36.45 -0.90 30.99
N THR B 192 -35.63 0.13 30.76
CA THR B 192 -36.08 1.50 30.96
C THR B 192 -37.24 1.84 30.04
N ALA B 193 -37.17 1.45 28.76
CA ALA B 193 -38.25 1.75 27.83
C ALA B 193 -39.53 1.04 28.23
N ARG B 194 -39.43 -0.21 28.67
CA ARG B 194 -40.63 -0.93 29.12
C ARG B 194 -41.27 -0.22 30.31
N ASN B 195 -40.45 0.23 31.27
CA ASN B 195 -41.00 0.95 32.41
C ASN B 195 -41.62 2.28 31.98
N ASN B 196 -41.03 2.94 30.98
CA ASN B 196 -41.60 4.18 30.47
C ASN B 196 -43.00 3.95 29.88
N LEU B 197 -43.15 2.87 29.10
CA LEU B 197 -44.47 2.56 28.57
C LEU B 197 -45.47 2.26 29.68
N ASP B 198 -45.03 1.50 30.69
CA ASP B 198 -45.92 1.21 31.81
C ASP B 198 -46.35 2.49 32.52
N ASN B 199 -45.43 3.42 32.73
CA ASN B 199 -45.78 4.68 33.40
C ASN B 199 -46.72 5.52 32.55
N ALA B 200 -46.54 5.49 31.22
CA ALA B 200 -47.47 6.21 30.35
C ALA B 200 -48.88 5.65 30.46
N VAL B 201 -49.01 4.32 30.46
CA VAL B 201 -50.33 3.71 30.62
C VAL B 201 -50.90 4.04 31.99
N GLU B 202 -50.05 4.07 33.01
CA GLU B 202 -50.52 4.44 34.35
C GLU B 202 -51.04 5.86 34.39
N GLN B 203 -50.35 6.79 33.72
CA GLN B 203 -50.83 8.17 33.68
C GLN B 203 -52.16 8.27 32.95
N LEU B 204 -52.32 7.53 31.85
CA LEU B 204 -53.61 7.53 31.16
C LEU B 204 -54.71 7.01 32.07
N ARG B 205 -54.44 5.93 32.81
CA ARG B 205 -55.43 5.40 33.74
C ARG B 205 -55.74 6.42 34.84
N GLN B 206 -54.72 7.12 35.34
CA GLN B 206 -54.95 8.13 36.37
C GLN B 206 -55.85 9.24 35.85
N ILE B 207 -55.66 9.65 34.60
CA ILE B 207 -56.51 10.70 34.04
C ILE B 207 -57.93 10.21 33.85
N THR B 208 -58.11 9.02 33.28
CA THR B 208 -59.44 8.57 32.89
C THR B 208 -60.08 7.56 33.84
N GLY B 209 -59.32 7.01 34.78
CA GLY B 209 -59.88 6.01 35.68
C GLY B 209 -60.29 4.73 35.00
N ASN B 210 -59.52 4.30 34.00
CA ASN B 210 -59.83 3.06 33.28
C ASN B 210 -58.55 2.56 32.64
N TYR B 211 -58.53 1.25 32.33
CA TYR B 211 -57.38 0.60 31.72
C TYR B 211 -57.68 0.29 30.26
N TYR B 212 -56.81 0.75 29.36
CA TYR B 212 -56.98 0.55 27.93
C TYR B 212 -55.90 -0.39 27.42
N PRO B 213 -56.22 -1.66 27.13
CA PRO B 213 -55.21 -2.55 26.53
C PRO B 213 -55.18 -2.45 25.02
N GLU B 214 -55.80 -1.40 24.48
CA GLU B 214 -55.93 -1.24 23.04
C GLU B 214 -56.22 0.22 22.69
N LEU B 215 -55.38 0.82 21.84
CA LEU B 215 -55.55 2.20 21.44
C LEU B 215 -55.60 2.27 19.92
N ALA B 216 -55.72 3.49 19.40
CA ALA B 216 -55.75 3.73 17.95
C ALA B 216 -54.47 4.44 17.54
N ALA B 217 -53.79 3.89 16.55
CA ALA B 217 -52.52 4.46 16.09
C ALA B 217 -52.74 5.44 14.95
N LEU B 218 -51.67 6.16 14.60
CA LEU B 218 -51.75 7.17 13.56
C LEU B 218 -51.78 6.53 12.19
N ASN B 219 -52.48 7.17 11.26
CA ASN B 219 -52.56 6.75 9.87
C ASN B 219 -51.66 7.65 9.02
N VAL B 220 -50.73 7.03 8.30
CA VAL B 220 -49.77 7.82 7.54
C VAL B 220 -50.37 8.34 6.24
N GLU B 221 -51.33 7.62 5.66
CA GLU B 221 -51.95 8.08 4.41
C GLU B 221 -52.95 9.20 4.64
N ASN B 222 -53.67 9.17 5.76
CA ASN B 222 -54.71 10.13 6.04
C ASN B 222 -54.21 11.35 6.81
N PHE B 223 -52.93 11.43 7.11
CA PHE B 223 -52.37 12.54 7.86
C PHE B 223 -51.75 13.55 6.89
N LYS B 224 -52.23 14.78 6.93
CA LYS B 224 -51.69 15.87 6.13
C LYS B 224 -51.56 17.11 6.99
N THR B 225 -50.55 17.92 6.69
CA THR B 225 -50.26 19.13 7.44
C THR B 225 -50.78 20.34 6.65
N ASP B 226 -51.62 21.14 7.30
CA ASP B 226 -52.23 22.31 6.68
C ASP B 226 -51.66 23.58 7.28
N LYS B 227 -51.47 24.59 6.44
CA LYS B 227 -50.94 25.86 6.91
C LYS B 227 -51.94 26.52 7.87
N PRO B 228 -51.47 27.12 8.95
CA PRO B 228 -52.37 27.81 9.87
C PRO B 228 -52.82 29.15 9.29
N GLN B 229 -53.89 29.68 9.88
CA GLN B 229 -54.39 30.99 9.46
C GLN B 229 -53.41 32.08 9.89
N PRO B 230 -53.48 33.25 9.26
CA PRO B 230 -52.54 34.32 9.59
C PRO B 230 -52.63 34.72 11.06
N VAL B 231 -51.47 35.11 11.61
CA VAL B 231 -51.40 35.47 13.02
C VAL B 231 -52.32 36.64 13.34
N ASN B 232 -52.61 37.48 12.35
CA ASN B 232 -53.51 38.60 12.57
C ASN B 232 -54.91 38.14 12.94
N ALA B 233 -55.44 37.15 12.22
CA ALA B 233 -56.76 36.62 12.55
C ALA B 233 -56.75 35.94 13.91
N LEU B 234 -55.67 35.23 14.22
CA LEU B 234 -55.55 34.59 15.54
C LEU B 234 -55.61 35.63 16.65
N LEU B 235 -54.87 36.73 16.49
CA LEU B 235 -54.87 37.78 17.50
C LEU B 235 -56.24 38.44 17.60
N LYS B 236 -56.89 38.66 16.46
CA LYS B 236 -58.23 39.26 16.47
C LYS B 236 -59.22 38.39 17.22
N GLU B 237 -59.16 37.07 17.01
CA GLU B 237 -60.06 36.18 17.73
C GLU B 237 -59.71 36.11 19.21
N ALA B 238 -58.42 36.02 19.54
CA ALA B 238 -58.00 35.89 20.93
C ALA B 238 -58.25 37.14 21.74
N GLU B 239 -58.34 38.30 21.10
CA GLU B 239 -58.67 39.53 21.82
C GLU B 239 -60.01 39.39 22.53
N LYS B 240 -61.05 39.01 21.79
CA LYS B 240 -62.41 38.97 22.32
C LYS B 240 -62.85 37.59 22.78
N ARG B 241 -62.05 36.55 22.58
CA ARG B 241 -62.50 35.20 22.90
C ARG B 241 -61.68 34.49 23.97
N ASN B 242 -60.54 35.02 24.38
CA ASN B 242 -59.71 34.31 25.34
C ASN B 242 -60.33 34.34 26.73
N LEU B 243 -60.12 33.25 27.47
CA LEU B 243 -60.72 33.10 28.79
C LEU B 243 -60.02 33.96 29.84
N SER B 244 -58.69 34.03 29.79
CA SER B 244 -57.95 34.80 30.79
C SER B 244 -58.28 36.29 30.69
N LEU B 245 -58.41 36.81 29.47
CA LEU B 245 -58.77 38.21 29.30
C LEU B 245 -60.15 38.49 29.86
N LEU B 246 -61.10 37.59 29.62
CA LEU B 246 -62.44 37.76 30.17
C LEU B 246 -62.41 37.74 31.69
N GLN B 247 -61.61 36.83 32.28
CA GLN B 247 -61.51 36.77 33.73
C GLN B 247 -60.93 38.06 34.29
N ALA B 248 -59.90 38.60 33.64
CA ALA B 248 -59.30 39.85 34.12
C ALA B 248 -60.28 41.01 34.00
N ARG B 249 -61.02 41.09 32.90
CA ARG B 249 -62.00 42.15 32.74
C ARG B 249 -63.10 42.05 33.80
N LEU B 250 -63.57 40.83 34.07
CA LEU B 250 -64.57 40.64 35.11
C LEU B 250 -64.02 41.02 36.48
N SER B 251 -62.75 40.71 36.73
CA SER B 251 -62.13 41.10 38.00
C SER B 251 -62.05 42.62 38.14
N GLN B 252 -61.73 43.32 37.04
CA GLN B 252 -61.73 44.78 37.10
C GLN B 252 -63.12 45.34 37.37
N ASP B 253 -64.14 44.75 36.74
CA ASP B 253 -65.51 45.16 37.03
C ASP B 253 -65.87 44.93 38.50
N LEU B 254 -65.43 43.79 39.05
CA LEU B 254 -65.66 43.51 40.46
C LEU B 254 -64.95 44.52 41.34
N ALA B 255 -63.76 44.95 40.94
CA ALA B 255 -63.05 45.98 41.69
C ALA B 255 -63.81 47.30 41.68
N ARG B 256 -64.39 47.67 40.53
CA ARG B 256 -65.21 48.87 40.47
C ARG B 256 -66.42 48.75 41.39
N GLU B 257 -67.07 47.59 41.38
CA GLU B 257 -68.20 47.36 42.29
C GLU B 257 -67.75 47.43 43.74
N GLN B 258 -66.53 47.00 44.04
CA GLN B 258 -66.00 47.11 45.39
C GLN B 258 -65.79 48.57 45.78
N ILE B 259 -65.32 49.39 44.83
CA ILE B 259 -65.22 50.83 45.09
C ILE B 259 -66.59 51.39 45.46
N ARG B 260 -67.61 51.03 44.69
CA ARG B 260 -68.96 51.52 44.98
C ARG B 260 -69.46 51.02 46.32
N GLN B 261 -69.17 49.76 46.66
CA GLN B 261 -69.57 49.21 47.94
C GLN B 261 -68.91 49.95 49.10
N ALA B 262 -67.62 50.27 48.95
CA ALA B 262 -66.93 51.04 49.98
C ALA B 262 -67.50 52.44 50.11
N GLN B 263 -67.84 53.08 48.98
CA GLN B 263 -68.45 54.40 49.03
C GLN B 263 -69.86 54.37 49.61
N ASP B 264 -70.52 53.21 49.57
CA ASP B 264 -71.88 53.10 50.09
C ASP B 264 -71.98 53.42 51.57
N GLY B 265 -70.87 53.38 52.31
CA GLY B 265 -70.92 53.56 53.75
C GLY B 265 -71.38 54.93 54.20
N HIS B 266 -71.31 55.93 53.32
CA HIS B 266 -71.74 57.29 53.68
C HIS B 266 -73.24 57.37 53.89
N LEU B 267 -74.02 56.60 53.12
CA LEU B 267 -75.46 56.73 53.05
C LEU B 267 -76.12 56.24 54.35
N PRO B 268 -77.28 56.79 54.69
CA PRO B 268 -78.01 56.34 55.88
C PRO B 268 -78.76 55.04 55.61
N THR B 269 -79.38 54.52 56.66
CA THR B 269 -80.11 53.26 56.60
C THR B 269 -81.46 53.41 57.30
N LEU B 270 -82.39 52.53 56.93
CA LEU B 270 -83.77 52.58 57.43
C LEU B 270 -84.31 51.16 57.59
N ASP B 271 -84.90 50.90 58.75
CA ASP B 271 -85.44 49.58 59.06
C ASP B 271 -86.86 49.71 59.60
N LEU B 272 -87.64 48.64 59.45
CA LEU B 272 -89.00 48.56 59.94
C LEU B 272 -89.11 47.33 60.84
N THR B 273 -89.60 47.52 62.06
CA THR B 273 -89.69 46.45 63.04
C THR B 273 -91.12 46.30 63.54
N ALA B 274 -91.49 45.06 63.84
CA ALA B 274 -92.78 44.76 64.44
C ALA B 274 -92.57 43.68 65.49
N SER B 275 -93.42 43.69 66.51
CA SER B 275 -93.27 42.73 67.60
C SER B 275 -94.61 42.55 68.29
N THR B 276 -94.84 41.33 68.76
CA THR B 276 -96.00 40.99 69.57
C THR B 276 -95.47 40.32 70.84
N GLY B 277 -95.68 40.96 71.98
CA GLY B 277 -95.08 40.51 73.22
C GLY B 277 -96.09 40.37 74.34
N ILE B 278 -95.90 39.34 75.15
CA ILE B 278 -96.69 39.13 76.36
C ILE B 278 -95.75 39.05 77.54
N SER B 279 -96.20 39.53 78.70
CA SER B 279 -95.39 39.53 79.91
C SER B 279 -96.30 39.22 81.10
N ASP B 280 -95.72 38.53 82.08
CA ASP B 280 -96.43 38.17 83.31
C ASP B 280 -95.47 38.41 84.47
N THR B 281 -95.81 39.35 85.34
CA THR B 281 -94.95 39.76 86.44
C THR B 281 -95.69 39.60 87.76
N SER B 282 -94.99 39.06 88.76
CA SER B 282 -95.53 38.90 90.10
C SER B 282 -94.53 39.42 91.12
N TYR B 283 -95.05 39.93 92.23
CA TYR B 283 -94.24 40.49 93.30
C TYR B 283 -94.50 39.76 94.61
N SER B 284 -93.47 39.69 95.44
CA SER B 284 -93.57 39.05 96.74
C SER B 284 -92.49 39.62 97.65
N GLY B 285 -92.66 39.41 98.95
CA GLY B 285 -91.71 39.87 99.94
C GLY B 285 -92.39 40.66 101.04
N SER B 286 -91.58 41.06 102.02
CA SER B 286 -92.10 41.74 103.20
C SER B 286 -92.68 43.11 102.84
N LYS B 287 -91.92 43.92 102.10
CA LYS B 287 -92.40 45.25 101.74
C LYS B 287 -93.55 45.19 100.75
N THR B 288 -93.62 44.14 99.94
CA THR B 288 -94.73 44.01 99.00
C THR B 288 -96.06 43.86 99.73
N ARG B 289 -96.09 43.07 100.80
CA ARG B 289 -97.31 42.85 101.58
C ARG B 289 -97.53 44.06 102.51
N GLY B 290 -97.86 45.18 101.89
CA GLY B 290 -98.07 46.41 102.63
C GLY B 290 -99.28 47.19 102.15
N ALA B 291 -99.18 48.52 102.17
CA ALA B 291 -100.27 49.40 101.78
C ALA B 291 -100.05 50.01 100.40
N ALA B 292 -99.25 49.35 99.56
CA ALA B 292 -99.00 49.87 98.21
C ALA B 292 -100.30 49.93 97.40
N GLY B 293 -101.10 48.87 97.45
CA GLY B 293 -102.41 48.88 96.82
C GLY B 293 -102.38 48.70 95.32
N THR B 294 -101.96 49.72 94.59
CA THR B 294 -101.98 49.70 93.13
C THR B 294 -100.60 49.76 92.49
N GLN B 295 -99.55 50.04 93.26
CA GLN B 295 -98.21 50.17 92.71
C GLN B 295 -97.36 48.92 92.85
N TYR B 296 -97.81 47.93 93.63
CA TYR B 296 -97.12 46.66 93.81
C TYR B 296 -98.12 45.54 93.58
N ASP B 297 -98.32 45.16 92.31
CA ASP B 297 -99.29 44.12 91.96
C ASP B 297 -98.75 43.31 90.78
N ASP B 298 -99.28 42.11 90.64
CA ASP B 298 -98.98 41.27 89.48
C ASP B 298 -99.64 41.86 88.23
N SER B 299 -98.88 41.89 87.14
CA SER B 299 -99.35 42.50 85.89
C SER B 299 -99.24 41.48 84.76
N ASN B 300 -100.31 41.35 83.98
CA ASN B 300 -100.36 40.51 82.79
C ASN B 300 -100.44 41.45 81.60
N MET B 301 -99.27 41.85 81.09
CA MET B 301 -99.16 42.95 80.15
C MET B 301 -99.01 42.39 78.73
N GLY B 302 -99.52 43.14 77.75
CA GLY B 302 -99.38 42.74 76.35
C GLY B 302 -99.22 43.90 75.40
N GLN B 303 -98.28 43.79 74.45
CA GLN B 303 -98.02 44.86 73.52
C GLN B 303 -97.97 44.33 72.09
N ASN B 304 -98.41 45.17 71.15
CA ASN B 304 -98.28 44.94 69.72
C ASN B 304 -97.58 46.18 69.14
N LYS B 305 -96.24 46.14 69.13
CA LYS B 305 -95.44 47.28 68.75
C LYS B 305 -95.11 47.27 67.27
N VAL B 306 -95.17 48.44 66.64
CA VAL B 306 -94.73 48.65 65.27
C VAL B 306 -93.91 49.93 65.22
N GLY B 307 -92.72 49.86 64.62
CA GLY B 307 -91.83 51.00 64.65
C GLY B 307 -90.97 51.11 63.41
N LEU B 308 -90.48 52.32 63.19
CA LEU B 308 -89.55 52.65 62.11
C LEU B 308 -88.28 53.22 62.71
N SER B 309 -87.15 52.90 62.09
CA SER B 309 -85.85 53.36 62.58
C SER B 309 -85.03 53.91 61.42
N PHE B 310 -84.42 55.07 61.65
CA PHE B 310 -83.56 55.72 60.67
C PHE B 310 -82.22 56.03 61.33
N SER B 311 -81.13 55.77 60.62
CA SER B 311 -79.80 55.97 61.17
C SER B 311 -78.91 56.63 60.13
N LEU B 312 -78.28 57.74 60.50
CA LEU B 312 -77.37 58.47 59.60
C LEU B 312 -76.02 58.60 60.28
N PRO B 313 -75.06 57.73 59.98
CA PRO B 313 -73.72 57.89 60.54
C PRO B 313 -73.09 59.20 60.09
N ILE B 314 -72.32 59.81 61.01
CA ILE B 314 -71.58 61.04 60.73
C ILE B 314 -70.11 60.72 60.99
N TYR B 315 -69.25 61.73 60.86
CA TYR B 315 -67.80 61.58 60.93
C TYR B 315 -67.36 60.54 61.96
N GLN B 316 -66.56 59.58 61.50
CA GLN B 316 -66.05 58.46 62.28
C GLN B 316 -64.54 58.34 62.12
N GLY B 317 -63.84 59.46 62.24
CA GLY B 317 -62.44 59.43 61.87
C GLY B 317 -62.29 59.27 60.37
N GLY B 318 -61.22 58.61 59.95
CA GLY B 318 -61.05 58.31 58.55
C GLY B 318 -62.06 57.29 58.08
N MET B 319 -61.89 56.05 58.53
CA MET B 319 -62.85 54.97 58.29
C MET B 319 -63.25 54.85 56.82
N VAL B 320 -64.41 55.43 56.48
CA VAL B 320 -64.96 55.27 55.13
C VAL B 320 -64.09 55.92 54.07
N ASN B 321 -63.48 57.07 54.39
CA ASN B 321 -62.61 57.73 53.41
C ASN B 321 -61.39 56.87 53.11
N SER B 322 -60.76 56.34 54.14
CA SER B 322 -59.62 55.45 53.95
C SER B 322 -60.03 54.19 53.19
N GLN B 323 -61.23 53.67 53.47
CA GLN B 323 -61.72 52.51 52.75
C GLN B 323 -61.91 52.82 51.27
N VAL B 324 -62.42 54.01 50.96
CA VAL B 324 -62.59 54.41 49.56
C VAL B 324 -61.22 54.50 48.87
N LYS B 325 -60.23 55.07 49.55
CA LYS B 325 -58.89 55.15 48.97
C LYS B 325 -58.31 53.76 48.74
N GLN B 326 -58.51 52.86 49.70
CA GLN B 326 -58.04 51.48 49.54
C GLN B 326 -58.70 50.80 48.35
N ALA B 327 -60.01 51.00 48.20
CA ALA B 327 -60.72 50.40 47.07
C ALA B 327 -60.23 50.95 45.74
N GLN B 328 -59.93 52.26 45.69
CA GLN B 328 -59.39 52.84 44.47
C GLN B 328 -58.01 52.25 44.14
N TYR B 329 -57.17 52.07 45.15
CA TYR B 329 -55.87 51.45 44.93
C TYR B 329 -56.03 50.02 44.43
N ASN B 330 -56.99 49.29 44.99
CA ASN B 330 -57.27 47.93 44.53
C ASN B 330 -57.72 47.93 43.07
N PHE B 331 -58.53 48.91 42.69
CA PHE B 331 -58.95 49.03 41.29
C PHE B 331 -57.75 49.29 40.38
N VAL B 332 -56.82 50.14 40.82
CA VAL B 332 -55.61 50.37 40.03
C VAL B 332 -54.83 49.07 39.85
N GLY B 333 -54.70 48.30 40.93
CA GLY B 333 -54.02 47.02 40.83
C GLY B 333 -54.71 46.08 39.87
N ALA B 334 -56.05 46.04 39.90
CA ALA B 334 -56.79 45.19 38.97
C ALA B 334 -56.57 45.61 37.53
N SER B 335 -56.50 46.92 37.27
CA SER B 335 -56.20 47.39 35.92
C SER B 335 -54.81 46.95 35.48
N GLU B 336 -53.84 47.02 36.39
CA GLU B 336 -52.50 46.52 36.06
C GLU B 336 -52.54 45.03 35.71
N GLN B 337 -53.32 44.27 36.48
CA GLN B 337 -53.46 42.84 36.18
C GLN B 337 -54.05 42.61 34.81
N LEU B 338 -55.06 43.41 34.44
CA LEU B 338 -55.68 43.28 33.11
C LEU B 338 -54.66 43.54 32.01
N GLU B 339 -53.87 44.60 32.16
CA GLU B 339 -52.86 44.91 31.14
C GLU B 339 -51.83 43.78 31.03
N SER B 340 -51.37 43.26 32.16
CA SER B 340 -50.41 42.17 32.14
C SER B 340 -51.00 40.93 31.46
N ALA B 341 -52.26 40.63 31.75
CA ALA B 341 -52.91 39.48 31.14
C ALA B 341 -53.00 39.64 29.62
N HIS B 342 -53.33 40.84 29.16
CA HIS B 342 -53.40 41.07 27.70
C HIS B 342 -52.03 40.86 27.06
N ARG B 343 -50.98 41.42 27.66
CA ARG B 343 -49.64 41.25 27.09
C ARG B 343 -49.25 39.77 27.04
N SER B 344 -49.51 39.05 28.13
CA SER B 344 -49.17 37.62 28.17
C SER B 344 -49.95 36.84 27.11
N VAL B 345 -51.21 37.18 26.92
CA VAL B 345 -52.03 36.48 25.91
C VAL B 345 -51.44 36.69 24.52
N VAL B 346 -51.07 37.93 24.20
CA VAL B 346 -50.51 38.21 22.89
C VAL B 346 -49.22 37.42 22.68
N GLN B 347 -48.35 37.43 23.68
CA GLN B 347 -47.09 36.70 23.58
C GLN B 347 -47.33 35.21 23.38
N THR B 348 -48.29 34.65 24.13
CA THR B 348 -48.57 33.22 24.03
C THR B 348 -49.08 32.85 22.63
N VAL B 349 -49.98 33.66 22.08
CA VAL B 349 -50.50 33.34 20.74
C VAL B 349 -49.40 33.40 19.71
N ARG B 350 -48.55 34.44 19.77
CA ARG B 350 -47.45 34.53 18.80
C ARG B 350 -46.51 33.33 18.93
N SER B 351 -46.18 32.95 20.16
CA SER B 351 -45.28 31.81 20.37
C SER B 351 -45.88 30.52 19.82
N SER B 352 -47.18 30.30 20.02
CA SER B 352 -47.80 29.08 19.52
C SER B 352 -47.82 29.05 17.99
N PHE B 353 -48.09 30.21 17.36
CA PHE B 353 -48.05 30.27 15.90
C PHE B 353 -46.67 29.91 15.38
N ASN B 354 -45.62 30.49 15.97
CA ASN B 354 -44.26 30.14 15.55
C ASN B 354 -43.96 28.68 15.81
N ASN B 355 -44.50 28.11 16.89
CA ASN B 355 -44.28 26.70 17.21
C ASN B 355 -44.83 25.81 16.11
N ILE B 356 -46.06 26.07 15.66
CA ILE B 356 -46.61 25.23 14.59
C ILE B 356 -45.84 25.43 13.29
N ASN B 357 -45.39 26.66 13.02
CA ASN B 357 -44.63 26.90 11.80
C ASN B 357 -43.32 26.11 11.80
N ALA B 358 -42.66 26.02 12.96
CA ALA B 358 -41.45 25.21 13.06
C ALA B 358 -41.77 23.72 12.98
N SER B 359 -42.91 23.30 13.52
CA SER B 359 -43.27 21.88 13.51
C SER B 359 -43.43 21.38 12.08
N ILE B 360 -43.98 22.21 11.19
CA ILE B 360 -44.13 21.79 9.79
C ILE B 360 -42.77 21.45 9.18
N SER B 361 -41.79 22.32 9.37
CA SER B 361 -40.46 22.08 8.81
C SER B 361 -39.80 20.87 9.45
N SER B 362 -40.01 20.67 10.75
CA SER B 362 -39.48 19.47 11.40
C SER B 362 -40.07 18.21 10.77
N ILE B 363 -41.38 18.24 10.48
CA ILE B 363 -42.02 17.09 9.83
C ILE B 363 -41.35 16.81 8.50
N ASN B 364 -41.14 17.85 7.68
CA ASN B 364 -40.52 17.64 6.37
C ASN B 364 -39.11 17.05 6.51
N ALA B 365 -38.32 17.59 7.43
CA ALA B 365 -36.94 17.10 7.60
C ALA B 365 -36.92 15.64 8.03
N TYR B 366 -37.78 15.27 8.99
CA TYR B 366 -37.79 13.89 9.45
C TYR B 366 -38.30 12.95 8.38
N LYS B 367 -39.24 13.40 7.54
CA LYS B 367 -39.67 12.57 6.42
C LYS B 367 -38.51 12.29 5.47
N GLN B 368 -37.73 13.32 5.14
CA GLN B 368 -36.58 13.10 4.26
C GLN B 368 -35.56 12.17 4.90
N ALA B 369 -35.35 12.31 6.21
CA ALA B 369 -34.42 11.42 6.91
C ALA B 369 -34.89 9.97 6.84
N VAL B 370 -36.19 9.74 6.99
CA VAL B 370 -36.73 8.39 6.89
C VAL B 370 -36.51 7.83 5.49
N VAL B 371 -36.72 8.66 4.46
CA VAL B 371 -36.49 8.20 3.09
C VAL B 371 -35.03 7.80 2.90
N SER B 372 -34.10 8.62 3.39
CA SER B 372 -32.68 8.28 3.25
C SER B 372 -32.33 6.99 3.98
N ALA B 373 -32.87 6.81 5.19
CA ALA B 373 -32.61 5.59 5.94
C ALA B 373 -33.14 4.36 5.20
N GLN B 374 -34.32 4.48 4.60
CA GLN B 374 -34.87 3.37 3.82
C GLN B 374 -33.99 3.05 2.62
N SER B 375 -33.47 4.08 1.95
CA SER B 375 -32.56 3.83 0.83
C SER B 375 -31.31 3.10 1.28
N SER B 376 -30.75 3.51 2.43
CA SER B 376 -29.57 2.83 2.94
C SER B 376 -29.87 1.37 3.28
N LEU B 377 -31.03 1.12 3.90
CA LEU B 377 -31.40 -0.26 4.22
C LEU B 377 -31.56 -1.10 2.97
N ASP B 378 -32.17 -0.53 1.92
CA ASP B 378 -32.33 -1.28 0.68
C ASP B 378 -30.97 -1.60 0.05
N ALA B 379 -30.05 -0.64 0.08
CA ALA B 379 -28.71 -0.91 -0.43
C ALA B 379 -28.03 -2.03 0.35
N MET B 380 -28.14 -1.99 1.68
CA MET B 380 -27.51 -3.03 2.50
C MET B 380 -28.15 -4.39 2.23
N GLU B 381 -29.47 -4.43 2.06
CA GLU B 381 -30.14 -5.71 1.78
C GLU B 381 -29.72 -6.27 0.43
N ALA B 382 -29.61 -5.41 -0.58
CA ALA B 382 -29.14 -5.89 -1.89
C ALA B 382 -27.71 -6.41 -1.80
N GLY B 383 -26.85 -5.70 -1.07
CA GLY B 383 -25.49 -6.18 -0.89
C GLY B 383 -25.44 -7.52 -0.18
N TYR B 384 -26.27 -7.70 0.85
CA TYR B 384 -26.31 -8.98 1.56
C TYR B 384 -26.81 -10.10 0.65
N SER B 385 -27.84 -9.82 -0.16
CA SER B 385 -28.35 -10.84 -1.07
C SER B 385 -27.30 -11.24 -2.11
N VAL B 386 -26.57 -10.27 -2.64
CA VAL B 386 -25.57 -10.58 -3.65
C VAL B 386 -24.39 -11.32 -3.04
N GLY B 387 -23.93 -10.88 -1.86
CA GLY B 387 -22.88 -11.60 -1.17
C GLY B 387 -21.73 -10.73 -0.65
N THR B 388 -21.91 -9.42 -0.67
CA THR B 388 -20.87 -8.49 -0.23
C THR B 388 -21.09 -7.99 1.19
N ARG B 389 -22.13 -8.44 1.88
CA ARG B 389 -22.46 -7.92 3.20
C ARG B 389 -22.85 -9.08 4.12
N THR B 390 -22.79 -8.81 5.42
CA THR B 390 -23.20 -9.77 6.45
C THR B 390 -24.56 -9.37 7.02
N ILE B 391 -25.09 -10.26 7.87
CA ILE B 391 -26.41 -10.02 8.47
C ILE B 391 -26.36 -8.86 9.46
N VAL B 392 -25.21 -8.62 10.09
CA VAL B 392 -25.11 -7.55 11.08
C VAL B 392 -25.34 -6.19 10.42
N ASP B 393 -24.86 -6.01 9.19
CA ASP B 393 -25.01 -4.74 8.51
C ASP B 393 -26.48 -4.42 8.26
N VAL B 394 -27.24 -5.40 7.77
CA VAL B 394 -28.65 -5.15 7.51
C VAL B 394 -29.42 -4.99 8.82
N LEU B 395 -28.99 -5.68 9.88
CA LEU B 395 -29.64 -5.47 11.18
C LEU B 395 -29.43 -4.04 11.68
N ASP B 396 -28.21 -3.51 11.55
CA ASP B 396 -27.96 -2.12 11.94
C ASP B 396 -28.74 -1.16 11.07
N ALA B 397 -28.87 -1.46 9.78
CA ALA B 397 -29.67 -0.61 8.89
C ALA B 397 -31.13 -0.59 9.34
N THR B 398 -31.68 -1.75 9.72
CA THR B 398 -33.05 -1.80 10.22
C THR B 398 -33.19 -1.00 11.51
N THR B 399 -32.18 -1.08 12.38
CA THR B 399 -32.22 -0.29 13.62
C THR B 399 -32.28 1.20 13.33
N THR B 400 -31.45 1.67 12.39
CA THR B 400 -31.45 3.08 12.03
C THR B 400 -32.80 3.49 11.43
N LEU B 401 -33.36 2.64 10.57
CA LEU B 401 -34.65 2.94 9.97
C LEU B 401 -35.74 3.05 11.03
N TYR B 402 -35.72 2.14 12.01
CA TYR B 402 -36.70 2.18 13.09
C TYR B 402 -36.56 3.45 13.92
N ASN B 403 -35.32 3.87 14.18
CA ASN B 403 -35.11 5.12 14.90
C ASN B 403 -35.70 6.30 14.14
N ALA B 404 -35.45 6.35 12.83
CA ALA B 404 -36.00 7.45 12.03
C ALA B 404 -37.52 7.43 12.03
N LYS B 405 -38.12 6.25 11.92
CA LYS B 405 -39.58 6.15 11.94
C LYS B 405 -40.14 6.65 13.27
N GLN B 406 -39.51 6.27 14.38
CA GLN B 406 -39.97 6.72 15.68
C GLN B 406 -39.88 8.24 15.80
N GLU B 407 -38.78 8.82 15.34
CA GLU B 407 -38.64 10.28 15.40
C GLU B 407 -39.72 10.97 14.58
N LEU B 408 -40.00 10.46 13.37
CA LEU B 408 -41.03 11.07 12.54
C LEU B 408 -42.41 10.98 13.20
N ALA B 409 -42.73 9.82 13.78
CA ALA B 409 -44.02 9.68 14.45
C ALA B 409 -44.15 10.62 15.63
N ASN B 410 -43.08 10.77 16.42
CA ASN B 410 -43.11 11.71 17.53
C ASN B 410 -43.32 13.14 17.04
N ALA B 411 -42.68 13.50 15.94
CA ALA B 411 -42.88 14.83 15.38
C ALA B 411 -44.33 15.04 14.94
N ARG B 412 -44.94 14.02 14.35
CA ARG B 412 -46.34 14.13 13.94
C ARG B 412 -47.26 14.35 15.15
N TYR B 413 -47.02 13.59 16.23
CA TYR B 413 -47.83 13.78 17.44
C TYR B 413 -47.63 15.18 18.01
N ASN B 414 -46.39 15.68 17.98
CA ASN B 414 -46.13 17.03 18.45
C ASN B 414 -46.88 18.05 17.61
N TYR B 415 -46.95 17.84 16.29
CA TYR B 415 -47.69 18.76 15.43
C TYR B 415 -49.18 18.76 15.78
N LEU B 416 -49.76 17.59 16.03
CA LEU B 416 -51.17 17.55 16.42
C LEU B 416 -51.40 18.28 17.74
N ILE B 417 -50.51 18.05 18.72
CA ILE B 417 -50.66 18.72 20.01
C ILE B 417 -50.50 20.23 19.84
N ASN B 418 -49.63 20.66 18.93
CA ASN B 418 -49.45 22.09 18.68
C ASN B 418 -50.69 22.70 18.05
N GLN B 419 -51.36 21.95 17.17
CA GLN B 419 -52.65 22.43 16.66
C GLN B 419 -53.66 22.60 17.79
N LEU B 420 -53.70 21.64 18.70
CA LEU B 420 -54.60 21.76 19.86
C LEU B 420 -54.24 22.98 20.70
N ASN B 421 -52.94 23.24 20.88
CA ASN B 421 -52.51 24.41 21.64
C ASN B 421 -52.92 25.71 20.95
N ILE B 422 -52.78 25.76 19.62
CA ILE B 422 -53.26 26.91 18.86
C ILE B 422 -54.73 27.15 19.13
N LYS B 423 -55.53 26.08 19.08
CA LYS B 423 -56.96 26.23 19.32
C LYS B 423 -57.26 26.64 20.75
N SER B 424 -56.45 26.19 21.71
CA SER B 424 -56.69 26.50 23.12
C SER B 424 -56.29 27.94 23.47
N ALA B 425 -55.27 28.47 22.81
CA ALA B 425 -54.82 29.83 23.11
C ALA B 425 -55.89 30.87 22.80
N LEU B 426 -56.78 30.57 21.85
CA LEU B 426 -57.87 31.46 21.49
C LEU B 426 -59.10 31.25 22.38
N GLY B 427 -59.03 30.34 23.34
CA GLY B 427 -60.17 30.07 24.21
C GLY B 427 -61.37 29.48 23.49
N THR B 428 -61.13 28.64 22.49
CA THR B 428 -62.21 28.00 21.73
C THR B 428 -61.93 26.52 21.56
N LEU B 429 -61.48 25.86 22.63
CA LEU B 429 -61.22 24.44 22.59
C LEU B 429 -62.44 23.66 23.01
N ASN B 430 -62.73 22.59 22.28
CA ASN B 430 -63.87 21.72 22.56
C ASN B 430 -63.66 20.40 21.84
N GLU B 431 -64.60 19.47 22.05
CA GLU B 431 -64.46 18.14 21.49
C GLU B 431 -64.57 18.12 19.97
N GLN B 432 -65.02 19.21 19.35
CA GLN B 432 -65.09 19.26 17.90
C GLN B 432 -63.69 19.18 17.27
N ASP B 433 -62.67 19.65 17.99
CA ASP B 433 -61.30 19.52 17.49
C ASP B 433 -60.80 18.09 17.66
N LEU B 434 -61.17 17.44 18.76
CA LEU B 434 -60.83 16.03 18.92
C LEU B 434 -61.51 15.19 17.85
N LEU B 435 -62.71 15.58 17.41
CA LEU B 435 -63.35 14.89 16.31
C LEU B 435 -62.52 14.99 15.03
N ALA B 436 -61.98 16.18 14.75
CA ALA B 436 -61.13 16.34 13.58
C ALA B 436 -59.86 15.52 13.71
N LEU B 437 -59.27 15.50 14.90
CA LEU B 437 -58.06 14.69 15.12
C LEU B 437 -58.35 13.20 14.98
N ASN B 438 -59.57 12.77 15.30
CA ASN B 438 -59.91 11.35 15.29
C ASN B 438 -59.84 10.75 13.89
N ASN B 439 -59.98 11.56 12.84
CA ASN B 439 -59.95 11.02 11.49
C ASN B 439 -58.58 10.48 11.10
N ALA B 440 -57.52 10.88 11.80
CA ALA B 440 -56.18 10.40 11.51
C ALA B 440 -55.78 9.18 12.32
N LEU B 441 -56.65 8.72 13.23
CA LEU B 441 -56.37 7.56 14.07
C LEU B 441 -57.26 6.42 13.58
N SER B 442 -56.65 5.47 12.84
CA SER B 442 -57.39 4.38 12.23
C SER B 442 -56.97 3.00 12.74
N LYS B 443 -55.68 2.69 12.68
CA LYS B 443 -55.23 1.33 12.96
C LYS B 443 -55.15 1.09 14.46
N PRO B 444 -55.85 0.09 14.99
CA PRO B 444 -55.71 -0.25 16.41
C PRO B 444 -54.35 -0.89 16.68
N VAL B 445 -53.91 -0.72 17.93
CA VAL B 445 -52.61 -1.22 18.37
C VAL B 445 -52.70 -1.58 19.84
N SER B 446 -52.09 -2.71 20.20
CA SER B 446 -52.07 -3.15 21.59
C SER B 446 -51.05 -2.35 22.39
N THR B 447 -51.30 -2.24 23.69
CA THR B 447 -50.43 -1.49 24.58
C THR B 447 -49.70 -2.35 25.60
N ASN B 448 -50.01 -3.63 25.70
CA ASN B 448 -49.32 -4.49 26.65
C ASN B 448 -47.86 -4.65 26.24
N PRO B 449 -46.91 -4.39 27.14
CA PRO B 449 -45.49 -4.47 26.75
C PRO B 449 -45.09 -5.83 26.20
N GLU B 450 -45.63 -6.92 26.76
CA GLU B 450 -45.27 -8.24 26.27
C GLU B 450 -45.92 -8.55 24.93
N ASN B 451 -47.16 -8.10 24.73
CA ASN B 451 -47.85 -8.38 23.48
C ASN B 451 -47.19 -7.65 22.31
N VAL B 452 -46.88 -6.37 22.48
CA VAL B 452 -46.26 -5.62 21.40
C VAL B 452 -44.75 -5.84 21.36
N ALA B 453 -44.15 -6.24 22.49
CA ALA B 453 -42.71 -6.43 22.58
C ALA B 453 -42.41 -7.67 23.41
N PRO B 454 -42.47 -8.86 22.79
CA PRO B 454 -42.19 -10.13 23.49
C PRO B 454 -40.79 -10.19 24.08
N GLU C 23 -17.91 10.81 60.04
CA GLU C 23 -19.33 11.03 60.21
C GLU C 23 -20.14 10.29 59.15
N ASN C 24 -20.93 9.31 59.57
CA ASN C 24 -21.74 8.53 58.66
C ASN C 24 -23.11 9.16 58.53
N LEU C 25 -24.04 8.45 57.88
CA LEU C 25 -25.36 9.01 57.62
C LEU C 25 -26.18 9.16 58.90
N MET C 26 -26.02 8.24 59.86
CA MET C 26 -26.86 8.27 61.05
C MET C 26 -26.59 9.50 61.90
N GLN C 27 -25.31 9.79 62.18
CA GLN C 27 -24.98 10.97 62.96
C GLN C 27 -25.41 12.24 62.25
N VAL C 28 -25.23 12.29 60.92
CA VAL C 28 -25.66 13.44 60.15
C VAL C 28 -27.16 13.65 60.30
N TYR C 29 -27.93 12.57 60.20
CA TYR C 29 -29.38 12.70 60.33
C TYR C 29 -29.78 13.13 61.73
N GLN C 30 -29.11 12.61 62.77
CA GLN C 30 -29.43 13.03 64.12
C GLN C 30 -29.16 14.51 64.32
N GLN C 31 -28.02 14.98 63.83
CA GLN C 31 -27.70 16.40 63.94
C GLN C 31 -28.69 17.25 63.16
N ALA C 32 -29.08 16.81 61.98
CA ALA C 32 -30.05 17.55 61.19
C ALA C 32 -31.41 17.60 61.87
N ARG C 33 -31.84 16.49 62.46
CA ARG C 33 -33.11 16.47 63.18
C ARG C 33 -33.06 17.40 64.37
N LEU C 34 -31.91 17.48 65.04
CA LEU C 34 -31.77 18.39 66.18
C LEU C 34 -31.95 19.84 65.74
N SER C 35 -31.09 20.32 64.84
CA SER C 35 -31.06 21.72 64.44
C SER C 35 -31.42 21.84 62.96
N ASN C 36 -32.72 22.01 62.69
CA ASN C 36 -33.20 22.28 61.35
C ASN C 36 -34.33 23.30 61.40
N PRO C 37 -34.11 24.53 60.94
CA PRO C 37 -35.13 25.59 61.05
C PRO C 37 -36.24 25.47 60.00
N GLU C 38 -36.65 24.24 59.72
CA GLU C 38 -37.84 23.99 58.90
C GLU C 38 -38.77 22.96 59.50
N LEU C 39 -38.30 22.08 60.39
CA LEU C 39 -39.17 21.19 61.13
C LEU C 39 -39.64 21.82 62.43
N ARG C 40 -38.83 22.71 63.03
CA ARG C 40 -39.25 23.41 64.23
C ARG C 40 -40.44 24.33 63.93
N LYS C 41 -40.44 24.96 62.77
CA LYS C 41 -41.56 25.82 62.37
C LYS C 41 -42.85 25.01 62.28
N SER C 42 -42.79 23.83 61.66
CA SER C 42 -43.97 22.99 61.55
C SER C 42 -44.41 22.47 62.91
N ALA C 43 -43.44 22.14 63.78
CA ALA C 43 -43.79 21.70 65.12
C ALA C 43 -44.49 22.81 65.90
N ALA C 44 -44.01 24.05 65.78
CA ALA C 44 -44.66 25.17 66.45
C ALA C 44 -46.05 25.41 65.89
N ASP C 45 -46.22 25.30 64.57
CA ASP C 45 -47.53 25.47 63.98
C ASP C 45 -48.50 24.40 64.49
N ARG C 46 -48.03 23.15 64.56
CA ARG C 46 -48.86 22.07 65.09
C ARG C 46 -49.22 22.31 66.55
N ASP C 47 -48.27 22.79 67.35
CA ASP C 47 -48.54 23.08 68.75
C ASP C 47 -49.57 24.19 68.89
N ALA C 48 -49.48 25.22 68.05
CA ALA C 48 -50.49 26.28 68.08
C ALA C 48 -51.86 25.75 67.69
N ALA C 49 -51.92 24.88 66.69
CA ALA C 49 -53.19 24.29 66.29
C ALA C 49 -53.78 23.45 67.41
N PHE C 50 -52.94 22.73 68.14
CA PHE C 50 -53.41 21.94 69.28
C PHE C 50 -53.88 22.85 70.41
N GLU C 51 -53.18 23.97 70.63
CA GLU C 51 -53.54 24.89 71.70
C GLU C 51 -54.84 25.63 71.40
N LYS C 52 -55.17 25.81 70.13
CA LYS C 52 -56.41 26.49 69.78
C LYS C 52 -57.65 25.75 70.27
N ILE C 53 -57.51 24.49 70.65
CA ILE C 53 -58.63 23.74 71.20
C ILE C 53 -59.18 24.42 72.45
N ASN C 54 -58.28 24.94 73.30
CA ASN C 54 -58.72 25.62 74.51
C ASN C 54 -59.54 26.86 74.19
N GLU C 55 -59.10 27.65 73.20
CA GLU C 55 -59.87 28.81 72.79
C GLU C 55 -61.22 28.40 72.23
N ALA C 56 -61.25 27.31 71.45
CA ALA C 56 -62.52 26.84 70.91
C ALA C 56 -63.48 26.41 72.00
N ARG C 57 -62.97 25.75 73.06
CA ARG C 57 -63.79 25.33 74.17
C ARG C 57 -64.09 26.45 75.16
N SER C 58 -63.43 27.60 75.03
CA SER C 58 -63.63 28.69 75.98
C SER C 58 -65.06 29.18 76.06
N PRO C 59 -65.79 29.43 74.96
CA PRO C 59 -67.16 29.94 75.10
C PRO C 59 -68.09 29.02 75.86
N LEU C 60 -67.82 27.71 75.86
CA LEU C 60 -68.65 26.79 76.63
C LEU C 60 -68.54 27.07 78.13
N LEU C 61 -67.35 27.39 78.60
CA LEU C 61 -67.13 27.62 80.02
C LEU C 61 -67.80 28.91 80.46
N PRO C 62 -68.16 29.03 81.74
CA PRO C 62 -68.84 30.23 82.22
C PRO C 62 -67.99 31.49 82.03
N GLN C 63 -68.66 32.59 81.72
CA GLN C 63 -67.99 33.87 81.48
C GLN C 63 -68.52 34.88 82.49
N LEU C 64 -67.64 35.45 83.30
CA LEU C 64 -68.03 36.42 84.30
C LEU C 64 -67.14 37.65 84.21
N GLY C 65 -67.72 38.81 84.55
CA GLY C 65 -67.02 40.08 84.47
C GLY C 65 -67.62 41.10 85.41
N LEU C 66 -66.97 42.27 85.46
CA LEU C 66 -67.38 43.36 86.32
C LEU C 66 -67.35 44.66 85.53
N GLY C 67 -68.40 45.46 85.66
CA GLY C 67 -68.47 46.72 84.95
C GLY C 67 -69.19 47.83 85.70
N ALA C 68 -68.63 49.03 85.70
CA ALA C 68 -69.20 50.16 86.41
C ALA C 68 -69.24 51.38 85.49
N ASP C 69 -70.14 52.31 85.82
CA ASP C 69 -70.28 53.53 85.04
C ASP C 69 -70.88 54.63 85.91
N TYR C 70 -70.75 55.86 85.43
CA TYR C 70 -71.32 57.02 86.08
C TYR C 70 -71.84 57.97 85.01
N THR C 71 -73.05 58.48 85.19
CA THR C 71 -73.71 59.28 84.18
C THR C 71 -74.39 60.47 84.82
N TYR C 72 -74.19 61.66 84.25
CA TYR C 72 -74.85 62.89 84.66
C TYR C 72 -75.78 63.33 83.53
N SER C 73 -77.06 63.50 83.85
CA SER C 73 -78.07 63.88 82.88
C SER C 73 -78.65 65.24 83.24
N ASN C 74 -78.84 66.08 82.23
CA ASN C 74 -79.44 67.39 82.40
C ASN C 74 -80.72 67.45 81.57
N GLY C 75 -81.83 67.82 82.21
CA GLY C 75 -83.10 67.86 81.54
C GLY C 75 -83.24 69.05 80.61
N TYR C 76 -84.23 68.95 79.73
CA TYR C 76 -84.51 70.01 78.77
C TYR C 76 -86.00 69.98 78.43
N ARG C 77 -86.49 71.11 77.92
CA ARG C 77 -87.87 71.26 77.47
C ARG C 77 -88.78 71.01 78.66
N ASP C 78 -89.66 70.00 78.63
CA ASP C 78 -90.61 69.81 79.73
C ASP C 78 -89.91 69.52 81.05
N ALA C 79 -88.78 68.82 81.00
CA ALA C 79 -88.00 68.56 82.21
C ALA C 79 -86.95 69.65 82.42
N ASN C 80 -87.40 70.90 82.41
CA ASN C 80 -86.48 72.02 82.64
C ASN C 80 -86.07 72.06 84.10
N GLY C 81 -84.78 72.33 84.33
CA GLY C 81 -84.29 72.42 85.70
C GLY C 81 -84.25 71.11 86.45
N ILE C 82 -84.18 69.98 85.74
CA ILE C 82 -84.08 68.67 86.36
C ILE C 82 -82.73 68.07 85.97
N ASN C 83 -81.92 67.76 86.98
CA ASN C 83 -80.61 67.16 86.78
C ASN C 83 -80.49 65.92 87.64
N SER C 84 -79.84 64.89 87.09
CA SER C 84 -79.68 63.62 87.77
C SER C 84 -78.23 63.15 87.67
N ASN C 85 -77.81 62.39 88.67
CA ASN C 85 -76.47 61.80 88.70
C ASN C 85 -76.60 60.37 89.19
N ALA C 86 -76.29 59.40 88.33
CA ALA C 86 -76.48 57.99 88.64
C ALA C 86 -75.18 57.24 88.41
N THR C 87 -74.73 56.53 89.44
CA THR C 87 -73.54 55.69 89.35
C THR C 87 -73.93 54.25 89.61
N SER C 88 -73.53 53.36 88.71
CA SER C 88 -73.92 51.95 88.79
C SER C 88 -72.67 51.08 88.74
N ALA C 89 -72.76 49.91 89.37
CA ALA C 89 -71.67 48.95 89.36
C ALA C 89 -72.27 47.55 89.42
N SER C 90 -71.96 46.71 88.43
CA SER C 90 -72.57 45.40 88.32
C SER C 90 -71.50 44.33 88.11
N LEU C 91 -71.82 43.12 88.58
CA LEU C 91 -71.01 41.93 88.35
C LEU C 91 -71.89 40.90 87.66
N GLN C 92 -71.47 40.44 86.49
CA GLN C 92 -72.28 39.58 85.65
C GLN C 92 -71.61 38.23 85.46
N LEU C 93 -72.43 37.18 85.31
CA LEU C 93 -71.94 35.84 85.07
C LEU C 93 -72.95 35.13 84.18
N THR C 94 -72.53 34.78 82.98
CA THR C 94 -73.38 34.12 82.00
C THR C 94 -72.81 32.75 81.65
N GLN C 95 -73.70 31.82 81.32
CA GLN C 95 -73.30 30.46 80.99
C GLN C 95 -74.33 29.84 80.06
N SER C 96 -73.87 29.29 78.94
CA SER C 96 -74.77 28.69 77.96
C SER C 96 -75.17 27.30 78.43
N ILE C 97 -76.47 27.03 78.48
CA ILE C 97 -76.94 25.73 78.94
C ILE C 97 -76.97 24.74 77.79
N PHE C 98 -77.47 25.15 76.63
CA PHE C 98 -77.57 24.25 75.48
C PHE C 98 -77.33 25.08 74.21
N ASP C 99 -76.19 24.83 73.55
CA ASP C 99 -75.87 25.51 72.30
C ASP C 99 -74.95 24.58 71.51
N MET C 100 -75.53 23.90 70.52
CA MET C 100 -74.80 22.87 69.78
C MET C 100 -73.66 23.44 68.94
N SER C 101 -73.73 24.73 68.60
CA SER C 101 -72.72 25.33 67.73
C SER C 101 -71.34 25.30 68.38
N LYS C 102 -71.27 25.56 69.69
CA LYS C 102 -69.98 25.55 70.36
C LYS C 102 -69.35 24.16 70.36
N TRP C 103 -70.16 23.13 70.61
CA TRP C 103 -69.65 21.77 70.57
C TRP C 103 -69.18 21.40 69.17
N ARG C 104 -69.94 21.82 68.15
CA ARG C 104 -69.52 21.58 66.77
C ARG C 104 -68.19 22.26 66.48
N ALA C 105 -68.01 23.50 66.96
CA ALA C 105 -66.75 24.20 66.74
C ALA C 105 -65.61 23.49 67.46
N LEU C 106 -65.86 22.97 68.65
CA LEU C 106 -64.83 22.23 69.37
C LEU C 106 -64.40 21.00 68.59
N THR C 107 -65.37 20.24 68.06
CA THR C 107 -65.04 19.07 67.28
C THR C 107 -64.27 19.44 66.02
N LEU C 108 -64.67 20.55 65.37
CA LEU C 108 -63.96 21.01 64.17
C LEU C 108 -62.51 21.35 64.50
N GLN C 109 -62.29 22.02 65.62
CA GLN C 109 -60.92 22.36 66.03
C GLN C 109 -60.10 21.10 66.29
N GLU C 110 -60.71 20.10 66.93
CA GLU C 110 -60.00 18.84 67.17
C GLU C 110 -59.58 18.19 65.85
N LYS C 111 -60.49 18.14 64.88
CA LYS C 111 -60.16 17.51 63.60
C LYS C 111 -59.07 18.29 62.87
N ALA C 112 -59.13 19.63 62.94
CA ALA C 112 -58.08 20.44 62.33
C ALA C 112 -56.73 20.17 62.96
N ALA C 113 -56.69 20.02 64.29
CA ALA C 113 -55.44 19.67 64.95
C ALA C 113 -54.92 18.32 64.48
N GLY C 114 -55.83 17.35 64.30
CA GLY C 114 -55.40 16.06 63.79
C GLY C 114 -54.77 16.13 62.42
N ILE C 115 -55.41 16.86 61.50
CA ILE C 115 -54.84 16.98 60.16
C ILE C 115 -53.51 17.73 60.19
N GLN C 116 -53.38 18.72 61.08
CA GLN C 116 -52.09 19.40 61.22
C GLN C 116 -51.00 18.45 61.70
N ASP C 117 -51.35 17.54 62.62
CA ASP C 117 -50.39 16.54 63.07
C ASP C 117 -49.96 15.63 61.92
N VAL C 118 -50.91 15.24 61.07
CA VAL C 118 -50.57 14.43 59.90
C VAL C 118 -49.58 15.18 59.00
N THR C 119 -49.83 16.48 58.81
CA THR C 119 -48.91 17.31 58.02
C THR C 119 -47.51 17.33 58.64
N TYR C 120 -47.44 17.41 59.98
CA TYR C 120 -46.15 17.39 60.64
C TYR C 120 -45.41 16.07 60.41
N GLN C 121 -46.14 14.95 60.43
CA GLN C 121 -45.52 13.67 60.12
C GLN C 121 -44.96 13.65 58.71
N THR C 122 -45.72 14.18 57.76
CA THR C 122 -45.21 14.28 56.39
C THR C 122 -43.94 15.12 56.32
N ASP C 123 -43.88 16.19 57.12
CA ASP C 123 -42.69 17.03 57.16
C ASP C 123 -41.49 16.26 57.69
N GLN C 124 -41.70 15.42 58.71
CA GLN C 124 -40.60 14.58 59.20
C GLN C 124 -40.08 13.67 58.09
N GLN C 125 -41.00 13.03 57.36
CA GLN C 125 -40.57 12.13 56.29
C GLN C 125 -39.77 12.87 55.22
N THR C 126 -40.25 14.04 54.81
CA THR C 126 -39.53 14.76 53.76
C THR C 126 -38.19 15.30 54.25
N LEU C 127 -38.07 15.59 55.55
CA LEU C 127 -36.76 15.96 56.09
C LEU C 127 -35.79 14.79 55.99
N ILE C 128 -36.25 13.58 56.31
CA ILE C 128 -35.38 12.40 56.19
C ILE C 128 -34.91 12.25 54.75
N LEU C 129 -35.85 12.35 53.81
CA LEU C 129 -35.49 12.19 52.40
C LEU C 129 -34.49 13.25 51.95
N ASN C 130 -34.71 14.51 52.36
CA ASN C 130 -33.84 15.60 51.95
C ASN C 130 -32.42 15.41 52.49
N THR C 131 -32.31 15.02 53.76
CA THR C 131 -30.96 14.86 54.31
C THR C 131 -30.23 13.69 53.66
N ALA C 132 -30.95 12.62 53.33
CA ALA C 132 -30.30 11.50 52.63
C ALA C 132 -29.77 11.93 51.26
N THR C 133 -30.60 12.64 50.49
CA THR C 133 -30.17 13.07 49.16
C THR C 133 -28.98 14.02 49.26
N ALA C 134 -29.04 14.98 50.18
CA ALA C 134 -27.95 15.93 50.32
C ALA C 134 -26.67 15.26 50.80
N TYR C 135 -26.79 14.17 51.56
CA TYR C 135 -25.60 13.45 51.98
C TYR C 135 -24.95 12.71 50.81
N PHE C 136 -25.77 12.10 49.94
CA PHE C 136 -25.16 11.35 48.82
C PHE C 136 -24.61 12.27 47.74
N ASN C 137 -25.16 13.48 47.60
CA ASN C 137 -24.66 14.41 46.59
C ASN C 137 -23.17 14.71 46.79
N VAL C 138 -22.72 14.77 48.04
CA VAL C 138 -21.32 15.10 48.32
C VAL C 138 -20.39 14.01 47.81
N LEU C 139 -20.76 12.74 48.05
CA LEU C 139 -19.95 11.64 47.54
C LEU C 139 -19.92 11.64 46.02
N ASN C 140 -21.06 11.93 45.39
CA ASN C 140 -21.07 12.02 43.93
C ASN C 140 -20.12 13.11 43.44
N ALA C 141 -20.13 14.26 44.12
CA ALA C 141 -19.25 15.36 43.73
C ALA C 141 -17.78 14.98 43.92
N ILE C 142 -17.45 14.26 44.99
CA ILE C 142 -16.08 13.83 45.22
C ILE C 142 -15.61 12.92 44.07
N ASP C 143 -16.46 11.97 43.69
CA ASP C 143 -16.09 11.08 42.59
C ASP C 143 -15.89 11.85 41.29
N VAL C 144 -16.77 12.81 41.01
CA VAL C 144 -16.63 13.62 39.79
C VAL C 144 -15.33 14.40 39.81
N LEU C 145 -14.98 14.97 40.96
CA LEU C 145 -13.75 15.74 41.06
C LEU C 145 -12.53 14.86 40.84
N SER C 146 -12.53 13.65 41.38
CA SER C 146 -11.40 12.75 41.15
C SER C 146 -11.27 12.41 39.67
N TYR C 147 -12.39 12.12 39.01
CA TYR C 147 -12.34 11.83 37.58
C TYR C 147 -11.80 13.03 36.80
N THR C 148 -12.22 14.24 37.17
CA THR C 148 -11.76 15.43 36.46
C THR C 148 -10.27 15.66 36.67
N GLN C 149 -9.76 15.35 37.88
CA GLN C 149 -8.33 15.46 38.11
C GLN C 149 -7.54 14.50 37.21
N ALA C 150 -8.01 13.26 37.11
CA ALA C 150 -7.34 12.30 36.22
C ALA C 150 -7.37 12.79 34.77
N GLN C 151 -8.52 13.32 34.34
CA GLN C 151 -8.63 13.83 32.98
C GLN C 151 -7.67 15.00 32.76
N LYS C 152 -7.52 15.88 33.76
CA LYS C 152 -6.60 16.99 33.63
C LYS C 152 -5.17 16.51 33.46
N GLU C 153 -4.77 15.52 34.25
CA GLU C 153 -3.42 14.98 34.11
C GLU C 153 -3.20 14.42 32.71
N ALA C 154 -4.15 13.63 32.22
CA ALA C 154 -4.00 13.04 30.89
C ALA C 154 -3.93 14.10 29.80
N ILE C 155 -4.79 15.12 29.88
CA ILE C 155 -4.83 16.15 28.84
C ILE C 155 -3.56 16.98 28.88
N TYR C 156 -3.04 17.29 30.07
CA TYR C 156 -1.79 18.04 30.14
C TYR C 156 -0.63 17.24 29.54
N ARG C 157 -0.58 15.93 29.81
CA ARG C 157 0.47 15.13 29.20
C ARG C 157 0.34 15.09 27.68
N GLN C 158 -0.89 15.00 27.17
CA GLN C 158 -1.09 15.03 25.73
C GLN C 158 -0.64 16.36 25.13
N LEU C 159 -0.96 17.47 25.80
CA LEU C 159 -0.52 18.78 25.31
C LEU C 159 0.99 18.89 25.30
N ASP C 160 1.65 18.39 26.36
CA ASP C 160 3.11 18.41 26.39
C ASP C 160 3.70 17.59 25.26
N GLN C 161 3.10 16.42 24.98
CA GLN C 161 3.56 15.60 23.87
C GLN C 161 3.44 16.34 22.54
N THR C 162 2.30 17.01 22.32
CA THR C 162 2.11 17.75 21.09
C THR C 162 3.12 18.89 20.97
N THR C 163 3.39 19.59 22.07
CA THR C 163 4.36 20.68 22.04
C THR C 163 5.75 20.15 21.73
N GLN C 164 6.13 19.02 22.32
CA GLN C 164 7.42 18.41 22.01
C GLN C 164 7.50 18.03 20.53
N ARG C 165 6.43 17.44 20.00
CA ARG C 165 6.41 17.07 18.59
C ARG C 165 6.60 18.29 17.70
N PHE C 166 5.92 19.40 18.03
CA PHE C 166 6.08 20.62 17.24
C PHE C 166 7.50 21.17 17.35
N ASN C 167 8.07 21.17 18.55
CA ASN C 167 9.41 21.73 18.73
C ASN C 167 10.45 20.95 17.95
N VAL C 168 10.38 19.61 18.02
CA VAL C 168 11.22 18.80 17.15
C VAL C 168 10.84 19.04 15.68
N GLY C 169 9.54 19.15 15.42
CA GLY C 169 8.98 19.42 14.13
C GLY C 169 8.41 18.16 13.52
N LEU C 170 7.13 17.92 13.79
CA LEU C 170 6.38 16.83 13.18
C LEU C 170 4.96 17.21 12.80
N VAL C 171 4.39 18.26 13.39
CA VAL C 171 3.00 18.66 13.17
C VAL C 171 2.96 20.16 12.95
N ALA C 172 1.85 20.61 12.36
CA ALA C 172 1.65 22.04 12.13
C ALA C 172 1.23 22.74 13.42
N ILE C 173 1.17 24.06 13.36
CA ILE C 173 0.83 24.86 14.53
C ILE C 173 -0.64 24.70 14.92
N THR C 174 -1.50 24.30 13.98
CA THR C 174 -2.92 24.15 14.28
C THR C 174 -3.14 23.07 15.33
N ASP C 175 -2.36 21.99 15.26
CA ASP C 175 -2.48 20.94 16.27
C ASP C 175 -2.11 21.45 17.65
N VAL C 176 -1.07 22.28 17.73
CA VAL C 176 -0.67 22.86 19.01
C VAL C 176 -1.79 23.76 19.56
N GLN C 177 -2.37 24.58 18.69
CA GLN C 177 -3.46 25.45 19.12
C GLN C 177 -4.64 24.63 19.62
N ASN C 178 -4.98 23.56 18.91
CA ASN C 178 -6.10 22.71 19.33
C ASN C 178 -5.81 22.05 20.67
N ALA C 179 -4.58 21.58 20.88
CA ALA C 179 -4.23 20.96 22.16
C ALA C 179 -4.33 21.98 23.29
N ARG C 180 -3.86 23.20 23.07
CA ARG C 180 -3.96 24.22 24.09
C ARG C 180 -5.42 24.55 24.40
N ALA C 181 -6.27 24.59 23.37
CA ALA C 181 -7.69 24.82 23.60
C ALA C 181 -8.31 23.72 24.45
N GLN C 182 -7.97 22.46 24.16
CA GLN C 182 -8.49 21.36 24.95
C GLN C 182 -8.01 21.45 26.40
N TYR C 183 -6.74 21.83 26.61
CA TYR C 183 -6.23 21.97 27.97
C TYR C 183 -6.98 23.06 28.72
N ASP C 184 -7.25 24.20 28.07
CA ASP C 184 -7.99 25.27 28.74
C ASP C 184 -9.42 24.83 29.07
N THR C 185 -10.05 24.08 28.15
CA THR C 185 -11.38 23.55 28.43
C THR C 185 -11.35 22.63 29.65
N VAL C 186 -10.32 21.79 29.75
CA VAL C 186 -10.22 20.89 30.90
C VAL C 186 -10.00 21.67 32.19
N LEU C 187 -9.20 22.74 32.14
CA LEU C 187 -9.01 23.58 33.32
C LEU C 187 -10.34 24.18 33.79
N ALA C 188 -11.13 24.69 32.84
CA ALA C 188 -12.43 25.24 33.19
C ALA C 188 -13.34 24.17 33.79
N ASN C 189 -13.29 22.96 33.23
CA ASN C 189 -14.11 21.87 33.77
C ASN C 189 -13.70 21.52 35.20
N GLU C 190 -12.39 21.52 35.48
CA GLU C 190 -11.93 21.26 36.84
C GLU C 190 -12.41 22.32 37.80
N VAL C 191 -12.36 23.60 37.38
CA VAL C 191 -12.87 24.66 38.23
C VAL C 191 -14.35 24.46 38.52
N THR C 192 -15.12 24.09 37.48
CA THR C 192 -16.55 23.87 37.67
C THR C 192 -16.81 22.72 38.65
N ALA C 193 -16.05 21.62 38.53
CA ALA C 193 -16.24 20.50 39.44
C ALA C 193 -15.90 20.88 40.87
N ARG C 194 -14.84 21.66 41.07
CA ARG C 194 -14.50 22.11 42.41
C ARG C 194 -15.63 22.94 43.00
N ASN C 195 -16.18 23.87 42.21
CA ASN C 195 -17.29 24.67 42.70
C ASN C 195 -18.52 23.82 42.99
N ASN C 196 -18.75 22.77 42.20
CA ASN C 196 -19.87 21.88 42.46
C ASN C 196 -19.72 21.17 43.80
N LEU C 197 -18.51 20.68 44.10
CA LEU C 197 -18.28 20.06 45.40
C LEU C 197 -18.50 21.06 46.53
N ASP C 198 -18.02 22.30 46.35
CA ASP C 198 -18.23 23.31 47.37
C ASP C 198 -19.71 23.58 47.60
N ASN C 199 -20.49 23.66 46.51
CA ASN C 199 -21.93 23.90 46.64
C ASN C 199 -22.63 22.73 47.32
N ALA C 200 -22.21 21.50 47.04
CA ALA C 200 -22.79 20.35 47.72
C ALA C 200 -22.53 20.41 49.22
N VAL C 201 -21.29 20.73 49.61
CA VAL C 201 -20.98 20.84 51.03
C VAL C 201 -21.79 21.96 51.67
N GLU C 202 -21.96 23.07 50.95
CA GLU C 202 -22.74 24.18 51.50
C GLU C 202 -24.20 23.81 51.65
N GLN C 203 -24.75 23.04 50.71
CA GLN C 203 -26.13 22.56 50.87
C GLN C 203 -26.27 21.67 52.08
N LEU C 204 -25.29 20.78 52.29
CA LEU C 204 -25.32 19.94 53.49
C LEU C 204 -25.27 20.80 54.76
N ARG C 205 -24.43 21.83 54.77
CA ARG C 205 -24.37 22.73 55.91
C ARG C 205 -25.69 23.45 56.13
N GLN C 206 -26.33 23.89 55.05
CA GLN C 206 -27.62 24.57 55.18
C GLN C 206 -28.67 23.64 55.78
N ILE C 207 -28.67 22.38 55.35
CA ILE C 207 -29.66 21.44 55.86
C ILE C 207 -29.40 21.13 57.34
N THR C 208 -28.13 20.89 57.70
CA THR C 208 -27.81 20.40 59.04
C THR C 208 -27.28 21.47 59.98
N GLY C 209 -26.95 22.66 59.49
CA GLY C 209 -26.41 23.70 60.36
C GLY C 209 -25.07 23.36 60.96
N ASN C 210 -24.21 22.67 60.21
CA ASN C 210 -22.89 22.30 60.69
C ASN C 210 -21.99 22.02 59.50
N TYR C 211 -20.69 22.09 59.73
CA TYR C 211 -19.69 21.84 58.70
C TYR C 211 -19.11 20.45 58.90
N TYR C 212 -19.19 19.62 57.85
CA TYR C 212 -18.68 18.26 57.92
C TYR C 212 -17.44 18.13 57.05
N PRO C 213 -16.25 18.03 57.63
CA PRO C 213 -15.02 17.88 56.84
C PRO C 213 -14.63 16.44 56.53
N GLU C 214 -15.49 15.46 56.81
CA GLU C 214 -15.15 14.06 56.58
C GLU C 214 -16.45 13.26 56.59
N LEU C 215 -16.68 12.47 55.55
CA LEU C 215 -17.93 11.73 55.41
C LEU C 215 -17.64 10.27 55.11
N ALA C 216 -18.46 9.38 55.65
CA ALA C 216 -18.28 7.95 55.39
C ALA C 216 -18.69 7.64 53.94
N ALA C 217 -17.82 6.91 53.24
CA ALA C 217 -18.04 6.59 51.83
C ALA C 217 -18.61 5.19 51.68
N LEU C 218 -19.03 4.87 50.47
CA LEU C 218 -19.65 3.60 50.19
C LEU C 218 -18.64 2.45 50.24
N ASN C 219 -19.10 1.30 50.70
CA ASN C 219 -18.30 0.09 50.77
C ASN C 219 -18.80 -0.91 49.74
N VAL C 220 -17.91 -1.32 48.83
CA VAL C 220 -18.32 -2.20 47.75
C VAL C 220 -18.44 -3.66 48.18
N GLU C 221 -17.78 -4.07 49.26
CA GLU C 221 -17.89 -5.45 49.72
C GLU C 221 -19.22 -5.69 50.41
N ASN C 222 -19.69 -4.73 51.19
CA ASN C 222 -20.91 -4.89 51.97
C ASN C 222 -22.18 -4.47 51.23
N PHE C 223 -22.05 -4.02 49.98
CA PHE C 223 -23.21 -3.53 49.23
C PHE C 223 -23.78 -4.63 48.35
N LYS C 224 -25.08 -4.84 48.44
CA LYS C 224 -25.77 -5.82 47.61
C LYS C 224 -27.17 -5.31 47.30
N THR C 225 -27.71 -5.77 46.19
CA THR C 225 -29.02 -5.35 45.71
C THR C 225 -30.01 -6.51 45.83
N ASP C 226 -31.16 -6.22 46.43
CA ASP C 226 -32.20 -7.23 46.65
C ASP C 226 -33.48 -6.81 45.94
N LYS C 227 -34.14 -7.78 45.32
CA LYS C 227 -35.40 -7.49 44.65
C LYS C 227 -36.46 -7.08 45.67
N PRO C 228 -37.24 -6.05 45.40
CA PRO C 228 -38.28 -5.63 46.33
C PRO C 228 -39.45 -6.61 46.34
N GLN C 229 -40.35 -6.39 47.30
CA GLN C 229 -41.55 -7.20 47.39
C GLN C 229 -42.46 -6.90 46.20
N PRO C 230 -43.37 -7.82 45.87
CA PRO C 230 -44.27 -7.58 44.74
C PRO C 230 -45.09 -6.32 44.94
N VAL C 231 -45.38 -5.63 43.82
CA VAL C 231 -46.11 -4.37 43.87
C VAL C 231 -47.47 -4.53 44.53
N ASN C 232 -48.01 -5.74 44.54
CA ASN C 232 -49.28 -5.97 45.22
C ASN C 232 -49.17 -5.70 46.71
N ALA C 233 -48.13 -6.23 47.36
CA ALA C 233 -47.95 -5.98 48.79
C ALA C 233 -47.67 -4.50 49.06
N LEU C 234 -46.91 -3.85 48.18
CA LEU C 234 -46.64 -2.43 48.34
C LEU C 234 -47.93 -1.63 48.29
N LEU C 235 -48.79 -1.92 47.31
CA LEU C 235 -50.07 -1.23 47.22
C LEU C 235 -50.95 -1.53 48.43
N LYS C 236 -50.94 -2.78 48.90
CA LYS C 236 -51.74 -3.15 50.05
C LYS C 236 -51.33 -2.36 51.28
N GLU C 237 -50.02 -2.20 51.50
CA GLU C 237 -49.56 -1.43 52.65
C GLU C 237 -49.83 0.06 52.46
N ALA C 238 -49.59 0.58 51.26
CA ALA C 238 -49.73 2.01 51.03
C ALA C 238 -51.19 2.46 51.07
N GLU C 239 -52.13 1.55 50.80
CA GLU C 239 -53.54 1.94 50.84
C GLU C 239 -53.95 2.37 52.24
N LYS C 240 -53.50 1.64 53.27
CA LYS C 240 -53.89 1.91 54.64
C LYS C 240 -52.79 2.58 55.46
N ARG C 241 -51.64 2.89 54.85
CA ARG C 241 -50.55 3.50 55.60
C ARG C 241 -50.04 4.81 55.05
N ASN C 242 -50.46 5.24 53.87
CA ASN C 242 -49.93 6.47 53.28
C ASN C 242 -50.47 7.69 54.02
N LEU C 243 -49.62 8.71 54.12
CA LEU C 243 -49.97 9.92 54.87
C LEU C 243 -50.95 10.81 54.09
N SER C 244 -50.75 10.93 52.77
CA SER C 244 -51.64 11.78 51.97
C SER C 244 -53.07 11.25 51.98
N LEU C 245 -53.22 9.93 51.86
CA LEU C 245 -54.56 9.34 51.89
C LEU C 245 -55.24 9.58 53.23
N LEU C 246 -54.49 9.42 54.33
CA LEU C 246 -55.06 9.68 55.65
C LEU C 246 -55.47 11.14 55.80
N GLN C 247 -54.63 12.05 55.30
CA GLN C 247 -54.96 13.48 55.38
C GLN C 247 -56.22 13.79 54.59
N ALA C 248 -56.36 13.21 53.39
CA ALA C 248 -57.55 13.45 52.60
C ALA C 248 -58.79 12.88 53.26
N ARG C 249 -58.69 11.69 53.86
CA ARG C 249 -59.82 11.10 54.56
C ARG C 249 -60.23 11.96 55.75
N LEU C 250 -59.25 12.45 56.51
CA LEU C 250 -59.55 13.32 57.64
C LEU C 250 -60.18 14.63 57.18
N SER C 251 -59.72 15.15 56.03
CA SER C 251 -60.32 16.36 55.49
C SER C 251 -61.78 16.12 55.09
N GLN C 252 -62.08 14.95 54.52
CA GLN C 252 -63.46 14.63 54.18
C GLN C 252 -64.32 14.53 55.45
N ASP C 253 -63.78 13.91 56.50
CA ASP C 253 -64.51 13.86 57.76
C ASP C 253 -64.75 15.26 58.32
N LEU C 254 -63.76 16.14 58.22
CA LEU C 254 -63.93 17.51 58.65
C LEU C 254 -65.01 18.22 57.84
N ALA C 255 -65.07 17.95 56.54
CA ALA C 255 -66.12 18.52 55.71
C ALA C 255 -67.50 18.04 56.14
N ARG C 256 -67.61 16.76 56.49
CA ARG C 256 -68.88 16.24 56.99
C ARG C 256 -69.28 16.93 58.30
N GLU C 257 -68.31 17.11 59.20
CA GLU C 257 -68.60 17.81 60.44
C GLU C 257 -68.99 19.26 60.18
N GLN C 258 -68.39 19.88 59.15
CA GLN C 258 -68.81 21.22 58.75
C GLN C 258 -70.24 21.24 58.25
N ILE C 259 -70.63 20.21 57.48
CA ILE C 259 -72.02 20.09 57.05
C ILE C 259 -72.94 20.08 58.26
N ARG C 260 -72.60 19.25 59.26
CA ARG C 260 -73.45 19.15 60.44
C ARG C 260 -73.48 20.46 61.22
N GLN C 261 -72.34 21.13 61.34
CA GLN C 261 -72.29 22.40 62.06
C GLN C 261 -73.13 23.46 61.36
N ALA C 262 -73.07 23.53 60.03
CA ALA C 262 -73.89 24.47 59.29
C ALA C 262 -75.36 24.14 59.42
N GLN C 263 -75.71 22.84 59.41
CA GLN C 263 -77.11 22.44 59.57
C GLN C 263 -77.62 22.71 60.98
N ASP C 264 -76.72 22.82 61.96
CA ASP C 264 -77.14 23.06 63.34
C ASP C 264 -77.68 24.47 63.58
N GLY C 265 -77.89 25.27 62.54
CA GLY C 265 -78.44 26.60 62.73
C GLY C 265 -79.92 26.64 63.01
N HIS C 266 -80.62 25.53 62.76
CA HIS C 266 -82.06 25.50 63.01
C HIS C 266 -82.39 25.40 64.49
N LEU C 267 -81.48 24.83 65.28
CA LEU C 267 -81.76 24.54 66.68
C LEU C 267 -81.83 25.82 67.50
N PRO C 268 -82.61 25.82 68.59
CA PRO C 268 -82.69 26.99 69.47
C PRO C 268 -81.51 27.04 70.43
N THR C 269 -81.51 28.06 71.27
CA THR C 269 -80.42 28.31 72.21
C THR C 269 -80.99 28.70 73.57
N LEU C 270 -80.27 28.31 74.62
CA LEU C 270 -80.67 28.58 76.00
C LEU C 270 -79.46 29.04 76.80
N ASP C 271 -79.64 30.15 77.53
CA ASP C 271 -78.57 30.72 78.33
C ASP C 271 -79.08 31.02 79.74
N LEU C 272 -78.16 30.97 80.70
CA LEU C 272 -78.44 31.29 82.10
C LEU C 272 -77.61 32.50 82.48
N THR C 273 -78.23 33.47 83.16
CA THR C 273 -77.58 34.72 83.50
C THR C 273 -77.79 35.04 84.97
N ALA C 274 -76.73 35.53 85.61
CA ALA C 274 -76.82 36.03 86.98
C ALA C 274 -76.07 37.35 87.05
N SER C 275 -76.52 38.23 87.94
CA SER C 275 -75.91 39.54 88.07
C SER C 275 -76.18 40.08 89.46
N THR C 276 -75.22 40.84 89.98
CA THR C 276 -75.35 41.53 91.25
C THR C 276 -74.95 42.98 91.03
N GLY C 277 -75.89 43.90 91.20
CA GLY C 277 -75.67 45.29 90.87
C GLY C 277 -76.07 46.22 91.98
N ILE C 278 -75.33 47.32 92.10
CA ILE C 278 -75.63 48.40 93.02
C ILE C 278 -75.72 49.70 92.22
N SER C 279 -76.57 50.60 92.69
CA SER C 279 -76.79 51.86 92.00
C SER C 279 -77.05 52.96 93.02
N ASP C 280 -76.49 54.13 92.77
CA ASP C 280 -76.70 55.31 93.61
C ASP C 280 -77.12 56.46 92.71
N THR C 281 -78.32 57.00 92.95
CA THR C 281 -78.88 58.04 92.12
C THR C 281 -79.27 59.25 92.96
N SER C 282 -78.97 60.43 92.45
CA SER C 282 -79.30 61.69 93.13
C SER C 282 -79.96 62.64 92.13
N TYR C 283 -80.93 63.41 92.61
CA TYR C 283 -81.64 64.38 91.81
C TYR C 283 -81.42 65.78 92.40
N SER C 284 -81.34 66.78 91.52
CA SER C 284 -81.13 68.15 91.95
C SER C 284 -81.47 69.07 90.77
N GLY C 285 -81.26 70.37 90.97
CA GLY C 285 -81.29 71.33 89.89
C GLY C 285 -82.27 72.48 90.03
N SER C 286 -83.50 72.19 90.46
CA SER C 286 -84.54 73.20 90.64
C SER C 286 -85.86 72.57 91.05
N LYS C 287 -86.55 71.94 90.09
CA LYS C 287 -87.85 71.35 90.35
C LYS C 287 -87.76 70.20 91.36
N THR C 288 -86.58 69.61 91.53
CA THR C 288 -86.39 68.60 92.56
C THR C 288 -86.64 69.18 93.94
N ARG C 289 -86.13 70.39 94.20
CA ARG C 289 -86.35 71.07 95.47
C ARG C 289 -87.74 71.72 95.48
N GLY C 290 -88.74 70.85 95.52
CA GLY C 290 -90.13 71.31 95.49
C GLY C 290 -91.04 70.49 96.38
N ALA C 291 -92.23 70.17 95.87
CA ALA C 291 -93.24 69.44 96.63
C ALA C 291 -93.32 67.97 96.21
N ALA C 292 -92.34 67.47 95.47
CA ALA C 292 -92.36 66.07 95.05
C ALA C 292 -92.33 65.12 96.24
N GLY C 293 -91.48 65.41 97.23
CA GLY C 293 -91.44 64.64 98.44
C GLY C 293 -90.66 63.34 98.34
N THR C 294 -91.25 62.32 97.70
CA THR C 294 -90.64 61.01 97.61
C THR C 294 -90.31 60.58 96.19
N GLN C 295 -91.06 61.02 95.18
CA GLN C 295 -90.79 60.65 93.80
C GLN C 295 -89.50 61.27 93.27
N TYR C 296 -88.98 62.30 93.92
CA TYR C 296 -87.72 62.94 93.56
C TYR C 296 -86.80 62.84 94.78
N ASP C 297 -86.09 61.73 94.90
CA ASP C 297 -85.22 61.51 96.05
C ASP C 297 -84.05 60.63 95.62
N ASP C 298 -82.95 60.75 96.37
CA ASP C 298 -81.79 59.91 96.11
C ASP C 298 -82.10 58.46 96.49
N SER C 299 -81.71 57.54 95.61
CA SER C 299 -82.01 56.12 95.77
C SER C 299 -80.72 55.32 95.79
N ASN C 300 -80.62 54.38 96.73
CA ASN C 300 -79.50 53.46 96.84
C ASN C 300 -80.05 52.06 96.59
N MET C 301 -80.07 51.67 95.32
CA MET C 301 -80.70 50.43 94.87
C MET C 301 -79.68 49.30 94.83
N GLY C 302 -80.17 48.08 95.07
CA GLY C 302 -79.36 46.88 94.98
C GLY C 302 -80.18 45.71 94.47
N GLN C 303 -79.72 45.06 93.40
CA GLN C 303 -80.47 44.01 92.74
C GLN C 303 -79.61 42.78 92.52
N ASN C 304 -80.13 41.62 92.94
CA ASN C 304 -79.51 40.32 92.68
C ASN C 304 -80.39 39.59 91.68
N LYS C 305 -80.09 39.81 90.40
CA LYS C 305 -80.92 39.29 89.32
C LYS C 305 -80.44 37.91 88.88
N VAL C 306 -81.38 37.00 88.67
CA VAL C 306 -81.10 35.67 88.11
C VAL C 306 -82.17 35.37 87.08
N GLY C 307 -81.76 34.82 85.93
CA GLY C 307 -82.75 34.56 84.90
C GLY C 307 -82.25 33.62 83.83
N LEU C 308 -83.18 33.23 82.97
CA LEU C 308 -82.92 32.38 81.82
C LEU C 308 -83.24 33.16 80.55
N SER C 309 -82.79 32.61 79.41
CA SER C 309 -83.05 33.25 78.13
C SER C 309 -83.10 32.18 77.05
N PHE C 310 -84.26 32.02 76.43
CA PHE C 310 -84.46 31.06 75.35
C PHE C 310 -84.69 31.81 74.04
N SER C 311 -84.02 31.37 72.99
CA SER C 311 -84.13 32.05 71.69
C SER C 311 -84.21 30.99 70.60
N LEU C 312 -85.28 31.04 69.82
CA LEU C 312 -85.48 30.11 68.71
C LEU C 312 -85.56 30.89 67.41
N PRO C 313 -84.51 30.86 66.56
CA PRO C 313 -84.58 31.51 65.27
C PRO C 313 -85.64 30.89 64.36
N ILE C 314 -86.33 31.74 63.61
CA ILE C 314 -87.31 31.33 62.62
C ILE C 314 -86.84 31.87 61.28
N TYR C 315 -87.64 31.68 60.23
CA TYR C 315 -87.28 32.02 58.85
C TYR C 315 -86.47 33.31 58.74
N GLN C 316 -85.31 33.21 58.10
CA GLN C 316 -84.37 34.32 57.94
C GLN C 316 -83.94 34.44 56.49
N GLY C 317 -84.92 34.40 55.58
CA GLY C 317 -84.57 34.31 54.18
C GLY C 317 -83.93 32.97 53.89
N GLY C 318 -82.94 32.96 53.00
CA GLY C 318 -82.23 31.73 52.74
C GLY C 318 -81.38 31.30 53.93
N MET C 319 -80.31 32.05 54.19
CA MET C 319 -79.46 31.84 55.35
C MET C 319 -79.04 30.38 55.55
N VAL C 320 -79.75 29.68 56.45
CA VAL C 320 -79.29 28.38 56.89
C VAL C 320 -79.41 27.35 55.77
N ASN C 321 -80.48 27.40 54.99
CA ASN C 321 -80.65 26.45 53.90
C ASN C 321 -79.54 26.60 52.86
N SER C 322 -79.24 27.84 52.47
CA SER C 322 -78.18 28.08 51.51
C SER C 322 -76.83 27.65 52.07
N GLN C 323 -76.59 27.90 53.36
CA GLN C 323 -75.35 27.47 53.99
C GLN C 323 -75.23 25.95 53.99
N VAL C 324 -76.35 25.26 54.22
CA VAL C 324 -76.34 23.79 54.18
C VAL C 324 -76.00 23.31 52.78
N LYS C 325 -76.59 23.93 51.76
CA LYS C 325 -76.28 23.53 50.39
C LYS C 325 -74.81 23.78 50.06
N GLN C 326 -74.27 24.92 50.52
CA GLN C 326 -72.85 25.21 50.33
C GLN C 326 -71.97 24.15 51.00
N ALA C 327 -72.34 23.77 52.23
CA ALA C 327 -71.57 22.75 52.93
C ALA C 327 -71.62 21.41 52.21
N GLN C 328 -72.78 21.06 51.65
CA GLN C 328 -72.88 19.82 50.89
C GLN C 328 -72.01 19.86 49.65
N TYR C 329 -71.97 20.99 48.95
CA TYR C 329 -71.10 21.12 47.80
C TYR C 329 -69.63 21.01 48.20
N ASN C 330 -69.27 21.61 49.34
CA ASN C 330 -67.91 21.48 49.85
C ASN C 330 -67.57 20.03 50.16
N PHE C 331 -68.52 19.29 50.72
CA PHE C 331 -68.31 17.86 51.00
C PHE C 331 -68.09 17.09 49.70
N VAL C 332 -68.85 17.41 48.66
CA VAL C 332 -68.65 16.76 47.36
C VAL C 332 -67.24 17.03 46.85
N GLY C 333 -66.80 18.29 46.95
CA GLY C 333 -65.44 18.63 46.54
C GLY C 333 -64.38 17.87 47.32
N ALA C 334 -64.59 17.72 48.63
CA ALA C 334 -63.64 16.98 49.46
C ALA C 334 -63.58 15.51 49.04
N SER C 335 -64.73 14.93 48.70
CA SER C 335 -64.74 13.55 48.23
C SER C 335 -63.96 13.42 46.91
N GLU C 336 -64.14 14.38 46.01
CA GLU C 336 -63.38 14.35 44.77
C GLU C 336 -61.88 14.44 45.05
N GLN C 337 -61.49 15.28 46.02
CA GLN C 337 -60.09 15.38 46.40
C GLN C 337 -59.57 14.05 46.92
N LEU C 338 -60.37 13.35 47.73
CA LEU C 338 -59.94 12.05 48.26
C LEU C 338 -59.71 11.05 47.13
N GLU C 339 -60.63 11.01 46.16
CA GLU C 339 -60.45 10.09 45.03
C GLU C 339 -59.19 10.42 44.24
N SER C 340 -58.95 11.71 43.98
CA SER C 340 -57.75 12.11 43.27
C SER C 340 -56.49 11.70 44.03
N ALA C 341 -56.51 11.89 45.36
CA ALA C 341 -55.35 11.51 46.16
C ALA C 341 -55.08 10.01 46.08
N HIS C 342 -56.14 9.20 46.12
CA HIS C 342 -55.94 7.75 46.00
C HIS C 342 -55.31 7.38 44.66
N ARG C 343 -55.82 7.98 43.57
CA ARG C 343 -55.26 7.68 42.25
C ARG C 343 -53.78 8.08 42.19
N SER C 344 -53.45 9.26 42.71
CA SER C 344 -52.06 9.72 42.69
C SER C 344 -51.17 8.80 43.51
N VAL C 345 -51.66 8.32 44.65
CA VAL C 345 -50.86 7.42 45.49
C VAL C 345 -50.56 6.12 44.74
N VAL C 346 -51.58 5.56 44.08
CA VAL C 346 -51.37 4.32 43.33
C VAL C 346 -50.33 4.52 42.25
N GLN C 347 -50.45 5.62 41.50
CA GLN C 347 -49.50 5.88 40.42
C GLN C 347 -48.09 6.06 40.96
N THR C 348 -47.95 6.75 42.09
CA THR C 348 -46.63 6.95 42.69
C THR C 348 -45.99 5.63 43.10
N VAL C 349 -46.78 4.74 43.71
CA VAL C 349 -46.24 3.45 44.14
C VAL C 349 -45.76 2.65 42.92
N ARG C 350 -46.58 2.62 41.86
CA ARG C 350 -46.17 1.88 40.66
C ARG C 350 -44.89 2.45 40.07
N SER C 351 -44.81 3.79 40.00
CA SER C 351 -43.61 4.43 39.44
C SER C 351 -42.38 4.11 40.26
N SER C 352 -42.49 4.13 41.59
CA SER C 352 -41.33 3.84 42.42
C SER C 352 -40.85 2.40 42.25
N PHE C 353 -41.79 1.45 42.17
CA PHE C 353 -41.42 0.06 41.96
C PHE C 353 -40.65 -0.10 40.65
N ASN C 354 -41.20 0.45 39.55
CA ASN C 354 -40.52 0.35 38.27
C ASN C 354 -39.17 1.05 38.30
N ASN C 355 -39.07 2.16 39.04
CA ASN C 355 -37.80 2.88 39.14
C ASN C 355 -36.73 2.02 39.79
N ILE C 356 -37.08 1.33 40.87
CA ILE C 356 -36.06 0.50 41.51
C ILE C 356 -35.66 -0.68 40.62
N ASN C 357 -36.61 -1.25 39.87
CA ASN C 357 -36.25 -2.33 38.96
C ASN C 357 -35.26 -1.83 37.90
N ALA C 358 -35.55 -0.66 37.32
CA ALA C 358 -34.66 -0.09 36.32
C ALA C 358 -33.30 0.23 36.93
N SER C 359 -33.27 0.66 38.19
CA SER C 359 -32.00 0.96 38.84
C SER C 359 -31.13 -0.28 38.96
N ILE C 360 -31.73 -1.42 39.34
CA ILE C 360 -30.95 -2.65 39.41
C ILE C 360 -30.43 -3.04 38.03
N SER C 361 -31.30 -2.95 37.02
CA SER C 361 -30.90 -3.31 35.66
C SER C 361 -29.77 -2.42 35.16
N SER C 362 -29.72 -1.16 35.58
CA SER C 362 -28.63 -0.27 35.21
C SER C 362 -27.37 -0.54 36.00
N ILE C 363 -27.51 -0.95 37.27
CA ILE C 363 -26.35 -1.29 38.08
C ILE C 363 -25.56 -2.42 37.43
N ASN C 364 -26.27 -3.44 36.94
CA ASN C 364 -25.55 -4.56 36.31
C ASN C 364 -24.73 -4.09 35.10
N ALA C 365 -25.33 -3.27 34.25
CA ALA C 365 -24.64 -2.81 33.05
C ALA C 365 -23.44 -1.94 33.40
N TYR C 366 -23.58 -1.06 34.40
CA TYR C 366 -22.45 -0.22 34.78
C TYR C 366 -21.32 -1.06 35.37
N LYS C 367 -21.64 -2.10 36.13
CA LYS C 367 -20.60 -3.00 36.62
C LYS C 367 -19.85 -3.66 35.47
N GLN C 368 -20.58 -4.14 34.46
CA GLN C 368 -19.91 -4.76 33.33
C GLN C 368 -19.03 -3.76 32.58
N ALA C 369 -19.51 -2.52 32.44
CA ALA C 369 -18.70 -1.49 31.78
C ALA C 369 -17.42 -1.21 32.57
N VAL C 370 -17.51 -1.20 33.89
CA VAL C 370 -16.32 -1.01 34.72
C VAL C 370 -15.32 -2.15 34.49
N VAL C 371 -15.82 -3.39 34.42
CA VAL C 371 -14.95 -4.53 34.17
C VAL C 371 -14.25 -4.39 32.83
N SER C 372 -15.00 -4.00 31.78
CA SER C 372 -14.40 -3.85 30.46
C SER C 372 -13.35 -2.75 30.45
N ALA C 373 -13.62 -1.64 31.13
CA ALA C 373 -12.64 -0.56 31.18
C ALA C 373 -11.37 -1.00 31.91
N GLN C 374 -11.52 -1.77 32.99
CA GLN C 374 -10.35 -2.29 33.69
C GLN C 374 -9.54 -3.22 32.79
N SER C 375 -10.21 -4.07 32.02
CA SER C 375 -9.49 -4.94 31.09
C SER C 375 -8.73 -4.13 30.05
N SER C 376 -9.37 -3.08 29.52
CA SER C 376 -8.68 -2.23 28.54
C SER C 376 -7.46 -1.56 29.16
N LEU C 377 -7.59 -1.08 30.39
CA LEU C 377 -6.45 -0.45 31.06
C LEU C 377 -5.31 -1.44 31.28
N ASP C 378 -5.65 -2.67 31.67
CA ASP C 378 -4.61 -3.69 31.86
C ASP C 378 -3.91 -4.00 30.54
N ALA C 379 -4.66 -4.07 29.45
CA ALA C 379 -4.05 -4.26 28.14
C ALA C 379 -3.10 -3.12 27.81
N MET C 380 -3.54 -1.88 28.07
CA MET C 380 -2.71 -0.71 27.77
C MET C 380 -1.43 -0.73 28.58
N GLU C 381 -1.53 -1.12 29.86
CA GLU C 381 -0.36 -1.14 30.74
C GLU C 381 0.62 -2.23 30.34
N ALA C 382 0.10 -3.41 29.98
CA ALA C 382 0.99 -4.48 29.51
C ALA C 382 1.70 -4.07 28.23
N GLY C 383 0.98 -3.43 27.31
CA GLY C 383 1.62 -2.94 26.10
C GLY C 383 2.69 -1.91 26.38
N TYR C 384 2.43 -0.99 27.32
CA TYR C 384 3.42 0.00 27.68
C TYR C 384 4.65 -0.65 28.31
N SER C 385 4.44 -1.64 29.19
CA SER C 385 5.57 -2.32 29.82
C SER C 385 6.42 -3.05 28.80
N VAL C 386 5.79 -3.72 27.83
CA VAL C 386 6.55 -4.46 26.83
C VAL C 386 7.30 -3.50 25.92
N GLY C 387 6.68 -2.40 25.52
CA GLY C 387 7.36 -1.41 24.71
C GLY C 387 6.66 -1.02 23.43
N THR C 388 5.35 -1.28 23.35
CA THR C 388 4.58 -0.97 22.16
C THR C 388 3.66 0.24 22.33
N ARG C 389 3.64 0.86 23.50
CA ARG C 389 2.71 1.95 23.78
C ARG C 389 3.43 3.05 24.54
N THR C 390 2.82 4.24 24.55
CA THR C 390 3.37 5.40 25.24
C THR C 390 2.60 5.63 26.54
N ILE C 391 3.06 6.63 27.30
CA ILE C 391 2.45 6.94 28.59
C ILE C 391 1.06 7.56 28.40
N VAL C 392 0.86 8.30 27.30
CA VAL C 392 -0.42 8.97 27.07
C VAL C 392 -1.53 7.96 26.95
N ASP C 393 -1.26 6.82 26.32
CA ASP C 393 -2.29 5.80 26.13
C ASP C 393 -2.77 5.25 27.47
N VAL C 394 -1.84 4.93 28.37
CA VAL C 394 -2.25 4.40 29.67
C VAL C 394 -2.92 5.50 30.49
N LEU C 395 -2.52 6.76 30.32
CA LEU C 395 -3.21 7.84 31.02
C LEU C 395 -4.66 7.96 30.57
N ASP C 396 -4.91 7.86 29.26
CA ASP C 396 -6.29 7.89 28.77
C ASP C 396 -7.07 6.68 29.26
N ALA C 397 -6.43 5.52 29.32
CA ALA C 397 -7.10 4.33 29.85
C ALA C 397 -7.51 4.53 31.30
N THR C 398 -6.62 5.12 32.11
CA THR C 398 -6.96 5.41 33.50
C THR C 398 -8.11 6.41 33.59
N THR C 399 -8.11 7.41 32.71
CA THR C 399 -9.21 8.38 32.71
C THR C 399 -10.55 7.69 32.42
N THR C 400 -10.58 6.81 31.42
CA THR C 400 -11.81 6.09 31.10
C THR C 400 -12.25 5.21 32.27
N LEU C 401 -11.30 4.52 32.91
CA LEU C 401 -11.64 3.69 34.05
C LEU C 401 -12.23 4.52 35.19
N TYR C 402 -11.66 5.70 35.44
CA TYR C 402 -12.18 6.56 36.48
C TYR C 402 -13.60 7.03 36.16
N ASN C 403 -13.85 7.35 34.89
CA ASN C 403 -15.20 7.75 34.49
C ASN C 403 -16.20 6.62 34.75
N ALA C 404 -15.82 5.39 34.37
CA ALA C 404 -16.72 4.26 34.60
C ALA C 404 -16.96 4.04 36.10
N LYS C 405 -15.92 4.17 36.91
CA LYS C 405 -16.06 4.02 38.35
C LYS C 405 -17.03 5.05 38.93
N GLN C 406 -16.89 6.30 38.49
CA GLN C 406 -17.78 7.36 38.97
C GLN C 406 -19.23 7.08 38.58
N GLU C 407 -19.45 6.63 37.34
CA GLU C 407 -20.81 6.33 36.91
C GLU C 407 -21.42 5.20 37.75
N LEU C 408 -20.63 4.15 38.01
CA LEU C 408 -21.14 3.04 38.81
C LEU C 408 -21.48 3.50 40.23
N ALA C 409 -20.62 4.31 40.84
CA ALA C 409 -20.91 4.80 42.20
C ALA C 409 -22.17 5.66 42.22
N ASN C 410 -22.34 6.52 41.22
CA ASN C 410 -23.55 7.33 41.16
C ASN C 410 -24.80 6.47 41.02
N ALA C 411 -24.71 5.41 40.21
CA ALA C 411 -25.84 4.51 40.06
C ALA C 411 -26.17 3.82 41.39
N ARG C 412 -25.14 3.43 42.14
CA ARG C 412 -25.39 2.79 43.44
C ARG C 412 -26.08 3.75 44.40
N TYR C 413 -25.64 5.01 44.43
CA TYR C 413 -26.30 6.00 45.29
C TYR C 413 -27.75 6.21 44.86
N ASN C 414 -27.99 6.24 43.55
CA ASN C 414 -29.36 6.35 43.05
C ASN C 414 -30.21 5.17 43.50
N TYR C 415 -29.64 3.96 43.50
CA TYR C 415 -30.39 2.79 43.95
C TYR C 415 -30.77 2.92 45.42
N LEU C 416 -29.84 3.39 46.26
CA LEU C 416 -30.17 3.58 47.67
C LEU C 416 -31.27 4.62 47.85
N ILE C 417 -31.17 5.73 47.10
CA ILE C 417 -32.20 6.76 47.21
C ILE C 417 -33.56 6.22 46.73
N ASN C 418 -33.55 5.36 45.72
CA ASN C 418 -34.79 4.75 45.26
C ASN C 418 -35.40 3.83 46.31
N GLN C 419 -34.55 3.08 47.03
CA GLN C 419 -35.07 2.28 48.15
C GLN C 419 -35.73 3.17 49.19
N LEU C 420 -35.09 4.30 49.52
CA LEU C 420 -35.70 5.23 50.47
C LEU C 420 -37.01 5.79 49.94
N ASN C 421 -37.07 6.09 48.64
CA ASN C 421 -38.29 6.62 48.05
C ASN C 421 -39.43 5.60 48.13
N ILE C 422 -39.13 4.33 47.85
CA ILE C 422 -40.15 3.29 47.98
C ILE C 422 -40.63 3.19 49.41
N LYS C 423 -39.69 3.23 50.37
CA LYS C 423 -40.09 3.19 51.78
C LYS C 423 -40.97 4.37 52.14
N SER C 424 -40.70 5.54 51.56
CA SER C 424 -41.48 6.73 51.86
C SER C 424 -42.86 6.72 51.23
N ALA C 425 -42.99 6.09 50.06
CA ALA C 425 -44.28 6.06 49.39
C ALA C 425 -45.33 5.32 50.21
N LEU C 426 -44.92 4.36 51.01
CA LEU C 426 -45.82 3.62 51.90
C LEU C 426 -46.12 4.38 53.18
N GLY C 427 -45.46 5.51 53.43
CA GLY C 427 -45.69 6.26 54.65
C GLY C 427 -45.02 5.67 55.87
N THR C 428 -44.05 4.77 55.69
CA THR C 428 -43.40 4.12 56.81
C THR C 428 -41.91 4.42 56.83
N LEU C 429 -41.54 5.68 56.63
CA LEU C 429 -40.14 6.10 56.63
C LEU C 429 -39.74 6.58 58.01
N ASN C 430 -38.62 6.05 58.51
CA ASN C 430 -38.07 6.46 59.79
C ASN C 430 -36.59 6.13 59.81
N GLU C 431 -35.93 6.44 60.93
CA GLU C 431 -34.48 6.30 61.01
C GLU C 431 -34.04 4.84 60.98
N GLN C 432 -34.96 3.89 61.15
CA GLN C 432 -34.57 2.48 61.07
C GLN C 432 -34.08 2.11 59.68
N ASP C 433 -34.60 2.76 58.64
CA ASP C 433 -34.10 2.51 57.29
C ASP C 433 -32.73 3.16 57.10
N LEU C 434 -32.51 4.32 57.70
CA LEU C 434 -31.19 4.94 57.67
C LEU C 434 -30.17 4.05 58.38
N LEU C 435 -30.58 3.36 59.44
CA LEU C 435 -29.68 2.42 60.10
C LEU C 435 -29.29 1.30 59.15
N ALA C 436 -30.24 0.77 58.39
CA ALA C 436 -29.91 -0.27 57.41
C ALA C 436 -28.97 0.26 56.34
N LEU C 437 -29.21 1.50 55.87
CA LEU C 437 -28.29 2.09 54.89
C LEU C 437 -26.90 2.30 55.46
N ASN C 438 -26.80 2.60 56.76
CA ASN C 438 -25.51 2.94 57.37
C ASN C 438 -24.52 1.78 57.32
N ASN C 439 -24.98 0.53 57.23
CA ASN C 439 -24.07 -0.59 57.23
C ASN C 439 -23.24 -0.69 55.96
N ALA C 440 -23.59 0.04 54.92
CA ALA C 440 -22.83 0.05 53.68
C ALA C 440 -21.83 1.20 53.60
N LEU C 441 -21.77 2.06 54.60
CA LEU C 441 -20.85 3.20 54.64
C LEU C 441 -19.78 2.91 55.70
N SER C 442 -18.59 2.55 55.26
CA SER C 442 -17.51 2.18 56.17
C SER C 442 -16.33 3.12 56.11
N LYS C 443 -15.74 3.32 54.93
CA LYS C 443 -14.48 4.05 54.83
C LYS C 443 -14.75 5.56 54.79
N PRO C 444 -14.12 6.34 55.67
CA PRO C 444 -14.29 7.79 55.60
C PRO C 444 -13.38 8.44 54.57
N VAL C 445 -13.88 9.53 53.99
CA VAL C 445 -13.16 10.31 53.00
C VAL C 445 -13.29 11.78 53.35
N SER C 446 -12.19 12.52 53.19
CA SER C 446 -12.22 13.96 53.40
C SER C 446 -12.92 14.65 52.24
N THR C 447 -13.64 15.72 52.54
CA THR C 447 -14.40 16.45 51.53
C THR C 447 -13.80 17.82 51.23
N ASN C 448 -12.54 18.03 51.58
CA ASN C 448 -11.88 19.29 51.23
C ASN C 448 -11.41 19.22 49.78
N PRO C 449 -11.85 20.14 48.92
CA PRO C 449 -11.44 20.06 47.50
C PRO C 449 -9.94 20.07 47.30
N GLU C 450 -9.21 20.83 48.13
CA GLU C 450 -7.76 20.84 48.04
C GLU C 450 -7.15 19.50 48.43
N ASN C 451 -7.75 18.82 49.41
CA ASN C 451 -7.20 17.55 49.88
C ASN C 451 -7.37 16.46 48.83
N VAL C 452 -8.57 16.32 48.26
CA VAL C 452 -8.80 15.25 47.29
C VAL C 452 -8.14 15.54 45.95
N ALA C 453 -7.90 16.81 45.64
CA ALA C 453 -7.29 17.18 44.35
C ALA C 453 -6.55 18.50 44.52
N PRO C 454 -5.29 18.46 44.96
CA PRO C 454 -4.43 19.64 45.10
C PRO C 454 -4.37 20.47 43.82
N CYS D 19 -59.08 20.49 80.57
CA CYS D 19 -58.34 21.69 80.16
C CYS D 19 -57.39 21.37 79.02
N THR D 20 -56.96 20.10 78.95
CA THR D 20 -56.06 19.59 77.91
C THR D 20 -54.69 20.25 77.94
N THR D 21 -53.70 19.57 77.37
CA THR D 21 -52.35 20.09 77.26
C THR D 21 -51.74 19.64 75.95
N VAL D 22 -50.69 20.33 75.52
CA VAL D 22 -50.01 20.00 74.28
C VAL D 22 -48.85 19.07 74.59
N THR D 23 -48.70 18.03 73.77
CA THR D 23 -47.55 17.13 73.91
C THR D 23 -46.42 17.59 72.99
N PRO D 24 -45.21 17.79 73.53
CA PRO D 24 -44.12 18.26 72.68
C PRO D 24 -43.84 17.30 71.53
N ALA D 25 -43.55 17.87 70.36
CA ALA D 25 -43.27 17.04 69.18
C ALA D 25 -41.96 16.31 69.32
N TYR D 26 -40.94 16.95 69.90
CA TYR D 26 -39.62 16.36 70.06
C TYR D 26 -39.53 15.61 71.38
N LYS D 27 -38.41 14.89 71.55
CA LYS D 27 -38.27 14.02 72.71
C LYS D 27 -36.99 14.30 73.49
N ASP D 28 -35.89 14.63 72.81
CA ASP D 28 -34.61 14.74 73.47
C ASP D 28 -34.11 16.18 73.57
N ASN D 29 -33.90 16.84 72.43
CA ASN D 29 -33.41 18.22 72.37
C ASN D 29 -32.34 18.49 73.41
N GLY D 30 -31.34 17.61 73.47
CA GLY D 30 -30.40 17.64 74.58
C GLY D 30 -28.93 17.46 74.25
N THR D 31 -28.27 16.59 75.02
CA THR D 31 -26.84 16.32 74.92
C THR D 31 -26.01 17.60 75.16
N ARG D 32 -26.12 18.08 76.40
CA ARG D 32 -25.32 19.20 76.88
C ARG D 32 -24.19 18.68 77.76
N SER D 33 -22.97 19.18 77.52
CA SER D 33 -21.80 18.73 78.24
C SER D 33 -21.38 19.72 79.34
N GLY D 34 -21.11 20.96 78.95
CA GLY D 34 -20.59 21.94 79.88
C GLY D 34 -21.66 22.51 80.79
N PRO D 35 -21.22 23.21 81.83
CA PRO D 35 -22.16 23.86 82.74
C PRO D 35 -22.86 25.03 82.05
N CYS D 36 -24.03 25.38 82.58
CA CYS D 36 -24.82 26.44 81.98
C CYS D 36 -25.66 27.12 83.06
N VAL D 37 -26.11 28.34 82.74
CA VAL D 37 -26.87 29.17 83.66
C VAL D 37 -28.32 28.67 83.69
N GLU D 38 -29.11 29.21 84.62
CA GLU D 38 -30.46 28.70 84.87
C GLU D 38 -31.29 28.59 83.59
N GLY D 39 -31.53 29.71 82.93
CA GLY D 39 -32.30 29.68 81.71
C GLY D 39 -32.92 31.02 81.40
N GLY D 40 -33.68 31.05 80.31
CA GLY D 40 -34.28 32.25 79.81
C GLY D 40 -33.45 32.87 78.71
N PRO D 41 -33.95 32.84 77.47
CA PRO D 41 -33.17 33.34 76.33
C PRO D 41 -32.77 34.79 76.49
N ASP D 42 -33.76 35.67 76.65
CA ASP D 42 -33.46 37.08 76.92
C ASP D 42 -32.72 37.23 78.24
N ASN D 43 -33.09 36.42 79.25
CA ASN D 43 -32.42 36.47 80.54
C ASN D 43 -30.94 36.13 80.41
N VAL D 44 -30.64 35.02 79.73
CA VAL D 44 -29.24 34.60 79.57
C VAL D 44 -28.48 35.61 78.73
N ALA D 45 -29.09 36.12 77.66
CA ALA D 45 -28.41 37.10 76.82
C ALA D 45 -28.14 38.40 77.59
N GLN D 46 -29.01 38.75 78.54
CA GLN D 46 -28.75 39.93 79.35
C GLN D 46 -27.65 39.68 80.38
N GLN D 47 -27.65 38.50 81.02
CA GLN D 47 -26.60 38.20 81.98
C GLN D 47 -25.23 38.11 81.31
N PHE D 48 -25.19 37.65 80.06
CA PHE D 48 -23.91 37.60 79.35
C PHE D 48 -23.31 38.99 79.22
N TYR D 49 -24.11 39.97 78.80
CA TYR D 49 -23.61 41.33 78.64
C TYR D 49 -23.32 41.95 80.00
N ASP D 50 -24.13 41.62 81.01
CA ASP D 50 -23.85 42.13 82.35
C ASP D 50 -22.49 41.65 82.85
N TYR D 51 -22.19 40.37 82.63
CA TYR D 51 -20.87 39.85 82.99
C TYR D 51 -19.77 40.51 82.19
N ARG D 52 -20.00 40.72 80.88
CA ARG D 52 -18.95 41.31 80.05
C ARG D 52 -18.62 42.74 80.46
N ILE D 53 -19.64 43.55 80.76
CA ILE D 53 -19.37 44.90 81.24
C ILE D 53 -18.81 44.90 82.66
N LEU D 54 -19.29 44.00 83.53
CA LEU D 54 -18.84 44.02 84.92
C LEU D 54 -17.34 43.80 85.03
N HIS D 55 -16.82 42.77 84.38
CA HIS D 55 -15.39 42.53 84.30
C HIS D 55 -14.89 42.87 82.90
N ARG D 56 -13.97 43.83 82.82
CA ARG D 56 -13.48 44.34 81.55
C ARG D 56 -12.39 43.46 80.94
N SER D 57 -12.27 42.21 81.38
CA SER D 57 -11.25 41.30 80.88
C SER D 57 -11.61 40.70 79.53
N ASN D 58 -12.87 40.27 79.39
CA ASN D 58 -13.36 39.62 78.16
C ASN D 58 -12.49 38.39 77.83
N ASP D 59 -12.52 37.43 78.75
CA ASP D 59 -11.81 36.18 78.61
C ASP D 59 -12.78 35.05 78.29
N ILE D 60 -12.34 34.13 77.42
CA ILE D 60 -13.20 33.04 76.97
C ILE D 60 -13.23 31.87 77.93
N THR D 61 -12.31 31.79 78.90
CA THR D 61 -12.28 30.65 79.80
C THR D 61 -13.37 30.72 80.86
N ALA D 62 -13.73 31.91 81.33
CA ALA D 62 -14.77 32.07 82.33
C ALA D 62 -16.14 32.33 81.72
N LEU D 63 -16.23 32.44 80.40
CA LEU D 63 -17.51 32.62 79.72
C LEU D 63 -18.11 31.31 79.25
N ARG D 64 -17.46 30.18 79.54
CA ARG D 64 -17.93 28.88 79.05
C ARG D 64 -19.39 28.57 79.38
N PRO D 65 -19.94 28.91 80.55
CA PRO D 65 -21.38 28.64 80.76
C PRO D 65 -22.29 29.31 79.75
N TYR D 66 -21.86 30.38 79.10
CA TYR D 66 -22.69 31.06 78.10
C TYR D 66 -22.46 30.52 76.70
N LEU D 67 -21.21 30.33 76.30
CA LEU D 67 -20.93 29.72 75.00
C LEU D 67 -21.48 28.30 74.98
N SER D 68 -21.99 27.88 73.82
CA SER D 68 -22.94 26.77 73.83
C SER D 68 -22.30 25.40 73.99
N ASP D 69 -21.73 24.85 72.91
CA ASP D 69 -20.85 23.69 73.01
C ASP D 69 -19.78 23.74 71.95
N LYS D 70 -20.01 24.52 70.90
CA LYS D 70 -19.13 24.58 69.75
C LYS D 70 -18.44 25.92 69.59
N LEU D 71 -19.07 27.02 70.02
CA LEU D 71 -18.37 28.29 70.07
C LEU D 71 -17.21 28.23 71.05
N ALA D 72 -17.35 27.43 72.11
CA ALA D 72 -16.26 27.30 73.07
C ALA D 72 -15.04 26.63 72.44
N THR D 73 -15.24 25.47 71.82
CA THR D 73 -14.11 24.78 71.19
C THR D 73 -13.59 25.54 69.97
N LEU D 74 -14.49 26.17 69.21
CA LEU D 74 -14.06 26.98 68.07
C LEU D 74 -13.19 28.14 68.53
N LEU D 75 -13.59 28.82 69.61
CA LEU D 75 -12.79 29.93 70.12
C LEU D 75 -11.46 29.43 70.70
N SER D 76 -11.48 28.29 71.38
CA SER D 76 -10.23 27.75 71.92
C SER D 76 -9.25 27.41 70.80
N ASP D 77 -9.74 26.77 69.74
CA ASP D 77 -8.87 26.42 68.62
C ASP D 77 -8.43 27.66 67.84
N ALA D 78 -9.29 28.69 67.77
CA ALA D 78 -8.88 29.94 67.14
C ALA D 78 -7.78 30.62 67.94
N SER D 79 -7.88 30.62 69.27
CA SER D 79 -6.83 31.17 70.10
C SER D 79 -5.53 30.38 69.94
N ARG D 80 -5.63 29.06 69.90
CA ARG D 80 -4.44 28.22 69.72
C ARG D 80 -3.89 28.28 68.30
N ASP D 81 -4.67 28.78 67.34
CA ASP D 81 -4.23 28.79 65.95
C ASP D 81 -3.20 29.87 65.66
N ASN D 82 -3.10 30.89 66.52
CA ASN D 82 -2.13 31.98 66.36
C ASN D 82 -2.30 32.68 65.01
N ASN D 83 -3.56 32.89 64.60
CA ASN D 83 -3.85 33.59 63.36
C ASN D 83 -4.83 34.72 63.60
N HIS D 84 -5.69 34.57 64.60
CA HIS D 84 -6.73 35.55 64.93
C HIS D 84 -6.42 36.32 66.20
N ARG D 85 -5.16 36.70 66.39
CA ARG D 85 -4.78 37.44 67.60
C ARG D 85 -5.51 38.78 67.68
N GLU D 86 -5.55 39.52 66.57
CA GLU D 86 -6.16 40.84 66.58
C GLU D 86 -7.67 40.74 66.83
N LEU D 87 -8.32 39.73 66.25
CA LEU D 87 -9.75 39.57 66.49
C LEU D 87 -10.04 39.20 67.94
N LEU D 88 -9.30 38.23 68.48
CA LEU D 88 -9.53 37.80 69.85
C LEU D 88 -9.13 38.85 70.88
N THR D 89 -8.25 39.78 70.51
CA THR D 89 -7.79 40.78 71.48
C THR D 89 -8.84 41.85 71.73
N ASN D 90 -9.21 42.60 70.69
CA ASN D 90 -10.13 43.72 70.86
C ASN D 90 -11.51 43.26 71.32
N ASP D 91 -12.25 42.57 70.46
CA ASP D 91 -13.55 42.03 70.83
C ASP D 91 -14.02 41.00 69.79
N PRO D 92 -14.33 39.78 70.21
CA PRO D 92 -14.96 38.82 69.30
C PRO D 92 -16.48 38.77 69.37
N PHE D 93 -17.09 39.35 70.41
CA PHE D 93 -18.52 39.20 70.65
C PHE D 93 -19.33 40.44 70.31
N SER D 94 -18.70 41.45 69.70
CA SER D 94 -19.40 42.68 69.39
C SER D 94 -18.89 43.24 68.07
N SER D 95 -19.72 44.09 67.46
CA SER D 95 -19.37 44.71 66.19
C SER D 95 -18.42 45.90 66.34
N ARG D 96 -18.14 46.31 67.57
CA ARG D 96 -17.24 47.44 67.83
C ARG D 96 -16.05 46.96 68.65
N THR D 97 -14.89 47.56 68.36
CA THR D 97 -13.62 47.12 68.95
C THR D 97 -13.54 47.33 70.45
N THR D 98 -14.42 48.16 71.02
CA THR D 98 -14.40 48.45 72.44
C THR D 98 -15.68 47.97 73.10
N LEU D 99 -15.62 47.77 74.41
CA LEU D 99 -16.77 47.31 75.16
C LEU D 99 -17.86 48.38 75.17
N PRO D 100 -19.13 47.98 75.21
CA PRO D 100 -20.22 48.96 75.22
C PRO D 100 -20.41 49.59 76.58
N ASP D 101 -21.22 50.65 76.60
CA ASP D 101 -21.57 51.31 77.85
C ASP D 101 -22.83 50.72 78.46
N SER D 102 -23.81 50.36 77.64
CA SER D 102 -25.03 49.74 78.13
C SER D 102 -25.57 48.79 77.05
N ALA D 103 -26.32 47.79 77.50
CA ALA D 103 -26.90 46.79 76.62
C ALA D 103 -28.36 46.57 76.97
N HIS D 104 -29.17 46.29 75.95
CA HIS D 104 -30.58 45.98 76.13
C HIS D 104 -30.95 44.85 75.19
N VAL D 105 -31.39 43.74 75.75
CA VAL D 105 -31.71 42.54 74.98
C VAL D 105 -33.18 42.58 74.60
N ALA D 106 -33.47 42.33 73.32
CA ALA D 106 -34.84 42.27 72.86
C ALA D 106 -35.61 41.18 73.59
N SER D 107 -36.79 41.50 74.08
CA SER D 107 -37.54 40.60 74.93
C SER D 107 -38.21 39.50 74.13
N ALA D 108 -38.36 38.33 74.76
CA ALA D 108 -39.11 37.21 74.23
C ALA D 108 -39.96 36.64 75.37
N SER D 109 -41.28 36.76 75.24
CA SER D 109 -42.19 36.45 76.33
C SER D 109 -42.33 34.93 76.49
N THR D 110 -41.29 34.35 77.10
CA THR D 110 -41.22 32.94 77.46
C THR D 110 -41.30 32.01 76.25
N ILE D 111 -40.89 30.75 76.45
CA ILE D 111 -40.88 29.73 75.40
C ILE D 111 -41.69 28.53 75.87
N PRO D 112 -42.82 28.23 75.24
CA PRO D 112 -43.59 27.04 75.63
C PRO D 112 -42.83 25.76 75.31
N ASN D 113 -43.13 24.72 76.09
CA ASN D 113 -42.53 23.39 76.00
C ASN D 113 -41.03 23.42 75.65
N ARG D 114 -40.62 22.56 74.70
CA ARG D 114 -39.20 22.43 74.38
C ARG D 114 -38.92 22.35 72.89
N ASP D 115 -39.90 22.61 72.03
CA ASP D 115 -39.68 22.55 70.58
C ASP D 115 -39.35 23.95 70.06
N ALA D 116 -38.19 24.44 70.47
CA ALA D 116 -37.76 25.77 70.07
C ALA D 116 -36.25 25.90 70.22
N ARG D 117 -35.56 26.11 69.10
CA ARG D 117 -34.15 26.49 69.08
C ARG D 117 -33.97 27.60 68.06
N ASN D 118 -32.72 28.04 67.90
CA ASN D 118 -32.35 29.04 66.91
C ASN D 118 -33.24 30.28 66.98
N ILE D 119 -33.26 30.89 68.16
CA ILE D 119 -34.04 32.11 68.39
C ILE D 119 -33.08 33.29 68.30
N PRO D 120 -33.17 34.12 67.27
CA PRO D 120 -32.27 35.27 67.17
C PRO D 120 -32.83 36.48 67.87
N LEU D 121 -31.95 37.19 68.58
CA LEU D 121 -32.33 38.38 69.34
C LEU D 121 -31.49 39.55 68.88
N ARG D 122 -32.15 40.67 68.58
CA ARG D 122 -31.48 41.90 68.17
C ARG D 122 -31.12 42.68 69.43
N VAL D 123 -29.85 42.64 69.80
CA VAL D 123 -29.36 43.27 71.02
C VAL D 123 -28.98 44.70 70.70
N ASP D 124 -29.51 45.64 71.48
CA ASP D 124 -29.25 47.06 71.29
C ASP D 124 -28.15 47.48 72.27
N LEU D 125 -26.97 47.73 71.72
CA LEU D 125 -25.85 48.26 72.50
C LEU D 125 -25.76 49.77 72.33
N LYS D 126 -25.23 50.43 73.36
CA LYS D 126 -25.08 51.88 73.35
C LYS D 126 -23.77 52.23 74.04
N GLN D 127 -22.83 52.76 73.28
CA GLN D 127 -21.62 53.35 73.82
C GLN D 127 -21.87 54.84 74.06
N GLY D 128 -20.81 55.61 74.24
CA GLY D 128 -20.93 57.06 74.33
C GLY D 128 -21.68 57.61 73.13
N ASP D 129 -22.89 58.12 73.39
CA ASP D 129 -23.82 58.71 72.43
C ASP D 129 -23.77 58.05 71.06
N GLN D 130 -23.78 56.71 71.04
CA GLN D 130 -23.75 55.94 69.80
C GLN D 130 -24.62 54.70 69.99
N GLY D 131 -24.50 53.77 69.04
CA GLY D 131 -25.26 52.53 69.08
C GLY D 131 -25.28 51.82 67.75
N TRP D 132 -25.21 50.49 67.76
CA TRP D 132 -25.13 49.74 66.50
C TRP D 132 -26.05 48.54 66.40
N GLN D 133 -26.68 48.08 67.49
CA GLN D 133 -27.75 47.08 67.44
C GLN D 133 -27.29 45.76 66.80
N ASP D 134 -26.38 45.10 67.52
CA ASP D 134 -25.90 43.79 67.09
C ASP D 134 -27.01 42.74 67.21
N GLU D 135 -26.68 41.48 66.90
CA GLU D 135 -27.64 40.40 67.00
C GLU D 135 -26.95 39.11 67.43
N VAL D 136 -27.62 38.34 68.28
CA VAL D 136 -27.09 37.10 68.84
C VAL D 136 -28.08 35.98 68.58
N LEU D 137 -27.64 34.73 68.81
CA LEU D 137 -28.48 33.56 68.66
C LEU D 137 -28.63 32.86 70.00
N MET D 138 -29.81 32.34 70.28
CA MET D 138 -30.11 31.58 71.47
C MET D 138 -30.47 30.17 71.03
N ILE D 139 -29.79 29.16 71.60
CA ILE D 139 -30.11 27.78 71.30
C ILE D 139 -30.26 27.02 72.61
N GLN D 140 -31.01 25.90 72.54
CA GLN D 140 -31.32 25.16 73.77
C GLN D 140 -30.16 24.26 74.17
N GLU D 141 -29.85 23.26 73.35
CA GLU D 141 -28.76 22.32 73.59
C GLU D 141 -28.79 21.78 75.03
N GLY D 142 -29.88 21.05 75.31
CA GLY D 142 -30.06 20.47 76.62
C GLY D 142 -31.35 20.89 77.31
N GLN D 143 -31.22 21.62 78.42
CA GLN D 143 -32.38 22.08 79.17
C GLN D 143 -32.31 23.57 79.49
N CYS D 144 -31.28 24.28 79.04
CA CYS D 144 -31.16 25.71 79.29
C CYS D 144 -30.98 26.46 77.98
N TRP D 145 -30.65 27.75 78.05
CA TRP D 145 -30.47 28.57 76.87
C TRP D 145 -29.05 29.10 76.84
N VAL D 146 -28.39 28.95 75.69
CA VAL D 146 -26.98 29.29 75.54
C VAL D 146 -26.76 30.11 74.26
N ILE D 147 -25.67 30.89 74.27
CA ILE D 147 -25.42 31.86 73.22
C ILE D 147 -24.81 31.19 72.00
N ASP D 148 -24.93 31.86 70.85
CA ASP D 148 -24.33 31.35 69.62
C ASP D 148 -24.26 32.46 68.57
N ASP D 149 -23.35 32.25 67.62
CA ASP D 149 -23.21 33.01 66.39
C ASP D 149 -22.73 34.43 66.62
N VAL D 150 -23.65 35.35 66.91
CA VAL D 150 -23.39 36.79 66.99
C VAL D 150 -22.97 37.28 65.61
N ARG D 151 -23.79 38.14 64.99
CA ARG D 151 -23.72 38.36 63.55
C ARG D 151 -23.27 39.75 63.14
N TYR D 152 -22.81 40.57 64.08
CA TYR D 152 -22.20 41.87 63.76
C TYR D 152 -23.13 42.74 62.90
N LEU D 153 -24.31 43.01 63.45
CA LEU D 153 -25.35 43.73 62.71
C LEU D 153 -25.23 45.24 62.97
N GLY D 154 -24.14 45.82 62.49
CA GLY D 154 -23.92 47.24 62.67
C GLY D 154 -22.96 47.79 61.64
N GLY D 155 -23.09 49.09 61.36
CA GLY D 155 -22.17 49.73 60.44
C GLY D 155 -20.76 49.79 61.00
N SER D 156 -19.79 49.83 60.10
CA SER D 156 -18.37 49.80 60.45
C SER D 156 -18.07 48.57 61.31
N VAL D 157 -18.24 47.39 60.69
CA VAL D 157 -18.04 46.14 61.40
C VAL D 157 -16.60 46.05 61.87
N HIS D 158 -16.41 45.43 63.04
CA HIS D 158 -15.10 45.39 63.69
C HIS D 158 -14.03 44.84 62.76
N ALA D 159 -14.19 43.60 62.32
CA ALA D 159 -13.19 42.95 61.47
C ALA D 159 -13.82 41.72 60.84
N THR D 160 -13.02 41.04 60.00
CA THR D 160 -13.40 39.80 59.33
C THR D 160 -14.68 39.93 58.52
N ALA D 161 -15.71 39.17 58.88
CA ALA D 161 -16.88 39.08 58.02
C ALA D 161 -18.08 38.59 58.81
N GLY D 162 -19.26 39.12 58.45
CA GLY D 162 -20.54 38.60 58.87
C GLY D 162 -20.66 38.21 60.32
N THR D 163 -20.84 36.92 60.58
CA THR D 163 -20.96 36.40 61.93
C THR D 163 -19.60 35.98 62.47
N LEU D 164 -19.55 35.75 63.77
CA LEU D 164 -18.31 35.33 64.41
C LEU D 164 -17.86 33.96 63.92
N ARG D 165 -18.82 33.05 63.73
CA ARG D 165 -18.47 31.71 63.26
C ARG D 165 -17.83 31.74 61.88
N GLN D 166 -18.43 32.50 60.95
CA GLN D 166 -17.80 32.68 59.65
C GLN D 166 -16.46 33.40 59.75
N SER D 167 -16.27 34.21 60.80
CA SER D 167 -15.00 34.89 61.01
C SER D 167 -13.90 33.92 61.43
N ILE D 168 -14.23 32.94 62.26
CA ILE D 168 -13.23 32.03 62.82
C ILE D 168 -13.26 30.64 62.20
N GLU D 169 -14.22 30.33 61.34
CA GLU D 169 -14.25 29.03 60.71
C GLU D 169 -13.18 28.92 59.62
N ASN D 170 -12.91 27.70 59.20
CA ASN D 170 -11.93 27.44 58.15
C ASN D 170 -12.59 26.79 56.93
N CYS E 19 -52.57 62.54 60.56
CA CYS E 19 -53.45 62.01 59.53
C CYS E 19 -52.66 61.16 58.52
N THR E 20 -51.41 61.57 58.27
CA THR E 20 -50.46 60.89 57.40
C THR E 20 -50.90 60.94 55.93
N THR E 21 -49.92 60.97 55.02
CA THR E 21 -50.17 60.98 53.59
C THR E 21 -49.22 59.98 52.94
N VAL E 22 -49.74 59.19 52.00
CA VAL E 22 -48.92 58.19 51.32
C VAL E 22 -47.87 58.89 50.46
N THR E 23 -46.69 58.30 50.39
CA THR E 23 -45.62 58.81 49.55
C THR E 23 -45.60 58.07 48.23
N PRO E 24 -45.73 58.76 47.09
CA PRO E 24 -45.75 58.07 45.81
C PRO E 24 -44.46 57.27 45.59
N ALA E 25 -44.62 56.06 45.05
CA ALA E 25 -43.47 55.19 44.83
C ALA E 25 -42.56 55.76 43.74
N TYR E 26 -43.14 56.29 42.67
CA TYR E 26 -42.38 56.77 41.54
C TYR E 26 -42.01 58.25 41.71
N LYS E 27 -41.04 58.69 40.93
CA LYS E 27 -40.48 60.03 41.04
C LYS E 27 -40.96 60.98 39.96
N ASP E 28 -40.87 60.61 38.69
CA ASP E 28 -41.15 61.52 37.59
C ASP E 28 -42.40 61.15 36.82
N ASN E 29 -42.43 59.95 36.22
CA ASN E 29 -43.59 59.48 35.44
C ASN E 29 -44.02 60.53 34.42
N GLY E 30 -43.05 61.04 33.67
CA GLY E 30 -43.32 62.17 32.81
C GLY E 30 -42.82 62.08 31.37
N THR E 31 -42.11 63.12 30.94
CA THR E 31 -41.61 63.26 29.57
C THR E 31 -42.75 63.26 28.55
N ARG E 32 -43.60 64.28 28.66
CA ARG E 32 -44.66 64.53 27.70
C ARG E 32 -44.25 65.67 26.78
N SER E 33 -44.45 65.49 25.48
CA SER E 33 -44.02 66.46 24.47
C SER E 33 -45.17 67.34 23.99
N GLY E 34 -46.21 66.74 23.44
CA GLY E 34 -47.27 67.48 22.81
C GLY E 34 -48.26 68.04 23.81
N PRO E 35 -49.18 68.87 23.30
CA PRO E 35 -50.24 69.41 24.15
C PRO E 35 -51.23 68.33 24.57
N CYS E 36 -51.91 68.59 25.68
CA CYS E 36 -52.82 67.60 26.22
C CYS E 36 -53.96 68.29 26.95
N VAL E 37 -55.05 67.55 27.13
CA VAL E 37 -56.25 68.07 27.78
C VAL E 37 -56.04 68.05 29.31
N GLU E 38 -56.96 68.70 30.02
CA GLU E 38 -56.84 68.92 31.46
C GLU E 38 -56.53 67.65 32.24
N GLY E 39 -57.41 66.67 32.20
CA GLY E 39 -57.18 65.43 32.91
C GLY E 39 -58.48 64.68 33.15
N GLY E 40 -58.34 63.53 33.80
CA GLY E 40 -59.45 62.66 34.09
C GLY E 40 -59.60 61.58 33.04
N PRO E 41 -59.33 60.32 33.40
CA PRO E 41 -59.36 59.24 32.42
C PRO E 41 -60.70 59.09 31.73
N ASP E 42 -61.76 58.86 32.50
CA ASP E 42 -63.09 58.81 31.90
C ASP E 42 -63.44 60.15 31.28
N ASN E 43 -63.02 61.25 31.90
CA ASN E 43 -63.25 62.58 31.35
C ASN E 43 -62.56 62.73 29.99
N VAL E 44 -61.30 62.32 29.90
CA VAL E 44 -60.56 62.48 28.64
C VAL E 44 -61.15 61.60 27.56
N ALA E 45 -61.51 60.35 27.89
CA ALA E 45 -62.10 59.46 26.89
C ALA E 45 -63.45 60.00 26.41
N GLN E 46 -64.27 60.51 27.32
CA GLN E 46 -65.55 61.08 26.92
C GLN E 46 -65.36 62.31 26.05
N GLN E 47 -64.38 63.15 26.39
CA GLN E 47 -64.09 64.32 25.57
C GLN E 47 -63.65 63.90 24.17
N PHE E 48 -62.80 62.87 24.09
CA PHE E 48 -62.34 62.38 22.79
C PHE E 48 -63.51 61.88 21.95
N TYR E 49 -64.40 61.10 22.56
CA TYR E 49 -65.53 60.57 21.80
C TYR E 49 -66.52 61.66 21.42
N ASP E 50 -66.70 62.66 22.29
CA ASP E 50 -67.54 63.80 21.94
C ASP E 50 -66.97 64.58 20.77
N TYR E 51 -65.64 64.77 20.76
CA TYR E 51 -65.00 65.42 19.62
C TYR E 51 -65.20 64.60 18.35
N ARG E 52 -65.08 63.28 18.45
CA ARG E 52 -65.28 62.43 17.29
C ARG E 52 -66.71 62.53 16.75
N ILE E 53 -67.70 62.55 17.64
CA ILE E 53 -69.09 62.62 17.19
C ILE E 53 -69.41 63.99 16.63
N LEU E 54 -68.87 65.06 17.23
CA LEU E 54 -69.24 66.42 16.82
C LEU E 54 -68.75 66.71 15.41
N HIS E 55 -67.44 66.65 15.18
CA HIS E 55 -66.90 66.80 13.84
C HIS E 55 -66.83 65.45 13.15
N ARG E 56 -67.48 65.35 11.99
CA ARG E 56 -67.57 64.09 11.25
C ARG E 56 -66.37 63.88 10.32
N SER E 57 -65.25 64.56 10.57
CA SER E 57 -64.07 64.45 9.73
C SER E 57 -63.14 63.32 10.14
N ASN E 58 -62.99 63.08 11.45
CA ASN E 58 -62.12 62.03 11.98
C ASN E 58 -60.69 62.22 11.47
N ASP E 59 -60.24 63.46 11.38
CA ASP E 59 -58.88 63.74 10.93
C ASP E 59 -57.90 63.54 12.08
N ILE E 60 -56.69 63.08 11.73
CA ILE E 60 -55.70 62.74 12.74
C ILE E 60 -55.16 63.99 13.42
N THR E 61 -54.89 65.05 12.64
CA THR E 61 -54.13 66.18 13.17
C THR E 61 -54.92 66.96 14.22
N ALA E 62 -56.25 66.94 14.13
CA ALA E 62 -57.06 67.60 15.16
C ALA E 62 -57.17 66.77 16.43
N LEU E 63 -56.81 65.49 16.38
CA LEU E 63 -56.87 64.60 17.52
C LEU E 63 -55.55 64.55 18.28
N ARG E 64 -54.56 65.35 17.86
CA ARG E 64 -53.23 65.28 18.48
C ARG E 64 -53.22 65.46 20.00
N PRO E 65 -53.98 66.38 20.60
CA PRO E 65 -53.99 66.44 22.08
C PRO E 65 -54.57 65.21 22.75
N TYR E 66 -54.99 64.19 22.00
CA TYR E 66 -55.50 62.95 22.56
C TYR E 66 -54.62 61.74 22.31
N LEU E 67 -53.87 61.68 21.21
CA LEU E 67 -52.90 60.61 21.06
C LEU E 67 -51.68 60.87 21.96
N SER E 68 -50.99 59.81 22.36
CA SER E 68 -50.10 59.97 23.49
C SER E 68 -48.74 60.59 23.14
N ASP E 69 -47.84 59.81 22.56
CA ASP E 69 -46.64 60.35 21.93
C ASP E 69 -46.27 59.48 20.75
N LYS E 70 -46.79 58.26 20.73
CA LYS E 70 -46.43 57.25 19.75
C LYS E 70 -47.56 56.89 18.82
N LEU E 71 -48.81 56.95 19.28
CA LEU E 71 -49.93 56.81 18.36
C LEU E 71 -49.93 57.91 17.32
N ALA E 72 -49.47 59.10 17.69
CA ALA E 72 -49.41 60.20 16.73
C ALA E 72 -48.40 59.89 15.62
N THR E 73 -47.16 59.54 15.99
CA THR E 73 -46.17 59.26 14.97
C THR E 73 -46.47 57.97 14.22
N LEU E 74 -47.00 56.95 14.91
CA LEU E 74 -47.40 55.72 14.23
C LEU E 74 -48.47 56.00 13.20
N LEU E 75 -49.49 56.80 13.55
CA LEU E 75 -50.55 57.13 12.61
C LEU E 75 -50.02 57.96 11.45
N SER E 76 -49.12 58.92 11.74
CA SER E 76 -48.56 59.73 10.67
C SER E 76 -47.76 58.87 9.69
N ASP E 77 -46.93 57.97 10.21
CA ASP E 77 -46.14 57.10 9.33
C ASP E 77 -47.01 56.11 8.58
N ALA E 78 -48.10 55.65 9.21
CA ALA E 78 -49.03 54.78 8.51
C ALA E 78 -49.73 55.51 7.37
N SER E 79 -50.11 56.77 7.59
CA SER E 79 -50.71 57.58 6.54
C SER E 79 -49.73 57.83 5.41
N ARG E 80 -48.48 58.13 5.74
CA ARG E 80 -47.47 58.38 4.72
C ARG E 80 -46.98 57.11 4.04
N ASP E 81 -47.25 55.94 4.63
CA ASP E 81 -46.76 54.68 4.06
C ASP E 81 -47.54 54.27 2.82
N ASN E 82 -48.77 54.78 2.66
CA ASN E 82 -49.61 54.46 1.50
C ASN E 82 -49.88 52.96 1.41
N ASN E 83 -50.22 52.34 2.54
CA ASN E 83 -50.55 50.93 2.56
C ASN E 83 -51.85 50.68 3.32
N HIS E 84 -52.21 51.61 4.20
CA HIS E 84 -53.38 51.49 5.07
C HIS E 84 -54.42 52.56 4.77
N ARG E 85 -54.61 52.87 3.49
CA ARG E 85 -55.59 53.88 3.11
C ARG E 85 -57.00 53.47 3.50
N GLU E 86 -57.37 52.22 3.23
CA GLU E 86 -58.72 51.76 3.52
C GLU E 86 -58.99 51.72 5.02
N LEU E 87 -57.97 51.39 5.82
CA LEU E 87 -58.14 51.43 7.28
C LEU E 87 -58.37 52.85 7.77
N LEU E 88 -57.62 53.81 7.23
CA LEU E 88 -57.70 55.18 7.73
C LEU E 88 -58.99 55.88 7.28
N THR E 89 -59.44 55.62 6.06
CA THR E 89 -60.59 56.37 5.54
C THR E 89 -61.87 56.03 6.30
N ASN E 90 -62.15 54.73 6.48
CA ASN E 90 -63.40 54.33 7.13
C ASN E 90 -63.44 54.76 8.59
N ASP E 91 -62.59 54.15 9.43
CA ASP E 91 -62.42 54.55 10.83
C ASP E 91 -61.22 53.84 11.43
N PRO E 92 -60.28 54.56 12.04
CA PRO E 92 -59.17 53.88 12.71
C PRO E 92 -59.42 53.59 14.18
N PHE E 93 -60.38 54.28 14.79
CA PHE E 93 -60.52 54.30 16.24
C PHE E 93 -61.75 53.55 16.74
N SER E 94 -62.35 52.71 15.91
CA SER E 94 -63.53 51.96 16.34
C SER E 94 -63.61 50.68 15.51
N SER E 95 -64.43 49.75 16.00
CA SER E 95 -64.60 48.45 15.36
C SER E 95 -65.49 48.50 14.13
N ARG E 96 -66.11 49.64 13.83
CA ARG E 96 -67.03 49.77 12.71
C ARG E 96 -66.57 50.90 11.80
N THR E 97 -66.85 50.74 10.50
CA THR E 97 -66.44 51.71 9.50
C THR E 97 -67.17 53.04 9.62
N THR E 98 -68.28 53.09 10.34
CA THR E 98 -69.10 54.29 10.46
C THR E 98 -69.09 54.78 11.90
N LEU E 99 -69.17 56.10 12.07
CA LEU E 99 -69.16 56.69 13.39
C LEU E 99 -70.43 56.31 14.15
N PRO E 100 -70.35 56.21 15.47
CA PRO E 100 -71.51 55.80 16.27
C PRO E 100 -72.47 56.97 16.47
N ASP E 101 -73.58 56.68 17.15
CA ASP E 101 -74.56 57.70 17.52
C ASP E 101 -74.35 58.22 18.93
N SER E 102 -74.05 57.33 19.89
CA SER E 102 -73.79 57.73 21.26
C SER E 102 -72.62 56.93 21.80
N ALA E 103 -71.93 57.50 22.79
CA ALA E 103 -70.81 56.83 23.45
C ALA E 103 -70.94 57.00 24.96
N HIS E 104 -70.60 55.94 25.69
CA HIS E 104 -70.61 55.97 27.15
C HIS E 104 -69.35 55.30 27.65
N VAL E 105 -68.44 56.08 28.22
CA VAL E 105 -67.16 55.58 28.70
C VAL E 105 -67.32 55.08 30.13
N ALA E 106 -66.67 53.95 30.42
CA ALA E 106 -66.76 53.35 31.74
C ALA E 106 -66.27 54.32 32.82
N SER E 107 -66.63 54.03 34.07
CA SER E 107 -66.41 54.94 35.18
C SER E 107 -65.22 54.49 36.01
N ALA E 108 -64.26 55.38 36.21
CA ALA E 108 -63.16 55.18 37.14
C ALA E 108 -63.18 56.32 38.14
N SER E 109 -63.38 55.98 39.42
CA SER E 109 -63.60 56.98 40.46
C SER E 109 -62.25 57.54 40.92
N THR E 110 -61.76 58.53 40.16
CA THR E 110 -60.53 59.25 40.44
C THR E 110 -59.31 58.34 40.49
N ILE E 111 -58.13 58.93 40.67
CA ILE E 111 -56.87 58.19 40.73
C ILE E 111 -55.97 58.84 41.77
N PRO E 112 -55.65 58.15 42.86
CA PRO E 112 -54.75 58.73 43.86
C PRO E 112 -53.32 58.85 43.33
N ASN E 113 -52.58 59.81 43.90
CA ASN E 113 -51.19 60.11 43.58
C ASN E 113 -50.88 60.00 42.09
N ARG E 114 -49.75 59.38 41.74
CA ARG E 114 -49.31 59.33 40.35
C ARG E 114 -48.73 57.97 39.95
N ASP E 115 -48.96 56.92 40.75
CA ASP E 115 -48.49 55.58 40.39
C ASP E 115 -49.63 54.80 39.74
N ALA E 116 -49.98 55.23 38.53
CA ALA E 116 -51.09 54.60 37.81
C ALA E 116 -50.89 54.84 36.31
N ARG E 117 -50.69 53.75 35.58
CA ARG E 117 -50.69 53.76 34.12
C ARG E 117 -51.45 52.53 33.64
N ASN E 118 -51.57 52.41 32.32
CA ASN E 118 -52.21 51.26 31.68
C ASN E 118 -53.58 50.98 32.29
N ILE E 119 -54.46 51.97 32.20
CA ILE E 119 -55.82 51.83 32.72
C ILE E 119 -56.75 51.67 31.53
N PRO E 120 -57.20 50.46 31.22
CA PRO E 120 -58.13 50.27 30.10
C PRO E 120 -59.57 50.45 30.56
N LEU E 121 -60.37 51.03 29.68
CA LEU E 121 -61.78 51.25 29.95
C LEU E 121 -62.59 50.65 28.80
N ARG E 122 -63.68 49.97 29.15
CA ARG E 122 -64.59 49.39 28.17
C ARG E 122 -65.65 50.43 27.85
N VAL E 123 -65.55 51.02 26.67
CA VAL E 123 -66.51 52.02 26.20
C VAL E 123 -67.65 51.31 25.51
N ASP E 124 -68.85 51.84 25.71
CA ASP E 124 -70.07 51.30 25.12
C ASP E 124 -70.57 52.29 24.08
N LEU E 125 -70.46 51.92 22.80
CA LEU E 125 -70.89 52.77 21.71
C LEU E 125 -72.15 52.21 21.07
N LYS E 126 -73.08 53.11 20.74
CA LYS E 126 -74.40 52.74 20.25
C LYS E 126 -74.65 53.42 18.92
N GLN E 127 -74.74 52.62 17.86
CA GLN E 127 -75.31 53.03 16.59
C GLN E 127 -76.82 52.78 16.65
N GLY E 128 -77.50 52.78 15.51
CA GLY E 128 -78.92 52.49 15.53
C GLY E 128 -79.22 51.11 16.08
N ASP E 129 -79.69 51.08 17.32
CA ASP E 129 -80.00 49.86 18.06
C ASP E 129 -78.92 48.79 17.90
N GLN E 130 -77.67 49.21 18.09
CA GLN E 130 -76.54 48.30 18.06
C GLN E 130 -75.53 48.72 19.12
N GLY E 131 -74.72 47.77 19.56
CA GLY E 131 -73.67 48.05 20.52
C GLY E 131 -72.49 47.13 20.28
N TRP E 132 -71.29 47.65 20.54
CA TRP E 132 -70.09 46.88 20.23
C TRP E 132 -69.14 46.77 21.43
N GLN E 133 -69.17 47.75 22.34
CA GLN E 133 -68.41 47.69 23.59
C GLN E 133 -66.90 47.55 23.31
N ASP E 134 -66.33 48.59 22.72
CA ASP E 134 -64.90 48.58 22.47
C ASP E 134 -64.14 48.81 23.78
N GLU E 135 -62.81 48.74 23.71
CA GLU E 135 -61.97 48.97 24.87
C GLU E 135 -60.77 49.82 24.48
N VAL E 136 -60.48 50.85 25.28
CA VAL E 136 -59.40 51.79 25.01
C VAL E 136 -58.42 51.75 26.16
N LEU E 137 -57.13 51.88 25.84
CA LEU E 137 -56.10 51.99 26.84
C LEU E 137 -55.91 53.46 27.22
N MET E 138 -55.55 53.72 28.47
CA MET E 138 -55.19 55.07 28.85
C MET E 138 -53.95 55.05 29.73
N ILE E 139 -53.08 56.02 29.50
CA ILE E 139 -51.81 56.14 30.20
C ILE E 139 -51.63 57.58 30.66
N GLN E 140 -50.75 57.77 31.64
CA GLN E 140 -50.49 59.11 32.16
C GLN E 140 -49.53 59.88 31.26
N GLU E 141 -48.30 59.40 31.14
CA GLU E 141 -47.29 59.98 30.25
C GLU E 141 -47.17 61.50 30.46
N GLY E 142 -46.76 61.87 31.67
CA GLY E 142 -46.60 63.27 32.00
C GLY E 142 -47.35 63.68 33.25
N GLN E 143 -48.32 64.58 33.10
CA GLN E 143 -49.13 65.04 34.23
C GLN E 143 -50.61 64.97 33.93
N CYS E 144 -51.00 64.55 32.72
CA CYS E 144 -52.41 64.42 32.36
C CYS E 144 -52.72 62.98 31.96
N TRP E 145 -53.93 62.73 31.47
CA TRP E 145 -54.35 61.41 31.04
C TRP E 145 -54.59 61.40 29.55
N VAL E 146 -54.16 60.32 28.89
CA VAL E 146 -54.12 60.26 27.43
C VAL E 146 -54.55 58.87 26.99
N ILE E 147 -55.10 58.78 25.77
CA ILE E 147 -55.61 57.52 25.23
C ILE E 147 -54.59 56.88 24.31
N ASP E 148 -54.53 55.55 24.35
CA ASP E 148 -53.60 54.74 23.57
C ASP E 148 -54.24 53.41 23.23
N ASP E 149 -53.70 52.77 22.19
CA ASP E 149 -54.05 51.42 21.74
C ASP E 149 -55.42 51.35 21.06
N VAL E 150 -56.48 51.14 21.84
CA VAL E 150 -57.82 50.82 21.35
C VAL E 150 -57.79 49.44 20.70
N ARG E 151 -58.69 48.55 21.11
CA ARG E 151 -58.49 47.12 20.88
C ARG E 151 -59.62 46.44 20.10
N TYR E 152 -60.61 47.19 19.63
CA TYR E 152 -61.69 46.66 18.79
C TYR E 152 -62.34 45.42 19.42
N LEU E 153 -62.99 45.65 20.57
CA LEU E 153 -63.59 44.55 21.34
C LEU E 153 -65.05 44.36 20.94
N GLY E 154 -65.27 43.99 19.69
CA GLY E 154 -66.62 43.81 19.18
C GLY E 154 -66.66 42.81 18.05
N GLY E 155 -67.83 42.20 17.87
CA GLY E 155 -68.01 41.30 16.75
C GLY E 155 -68.00 42.04 15.43
N SER E 156 -67.66 41.33 14.36
CA SER E 156 -67.50 41.90 13.03
C SER E 156 -66.50 43.06 13.06
N VAL E 157 -65.25 42.71 13.38
CA VAL E 157 -64.21 43.71 13.50
C VAL E 157 -64.01 44.40 12.15
N HIS E 158 -63.70 45.70 12.21
CA HIS E 158 -63.55 46.50 11.00
C HIS E 158 -62.61 45.83 10.00
N ALA E 159 -61.35 45.66 10.39
CA ALA E 159 -60.34 45.11 9.49
C ALA E 159 -59.09 44.80 10.30
N THR E 160 -58.04 44.37 9.60
CA THR E 160 -56.74 44.05 10.17
C THR E 160 -56.85 43.06 11.34
N ALA E 161 -56.43 43.48 12.53
CA ALA E 161 -56.34 42.54 13.63
C ALA E 161 -56.37 43.26 14.97
N GLY E 162 -56.97 42.60 15.95
CA GLY E 162 -56.83 42.95 17.36
C GLY E 162 -56.91 44.42 17.69
N THR E 163 -55.80 44.98 18.16
CA THR E 163 -55.72 46.38 18.52
C THR E 163 -55.27 47.22 17.33
N LEU E 164 -55.44 48.54 17.46
CA LEU E 164 -55.01 49.44 16.41
C LEU E 164 -53.50 49.41 16.22
N ARG E 165 -52.75 49.38 17.33
CA ARG E 165 -51.30 49.33 17.24
C ARG E 165 -50.84 48.06 16.53
N GLN E 166 -51.42 46.91 16.87
CA GLN E 166 -51.15 45.68 16.15
C GLN E 166 -51.58 45.78 14.69
N SER E 167 -52.58 46.62 14.39
CA SER E 167 -53.05 46.76 13.03
C SER E 167 -52.10 47.57 12.16
N ILE E 168 -51.46 48.59 12.72
CA ILE E 168 -50.61 49.49 11.95
C ILE E 168 -49.12 49.26 12.18
N GLU E 169 -48.74 48.38 13.11
CA GLU E 169 -47.33 48.12 13.35
C GLU E 169 -46.75 47.29 12.22
N ASN E 170 -45.44 47.44 12.00
CA ASN E 170 -44.74 46.69 10.97
C ASN E 170 -43.92 45.56 11.57
N CYS F 19 -85.91 33.11 43.97
CA CYS F 19 -84.97 32.45 44.87
C CYS F 19 -83.75 31.93 44.11
N THR F 20 -83.94 31.71 42.81
CA THR F 20 -82.90 31.24 41.89
C THR F 20 -82.42 29.83 42.22
N THR F 21 -81.88 29.13 41.23
CA THR F 21 -81.32 27.80 41.39
C THR F 21 -79.97 27.74 40.69
N VAL F 22 -79.28 26.62 40.89
CA VAL F 22 -77.97 26.40 40.28
C VAL F 22 -78.14 25.41 39.13
N THR F 23 -77.74 25.83 37.95
CA THR F 23 -77.78 24.94 36.78
C THR F 23 -76.63 23.95 36.84
N PRO F 24 -76.89 22.66 36.68
CA PRO F 24 -75.80 21.67 36.74
C PRO F 24 -74.77 21.91 35.65
N ALA F 25 -73.50 21.68 35.99
CA ALA F 25 -72.42 21.87 35.03
C ALA F 25 -72.46 20.82 33.93
N TYR F 26 -72.76 19.58 34.29
CA TYR F 26 -72.77 18.48 33.32
C TYR F 26 -74.14 18.34 32.68
N LYS F 27 -74.20 17.52 31.63
CA LYS F 27 -75.41 17.37 30.84
C LYS F 27 -76.04 15.99 30.92
N ASP F 28 -75.26 14.92 30.77
CA ASP F 28 -75.82 13.58 30.72
C ASP F 28 -75.45 12.74 31.94
N ASN F 29 -74.15 12.52 32.17
CA ASN F 29 -73.67 11.74 33.32
C ASN F 29 -74.43 10.42 33.45
N GLY F 30 -74.54 9.70 32.33
CA GLY F 30 -75.42 8.54 32.29
C GLY F 30 -74.86 7.29 31.64
N THR F 31 -75.61 6.75 30.68
CA THR F 31 -75.29 5.50 29.98
C THR F 31 -75.22 4.32 30.97
N ARG F 32 -76.38 4.04 31.57
CA ARG F 32 -76.54 2.91 32.48
C ARG F 32 -77.24 1.77 31.75
N SER F 33 -76.74 0.54 31.93
CA SER F 33 -77.30 -0.64 31.28
C SER F 33 -78.18 -1.45 32.22
N GLY F 34 -77.62 -1.92 33.33
CA GLY F 34 -78.33 -2.79 34.23
C GLY F 34 -79.25 -2.06 35.18
N PRO F 35 -80.09 -2.81 35.88
CA PRO F 35 -80.99 -2.20 36.87
C PRO F 35 -80.24 -1.82 38.14
N CYS F 36 -80.91 -1.02 38.97
CA CYS F 36 -80.29 -0.55 40.20
C CYS F 36 -81.38 -0.20 41.22
N VAL F 37 -80.95 -0.10 42.48
CA VAL F 37 -81.81 0.27 43.59
C VAL F 37 -82.16 1.74 43.45
N GLU F 38 -83.21 2.20 44.15
CA GLU F 38 -83.76 3.54 43.98
C GLU F 38 -82.67 4.61 44.00
N GLY F 39 -81.96 4.73 45.10
CA GLY F 39 -80.90 5.72 45.18
C GLY F 39 -80.47 5.98 46.62
N GLY F 40 -79.53 6.90 46.75
CA GLY F 40 -78.94 7.24 48.02
C GLY F 40 -77.64 6.48 48.25
N PRO F 41 -76.51 7.19 48.27
CA PRO F 41 -75.22 6.52 48.42
C PRO F 41 -75.13 5.70 49.69
N ASP F 42 -75.32 6.35 50.85
CA ASP F 42 -75.36 5.62 52.10
C ASP F 42 -76.53 4.65 52.12
N ASN F 43 -77.67 5.04 51.54
CA ASN F 43 -78.81 4.15 51.46
C ASN F 43 -78.48 2.90 50.65
N VAL F 44 -77.87 3.06 49.48
CA VAL F 44 -77.55 1.91 48.64
C VAL F 44 -76.51 1.03 49.32
N ALA F 45 -75.52 1.64 49.97
CA ALA F 45 -74.52 0.85 50.68
C ALA F 45 -75.13 0.05 51.82
N GLN F 46 -76.04 0.67 52.58
CA GLN F 46 -76.70 -0.05 53.66
C GLN F 46 -77.57 -1.18 53.12
N GLN F 47 -78.26 -0.95 51.99
CA GLN F 47 -79.04 -2.02 51.39
C GLN F 47 -78.15 -3.17 50.93
N PHE F 48 -76.99 -2.86 50.35
CA PHE F 48 -76.07 -3.90 49.90
C PHE F 48 -75.57 -4.72 51.08
N TYR F 49 -75.16 -4.04 52.16
CA TYR F 49 -74.64 -4.76 53.32
C TYR F 49 -75.73 -5.45 54.11
N ASP F 50 -76.99 -5.04 53.98
CA ASP F 50 -78.09 -5.79 54.58
C ASP F 50 -78.41 -7.03 53.77
N TYR F 51 -78.36 -6.92 52.44
CA TYR F 51 -78.56 -8.08 51.58
C TYR F 51 -77.48 -9.12 51.81
N ARG F 52 -76.23 -8.67 51.95
CA ARG F 52 -75.13 -9.62 52.10
C ARG F 52 -75.20 -10.40 53.42
N ILE F 53 -75.96 -9.91 54.39
CA ILE F 53 -76.04 -10.57 55.69
C ILE F 53 -77.35 -11.33 55.82
N LEU F 54 -78.41 -10.82 55.18
CA LEU F 54 -79.70 -11.51 55.22
C LEU F 54 -79.57 -12.90 54.60
N HIS F 55 -78.99 -12.98 53.41
CA HIS F 55 -78.57 -14.26 52.87
C HIS F 55 -77.13 -14.55 53.25
N ARG F 56 -76.75 -15.83 53.18
CA ARG F 56 -75.41 -16.25 53.54
C ARG F 56 -74.72 -16.94 52.36
N SER F 57 -75.16 -16.66 51.14
CA SER F 57 -74.57 -17.26 49.95
C SER F 57 -73.45 -16.43 49.36
N ASN F 58 -73.59 -15.10 49.38
CA ASN F 58 -72.64 -14.18 48.77
C ASN F 58 -72.43 -14.60 47.32
N ASP F 59 -73.52 -14.54 46.55
CA ASP F 59 -73.45 -14.84 45.13
C ASP F 59 -73.30 -13.56 44.32
N ILE F 60 -72.84 -13.72 43.08
CA ILE F 60 -72.56 -12.56 42.23
C ILE F 60 -73.77 -12.17 41.38
N THR F 61 -74.52 -13.16 40.88
CA THR F 61 -75.58 -12.86 39.92
C THR F 61 -76.73 -12.10 40.57
N ALA F 62 -76.97 -12.30 41.87
CA ALA F 62 -78.04 -11.60 42.57
C ALA F 62 -77.62 -10.24 43.09
N LEU F 63 -76.33 -9.88 42.98
CA LEU F 63 -75.84 -8.59 43.40
C LEU F 63 -75.68 -7.61 42.25
N ARG F 64 -76.14 -7.98 41.06
CA ARG F 64 -75.99 -7.11 39.89
C ARG F 64 -76.60 -5.73 40.07
N PRO F 65 -77.78 -5.55 40.68
CA PRO F 65 -78.30 -4.18 40.85
C PRO F 65 -77.36 -3.26 41.60
N TYR F 66 -76.53 -3.77 42.51
CA TYR F 66 -75.65 -2.93 43.29
C TYR F 66 -74.32 -2.66 42.58
N LEU F 67 -73.67 -3.71 42.05
CA LEU F 67 -72.47 -3.53 41.26
C LEU F 67 -72.80 -2.77 39.97
N SER F 68 -71.88 -1.90 39.55
CA SER F 68 -72.31 -0.86 38.61
C SER F 68 -72.38 -1.32 37.16
N ASP F 69 -71.23 -1.37 36.49
CA ASP F 69 -71.12 -1.94 35.15
C ASP F 69 -69.83 -2.70 34.89
N LYS F 70 -68.74 -2.37 35.57
CA LYS F 70 -67.44 -2.99 35.35
C LYS F 70 -67.10 -4.03 36.39
N LEU F 71 -67.55 -3.82 37.63
CA LEU F 71 -67.36 -4.84 38.65
C LEU F 71 -68.08 -6.13 38.27
N ALA F 72 -69.28 -6.02 37.70
CA ALA F 72 -70.04 -7.22 37.34
C ALA F 72 -69.30 -8.05 36.29
N THR F 73 -68.91 -7.41 35.19
CA THR F 73 -68.21 -8.15 34.13
C THR F 73 -66.84 -8.62 34.58
N LEU F 74 -66.14 -7.81 35.38
CA LEU F 74 -64.83 -8.21 35.88
C LEU F 74 -64.94 -9.44 36.78
N LEU F 75 -65.93 -9.46 37.66
CA LEU F 75 -66.12 -10.62 38.55
C LEU F 75 -66.58 -11.83 37.77
N SER F 76 -67.42 -11.64 36.75
CA SER F 76 -67.82 -12.77 35.92
C SER F 76 -66.61 -13.38 35.20
N ASP F 77 -65.75 -12.54 34.63
CA ASP F 77 -64.56 -13.04 33.96
C ASP F 77 -63.58 -13.66 34.95
N ALA F 78 -63.50 -13.12 36.17
CA ALA F 78 -62.65 -13.72 37.20
C ALA F 78 -63.14 -15.10 37.58
N SER F 79 -64.46 -15.26 37.73
CA SER F 79 -65.03 -16.57 38.01
C SER F 79 -64.77 -17.54 36.87
N ARG F 80 -64.93 -17.08 35.63
CA ARG F 80 -64.69 -17.94 34.48
C ARG F 80 -63.21 -18.23 34.27
N ASP F 81 -62.31 -17.44 34.86
CA ASP F 81 -60.89 -17.61 34.65
C ASP F 81 -60.31 -18.78 35.45
N ASN F 82 -60.93 -19.13 36.58
CA ASN F 82 -60.45 -20.19 37.46
C ASN F 82 -59.02 -19.93 37.94
N ASN F 83 -58.81 -18.72 38.45
CA ASN F 83 -57.52 -18.36 39.04
C ASN F 83 -57.72 -17.76 40.42
N HIS F 84 -58.87 -17.13 40.63
CA HIS F 84 -59.19 -16.45 41.88
C HIS F 84 -60.31 -17.16 42.63
N ARG F 85 -60.31 -18.49 42.58
CA ARG F 85 -61.37 -19.26 43.22
C ARG F 85 -61.37 -19.06 44.74
N GLU F 86 -60.19 -19.08 45.36
CA GLU F 86 -60.12 -18.95 46.81
C GLU F 86 -60.58 -17.57 47.25
N LEU F 87 -60.27 -16.54 46.47
CA LEU F 87 -60.72 -15.19 46.81
C LEU F 87 -62.22 -15.04 46.57
N LEU F 88 -62.71 -15.53 45.43
CA LEU F 88 -64.12 -15.39 45.11
C LEU F 88 -65.01 -16.23 46.01
N THR F 89 -64.46 -17.24 46.68
CA THR F 89 -65.27 -18.07 47.56
C THR F 89 -65.50 -17.38 48.91
N ASN F 90 -64.43 -17.07 49.63
CA ASN F 90 -64.55 -16.60 51.01
C ASN F 90 -65.28 -15.27 51.13
N ASP F 91 -64.65 -14.18 50.68
CA ASP F 91 -65.28 -12.87 50.75
C ASP F 91 -64.59 -11.87 49.83
N PRO F 92 -65.07 -11.69 48.60
CA PRO F 92 -64.45 -10.70 47.70
C PRO F 92 -64.77 -9.26 48.08
N PHE F 93 -65.85 -9.01 48.82
CA PHE F 93 -66.33 -7.66 49.09
C PHE F 93 -65.96 -7.16 50.47
N SER F 94 -65.09 -7.86 51.20
CA SER F 94 -64.75 -7.45 52.56
C SER F 94 -63.31 -7.82 52.86
N SER F 95 -62.75 -7.18 53.87
CA SER F 95 -61.37 -7.38 54.25
C SER F 95 -61.14 -8.63 55.09
N ARG F 96 -62.20 -9.27 55.57
CA ARG F 96 -62.10 -10.50 56.34
C ARG F 96 -62.82 -11.64 55.60
N THR F 97 -62.27 -12.85 55.75
CA THR F 97 -62.75 -14.01 55.01
C THR F 97 -64.17 -14.40 55.40
N THR F 98 -64.69 -13.91 56.52
CA THR F 98 -66.01 -14.27 56.99
C THR F 98 -66.92 -13.05 57.01
N LEU F 99 -68.22 -13.29 56.81
CA LEU F 99 -69.19 -12.21 56.79
C LEU F 99 -69.30 -11.55 58.16
N PRO F 100 -69.56 -10.24 58.20
CA PRO F 100 -69.61 -9.54 59.49
C PRO F 100 -70.95 -9.71 60.18
N ASP F 101 -70.93 -9.45 61.49
CA ASP F 101 -72.16 -9.49 62.28
C ASP F 101 -73.04 -8.28 62.04
N SER F 102 -72.44 -7.09 61.88
CA SER F 102 -73.22 -5.88 61.64
C SER F 102 -72.39 -4.92 60.81
N ALA F 103 -73.08 -3.98 60.16
CA ALA F 103 -72.44 -2.97 59.34
C ALA F 103 -73.10 -1.62 59.58
N HIS F 104 -72.31 -0.56 59.46
CA HIS F 104 -72.82 0.80 59.63
C HIS F 104 -72.08 1.69 58.65
N VAL F 105 -72.79 2.15 57.62
CA VAL F 105 -72.18 2.95 56.55
C VAL F 105 -72.17 4.41 56.96
N ALA F 106 -71.05 5.09 56.73
CA ALA F 106 -70.91 6.49 57.09
C ALA F 106 -71.95 7.33 56.35
N SER F 107 -72.51 8.31 57.04
CA SER F 107 -73.60 9.10 56.49
C SER F 107 -73.10 10.11 55.46
N ALA F 108 -74.00 10.50 54.57
CA ALA F 108 -73.75 11.56 53.59
C ALA F 108 -75.07 12.26 53.33
N SER F 109 -75.22 13.48 53.84
CA SER F 109 -76.51 14.17 53.83
C SER F 109 -76.82 14.66 52.42
N THR F 110 -77.37 13.74 51.62
CA THR F 110 -77.87 14.00 50.27
C THR F 110 -76.81 14.51 49.30
N ILE F 111 -77.14 14.48 48.01
CA ILE F 111 -76.26 14.92 46.93
C ILE F 111 -77.02 15.92 46.08
N PRO F 112 -76.65 17.20 46.08
CA PRO F 112 -77.34 18.16 45.21
C PRO F 112 -77.03 17.91 43.74
N ASN F 113 -78.01 18.23 42.90
CA ASN F 113 -77.97 18.12 41.43
C ASN F 113 -77.34 16.77 41.03
N ARG F 114 -76.60 16.75 39.91
CA ARG F 114 -76.05 15.52 39.37
C ARG F 114 -74.56 15.59 39.10
N ASP F 115 -73.88 16.65 39.54
CA ASP F 115 -72.43 16.77 39.34
C ASP F 115 -71.69 16.19 40.54
N ALA F 116 -71.80 14.87 40.69
CA ALA F 116 -71.15 14.19 41.80
C ALA F 116 -70.96 12.72 41.46
N ARG F 117 -69.70 12.32 41.30
CA ARG F 117 -69.31 10.91 41.22
C ARG F 117 -68.16 10.68 42.20
N ASN F 118 -67.72 9.42 42.28
CA ASN F 118 -66.59 9.03 43.11
C ASN F 118 -66.75 9.53 44.54
N ILE F 119 -67.77 9.01 45.22
CA ILE F 119 -68.03 9.34 46.60
C ILE F 119 -67.54 8.17 47.46
N PRO F 120 -66.39 8.28 48.11
CA PRO F 120 -65.92 7.18 48.96
C PRO F 120 -66.56 7.25 50.34
N LEU F 121 -66.92 6.08 50.86
CA LEU F 121 -67.51 5.97 52.18
C LEU F 121 -66.74 4.93 53.00
N ARG F 122 -66.54 5.24 54.28
CA ARG F 122 -65.82 4.35 55.19
C ARG F 122 -66.86 3.59 56.01
N VAL F 123 -67.22 2.40 55.52
CA VAL F 123 -68.21 1.58 56.20
C VAL F 123 -67.56 0.88 57.38
N ASP F 124 -68.19 0.97 58.55
CA ASP F 124 -67.69 0.36 59.78
C ASP F 124 -68.36 -0.98 59.97
N LEU F 125 -67.61 -2.06 59.83
CA LEU F 125 -68.10 -3.41 60.04
C LEU F 125 -67.74 -3.89 61.44
N LYS F 126 -68.55 -4.81 61.96
CA LYS F 126 -68.34 -5.35 63.31
C LYS F 126 -68.65 -6.83 63.31
N GLN F 127 -67.63 -7.66 63.52
CA GLN F 127 -67.79 -9.06 63.82
C GLN F 127 -67.84 -9.22 65.35
N GLY F 128 -67.67 -10.44 65.84
CA GLY F 128 -67.51 -10.66 67.27
C GLY F 128 -66.37 -9.83 67.81
N ASP F 129 -66.70 -8.84 68.65
CA ASP F 129 -65.80 -7.90 69.31
C ASP F 129 -64.62 -7.47 68.43
N GLN F 130 -64.88 -7.21 67.15
CA GLN F 130 -63.84 -6.79 66.22
C GLN F 130 -64.42 -5.82 65.21
N GLY F 131 -63.54 -5.04 64.58
CA GLY F 131 -63.94 -4.10 63.55
C GLY F 131 -62.79 -3.83 62.61
N TRP F 132 -63.12 -3.49 61.37
CA TRP F 132 -62.10 -3.31 60.36
C TRP F 132 -62.21 -1.97 59.63
N GLN F 133 -63.44 -1.46 59.50
CA GLN F 133 -63.71 -0.14 58.92
C GLN F 133 -63.22 -0.08 57.47
N ASP F 134 -63.85 -0.88 56.63
CA ASP F 134 -63.53 -0.92 55.21
C ASP F 134 -64.05 0.33 54.51
N GLU F 135 -63.67 0.46 53.23
CA GLU F 135 -64.05 1.62 52.40
C GLU F 135 -64.59 1.13 51.06
N VAL F 136 -65.66 1.79 50.59
CA VAL F 136 -66.30 1.49 49.32
C VAL F 136 -66.46 2.78 48.54
N LEU F 137 -66.84 2.65 47.27
CA LEU F 137 -67.01 3.79 46.37
C LEU F 137 -68.44 3.84 45.85
N MET F 138 -68.97 5.05 45.69
CA MET F 138 -70.24 5.28 45.04
C MET F 138 -70.02 6.03 43.73
N ILE F 139 -70.66 5.56 42.67
CA ILE F 139 -70.68 6.30 41.41
C ILE F 139 -72.12 6.37 40.91
N GLN F 140 -72.41 7.38 40.10
CA GLN F 140 -73.77 7.55 39.60
C GLN F 140 -74.06 6.60 38.44
N GLU F 141 -73.36 6.77 37.33
CA GLU F 141 -73.53 5.94 36.13
C GLU F 141 -75.02 5.84 35.76
N GLY F 142 -75.60 6.98 35.42
CA GLY F 142 -77.00 7.03 35.06
C GLY F 142 -77.82 7.94 35.96
N GLN F 143 -78.74 7.36 36.72
CA GLN F 143 -79.57 8.14 37.64
C GLN F 143 -79.64 7.52 39.02
N CYS F 144 -78.96 6.40 39.26
CA CYS F 144 -78.91 5.73 40.55
C CYS F 144 -77.51 5.83 41.11
N TRP F 145 -77.29 5.15 42.25
CA TRP F 145 -75.99 5.10 42.90
C TRP F 145 -75.56 3.65 43.02
N VAL F 146 -74.31 3.38 42.68
CA VAL F 146 -73.81 2.01 42.57
C VAL F 146 -72.43 1.88 43.17
N ILE F 147 -72.12 0.63 43.57
CA ILE F 147 -70.92 0.26 44.33
C ILE F 147 -69.72 0.16 43.40
N ASP F 148 -68.54 0.51 43.93
CA ASP F 148 -67.30 0.37 43.19
C ASP F 148 -66.13 0.15 44.13
N ASP F 149 -65.11 -0.53 43.61
CA ASP F 149 -63.78 -0.68 44.21
C ASP F 149 -63.78 -1.53 45.47
N VAL F 150 -64.23 -0.97 46.59
CA VAL F 150 -64.05 -1.57 47.92
C VAL F 150 -62.56 -1.66 48.21
N ARG F 151 -62.09 -0.89 49.19
CA ARG F 151 -60.67 -0.57 49.32
C ARG F 151 -59.92 -1.43 50.34
N TYR F 152 -60.60 -2.33 51.05
CA TYR F 152 -59.96 -3.24 52.01
C TYR F 152 -59.12 -2.46 53.03
N LEU F 153 -59.80 -1.68 53.86
CA LEU F 153 -59.14 -0.75 54.77
C LEU F 153 -59.04 -1.32 56.18
N GLY F 154 -58.77 -2.61 56.31
CA GLY F 154 -58.64 -3.23 57.61
C GLY F 154 -57.33 -3.99 57.73
N GLY F 155 -56.81 -4.04 58.95
CA GLY F 155 -55.58 -4.78 59.19
C GLY F 155 -55.75 -6.26 58.92
N SER F 156 -54.67 -6.88 58.46
CA SER F 156 -54.67 -8.29 58.08
C SER F 156 -55.76 -8.58 57.03
N VAL F 157 -55.56 -7.95 55.87
CA VAL F 157 -56.55 -7.97 54.79
C VAL F 157 -56.76 -9.40 54.31
N HIS F 158 -57.86 -9.60 53.57
CA HIS F 158 -58.25 -10.95 53.18
C HIS F 158 -57.16 -11.63 52.35
N ALA F 159 -56.86 -11.09 51.18
CA ALA F 159 -55.88 -11.69 50.28
C ALA F 159 -55.54 -10.65 49.21
N THR F 160 -54.73 -11.07 48.23
CA THR F 160 -54.27 -10.26 47.11
C THR F 160 -53.72 -8.91 47.56
N ALA F 161 -54.38 -7.82 47.17
CA ALA F 161 -53.81 -6.50 47.40
C ALA F 161 -54.87 -5.42 47.30
N GLY F 162 -54.63 -4.33 48.03
CA GLY F 162 -55.35 -3.08 47.87
C GLY F 162 -56.86 -3.19 47.74
N THR F 163 -57.37 -2.76 46.59
CA THR F 163 -58.80 -2.80 46.30
C THR F 163 -59.14 -4.06 45.51
N LEU F 164 -60.44 -4.27 45.33
CA LEU F 164 -60.91 -5.43 44.57
C LEU F 164 -60.45 -5.37 43.12
N ARG F 165 -60.54 -4.20 42.51
CA ARG F 165 -60.14 -4.06 41.11
C ARG F 165 -58.65 -4.34 40.93
N GLN F 166 -57.81 -3.77 41.79
CA GLN F 166 -56.39 -4.09 41.75
C GLN F 166 -56.13 -5.57 42.04
N SER F 167 -57.03 -6.20 42.78
CA SER F 167 -56.86 -7.61 43.13
C SER F 167 -57.19 -8.53 41.97
N ILE F 168 -58.19 -8.18 41.15
CA ILE F 168 -58.65 -9.07 40.10
C ILE F 168 -58.25 -8.62 38.70
N GLU F 169 -57.76 -7.39 38.53
CA GLU F 169 -57.37 -6.93 37.21
C GLU F 169 -56.09 -7.62 36.77
N ASN F 170 -55.90 -7.70 35.46
CA ASN F 170 -54.71 -8.32 34.88
C ASN F 170 -53.68 -7.27 34.48
N GLN G 36 81.38 0.01 -108.81
CA GLN G 36 80.98 1.13 -109.66
C GLN G 36 80.35 2.23 -108.83
N MET G 37 79.10 2.02 -108.42
CA MET G 37 78.35 3.00 -107.64
C MET G 37 77.33 2.25 -106.81
N PRO G 38 77.62 2.00 -105.53
CA PRO G 38 76.68 1.26 -104.69
C PRO G 38 75.36 2.00 -104.52
N ALA G 39 74.27 1.23 -104.51
CA ALA G 39 72.93 1.77 -104.36
C ALA G 39 72.24 1.08 -103.19
N VAL G 40 71.50 1.87 -102.40
CA VAL G 40 70.78 1.36 -101.24
C VAL G 40 69.33 1.79 -101.35
N GLY G 41 68.48 1.08 -100.62
CA GLY G 41 67.07 1.42 -100.53
C GLY G 41 66.80 2.15 -99.23
N VAL G 42 66.08 3.26 -99.34
CA VAL G 42 65.87 4.20 -98.24
C VAL G 42 64.37 4.43 -98.07
N VAL G 43 63.93 4.67 -96.85
CA VAL G 43 62.54 5.01 -96.55
C VAL G 43 62.52 6.33 -95.79
N THR G 44 61.65 7.24 -96.22
CA THR G 44 61.50 8.52 -95.55
C THR G 44 60.73 8.35 -94.24
N VAL G 45 60.98 9.27 -93.31
CA VAL G 45 60.43 9.22 -91.96
C VAL G 45 59.40 10.33 -91.81
N LYS G 46 58.20 9.97 -91.38
CA LYS G 46 57.14 10.92 -91.11
C LYS G 46 56.45 10.55 -89.81
N THR G 47 55.94 11.56 -89.10
CA THR G 47 55.25 11.32 -87.83
C THR G 47 53.78 11.00 -88.07
N GLU G 48 53.29 9.99 -87.36
CA GLU G 48 51.90 9.57 -87.46
C GLU G 48 51.37 9.30 -86.06
N PRO G 49 50.07 9.49 -85.83
CA PRO G 49 49.48 9.14 -84.54
C PRO G 49 48.96 7.72 -84.50
N LEU G 50 49.24 7.03 -83.40
CA LEU G 50 48.80 5.66 -83.21
C LEU G 50 48.10 5.53 -81.85
N GLN G 51 46.93 4.89 -81.88
CA GLN G 51 46.17 4.67 -80.65
C GLN G 51 46.87 3.64 -79.78
N ILE G 52 47.02 3.97 -78.50
CA ILE G 52 47.68 3.09 -77.54
C ILE G 52 46.61 2.36 -76.74
N THR G 53 46.66 1.03 -76.75
CA THR G 53 45.71 0.20 -76.02
C THR G 53 46.46 -0.84 -75.20
N THR G 54 45.86 -1.24 -74.09
CA THR G 54 46.40 -2.29 -73.24
C THR G 54 45.34 -3.39 -73.09
N GLU G 55 45.79 -4.63 -73.17
CA GLU G 55 44.91 -5.79 -73.09
C GLU G 55 45.23 -6.55 -71.81
N LEU G 56 44.21 -6.77 -70.99
CA LEU G 56 44.40 -7.35 -69.67
C LEU G 56 43.42 -8.48 -69.42
N PRO G 57 43.82 -9.49 -68.63
CA PRO G 57 42.86 -10.50 -68.18
C PRO G 57 41.90 -9.93 -67.16
N GLY G 58 40.72 -10.54 -67.08
CA GLY G 58 39.73 -10.11 -66.11
C GLY G 58 38.64 -11.12 -65.89
N ARG G 59 37.93 -10.93 -64.79
CA ARG G 59 36.84 -11.80 -64.37
C ARG G 59 35.59 -10.97 -64.15
N THR G 60 34.45 -11.52 -64.54
CA THR G 60 33.18 -10.82 -64.39
C THR G 60 32.60 -11.03 -63.00
N SER G 61 31.64 -10.17 -62.65
CA SER G 61 30.98 -10.22 -61.37
C SER G 61 29.61 -9.56 -61.47
N ALA G 62 28.69 -10.03 -60.65
CA ALA G 62 27.32 -9.53 -60.69
C ALA G 62 27.25 -8.13 -60.10
N TYR G 63 26.30 -7.34 -60.60
CA TYR G 63 26.07 -6.00 -60.08
C TYR G 63 25.65 -6.05 -58.62
N ARG G 64 24.78 -6.99 -58.27
CA ARG G 64 24.31 -7.15 -56.90
C ARG G 64 24.08 -8.63 -56.63
N ILE G 65 24.84 -9.18 -55.68
CA ILE G 65 24.71 -10.58 -55.28
C ILE G 65 24.35 -10.63 -53.81
N ALA G 66 23.30 -11.38 -53.48
CA ALA G 66 22.82 -11.50 -52.11
C ALA G 66 22.81 -12.97 -51.72
N GLU G 67 23.46 -13.28 -50.61
CA GLU G 67 23.45 -14.63 -50.04
C GLU G 67 22.33 -14.68 -49.01
N VAL G 68 21.27 -15.43 -49.32
CA VAL G 68 20.13 -15.53 -48.43
C VAL G 68 20.53 -16.31 -47.19
N ARG G 69 20.44 -15.67 -46.03
CA ARG G 69 20.80 -16.28 -44.77
C ARG G 69 19.64 -16.16 -43.78
N PRO G 70 19.50 -17.11 -42.87
CA PRO G 70 18.37 -17.07 -41.92
C PRO G 70 18.63 -16.06 -40.82
N GLN G 71 17.63 -15.24 -40.53
CA GLN G 71 17.70 -14.29 -39.42
C GLN G 71 17.19 -14.86 -38.11
N VAL G 72 16.59 -16.05 -38.13
CA VAL G 72 16.03 -16.67 -36.93
C VAL G 72 16.29 -18.17 -37.00
N SER G 73 16.60 -18.76 -35.84
CA SER G 73 16.84 -20.19 -35.77
C SER G 73 15.51 -20.96 -35.84
N GLY G 74 15.61 -22.21 -36.23
CA GLY G 74 14.46 -23.08 -36.33
C GLY G 74 14.68 -24.14 -37.39
N ILE G 75 13.57 -24.75 -37.81
CA ILE G 75 13.60 -25.83 -38.80
C ILE G 75 12.73 -25.42 -39.98
N ILE G 76 13.13 -25.88 -41.16
CA ILE G 76 12.48 -25.48 -42.41
C ILE G 76 11.36 -26.47 -42.71
N LEU G 77 10.19 -25.94 -43.08
CA LEU G 77 9.03 -26.77 -43.38
C LEU G 77 8.64 -26.75 -44.85
N LYS G 78 9.01 -25.72 -45.61
CA LYS G 78 8.57 -25.59 -46.98
C LYS G 78 9.57 -24.77 -47.78
N ARG G 79 9.53 -24.96 -49.10
CA ARG G 79 10.29 -24.15 -50.04
C ARG G 79 9.33 -23.55 -51.04
N ASN G 80 9.30 -22.22 -51.11
CA ASN G 80 8.28 -21.49 -51.84
C ASN G 80 8.85 -20.83 -53.10
N PHE G 81 9.76 -21.51 -53.78
CA PHE G 81 10.30 -20.99 -55.03
C PHE G 81 10.85 -22.16 -55.84
N LYS G 82 11.03 -21.91 -57.13
CA LYS G 82 11.61 -22.88 -58.05
C LYS G 82 12.95 -22.36 -58.52
N GLU G 83 13.96 -23.23 -58.52
CA GLU G 83 15.31 -22.80 -58.86
C GLU G 83 15.41 -22.38 -60.32
N GLY G 84 16.36 -21.49 -60.59
CA GLY G 84 16.58 -21.00 -61.94
C GLY G 84 15.46 -20.17 -62.50
N SER G 85 14.88 -19.30 -61.70
CA SER G 85 13.80 -18.42 -62.14
C SER G 85 13.99 -17.03 -61.56
N ASP G 86 13.65 -16.01 -62.35
CA ASP G 86 13.73 -14.64 -61.88
C ASP G 86 12.66 -14.41 -60.81
N ILE G 87 13.06 -13.77 -59.71
CA ILE G 87 12.17 -13.50 -58.59
C ILE G 87 12.22 -12.02 -58.26
N GLU G 88 11.14 -11.55 -57.64
CA GLU G 88 11.00 -10.16 -57.23
C GLU G 88 11.51 -9.98 -55.80
N ALA G 89 11.44 -8.75 -55.31
CA ALA G 89 11.86 -8.42 -53.95
C ALA G 89 10.70 -8.60 -52.99
N GLY G 90 11.03 -9.05 -51.77
CA GLY G 90 10.03 -9.25 -50.73
C GLY G 90 9.24 -10.54 -50.84
N VAL G 91 9.52 -11.38 -51.82
CA VAL G 91 8.82 -12.65 -51.97
C VAL G 91 9.41 -13.66 -51.00
N SER G 92 8.55 -14.32 -50.23
CA SER G 92 9.00 -15.30 -49.25
C SER G 92 9.58 -16.52 -49.95
N LEU G 93 10.79 -16.92 -49.56
CA LEU G 93 11.48 -18.05 -50.16
C LEU G 93 11.25 -19.35 -49.39
N TYR G 94 11.51 -19.34 -48.09
CA TYR G 94 11.38 -20.52 -47.25
C TYR G 94 10.31 -20.29 -46.19
N GLN G 95 10.18 -21.24 -45.27
CA GLN G 95 9.21 -21.14 -44.19
C GLN G 95 9.78 -21.87 -42.97
N ILE G 96 10.35 -21.11 -42.05
CA ILE G 96 10.91 -21.68 -40.84
C ILE G 96 9.79 -21.87 -39.80
N ASP G 97 10.02 -22.78 -38.86
CA ASP G 97 9.01 -23.11 -37.86
C ASP G 97 8.72 -21.90 -36.97
N PRO G 98 7.49 -21.41 -36.90
CA PRO G 98 7.19 -20.18 -36.16
C PRO G 98 6.63 -20.36 -34.76
N ALA G 99 6.63 -21.58 -34.21
CA ALA G 99 5.89 -21.84 -32.98
C ALA G 99 6.36 -20.97 -31.83
N THR G 100 7.67 -20.97 -31.55
CA THR G 100 8.19 -20.18 -30.44
C THR G 100 7.96 -18.69 -30.65
N TYR G 101 8.18 -18.22 -31.88
CA TYR G 101 7.98 -16.81 -32.17
C TYR G 101 6.50 -16.43 -32.10
N GLN G 102 5.61 -17.34 -32.49
CA GLN G 102 4.18 -17.10 -32.31
C GLN G 102 3.82 -16.98 -30.84
N ALA G 103 4.40 -17.84 -30.00
CA ALA G 103 4.15 -17.74 -28.56
C ALA G 103 4.64 -16.40 -28.01
N THR G 104 5.83 -15.98 -28.43
CA THR G 104 6.36 -14.69 -27.99
C THR G 104 5.45 -13.53 -28.44
N TYR G 105 4.96 -13.61 -29.68
CA TYR G 105 4.03 -12.60 -30.18
C TYR G 105 2.76 -12.55 -29.34
N ASP G 106 2.23 -13.72 -28.99
CA ASP G 106 1.02 -13.76 -28.17
C ASP G 106 1.27 -13.14 -26.80
N SER G 107 2.42 -13.45 -26.19
CA SER G 107 2.75 -12.85 -24.89
C SER G 107 2.83 -11.34 -24.99
N ALA G 108 3.49 -10.82 -26.04
CA ALA G 108 3.59 -9.39 -26.21
C ALA G 108 2.22 -8.74 -26.40
N LYS G 109 1.34 -9.38 -27.17
CA LYS G 109 0.01 -8.84 -27.37
C LYS G 109 -0.78 -8.81 -26.07
N GLY G 110 -0.64 -9.85 -25.25
CA GLY G 110 -1.30 -9.85 -23.95
C GLY G 110 -0.83 -8.71 -23.05
N ASP G 111 0.50 -8.50 -23.01
CA ASP G 111 1.03 -7.39 -22.22
C ASP G 111 0.50 -6.05 -22.72
N LEU G 112 0.42 -5.90 -24.05
CA LEU G 112 -0.11 -4.67 -24.62
C LEU G 112 -1.58 -4.47 -24.20
N ALA G 113 -2.36 -5.55 -24.20
CA ALA G 113 -3.76 -5.43 -23.78
C ALA G 113 -3.88 -5.00 -22.33
N LYS G 114 -3.02 -5.56 -21.46
CA LYS G 114 -3.03 -5.16 -20.05
C LYS G 114 -2.72 -3.67 -19.91
N ALA G 115 -1.68 -3.20 -20.61
CA ALA G 115 -1.32 -1.80 -20.54
C ALA G 115 -2.45 -0.91 -21.06
N GLN G 116 -3.12 -1.35 -22.13
CA GLN G 116 -4.22 -0.56 -22.69
C GLN G 116 -5.37 -0.47 -21.70
N ALA G 117 -5.68 -1.55 -21.00
CA ALA G 117 -6.74 -1.50 -20.00
C ALA G 117 -6.41 -0.50 -18.88
N ALA G 118 -5.16 -0.53 -18.41
CA ALA G 118 -4.76 0.43 -17.38
C ALA G 118 -4.88 1.86 -17.89
N ALA G 119 -4.43 2.11 -19.11
CA ALA G 119 -4.54 3.45 -19.68
C ALA G 119 -6.00 3.88 -19.81
N ASN G 120 -6.88 2.95 -20.19
CA ASN G 120 -8.29 3.27 -20.35
C ASN G 120 -8.91 3.71 -19.03
N ILE G 121 -8.65 2.96 -17.96
CA ILE G 121 -9.26 3.33 -16.68
C ILE G 121 -8.68 4.66 -16.19
N ALA G 122 -7.39 4.88 -16.39
CA ALA G 122 -6.80 6.17 -15.99
C ALA G 122 -7.43 7.32 -16.75
N GLN G 123 -7.63 7.15 -18.07
CA GLN G 123 -8.25 8.21 -18.87
C GLN G 123 -9.68 8.47 -18.43
N LEU G 124 -10.42 7.41 -18.11
CA LEU G 124 -11.79 7.60 -17.62
C LEU G 124 -11.80 8.41 -16.33
N THR G 125 -10.91 8.09 -15.40
CA THR G 125 -10.86 8.86 -14.15
C THR G 125 -10.50 10.32 -14.41
N VAL G 126 -9.55 10.56 -15.31
CA VAL G 126 -9.17 11.94 -15.62
C VAL G 126 -10.33 12.70 -16.23
N ASN G 127 -11.05 12.07 -17.15
CA ASN G 127 -12.20 12.73 -17.79
C ASN G 127 -13.28 13.04 -16.76
N ARG G 128 -13.49 12.13 -15.80
CA ARG G 128 -14.48 12.40 -14.76
C ARG G 128 -14.06 13.56 -13.86
N TYR G 129 -12.78 13.64 -13.52
CA TYR G 129 -12.32 14.74 -12.66
C TYR G 129 -12.35 16.08 -13.39
N GLN G 130 -12.19 16.08 -14.72
CA GLN G 130 -12.14 17.33 -15.45
C GLN G 130 -13.43 18.11 -15.33
N LYS G 131 -14.57 17.42 -15.37
CA LYS G 131 -15.86 18.10 -15.26
C LYS G 131 -16.04 18.74 -13.89
N LEU G 132 -15.60 18.06 -12.84
CA LEU G 132 -15.73 18.62 -11.49
C LEU G 132 -14.75 19.77 -11.27
N LEU G 133 -13.62 19.79 -11.99
CA LEU G 133 -12.66 20.88 -11.81
C LEU G 133 -13.27 22.23 -12.18
N GLY G 134 -14.26 22.25 -13.08
CA GLY G 134 -14.80 23.52 -13.53
C GLY G 134 -15.47 24.33 -12.45
N THR G 135 -16.16 23.66 -11.53
CA THR G 135 -16.96 24.34 -10.50
C THR G 135 -16.25 24.39 -9.15
N GLN G 136 -14.93 24.19 -9.12
CA GLN G 136 -14.14 24.29 -7.90
C GLN G 136 -14.63 23.33 -6.82
N TYR G 137 -15.00 22.11 -7.23
CA TYR G 137 -15.44 21.08 -6.30
C TYR G 137 -14.40 20.00 -6.10
N ILE G 138 -13.26 20.05 -6.79
CA ILE G 138 -12.15 19.14 -6.57
C ILE G 138 -10.86 19.95 -6.57
N SER G 139 -9.99 19.68 -5.59
CA SER G 139 -8.76 20.42 -5.46
C SER G 139 -7.84 20.15 -6.65
N LYS G 140 -7.05 21.17 -7.01
CA LYS G 140 -6.16 21.07 -8.16
C LYS G 140 -5.09 20.00 -7.96
N GLN G 141 -4.73 19.69 -6.71
CA GLN G 141 -3.74 18.65 -6.46
C GLN G 141 -4.21 17.30 -6.96
N GLU G 142 -5.48 16.95 -6.70
CA GLU G 142 -6.01 15.67 -7.14
C GLU G 142 -6.05 15.60 -8.66
N TYR G 143 -6.46 16.69 -9.32
CA TYR G 143 -6.49 16.71 -10.78
C TYR G 143 -5.09 16.56 -11.36
N ASP G 144 -4.11 17.23 -10.76
CA ASP G 144 -2.73 17.09 -11.24
C ASP G 144 -2.24 15.66 -11.07
N GLN G 145 -2.55 15.03 -9.94
CA GLN G 145 -2.15 13.65 -9.72
C GLN G 145 -2.80 12.72 -10.74
N ALA G 146 -4.09 12.92 -11.02
CA ALA G 146 -4.78 12.09 -12.01
C ALA G 146 -4.18 12.28 -13.40
N LEU G 147 -3.87 13.52 -13.76
CA LEU G 147 -3.25 13.78 -15.07
C LEU G 147 -1.90 13.09 -15.18
N ALA G 148 -1.09 13.15 -14.11
CA ALA G 148 0.19 12.47 -14.13
C ALA G 148 0.01 10.97 -14.29
N ASP G 149 -0.97 10.39 -13.59
CA ASP G 149 -1.22 8.95 -13.72
C ASP G 149 -1.62 8.59 -15.14
N ALA G 150 -2.48 9.40 -15.76
CA ALA G 150 -2.89 9.12 -17.13
C ALA G 150 -1.70 9.19 -18.09
N GLN G 151 -0.83 10.19 -17.92
CA GLN G 151 0.33 10.31 -18.79
C GLN G 151 1.27 9.11 -18.62
N GLN G 152 1.48 8.67 -17.37
CA GLN G 152 2.31 7.50 -17.14
C GLN G 152 1.72 6.25 -17.80
N ALA G 153 0.40 6.10 -17.71
CA ALA G 153 -0.25 4.95 -18.35
C ALA G 153 -0.08 4.99 -19.86
N ASN G 154 -0.21 6.18 -20.45
CA ASN G 154 -0.01 6.31 -21.90
C ASN G 154 1.42 5.95 -22.30
N ALA G 155 2.39 6.39 -21.50
CA ALA G 155 3.78 6.03 -21.79
C ALA G 155 4.00 4.52 -21.69
N ALA G 156 3.40 3.88 -20.69
CA ALA G 156 3.50 2.43 -20.59
C ALA G 156 2.88 1.74 -21.82
N VAL G 157 1.77 2.27 -22.31
CA VAL G 157 1.16 1.73 -23.53
C VAL G 157 2.11 1.86 -24.71
N THR G 158 2.80 3.00 -24.80
CA THR G 158 3.78 3.19 -25.88
C THR G 158 4.90 2.16 -25.79
N ALA G 159 5.40 1.90 -24.57
CA ALA G 159 6.45 0.90 -24.41
C ALA G 159 5.96 -0.48 -24.82
N ALA G 160 4.73 -0.83 -24.45
CA ALA G 160 4.17 -2.12 -24.85
C ALA G 160 4.05 -2.22 -26.36
N LYS G 161 3.66 -1.11 -27.01
CA LYS G 161 3.58 -1.10 -28.48
C LYS G 161 4.94 -1.34 -29.10
N ALA G 162 5.99 -0.72 -28.54
CA ALA G 162 7.34 -0.96 -29.06
C ALA G 162 7.73 -2.42 -28.93
N ALA G 163 7.41 -3.02 -27.77
CA ALA G 163 7.75 -4.43 -27.58
C ALA G 163 7.00 -5.32 -28.57
N VAL G 164 5.72 -5.04 -28.81
CA VAL G 164 4.96 -5.88 -29.74
C VAL G 164 5.45 -5.67 -31.17
N GLU G 165 5.94 -4.47 -31.51
CA GLU G 165 6.53 -4.26 -32.83
C GLU G 165 7.79 -5.08 -33.00
N THR G 166 8.64 -5.11 -31.96
CA THR G 166 9.84 -5.95 -32.03
C THR G 166 9.46 -7.42 -32.21
N ALA G 167 8.44 -7.88 -31.47
CA ALA G 167 8.00 -9.26 -31.60
C ALA G 167 7.48 -9.55 -33.00
N ARG G 168 6.72 -8.61 -33.59
CA ARG G 168 6.21 -8.80 -34.94
C ARG G 168 7.34 -8.89 -35.95
N ILE G 169 8.36 -8.05 -35.80
CA ILE G 169 9.50 -8.11 -36.70
C ILE G 169 10.21 -9.46 -36.60
N ASN G 170 10.42 -9.94 -35.37
CA ASN G 170 11.05 -11.23 -35.19
C ASN G 170 10.22 -12.35 -35.81
N LEU G 171 8.90 -12.29 -35.65
CA LEU G 171 8.03 -13.29 -36.26
C LEU G 171 8.10 -13.25 -37.77
N ALA G 172 8.09 -12.05 -38.35
CA ALA G 172 8.16 -11.92 -39.81
C ALA G 172 9.51 -12.34 -40.36
N TYR G 173 10.56 -12.36 -39.52
CA TYR G 173 11.85 -12.86 -39.98
C TYR G 173 11.79 -14.31 -40.44
N THR G 174 10.86 -15.11 -39.92
CA THR G 174 10.80 -16.52 -40.30
C THR G 174 10.45 -16.69 -41.77
N LYS G 175 9.55 -15.88 -42.30
CA LYS G 175 9.26 -15.91 -43.72
C LYS G 175 10.42 -15.30 -44.49
N VAL G 176 11.43 -16.12 -44.81
CA VAL G 176 12.64 -15.59 -45.42
C VAL G 176 12.30 -14.91 -46.73
N THR G 177 12.55 -13.60 -46.79
CA THR G 177 12.23 -12.79 -47.94
C THR G 177 13.48 -12.47 -48.74
N SER G 178 13.35 -12.48 -50.05
CA SER G 178 14.48 -12.16 -50.91
C SER G 178 14.79 -10.68 -50.81
N PRO G 179 16.01 -10.29 -50.42
CA PRO G 179 16.30 -8.86 -50.24
C PRO G 179 16.27 -8.07 -51.54
N ILE G 180 16.58 -8.70 -52.68
CA ILE G 180 16.63 -8.02 -53.96
C ILE G 180 15.91 -8.88 -55.00
N SER G 181 15.78 -8.32 -56.20
CA SER G 181 15.12 -8.98 -57.32
C SER G 181 16.17 -9.42 -58.33
N GLY G 182 16.04 -10.65 -58.82
CA GLY G 182 17.02 -11.17 -59.76
C GLY G 182 16.89 -12.67 -59.91
N ARG G 183 17.93 -13.28 -60.47
CA ARG G 183 17.95 -14.72 -60.72
C ARG G 183 18.46 -15.45 -59.47
N ILE G 184 17.81 -16.56 -59.14
CA ILE G 184 18.18 -17.36 -57.98
C ILE G 184 18.54 -18.76 -58.44
N GLY G 185 19.65 -19.28 -57.92
CA GLY G 185 20.13 -20.59 -58.30
C GLY G 185 19.48 -21.72 -57.51
N LYS G 186 20.28 -22.72 -57.14
CA LYS G 186 19.75 -23.86 -56.40
C LYS G 186 19.62 -23.52 -54.92
N SER G 187 18.99 -24.42 -54.18
CA SER G 187 18.86 -24.30 -52.74
C SER G 187 19.88 -25.23 -52.08
N ASN G 188 20.82 -24.64 -51.34
CA ASN G 188 21.82 -25.43 -50.66
C ASN G 188 21.24 -26.29 -49.55
N VAL G 189 20.04 -25.97 -49.08
CA VAL G 189 19.34 -26.76 -48.07
C VAL G 189 17.94 -27.04 -48.58
N THR G 190 17.38 -28.16 -48.12
CA THR G 190 16.04 -28.59 -48.50
C THR G 190 15.14 -28.61 -47.26
N GLU G 191 13.92 -29.10 -47.45
CA GLU G 191 12.99 -29.20 -46.34
C GLU G 191 13.53 -30.17 -45.28
N GLY G 192 13.28 -29.85 -44.01
CA GLY G 192 13.76 -30.65 -42.91
C GLY G 192 15.10 -30.25 -42.35
N ALA G 193 15.82 -29.35 -43.03
CA ALA G 193 17.10 -28.88 -42.53
C ALA G 193 16.92 -27.96 -41.33
N LEU G 194 17.95 -27.90 -40.49
CA LEU G 194 17.97 -27.03 -39.33
C LEU G 194 18.91 -25.87 -39.61
N VAL G 195 18.41 -24.65 -39.41
CA VAL G 195 19.17 -23.44 -39.68
C VAL G 195 19.29 -22.63 -38.39
N GLN G 196 20.50 -22.19 -38.08
CA GLN G 196 20.76 -21.36 -36.91
C GLN G 196 20.78 -19.89 -37.30
N ASN G 197 20.71 -19.04 -36.29
CA ASN G 197 20.61 -17.60 -36.52
C ASN G 197 21.93 -17.06 -37.08
N GLY G 198 21.87 -16.49 -38.27
CA GLY G 198 23.05 -15.90 -38.88
C GLY G 198 24.18 -16.86 -39.14
N GLN G 199 23.86 -18.06 -39.63
CA GLN G 199 24.89 -19.05 -39.90
C GLN G 199 25.74 -18.63 -41.10
N ALA G 200 26.98 -19.11 -41.11
CA ALA G 200 27.89 -18.80 -42.21
C ALA G 200 27.40 -19.42 -43.51
N THR G 201 26.89 -20.65 -43.45
CA THR G 201 26.44 -21.34 -44.65
C THR G 201 25.16 -20.69 -45.18
N ALA G 202 25.21 -20.22 -46.43
CA ALA G 202 24.07 -19.56 -47.04
C ALA G 202 23.03 -20.58 -47.48
N LEU G 203 21.80 -20.09 -47.65
CA LEU G 203 20.70 -20.92 -48.11
C LEU G 203 20.59 -20.92 -49.63
N ALA G 204 20.63 -19.75 -50.25
CA ALA G 204 20.58 -19.62 -51.69
C ALA G 204 21.28 -18.33 -52.08
N THR G 205 21.41 -18.12 -53.39
CA THR G 205 22.07 -16.93 -53.92
C THR G 205 21.17 -16.26 -54.94
N VAL G 206 20.98 -14.96 -54.81
CA VAL G 206 20.20 -14.17 -55.74
C VAL G 206 21.12 -13.15 -56.39
N GLN G 207 21.22 -13.20 -57.72
CA GLN G 207 22.15 -12.37 -58.47
C GLN G 207 21.40 -11.49 -59.45
N GLN G 208 21.89 -10.27 -59.63
CA GLN G 208 21.36 -9.35 -60.62
C GLN G 208 22.35 -9.25 -61.78
N LEU G 209 21.85 -9.44 -63.00
CA LEU G 209 22.71 -9.62 -64.16
C LEU G 209 22.60 -8.52 -65.21
N ASP G 210 21.61 -7.64 -65.13
CA ASP G 210 21.40 -6.67 -66.22
C ASP G 210 22.59 -5.74 -66.41
N PRO G 211 23.14 -5.09 -65.37
CA PRO G 211 24.50 -4.54 -65.50
C PRO G 211 25.52 -5.51 -64.96
N ILE G 212 26.75 -5.50 -65.47
CA ILE G 212 27.76 -6.43 -65.01
C ILE G 212 29.05 -5.67 -64.73
N TYR G 213 29.83 -6.17 -63.78
CA TYR G 213 31.14 -5.61 -63.46
C TYR G 213 32.22 -6.51 -64.03
N VAL G 214 33.32 -5.91 -64.44
CA VAL G 214 34.48 -6.64 -64.94
C VAL G 214 35.70 -6.13 -64.20
N ASP G 215 36.34 -7.03 -63.44
CA ASP G 215 37.55 -6.70 -62.71
C ASP G 215 38.75 -7.25 -63.48
N VAL G 216 39.59 -6.36 -63.97
CA VAL G 216 40.75 -6.72 -64.78
C VAL G 216 42.00 -6.46 -63.95
N THR G 217 43.08 -7.14 -64.30
CA THR G 217 44.32 -7.07 -63.54
C THR G 217 45.43 -6.47 -64.40
N GLN G 218 46.13 -5.48 -63.84
CA GLN G 218 47.25 -4.83 -64.53
C GLN G 218 48.47 -4.81 -63.62
N SER G 219 49.62 -5.18 -64.16
CA SER G 219 50.85 -5.16 -63.37
C SER G 219 51.16 -3.74 -62.91
N SER G 220 51.66 -3.63 -61.67
CA SER G 220 51.90 -2.31 -61.08
C SER G 220 52.95 -1.53 -61.87
N ASN G 221 53.99 -2.21 -62.34
CA ASN G 221 55.03 -1.53 -63.09
C ASN G 221 54.47 -0.88 -64.36
N ASP G 222 53.64 -1.61 -65.10
CA ASP G 222 53.04 -1.06 -66.31
C ASP G 222 52.09 0.09 -66.00
N PHE G 223 51.32 -0.03 -64.91
CA PHE G 223 50.44 1.05 -64.52
C PHE G 223 51.21 2.32 -64.20
N LEU G 224 52.29 2.18 -63.43
CA LEU G 224 53.10 3.35 -63.09
C LEU G 224 53.77 3.93 -64.32
N ARG G 225 54.25 3.07 -65.23
CA ARG G 225 54.87 3.56 -66.45
C ARG G 225 53.88 4.34 -67.30
N LEU G 226 52.65 3.83 -67.43
CA LEU G 226 51.62 4.53 -68.20
C LEU G 226 51.25 5.86 -67.54
N LYS G 227 51.16 5.87 -66.22
CA LYS G 227 50.86 7.12 -65.52
C LYS G 227 51.96 8.16 -65.75
N GLN G 228 53.22 7.72 -65.67
CA GLN G 228 54.34 8.63 -65.93
C GLN G 228 54.32 9.14 -67.37
N GLU G 229 54.01 8.25 -68.32
CA GLU G 229 53.92 8.66 -69.71
C GLU G 229 52.82 9.70 -69.92
N LEU G 230 51.67 9.49 -69.26
CA LEU G 230 50.58 10.45 -69.37
C LEU G 230 50.94 11.79 -68.72
N ALA G 231 51.67 11.75 -67.61
CA ALA G 231 52.01 12.98 -66.91
C ALA G 231 53.09 13.79 -67.62
N ASN G 232 53.79 13.19 -68.58
CA ASN G 232 54.86 13.89 -69.28
C ASN G 232 54.37 14.62 -70.52
N GLY G 233 53.07 14.59 -70.82
CA GLY G 233 52.55 15.24 -72.00
C GLY G 233 52.66 14.45 -73.28
N THR G 234 53.18 13.22 -73.23
CA THR G 234 53.30 12.38 -74.42
C THR G 234 52.01 11.65 -74.76
N LEU G 235 51.05 11.60 -73.84
CA LEU G 235 49.77 10.95 -74.07
C LEU G 235 48.64 11.94 -73.87
N LYS G 236 47.52 11.68 -74.55
CA LYS G 236 46.33 12.52 -74.48
C LYS G 236 45.21 11.77 -73.79
N GLN G 237 44.22 12.53 -73.32
CA GLN G 237 43.03 11.98 -72.69
C GLN G 237 41.79 12.61 -73.32
N GLU G 238 40.67 11.90 -73.24
CA GLU G 238 39.42 12.30 -73.88
C GLU G 238 38.32 12.35 -72.85
N ASN G 239 37.82 13.56 -72.56
CA ASN G 239 36.65 13.78 -71.73
C ASN G 239 36.78 13.13 -70.36
N GLY G 240 36.20 11.93 -70.21
CA GLY G 240 36.15 11.28 -68.92
C GLY G 240 36.65 9.85 -68.92
N LYS G 241 35.78 8.93 -68.49
CA LYS G 241 36.16 7.53 -68.33
C LYS G 241 36.55 6.91 -69.67
N ALA G 242 37.66 6.18 -69.68
CA ALA G 242 38.14 5.55 -70.90
C ALA G 242 37.25 4.36 -71.27
N LYS G 243 37.03 4.19 -72.58
CA LYS G 243 36.20 3.10 -73.06
C LYS G 243 36.93 1.76 -72.91
N VAL G 244 36.18 0.72 -72.57
CA VAL G 244 36.72 -0.62 -72.38
C VAL G 244 35.98 -1.57 -73.30
N SER G 245 36.71 -2.24 -74.18
CA SER G 245 36.16 -3.24 -75.07
C SER G 245 36.44 -4.63 -74.51
N LEU G 246 35.57 -5.58 -74.84
CA LEU G 246 35.65 -6.93 -74.29
C LEU G 246 35.89 -7.95 -75.39
N ILE G 247 36.65 -8.98 -75.05
CA ILE G 247 36.86 -10.15 -75.91
C ILE G 247 36.57 -11.39 -75.07
N THR G 248 35.73 -12.28 -75.60
CA THR G 248 35.36 -13.49 -74.89
C THR G 248 36.41 -14.58 -75.11
N SER G 249 36.13 -15.77 -74.58
CA SER G 249 37.08 -16.88 -74.68
C SER G 249 37.28 -17.30 -76.12
N ASP G 250 36.20 -17.35 -76.91
CA ASP G 250 36.29 -17.78 -78.30
C ASP G 250 36.99 -16.77 -79.20
N GLY G 251 37.26 -15.56 -78.70
CA GLY G 251 37.85 -14.52 -79.52
C GLY G 251 36.87 -13.60 -80.20
N ILE G 252 35.57 -13.87 -80.08
CA ILE G 252 34.56 -13.01 -80.68
C ILE G 252 34.43 -11.74 -79.85
N LYS G 253 34.46 -10.59 -80.52
CA LYS G 253 34.28 -9.32 -79.83
C LYS G 253 32.86 -9.21 -79.27
N PHE G 254 32.76 -8.80 -78.01
CA PHE G 254 31.46 -8.62 -77.40
C PHE G 254 30.79 -7.40 -78.01
N PRO G 255 29.55 -7.52 -78.51
CA PRO G 255 28.97 -6.44 -79.33
C PRO G 255 28.89 -5.10 -78.63
N GLN G 256 28.59 -5.07 -77.34
CA GLN G 256 28.39 -3.81 -76.64
C GLN G 256 29.69 -3.32 -76.02
N ASP G 257 29.70 -2.05 -75.62
CA ASP G 257 30.87 -1.42 -75.04
C ASP G 257 30.56 -0.99 -73.61
N GLY G 258 31.59 -1.01 -72.77
CA GLY G 258 31.46 -0.61 -71.38
C GLY G 258 32.38 0.56 -71.08
N THR G 259 32.31 1.02 -69.83
CA THR G 259 33.13 2.13 -69.39
C THR G 259 33.92 1.73 -68.15
N LEU G 260 34.88 2.58 -67.78
CA LEU G 260 35.85 2.27 -66.74
C LEU G 260 35.63 3.15 -65.53
N GLU G 261 35.50 2.53 -64.36
CA GLU G 261 35.38 3.24 -63.08
C GLU G 261 36.43 2.67 -62.13
N PHE G 262 37.57 3.36 -62.05
CA PHE G 262 38.66 2.91 -61.18
C PHE G 262 38.21 2.85 -59.73
N SER G 263 38.54 1.76 -59.06
CA SER G 263 38.06 1.58 -57.69
C SER G 263 39.16 1.24 -56.70
N ASP G 264 40.15 0.43 -57.08
CA ASP G 264 41.13 -0.10 -56.15
C ASP G 264 42.51 0.47 -56.46
N VAL G 265 43.14 1.05 -55.44
CA VAL G 265 44.43 1.71 -55.61
C VAL G 265 45.58 0.95 -54.97
N THR G 266 45.29 0.05 -54.02
CA THR G 266 46.34 -0.69 -53.35
C THR G 266 46.95 -1.74 -54.29
N VAL G 267 48.13 -2.23 -53.91
CA VAL G 267 48.86 -3.23 -54.67
C VAL G 267 48.88 -4.52 -53.87
N ASP G 268 48.48 -5.62 -54.51
CA ASP G 268 48.43 -6.90 -53.82
C ASP G 268 49.85 -7.42 -53.54
N GLN G 269 49.98 -8.16 -52.44
CA GLN G 269 51.29 -8.61 -51.99
C GLN G 269 51.81 -9.77 -52.84
N THR G 270 50.96 -10.76 -53.12
CA THR G 270 51.40 -11.97 -53.79
C THR G 270 51.11 -11.97 -55.29
N THR G 271 50.66 -10.84 -55.84
CA THR G 271 50.40 -10.75 -57.27
C THR G 271 51.13 -9.55 -57.84
N GLY G 272 51.33 -8.53 -57.02
CA GLY G 272 52.00 -7.32 -57.47
C GLY G 272 51.24 -6.60 -58.57
N SER G 273 49.92 -6.57 -58.49
CA SER G 273 49.10 -6.01 -59.54
C SER G 273 47.96 -5.19 -58.94
N ILE G 274 47.40 -4.32 -59.76
CA ILE G 274 46.29 -3.45 -59.39
C ILE G 274 45.07 -3.90 -60.16
N THR G 275 43.91 -3.89 -59.49
CA THR G 275 42.66 -4.32 -60.08
C THR G 275 41.88 -3.09 -60.54
N LEU G 276 41.52 -3.07 -61.82
CA LEU G 276 40.70 -2.03 -62.40
C LEU G 276 39.28 -2.54 -62.57
N ARG G 277 38.31 -1.68 -62.34
CA ARG G 277 36.90 -2.04 -62.40
C ARG G 277 36.25 -1.33 -63.58
N ALA G 278 35.51 -2.09 -64.39
CA ALA G 278 34.72 -1.55 -65.49
C ALA G 278 33.30 -2.05 -65.36
N ILE G 279 32.36 -1.33 -65.97
CA ILE G 279 30.96 -1.72 -65.96
C ILE G 279 30.49 -1.85 -67.41
N PHE G 280 29.70 -2.88 -67.66
CA PHE G 280 29.19 -3.22 -68.97
C PHE G 280 27.68 -3.43 -68.92
N PRO G 281 26.96 -3.07 -69.98
CA PRO G 281 25.54 -3.43 -70.07
C PRO G 281 25.40 -4.85 -70.60
N ASN G 282 24.58 -5.66 -69.94
CA ASN G 282 24.37 -7.06 -70.28
C ASN G 282 22.87 -7.32 -70.38
N PRO G 283 22.23 -6.89 -71.46
CA PRO G 283 20.78 -7.10 -71.59
C PRO G 283 20.41 -8.49 -72.11
N ASP G 284 21.31 -9.10 -72.86
CA ASP G 284 21.05 -10.38 -73.50
C ASP G 284 21.46 -11.55 -72.58
N HIS G 285 22.12 -11.24 -71.46
CA HIS G 285 22.62 -12.26 -70.54
C HIS G 285 23.61 -13.19 -71.24
N THR G 286 24.49 -12.61 -72.05
CA THR G 286 25.50 -13.37 -72.78
C THR G 286 26.82 -13.48 -72.05
N LEU G 287 26.90 -13.01 -70.80
CA LEU G 287 28.08 -13.22 -69.98
C LEU G 287 27.63 -13.37 -68.53
N LEU G 288 28.17 -14.39 -67.86
CA LEU G 288 27.75 -14.80 -66.53
C LEU G 288 28.80 -14.44 -65.49
N PRO G 289 28.40 -14.29 -64.23
CA PRO G 289 29.39 -13.91 -63.19
C PRO G 289 30.41 -14.99 -62.93
N GLY G 290 31.67 -14.74 -63.29
CA GLY G 290 32.74 -15.67 -62.98
C GLY G 290 33.59 -16.08 -64.15
N MET G 291 33.14 -15.81 -65.38
CA MET G 291 33.88 -16.27 -66.54
C MET G 291 35.13 -15.41 -66.75
N PHE G 292 35.94 -15.81 -67.72
CA PHE G 292 37.20 -15.17 -68.03
C PHE G 292 37.05 -14.34 -69.31
N VAL G 293 37.49 -13.08 -69.25
CA VAL G 293 37.39 -12.17 -70.39
C VAL G 293 38.71 -11.42 -70.54
N ARG G 294 38.91 -10.84 -71.73
CA ARG G 294 40.06 -10.00 -72.00
C ARG G 294 39.58 -8.59 -72.30
N ALA G 295 40.03 -7.62 -71.53
CA ALA G 295 39.58 -6.24 -71.68
C ALA G 295 40.66 -5.42 -72.37
N ARG G 296 40.26 -4.69 -73.40
CA ARG G 296 41.13 -3.76 -74.11
C ARG G 296 40.75 -2.33 -73.72
N LEU G 297 41.70 -1.61 -73.13
CA LEU G 297 41.48 -0.26 -72.68
C LEU G 297 41.95 0.74 -73.74
N GLU G 298 41.79 2.02 -73.45
CA GLU G 298 42.29 3.10 -74.29
C GLU G 298 43.13 4.04 -73.46
N GLU G 299 44.26 4.47 -74.02
CA GLU G 299 45.18 5.36 -73.32
C GLU G 299 45.26 6.74 -73.95
N GLY G 300 45.53 6.82 -75.24
CA GLY G 300 45.67 8.12 -75.88
C GLY G 300 45.92 7.95 -77.36
N LEU G 301 46.30 9.06 -77.99
CA LEU G 301 46.52 9.11 -79.43
C LEU G 301 47.99 9.21 -79.82
N ASN G 302 48.83 9.77 -78.95
CA ASN G 302 50.27 9.91 -79.20
C ASN G 302 50.50 10.59 -80.54
N PRO G 303 50.24 11.89 -80.65
CA PRO G 303 50.30 12.55 -81.97
C PRO G 303 51.66 12.48 -82.64
N ASN G 304 52.75 12.57 -81.87
CA ASN G 304 54.10 12.59 -82.44
C ASN G 304 54.76 11.24 -82.16
N ALA G 305 54.59 10.31 -83.10
CA ALA G 305 55.19 8.99 -83.01
C ALA G 305 55.97 8.71 -84.28
N ILE G 306 57.15 8.11 -84.13
CA ILE G 306 58.04 7.80 -85.24
C ILE G 306 58.26 6.29 -85.28
N LEU G 307 57.97 5.69 -86.44
CA LEU G 307 58.09 4.25 -86.63
C LEU G 307 59.15 3.97 -87.67
N VAL G 308 60.05 3.03 -87.37
CA VAL G 308 61.15 2.67 -88.27
C VAL G 308 61.17 1.16 -88.45
N PRO G 309 61.28 0.65 -89.68
CA PRO G 309 61.27 -0.80 -89.88
C PRO G 309 62.40 -1.49 -89.12
N GLN G 310 62.11 -2.72 -88.66
CA GLN G 310 63.04 -3.41 -87.77
C GLN G 310 64.37 -3.72 -88.45
N GLN G 311 64.33 -4.07 -89.74
CA GLN G 311 65.54 -4.44 -90.44
C GLN G 311 66.50 -3.27 -90.60
N GLY G 312 66.05 -2.05 -90.37
CA GLY G 312 66.88 -0.86 -90.48
C GLY G 312 67.53 -0.39 -89.19
N VAL G 313 67.42 -1.15 -88.10
CA VAL G 313 67.95 -0.76 -86.80
C VAL G 313 68.89 -1.84 -86.31
N THR G 314 70.07 -1.43 -85.85
CA THR G 314 71.06 -2.33 -85.27
C THR G 314 71.51 -1.80 -83.92
N ARG G 315 72.21 -2.64 -83.17
CA ARG G 315 72.62 -2.31 -81.81
C ARG G 315 74.13 -2.44 -81.66
N THR G 316 74.71 -1.56 -80.85
CA THR G 316 76.13 -1.59 -80.59
C THR G 316 76.45 -2.66 -79.54
N PRO G 317 77.71 -3.10 -79.46
CA PRO G 317 78.08 -4.05 -78.40
C PRO G 317 77.80 -3.53 -77.00
N ARG G 318 77.86 -2.21 -76.80
CA ARG G 318 77.52 -1.65 -75.50
C ARG G 318 76.06 -1.92 -75.14
N GLY G 319 75.17 -1.74 -76.12
CA GLY G 319 73.75 -1.96 -75.88
C GLY G 319 72.87 -0.88 -76.49
N ASP G 320 73.50 0.24 -76.86
CA ASP G 320 72.76 1.33 -77.48
C ASP G 320 72.33 0.95 -78.90
N ALA G 321 71.34 1.68 -79.40
CA ALA G 321 70.82 1.46 -80.74
C ALA G 321 71.33 2.55 -81.67
N THR G 322 71.87 2.15 -82.81
CA THR G 322 72.34 3.09 -83.82
C THR G 322 71.68 2.75 -85.15
N VAL G 323 71.52 3.76 -86.00
CA VAL G 323 70.86 3.60 -87.28
C VAL G 323 71.62 4.38 -88.34
N LEU G 324 71.74 3.78 -89.53
CA LEU G 324 72.43 4.43 -90.64
C LEU G 324 71.46 5.34 -91.38
N VAL G 325 71.87 6.59 -91.60
CA VAL G 325 71.02 7.60 -92.22
C VAL G 325 71.82 8.28 -93.32
N VAL G 326 71.21 8.43 -94.50
CA VAL G 326 71.87 9.14 -95.59
C VAL G 326 71.90 10.63 -95.29
N GLY G 327 72.93 11.31 -95.79
CA GLY G 327 73.09 12.74 -95.60
C GLY G 327 72.55 13.54 -96.77
N ALA G 328 72.67 14.87 -96.63
CA ALA G 328 72.25 15.76 -97.72
C ALA G 328 73.13 15.58 -98.94
N ASP G 329 74.43 15.30 -98.74
CA ASP G 329 75.37 15.05 -99.82
C ASP G 329 75.43 13.58 -100.21
N ASP G 330 74.36 12.82 -99.95
CA ASP G 330 74.30 11.39 -100.25
C ASP G 330 75.43 10.61 -99.55
N LYS G 331 75.80 11.03 -98.35
CA LYS G 331 76.82 10.35 -97.56
C LYS G 331 76.18 9.78 -96.30
N VAL G 332 76.44 8.51 -96.03
CA VAL G 332 75.77 7.81 -94.95
C VAL G 332 76.53 8.04 -93.64
N GLU G 333 75.78 8.25 -92.56
CA GLU G 333 76.33 8.49 -91.24
C GLU G 333 75.58 7.63 -90.23
N THR G 334 76.20 7.45 -89.07
CA THR G 334 75.59 6.71 -87.97
C THR G 334 74.94 7.70 -87.00
N ARG G 335 73.69 7.43 -86.62
CA ARG G 335 72.97 8.25 -85.66
C ARG G 335 72.50 7.38 -84.51
N PRO G 336 72.91 7.67 -83.28
CA PRO G 336 72.36 6.95 -82.13
C PRO G 336 70.92 7.37 -81.87
N ILE G 337 70.10 6.40 -81.46
CA ILE G 337 68.69 6.63 -81.20
C ILE G 337 68.28 5.78 -80.00
N VAL G 338 67.02 5.91 -79.60
CA VAL G 338 66.44 5.06 -78.56
C VAL G 338 65.15 4.47 -79.11
N ALA G 339 65.10 3.15 -79.24
CA ALA G 339 63.93 2.42 -79.72
C ALA G 339 63.45 1.57 -78.56
N SER G 340 62.62 2.16 -77.70
CA SER G 340 62.19 1.48 -76.49
C SER G 340 61.22 0.34 -76.81
N GLN G 341 60.24 0.60 -77.68
CA GLN G 341 59.17 -0.35 -77.93
C GLN G 341 59.23 -0.83 -79.38
N ALA G 342 58.84 -2.09 -79.59
CA ALA G 342 58.76 -2.69 -80.91
C ALA G 342 57.34 -3.18 -81.13
N ILE G 343 56.64 -2.55 -82.07
CA ILE G 343 55.24 -2.85 -82.33
C ILE G 343 55.13 -3.42 -83.75
N GLY G 344 54.53 -4.60 -83.86
CA GLY G 344 54.35 -5.23 -85.15
C GLY G 344 55.64 -5.47 -85.88
N ASP G 345 55.87 -4.68 -86.93
CA ASP G 345 57.07 -4.80 -87.74
C ASP G 345 58.08 -3.69 -87.46
N LYS G 346 57.69 -2.63 -86.76
CA LYS G 346 58.50 -1.43 -86.65
C LYS G 346 58.83 -1.10 -85.20
N TRP G 347 60.05 -0.60 -85.00
CA TRP G 347 60.40 0.03 -83.73
C TRP G 347 59.76 1.41 -83.64
N LEU G 348 59.52 1.85 -82.41
CA LEU G 348 58.98 3.18 -82.14
C LEU G 348 60.09 4.02 -81.52
N VAL G 349 60.66 4.92 -82.32
CA VAL G 349 61.76 5.77 -81.90
C VAL G 349 61.21 7.03 -81.26
N THR G 350 61.82 7.45 -80.14
CA THR G 350 61.37 8.62 -79.42
C THR G 350 62.28 9.84 -79.58
N GLU G 351 63.58 9.63 -79.78
CA GLU G 351 64.50 10.72 -80.05
C GLU G 351 65.64 10.23 -80.92
N GLY G 352 66.31 11.18 -81.57
CA GLY G 352 67.41 10.91 -82.46
C GLY G 352 67.07 10.98 -83.93
N LEU G 353 65.79 10.79 -84.29
CA LEU G 353 65.34 10.91 -85.66
C LEU G 353 64.29 12.01 -85.75
N LYS G 354 64.41 12.85 -86.78
CA LYS G 354 63.50 13.97 -86.98
C LYS G 354 62.60 13.70 -88.18
N ALA G 355 61.47 14.41 -88.22
CA ALA G 355 60.53 14.24 -89.31
C ALA G 355 61.14 14.67 -90.63
N GLY G 356 60.86 13.90 -91.69
CA GLY G 356 61.38 14.20 -93.00
C GLY G 356 62.73 13.61 -93.32
N ASP G 357 63.39 12.98 -92.34
CA ASP G 357 64.69 12.39 -92.59
C ASP G 357 64.56 11.15 -93.46
N ARG G 358 65.67 10.78 -94.10
CA ARG G 358 65.71 9.62 -94.98
C ARG G 358 66.68 8.61 -94.42
N VAL G 359 66.21 7.40 -94.18
CA VAL G 359 66.97 6.35 -93.51
C VAL G 359 67.09 5.14 -94.42
N VAL G 360 68.32 4.60 -94.54
CA VAL G 360 68.53 3.42 -95.37
C VAL G 360 67.79 2.25 -94.75
N ILE G 361 67.13 1.46 -95.59
CA ILE G 361 66.36 0.33 -95.12
C ILE G 361 66.83 -0.98 -95.74
N SER G 362 67.43 -0.95 -96.92
CA SER G 362 67.92 -2.17 -97.56
C SER G 362 69.28 -1.91 -98.20
N GLY G 363 70.12 -2.93 -98.19
CA GLY G 363 71.45 -2.83 -98.74
C GLY G 363 72.50 -2.30 -97.81
N LEU G 364 72.25 -2.31 -96.49
CA LEU G 364 73.18 -1.72 -95.55
C LEU G 364 74.45 -2.56 -95.40
N GLN G 365 74.39 -3.85 -95.72
CA GLN G 365 75.57 -4.69 -95.59
C GLN G 365 76.56 -4.51 -96.73
N LYS G 366 76.16 -3.84 -97.80
CA LYS G 366 77.05 -3.54 -98.92
C LYS G 366 77.64 -2.13 -98.83
N VAL G 367 77.41 -1.42 -97.73
CA VAL G 367 77.81 -0.03 -97.61
C VAL G 367 78.58 0.15 -96.31
N ARG G 368 79.41 1.20 -96.29
CA ARG G 368 80.24 1.61 -95.17
C ARG G 368 80.00 3.09 -94.89
N PRO G 369 80.07 3.53 -93.63
CA PRO G 369 79.84 4.94 -93.33
C PRO G 369 80.85 5.84 -94.04
N GLY G 370 80.37 7.02 -94.43
CA GLY G 370 81.19 7.97 -95.15
C GLY G 370 81.40 7.66 -96.61
N VAL G 371 80.45 7.02 -97.26
CA VAL G 371 80.54 6.64 -98.68
C VAL G 371 79.34 7.21 -99.42
N GLN G 372 79.60 7.86 -100.56
CA GLN G 372 78.52 8.34 -101.40
C GLN G 372 77.78 7.17 -102.02
N VAL G 373 76.44 7.20 -101.97
CA VAL G 373 75.61 6.11 -102.46
C VAL G 373 74.34 6.67 -103.07
N LYS G 374 73.80 5.94 -104.04
CA LYS G 374 72.47 6.24 -104.54
C LYS G 374 71.41 5.82 -103.54
N ALA G 375 70.41 6.69 -103.34
CA ALA G 375 69.34 6.45 -102.39
C ALA G 375 68.01 6.54 -103.12
N GLN G 376 67.29 5.42 -103.21
CA GLN G 376 65.98 5.36 -103.83
C GLN G 376 64.95 4.95 -102.78
N GLU G 377 63.83 5.66 -102.76
CA GLU G 377 62.73 5.29 -101.88
C GLU G 377 62.04 4.04 -102.41
N VAL G 378 61.58 3.19 -101.48
CA VAL G 378 60.97 1.91 -101.84
C VAL G 378 59.58 1.83 -101.21
N THR G 379 58.73 1.01 -101.81
CA THR G 379 57.37 0.81 -101.32
C THR G 379 57.03 -0.68 -101.29
N GLN H 36 44.87 -91.62 -89.96
CA GLN H 36 44.40 -92.79 -89.22
C GLN H 36 43.04 -92.54 -88.61
N MET H 37 43.01 -92.28 -87.30
CA MET H 37 41.77 -92.02 -86.58
C MET H 37 42.11 -91.16 -85.36
N PRO H 38 41.92 -89.84 -85.45
CA PRO H 38 42.25 -88.98 -84.31
C PRO H 38 41.36 -89.25 -83.10
N ALA H 39 41.94 -89.08 -81.92
CA ALA H 39 41.26 -89.33 -80.66
C ALA H 39 41.26 -88.07 -79.81
N VAL H 40 40.14 -87.82 -79.15
CA VAL H 40 39.96 -86.63 -78.32
C VAL H 40 39.40 -87.05 -76.96
N GLY H 41 39.66 -86.21 -75.97
CA GLY H 41 39.14 -86.40 -74.63
C GLY H 41 38.10 -85.35 -74.29
N VAL H 42 36.92 -85.80 -73.86
CA VAL H 42 35.73 -84.98 -73.73
C VAL H 42 35.17 -85.15 -72.32
N VAL H 43 34.42 -84.14 -71.88
CA VAL H 43 33.66 -84.21 -70.64
C VAL H 43 32.18 -84.04 -70.95
N THR H 44 31.34 -84.45 -70.02
CA THR H 44 29.90 -84.36 -70.15
C THR H 44 29.38 -83.19 -69.32
N VAL H 45 28.65 -82.29 -69.96
CA VAL H 45 28.17 -81.07 -69.32
C VAL H 45 26.94 -81.41 -68.48
N LYS H 46 26.98 -81.06 -67.20
CA LYS H 46 25.84 -81.25 -66.30
C LYS H 46 25.67 -80.01 -65.46
N THR H 47 24.44 -79.81 -64.98
CA THR H 47 24.10 -78.64 -64.18
C THR H 47 24.16 -79.00 -62.71
N GLU H 48 24.90 -78.22 -61.93
CA GLU H 48 25.01 -78.43 -60.50
C GLU H 48 24.84 -77.10 -59.77
N PRO H 49 24.27 -77.12 -58.57
CA PRO H 49 24.14 -75.88 -57.79
C PRO H 49 25.44 -75.55 -57.07
N LEU H 50 25.74 -74.26 -56.99
CA LEU H 50 26.94 -73.80 -56.30
C LEU H 50 26.60 -72.53 -55.52
N GLN H 51 26.91 -72.54 -54.22
CA GLN H 51 26.65 -71.38 -53.39
C GLN H 51 27.52 -70.21 -53.81
N ILE H 52 27.01 -69.01 -53.64
CA ILE H 52 27.69 -67.78 -54.04
C ILE H 52 27.99 -66.97 -52.79
N THR H 53 29.27 -66.66 -52.58
CA THR H 53 29.72 -65.93 -51.41
C THR H 53 30.53 -64.71 -51.83
N THR H 54 30.53 -63.69 -50.99
CA THR H 54 31.29 -62.47 -51.21
C THR H 54 32.19 -62.21 -50.01
N GLU H 55 33.47 -61.96 -50.28
CA GLU H 55 34.44 -61.63 -49.24
C GLU H 55 34.75 -60.15 -49.35
N LEU H 56 34.51 -59.41 -48.27
CA LEU H 56 34.71 -57.97 -48.27
C LEU H 56 35.42 -57.55 -47.00
N PRO H 57 36.22 -56.48 -47.05
CA PRO H 57 36.85 -55.97 -45.84
C PRO H 57 35.85 -55.29 -44.93
N GLY H 58 36.22 -55.21 -43.65
CA GLY H 58 35.35 -54.61 -42.66
C GLY H 58 36.09 -54.21 -41.41
N ARG H 59 35.40 -53.44 -40.58
CA ARG H 59 35.93 -52.91 -39.33
C ARG H 59 34.91 -53.11 -38.23
N THR H 60 35.38 -53.47 -37.04
CA THR H 60 34.48 -53.72 -35.92
C THR H 60 34.19 -52.43 -35.17
N SER H 61 33.10 -52.46 -34.40
CA SER H 61 32.66 -51.31 -33.61
C SER H 61 31.86 -51.80 -32.42
N ALA H 62 31.85 -50.99 -31.37
CA ALA H 62 31.14 -51.36 -30.14
C ALA H 62 29.64 -51.19 -30.32
N TYR H 63 28.88 -52.02 -29.61
CA TYR H 63 27.43 -51.91 -29.63
C TYR H 63 26.97 -50.56 -29.08
N ARG H 64 27.59 -50.13 -27.99
CA ARG H 64 27.26 -48.84 -27.36
C ARG H 64 28.54 -48.24 -26.81
N ILE H 65 28.93 -47.09 -27.35
CA ILE H 65 30.12 -46.37 -26.90
C ILE H 65 29.68 -44.99 -26.43
N ALA H 66 30.07 -44.64 -25.20
CA ALA H 66 29.72 -43.36 -24.61
C ALA H 66 30.99 -42.61 -24.23
N GLU H 67 31.10 -41.37 -24.70
CA GLU H 67 32.21 -40.50 -24.34
C GLU H 67 31.77 -39.63 -23.18
N VAL H 68 32.41 -39.81 -22.02
CA VAL H 68 32.03 -39.08 -20.83
C VAL H 68 32.48 -37.63 -20.97
N ARG H 69 31.51 -36.71 -20.99
CA ARG H 69 31.78 -35.29 -21.07
C ARG H 69 31.12 -34.57 -19.91
N PRO H 70 31.79 -33.57 -19.33
CA PRO H 70 31.21 -32.87 -18.17
C PRO H 70 29.99 -32.04 -18.58
N GLN H 71 28.99 -32.05 -17.70
CA GLN H 71 27.82 -31.19 -17.88
C GLN H 71 27.92 -29.88 -17.12
N VAL H 72 28.97 -29.71 -16.30
CA VAL H 72 29.18 -28.49 -15.53
C VAL H 72 30.66 -28.13 -15.60
N SER H 73 30.97 -26.89 -15.25
CA SER H 73 32.32 -26.36 -15.30
C SER H 73 32.93 -26.32 -13.90
N GLY H 74 34.20 -26.68 -13.82
CA GLY H 74 34.88 -26.68 -12.54
C GLY H 74 36.23 -27.36 -12.64
N ILE H 75 36.79 -27.71 -11.49
CA ILE H 75 38.09 -28.36 -11.40
C ILE H 75 37.88 -29.77 -10.84
N ILE H 76 38.44 -30.75 -11.53
CA ILE H 76 38.34 -32.14 -11.08
C ILE H 76 39.13 -32.31 -9.79
N LEU H 77 38.50 -32.88 -8.77
CA LEU H 77 39.12 -33.06 -7.47
C LEU H 77 39.51 -34.49 -7.16
N LYS H 78 38.81 -35.48 -7.73
CA LYS H 78 39.08 -36.87 -7.42
C LYS H 78 38.78 -37.72 -8.64
N ARG H 79 39.30 -38.95 -8.61
CA ARG H 79 39.04 -39.97 -9.61
C ARG H 79 38.53 -41.20 -8.90
N ASN H 80 37.26 -41.55 -9.12
CA ASN H 80 36.57 -42.58 -8.35
C ASN H 80 36.44 -43.89 -9.11
N PHE H 81 37.45 -44.23 -9.89
CA PHE H 81 37.44 -45.50 -10.62
C PHE H 81 38.86 -45.89 -10.96
N LYS H 82 39.04 -47.17 -11.27
CA LYS H 82 40.30 -47.71 -11.73
C LYS H 82 40.18 -48.06 -13.21
N GLU H 83 41.16 -47.66 -14.00
CA GLU H 83 41.10 -47.86 -15.44
C GLU H 83 41.15 -49.35 -15.78
N GLY H 84 40.56 -49.70 -16.92
CA GLY H 84 40.53 -51.07 -17.38
C GLY H 84 39.71 -52.00 -16.53
N SER H 85 38.53 -51.56 -16.09
CA SER H 85 37.64 -52.38 -15.28
C SER H 85 36.20 -52.11 -15.69
N ASP H 86 35.40 -53.17 -15.72
CA ASP H 86 33.98 -53.02 -16.04
C ASP H 86 33.27 -52.25 -14.94
N ILE H 87 32.41 -51.32 -15.33
CA ILE H 87 31.68 -50.47 -14.40
C ILE H 87 30.19 -50.57 -14.70
N GLU H 88 29.39 -50.35 -13.67
CA GLU H 88 27.94 -50.36 -13.76
C GLU H 88 27.43 -48.94 -13.97
N ALA H 89 26.22 -48.85 -14.53
CA ALA H 89 25.63 -47.54 -14.79
C ALA H 89 25.28 -46.83 -13.49
N GLY H 90 25.43 -45.51 -13.50
CA GLY H 90 25.03 -44.68 -12.38
C GLY H 90 26.10 -44.40 -11.35
N VAL H 91 27.24 -45.07 -11.41
CA VAL H 91 28.31 -44.84 -10.45
C VAL H 91 29.03 -43.55 -10.80
N SER H 92 29.61 -42.92 -9.78
CA SER H 92 30.31 -41.66 -9.97
C SER H 92 31.75 -41.90 -10.38
N LEU H 93 32.19 -41.20 -11.43
CA LEU H 93 33.54 -41.31 -11.95
C LEU H 93 34.47 -40.22 -11.44
N TYR H 94 34.01 -38.97 -11.41
CA TYR H 94 34.86 -37.85 -11.00
C TYR H 94 34.19 -37.06 -9.90
N GLN H 95 34.77 -35.90 -9.55
CA GLN H 95 34.17 -35.02 -8.55
C GLN H 95 34.60 -33.59 -8.85
N ILE H 96 33.74 -32.84 -9.50
CA ILE H 96 33.99 -31.44 -9.83
C ILE H 96 33.67 -30.58 -8.61
N ASP H 97 34.46 -29.53 -8.40
CA ASP H 97 34.30 -28.60 -7.29
C ASP H 97 32.88 -28.07 -7.22
N PRO H 98 32.12 -28.42 -6.18
CA PRO H 98 30.69 -28.08 -6.11
C PRO H 98 30.35 -26.79 -5.38
N ALA H 99 31.32 -25.93 -5.07
CA ALA H 99 31.07 -24.80 -4.18
C ALA H 99 29.98 -23.87 -4.74
N THR H 100 30.14 -23.43 -5.99
CA THR H 100 29.18 -22.50 -6.56
C THR H 100 27.79 -23.13 -6.67
N TYR H 101 27.73 -24.39 -7.09
CA TYR H 101 26.45 -25.08 -7.19
C TYR H 101 25.84 -25.31 -5.82
N GLN H 102 26.66 -25.55 -4.80
CA GLN H 102 26.15 -25.65 -3.44
C GLN H 102 25.53 -24.33 -2.99
N ALA H 103 26.18 -23.20 -3.31
CA ALA H 103 25.62 -21.91 -2.96
C ALA H 103 24.29 -21.67 -3.67
N THR H 104 24.23 -22.04 -4.95
CA THR H 104 22.97 -21.89 -5.69
C THR H 104 21.87 -22.74 -5.09
N TYR H 105 22.21 -23.97 -4.69
CA TYR H 105 21.23 -24.85 -4.05
C TYR H 105 20.74 -24.25 -2.74
N ASP H 106 21.64 -23.68 -1.95
CA ASP H 106 21.23 -23.06 -0.69
C ASP H 106 20.29 -21.88 -0.93
N SER H 107 20.61 -21.06 -1.93
CA SER H 107 19.72 -19.93 -2.26
C SER H 107 18.34 -20.42 -2.67
N ALA H 108 18.28 -21.46 -3.51
CA ALA H 108 16.99 -22.00 -3.92
C ALA H 108 16.21 -22.54 -2.73
N LYS H 109 16.89 -23.23 -1.81
CA LYS H 109 16.20 -23.75 -0.63
C LYS H 109 15.65 -22.62 0.23
N GLY H 110 16.41 -21.55 0.38
CA GLY H 110 15.90 -20.40 1.13
C GLY H 110 14.67 -19.79 0.50
N ASP H 111 14.68 -19.63 -0.83
CA ASP H 111 13.50 -19.11 -1.51
C ASP H 111 12.30 -20.03 -1.30
N LEU H 112 12.53 -21.34 -1.36
CA LEU H 112 11.46 -22.29 -1.11
C LEU H 112 10.90 -22.14 0.30
N ALA H 113 11.76 -21.93 1.29
CA ALA H 113 11.30 -21.76 2.66
C ALA H 113 10.44 -20.50 2.79
N LYS H 114 10.86 -19.41 2.14
CA LYS H 114 10.06 -18.18 2.16
C LYS H 114 8.68 -18.41 1.58
N ALA H 115 8.62 -19.07 0.42
CA ALA H 115 7.33 -19.35 -0.20
C ALA H 115 6.46 -20.24 0.69
N GLN H 116 7.07 -21.23 1.35
CA GLN H 116 6.32 -22.12 2.22
C GLN H 116 5.73 -21.36 3.41
N ALA H 117 6.50 -20.43 3.98
CA ALA H 117 5.97 -19.64 5.09
C ALA H 117 4.77 -18.81 4.65
N ALA H 118 4.86 -18.17 3.48
CA ALA H 118 3.72 -17.40 2.98
C ALA H 118 2.51 -18.28 2.77
N ALA H 119 2.71 -19.46 2.18
CA ALA H 119 1.60 -20.38 1.96
C ALA H 119 0.97 -20.81 3.28
N ASN H 120 1.80 -21.07 4.29
CA ASN H 120 1.28 -21.51 5.58
C ASN H 120 0.40 -20.45 6.23
N ILE H 121 0.85 -19.20 6.23
CA ILE H 121 0.04 -18.16 6.87
C ILE H 121 -1.26 -17.95 6.09
N ALA H 122 -1.19 -17.99 4.75
CA ALA H 122 -2.40 -17.85 3.97
C ALA H 122 -3.38 -18.98 4.26
N GLN H 123 -2.89 -20.22 4.38
CA GLN H 123 -3.76 -21.34 4.67
C GLN H 123 -4.40 -21.22 6.05
N LEU H 124 -3.64 -20.74 7.04
CA LEU H 124 -4.22 -20.54 8.37
C LEU H 124 -5.36 -19.52 8.32
N THR H 125 -5.14 -18.40 7.63
CA THR H 125 -6.20 -17.39 7.52
C THR H 125 -7.43 -17.96 6.82
N VAL H 126 -7.21 -18.74 5.76
CA VAL H 126 -8.33 -19.34 5.03
C VAL H 126 -9.10 -20.29 5.92
N ASN H 127 -8.40 -21.09 6.72
CA ASN H 127 -9.08 -22.02 7.62
C ASN H 127 -9.95 -21.27 8.63
N ARG H 128 -9.42 -20.18 9.21
CA ARG H 128 -10.22 -19.41 10.16
C ARG H 128 -11.45 -18.81 9.49
N TYR H 129 -11.29 -18.26 8.29
CA TYR H 129 -12.43 -17.68 7.59
C TYR H 129 -13.46 -18.76 7.25
N GLN H 130 -13.02 -19.95 6.86
CA GLN H 130 -13.95 -21.02 6.57
C GLN H 130 -14.71 -21.45 7.81
N LYS H 131 -14.03 -21.48 8.97
CA LYS H 131 -14.74 -21.78 10.21
C LYS H 131 -15.80 -20.73 10.52
N LEU H 132 -15.50 -19.46 10.27
CA LEU H 132 -16.49 -18.41 10.53
C LEU H 132 -17.62 -18.38 9.50
N LEU H 133 -17.39 -18.86 8.28
CA LEU H 133 -18.40 -18.72 7.22
C LEU H 133 -19.67 -19.50 7.50
N GLY H 134 -19.62 -20.51 8.37
CA GLY H 134 -20.78 -21.37 8.56
C GLY H 134 -22.00 -20.64 9.09
N THR H 135 -21.79 -19.67 9.99
CA THR H 135 -22.87 -18.97 10.65
C THR H 135 -23.20 -17.63 10.01
N GLN H 136 -22.68 -17.36 8.80
CA GLN H 136 -22.96 -16.14 8.06
C GLN H 136 -22.52 -14.90 8.85
N TYR H 137 -21.26 -14.89 9.25
CA TYR H 137 -20.69 -13.76 9.97
C TYR H 137 -19.57 -13.07 9.21
N ILE H 138 -19.20 -13.57 8.04
CA ILE H 138 -18.26 -12.90 7.15
C ILE H 138 -18.84 -12.90 5.75
N SER H 139 -18.72 -11.77 5.04
CA SER H 139 -19.21 -11.69 3.68
C SER H 139 -18.43 -12.65 2.78
N LYS H 140 -19.14 -13.20 1.80
CA LYS H 140 -18.53 -14.17 0.90
C LYS H 140 -17.39 -13.56 0.07
N GLN H 141 -17.39 -12.24 -0.11
CA GLN H 141 -16.30 -11.59 -0.84
C GLN H 141 -14.97 -11.77 -0.13
N GLU H 142 -14.96 -11.60 1.19
CA GLU H 142 -13.73 -11.78 1.96
C GLU H 142 -13.23 -13.22 1.87
N TYR H 143 -14.14 -14.19 1.97
CA TYR H 143 -13.74 -15.58 1.87
C TYR H 143 -13.18 -15.90 0.49
N ASP H 144 -13.81 -15.37 -0.56
CA ASP H 144 -13.29 -15.60 -1.90
C ASP H 144 -11.90 -14.98 -2.07
N GLN H 145 -11.70 -13.78 -1.52
CA GLN H 145 -10.38 -13.16 -1.59
C GLN H 145 -9.33 -13.99 -0.86
N ALA H 146 -9.67 -14.49 0.32
CA ALA H 146 -8.74 -15.32 1.08
C ALA H 146 -8.41 -16.61 0.33
N LEU H 147 -9.42 -17.24 -0.27
CA LEU H 147 -9.19 -18.46 -1.04
C LEU H 147 -8.27 -18.19 -2.23
N ALA H 148 -8.48 -17.07 -2.92
CA ALA H 148 -7.60 -16.72 -4.03
C ALA H 148 -6.17 -16.50 -3.54
N ASP H 149 -6.01 -15.83 -2.40
CA ASP H 149 -4.67 -15.62 -1.87
C ASP H 149 -3.98 -16.95 -1.54
N ALA H 150 -4.72 -17.88 -0.95
CA ALA H 150 -4.15 -19.19 -0.63
C ALA H 150 -3.74 -19.93 -1.89
N GLN H 151 -4.58 -19.89 -2.92
CA GLN H 151 -4.24 -20.58 -4.17
C GLN H 151 -3.00 -19.98 -4.81
N GLN H 152 -2.90 -18.65 -4.80
CA GLN H 152 -1.71 -17.99 -5.34
C GLN H 152 -0.45 -18.39 -4.56
N ALA H 153 -0.56 -18.46 -3.23
CA ALA H 153 0.58 -18.87 -2.42
C ALA H 153 1.00 -20.29 -2.73
N ASN H 154 0.03 -21.20 -2.91
CA ASN H 154 0.37 -22.58 -3.26
C ASN H 154 1.05 -22.65 -4.62
N ALA H 155 0.59 -21.86 -5.58
CA ALA H 155 1.24 -21.84 -6.89
C ALA H 155 2.67 -21.33 -6.77
N ALA H 156 2.90 -20.30 -5.96
CA ALA H 156 4.26 -19.82 -5.74
C ALA H 156 5.14 -20.90 -5.11
N VAL H 157 4.57 -21.67 -4.18
CA VAL H 157 5.31 -22.79 -3.58
C VAL H 157 5.69 -23.80 -4.65
N THR H 158 4.77 -24.09 -5.57
CA THR H 158 5.08 -25.02 -6.66
C THR H 158 6.21 -24.50 -7.53
N ALA H 159 6.20 -23.21 -7.85
CA ALA H 159 7.28 -22.62 -8.64
C ALA H 159 8.62 -22.73 -7.92
N ALA H 160 8.62 -22.45 -6.61
CA ALA H 160 9.86 -22.59 -5.84
C ALA H 160 10.36 -24.03 -5.84
N LYS H 161 9.44 -24.99 -5.75
CA LYS H 161 9.83 -26.40 -5.80
C LYS H 161 10.47 -26.74 -7.13
N ALA H 162 9.91 -26.23 -8.23
CA ALA H 162 10.51 -26.47 -9.54
C ALA H 162 11.91 -25.89 -9.62
N ALA H 163 12.10 -24.67 -9.09
CA ALA H 163 13.43 -24.06 -9.10
C ALA H 163 14.42 -24.88 -8.29
N VAL H 164 14.01 -25.36 -7.12
CA VAL H 164 14.94 -26.13 -6.30
C VAL H 164 15.24 -27.47 -6.94
N GLU H 165 14.28 -28.05 -7.68
CA GLU H 165 14.57 -29.28 -8.42
C GLU H 165 15.61 -29.04 -9.51
N THR H 166 15.48 -27.94 -10.23
CA THR H 166 16.50 -27.59 -11.23
C THR H 166 17.86 -27.44 -10.59
N ALA H 167 17.91 -26.75 -9.44
CA ALA H 167 19.19 -26.56 -8.74
C ALA H 167 19.77 -27.89 -8.29
N ARG H 168 18.93 -28.81 -7.80
CA ARG H 168 19.42 -30.11 -7.37
C ARG H 168 19.98 -30.91 -8.54
N ILE H 169 19.31 -30.85 -9.69
CA ILE H 169 19.81 -31.55 -10.88
C ILE H 169 21.17 -30.99 -11.28
N ASN H 170 21.30 -29.66 -11.30
CA ASN H 170 22.58 -29.05 -11.66
C ASN H 170 23.68 -29.44 -10.66
N LEU H 171 23.33 -29.51 -9.38
CA LEU H 171 24.32 -29.93 -8.38
C LEU H 171 24.73 -31.38 -8.58
N ALA H 172 23.78 -32.26 -8.86
CA ALA H 172 24.10 -33.67 -9.09
C ALA H 172 24.87 -33.88 -10.38
N TYR H 173 24.83 -32.91 -11.31
CA TYR H 173 25.64 -33.01 -12.51
C TYR H 173 27.12 -33.10 -12.20
N THR H 174 27.58 -32.45 -11.12
CA THR H 174 29.00 -32.43 -10.80
C THR H 174 29.52 -33.83 -10.48
N LYS H 175 28.68 -34.68 -9.91
CA LYS H 175 29.04 -36.07 -9.67
C LYS H 175 28.93 -36.79 -11.01
N VAL H 176 30.01 -36.73 -11.80
CA VAL H 176 29.98 -37.28 -13.16
C VAL H 176 29.64 -38.77 -13.09
N THR H 177 28.51 -39.13 -13.68
CA THR H 177 28.00 -40.49 -13.64
C THR H 177 28.14 -41.14 -15.01
N SER H 178 28.50 -42.42 -15.01
CA SER H 178 28.63 -43.14 -16.26
C SER H 178 27.25 -43.41 -16.85
N PRO H 179 26.96 -42.95 -18.07
CA PRO H 179 25.63 -43.18 -18.63
C PRO H 179 25.28 -44.63 -18.83
N ILE H 180 26.26 -45.49 -19.15
CA ILE H 180 26.01 -46.89 -19.44
C ILE H 180 27.00 -47.74 -18.65
N SER H 181 26.84 -49.05 -18.78
CA SER H 181 27.69 -50.03 -18.10
C SER H 181 28.57 -50.72 -19.12
N GLY H 182 29.84 -50.90 -18.78
CA GLY H 182 30.77 -51.53 -19.70
C GLY H 182 32.20 -51.29 -19.29
N ARG H 183 33.13 -51.60 -20.19
CA ARG H 183 34.55 -51.41 -19.94
C ARG H 183 34.94 -49.97 -20.24
N ILE H 184 35.75 -49.39 -19.37
CA ILE H 184 36.19 -48.00 -19.49
C ILE H 184 37.70 -47.98 -19.49
N GLY H 185 38.29 -47.28 -20.46
CA GLY H 185 39.73 -47.21 -20.59
C GLY H 185 40.40 -46.24 -19.64
N LYS H 186 41.39 -45.51 -20.13
CA LYS H 186 42.13 -44.59 -19.30
C LYS H 186 41.37 -43.27 -19.14
N SER H 187 41.89 -42.42 -18.25
CA SER H 187 41.35 -41.09 -18.04
C SER H 187 42.21 -40.09 -18.81
N ASN H 188 41.59 -39.39 -19.76
CA ASN H 188 42.34 -38.43 -20.56
C ASN H 188 42.80 -37.23 -19.73
N VAL H 189 42.08 -36.94 -18.64
CA VAL H 189 42.44 -35.84 -17.74
C VAL H 189 42.54 -36.41 -16.34
N THR H 190 43.61 -36.07 -15.63
CA THR H 190 43.83 -36.52 -14.27
C THR H 190 43.26 -35.49 -13.30
N GLU H 191 43.56 -35.66 -12.01
CA GLU H 191 43.10 -34.72 -11.00
C GLU H 191 43.79 -33.36 -11.21
N GLY H 192 43.10 -32.31 -10.77
CA GLY H 192 43.61 -30.96 -10.90
C GLY H 192 43.34 -30.30 -12.23
N ALA H 193 42.76 -31.02 -13.19
CA ALA H 193 42.45 -30.43 -14.48
C ALA H 193 41.22 -29.55 -14.39
N LEU H 194 41.11 -28.62 -15.34
CA LEU H 194 39.96 -27.73 -15.44
C LEU H 194 39.08 -28.18 -16.61
N VAL H 195 37.78 -28.32 -16.36
CA VAL H 195 36.84 -28.77 -17.37
C VAL H 195 35.76 -27.70 -17.55
N GLN H 196 35.22 -27.63 -18.76
CA GLN H 196 34.19 -26.67 -19.10
C GLN H 196 32.92 -27.42 -19.52
N ASN H 197 31.80 -26.72 -19.42
CA ASN H 197 30.50 -27.34 -19.70
C ASN H 197 30.42 -27.73 -21.16
N GLY H 198 30.21 -29.03 -21.41
CA GLY H 198 30.05 -29.51 -22.77
C GLY H 198 31.27 -29.33 -23.65
N GLN H 199 32.46 -29.54 -23.12
CA GLN H 199 33.67 -29.38 -23.91
C GLN H 199 33.81 -30.51 -24.92
N ALA H 200 34.47 -30.20 -26.03
CA ALA H 200 34.66 -31.20 -27.08
C ALA H 200 35.54 -32.35 -26.61
N THR H 201 36.61 -32.04 -25.86
CA THR H 201 37.53 -33.06 -25.39
C THR H 201 36.86 -33.93 -24.33
N ALA H 202 36.77 -35.22 -24.61
CA ALA H 202 36.11 -36.14 -23.69
C ALA H 202 37.01 -36.46 -22.50
N LEU H 203 36.38 -36.92 -21.43
CA LEU H 203 37.08 -37.31 -20.21
C LEU H 203 37.49 -38.78 -20.20
N ALA H 204 36.59 -39.66 -20.62
CA ALA H 204 36.89 -41.09 -20.71
C ALA H 204 35.92 -41.71 -21.71
N THR H 205 36.15 -42.99 -22.01
CA THR H 205 35.29 -43.71 -22.94
C THR H 205 34.81 -45.00 -22.29
N VAL H 206 33.51 -45.25 -22.38
CA VAL H 206 32.90 -46.46 -21.84
C VAL H 206 32.30 -47.23 -23.01
N GLN H 207 32.74 -48.47 -23.19
CA GLN H 207 32.37 -49.27 -24.35
C GLN H 207 31.68 -50.55 -23.90
N GLN H 208 30.67 -50.96 -24.67
CA GLN H 208 29.98 -52.22 -24.44
C GLN H 208 30.40 -53.21 -25.53
N LEU H 209 30.81 -54.41 -25.10
CA LEU H 209 31.43 -55.36 -26.01
C LEU H 209 30.67 -56.67 -26.18
N ASP H 210 29.64 -56.94 -25.39
CA ASP H 210 28.99 -58.25 -25.46
C ASP H 210 28.38 -58.52 -26.84
N PRO H 211 27.57 -57.63 -27.43
CA PRO H 211 27.36 -57.71 -28.88
C PRO H 211 28.31 -56.77 -29.61
N ILE H 212 28.69 -57.10 -30.84
CA ILE H 212 29.61 -56.25 -31.59
C ILE H 212 29.02 -55.99 -32.97
N TYR H 213 29.39 -54.86 -33.55
CA TYR H 213 28.97 -54.48 -34.89
C TYR H 213 30.15 -54.64 -35.84
N VAL H 214 29.86 -54.99 -37.09
CA VAL H 214 30.89 -55.07 -38.12
C VAL H 214 30.38 -54.30 -39.33
N ASP H 215 31.11 -53.25 -39.71
CA ASP H 215 30.80 -52.44 -40.88
C ASP H 215 31.69 -52.90 -42.02
N VAL H 216 31.07 -53.32 -43.12
CA VAL H 216 31.75 -54.01 -44.21
C VAL H 216 31.57 -53.18 -45.48
N THR H 217 32.65 -53.06 -46.26
CA THR H 217 32.65 -52.21 -47.44
C THR H 217 32.55 -53.05 -48.70
N GLN H 218 31.60 -52.71 -49.58
CA GLN H 218 31.43 -53.40 -50.85
C GLN H 218 31.35 -52.39 -51.98
N SER H 219 32.03 -52.66 -53.08
CA SER H 219 31.99 -51.75 -54.22
C SER H 219 30.56 -51.61 -54.74
N SER H 220 30.20 -50.38 -55.15
CA SER H 220 28.83 -50.11 -55.56
C SER H 220 28.46 -50.88 -56.82
N ASN H 221 29.39 -50.99 -57.77
CA ASN H 221 29.09 -51.69 -59.02
C ASN H 221 28.75 -53.15 -58.76
N ASP H 222 29.51 -53.81 -57.89
CA ASP H 222 29.23 -55.21 -57.57
C ASP H 222 27.89 -55.35 -56.87
N PHE H 223 27.58 -54.44 -55.95
CA PHE H 223 26.28 -54.47 -55.28
C PHE H 223 25.13 -54.34 -56.26
N LEU H 224 25.24 -53.39 -57.20
CA LEU H 224 24.19 -53.18 -58.18
C LEU H 224 24.06 -54.39 -59.10
N ARG H 225 25.19 -54.95 -59.55
CA ARG H 225 25.14 -56.12 -60.41
C ARG H 225 24.50 -57.31 -59.71
N LEU H 226 24.86 -57.53 -58.44
CA LEU H 226 24.26 -58.63 -57.69
C LEU H 226 22.77 -58.43 -57.47
N LYS H 227 22.36 -57.19 -57.18
CA LYS H 227 20.93 -56.91 -57.04
C LYS H 227 20.19 -57.17 -58.34
N GLN H 228 20.76 -56.73 -59.46
CA GLN H 228 20.12 -56.94 -60.77
C GLN H 228 19.99 -58.44 -61.05
N GLU H 229 21.06 -59.20 -60.83
CA GLU H 229 21.02 -60.63 -61.12
C GLU H 229 20.05 -61.35 -60.20
N LEU H 230 19.97 -60.94 -58.92
CA LEU H 230 18.96 -61.50 -58.03
C LEU H 230 17.55 -61.19 -58.52
N ALA H 231 17.34 -59.97 -59.03
CA ALA H 231 16.03 -59.62 -59.56
C ALA H 231 15.68 -60.46 -60.79
N ASN H 232 16.69 -60.79 -61.60
CA ASN H 232 16.45 -61.63 -62.78
C ASN H 232 16.07 -63.05 -62.41
N GLY H 233 16.29 -63.47 -61.16
CA GLY H 233 15.91 -64.80 -60.73
C GLY H 233 16.98 -65.85 -60.79
N THR H 234 18.25 -65.45 -61.00
CA THR H 234 19.32 -66.43 -61.08
C THR H 234 19.64 -67.03 -59.72
N LEU H 235 19.70 -66.20 -58.69
CA LEU H 235 19.92 -66.67 -57.33
C LEU H 235 18.59 -66.78 -56.59
N LYS H 236 18.67 -67.28 -55.36
CA LYS H 236 17.52 -67.46 -54.50
C LYS H 236 17.78 -66.79 -53.15
N GLN H 237 16.69 -66.48 -52.45
CA GLN H 237 16.76 -65.90 -51.12
C GLN H 237 16.16 -66.89 -50.12
N GLU H 238 16.67 -66.84 -48.89
CA GLU H 238 16.24 -67.77 -47.85
C GLU H 238 15.83 -66.99 -46.61
N ASN H 239 14.57 -67.16 -46.22
CA ASN H 239 14.03 -66.63 -44.96
C ASN H 239 14.28 -65.13 -44.81
N GLY H 240 15.29 -64.77 -44.02
CA GLY H 240 15.52 -63.38 -43.69
C GLY H 240 16.95 -62.93 -43.85
N LYS H 241 17.55 -62.43 -42.77
CA LYS H 241 18.89 -61.86 -42.83
C LYS H 241 19.91 -62.91 -43.24
N ALA H 242 20.78 -62.55 -44.18
CA ALA H 242 21.80 -63.48 -44.66
C ALA H 242 22.89 -63.68 -43.61
N LYS H 243 23.39 -64.90 -43.53
CA LYS H 243 24.43 -65.22 -42.56
C LYS H 243 25.76 -64.61 -42.99
N VAL H 244 26.53 -64.14 -42.01
CA VAL H 244 27.83 -63.52 -42.24
C VAL H 244 28.86 -64.22 -41.38
N SER H 245 29.88 -64.80 -42.01
CA SER H 245 30.96 -65.47 -41.32
C SER H 245 32.17 -64.56 -41.25
N LEU H 246 32.99 -64.75 -40.22
CA LEU H 246 34.12 -63.87 -39.95
C LEU H 246 35.43 -64.63 -40.08
N ILE H 247 36.44 -63.94 -40.63
CA ILE H 247 37.81 -64.43 -40.69
C ILE H 247 38.70 -63.37 -40.08
N THR H 248 39.55 -63.78 -39.13
CA THR H 248 40.43 -62.86 -38.45
C THR H 248 41.69 -62.62 -39.27
N SER H 249 42.61 -61.83 -38.71
CA SER H 249 43.84 -61.48 -39.42
C SER H 249 44.69 -62.72 -39.69
N ASP H 250 44.78 -63.62 -38.72
CA ASP H 250 45.58 -64.83 -38.87
C ASP H 250 44.97 -65.85 -39.82
N GLY H 251 43.73 -65.63 -40.28
CA GLY H 251 43.06 -66.57 -41.13
C GLY H 251 42.20 -67.59 -40.41
N ILE H 252 42.14 -67.53 -39.09
CA ILE H 252 41.33 -68.46 -38.31
C ILE H 252 39.87 -68.01 -38.36
N LYS H 253 38.98 -68.94 -38.70
CA LYS H 253 37.56 -68.62 -38.74
C LYS H 253 37.02 -68.40 -37.34
N PHE H 254 36.28 -67.31 -37.16
CA PHE H 254 35.67 -67.03 -35.86
C PHE H 254 34.62 -68.08 -35.56
N PRO H 255 34.63 -68.70 -34.38
CA PRO H 255 33.67 -69.78 -34.10
C PRO H 255 32.21 -69.37 -34.23
N GLN H 256 31.88 -68.15 -33.85
CA GLN H 256 30.50 -67.68 -33.93
C GLN H 256 30.23 -66.97 -35.25
N ASP H 257 28.96 -66.93 -35.63
CA ASP H 257 28.52 -66.27 -36.84
C ASP H 257 27.29 -65.44 -36.52
N GLY H 258 27.06 -64.41 -37.34
CA GLY H 258 25.95 -63.50 -37.10
C GLY H 258 25.11 -63.23 -38.33
N THR H 259 24.16 -62.32 -38.20
CA THR H 259 23.26 -61.94 -39.27
C THR H 259 23.66 -60.58 -39.85
N LEU H 260 22.97 -60.19 -40.91
CA LEU H 260 23.23 -58.94 -41.61
C LEU H 260 22.03 -58.02 -41.46
N GLU H 261 22.29 -56.79 -41.01
CA GLU H 261 21.25 -55.77 -40.86
C GLU H 261 21.68 -54.55 -41.68
N PHE H 262 21.15 -54.46 -42.90
CA PHE H 262 21.48 -53.35 -43.79
C PHE H 262 21.11 -52.03 -43.14
N SER H 263 22.05 -51.08 -43.17
CA SER H 263 21.83 -49.78 -42.55
C SER H 263 22.04 -48.59 -43.49
N ASP H 264 23.09 -48.61 -44.30
CA ASP H 264 23.48 -47.45 -45.09
C ASP H 264 23.30 -47.73 -46.58
N VAL H 265 22.52 -46.87 -47.24
CA VAL H 265 22.18 -47.06 -48.65
C VAL H 265 22.84 -46.04 -49.57
N THR H 266 23.45 -44.99 -49.02
CA THR H 266 24.09 -43.99 -49.84
C THR H 266 25.46 -44.47 -50.32
N VAL H 267 25.96 -43.83 -51.37
CA VAL H 267 27.27 -44.13 -51.94
C VAL H 267 28.24 -43.03 -51.54
N ASP H 268 29.39 -43.42 -50.99
CA ASP H 268 30.38 -42.43 -50.57
C ASP H 268 31.04 -41.79 -51.77
N GLN H 269 31.46 -40.54 -51.60
CA GLN H 269 31.98 -39.75 -52.72
C GLN H 269 33.38 -40.19 -53.13
N THR H 270 34.26 -40.46 -52.17
CA THR H 270 35.67 -40.69 -52.46
C THR H 270 36.01 -42.17 -52.65
N THR H 271 35.36 -43.06 -51.92
CA THR H 271 35.63 -44.49 -52.08
C THR H 271 34.60 -45.20 -52.95
N GLY H 272 33.44 -44.59 -53.18
CA GLY H 272 32.45 -45.15 -54.08
C GLY H 272 31.96 -46.53 -53.68
N SER H 273 31.63 -46.71 -52.41
CA SER H 273 31.26 -48.02 -51.88
C SER H 273 30.03 -47.90 -51.01
N ILE H 274 29.53 -49.07 -50.60
CA ILE H 274 28.35 -49.20 -49.74
C ILE H 274 28.79 -49.92 -48.47
N THR H 275 28.33 -49.44 -47.33
CA THR H 275 28.68 -50.00 -46.04
C THR H 275 27.51 -50.85 -45.52
N LEU H 276 27.68 -52.16 -45.59
CA LEU H 276 26.78 -53.10 -44.95
C LEU H 276 27.10 -53.18 -43.46
N ARG H 277 26.11 -53.59 -42.68
CA ARG H 277 26.28 -53.75 -41.25
C ARG H 277 25.85 -55.15 -40.84
N ALA H 278 26.65 -55.77 -39.96
CA ALA H 278 26.34 -57.08 -39.42
C ALA H 278 26.55 -57.04 -37.91
N ILE H 279 25.87 -57.96 -37.22
CA ILE H 279 25.99 -58.05 -35.77
C ILE H 279 26.61 -59.40 -35.42
N PHE H 280 27.29 -59.44 -34.27
CA PHE H 280 28.01 -60.63 -33.88
C PHE H 280 27.96 -60.83 -32.38
N PRO H 281 27.64 -62.03 -31.89
CA PRO H 281 27.80 -62.31 -30.46
C PRO H 281 29.27 -62.44 -30.11
N ASN H 282 29.69 -61.74 -29.06
CA ASN H 282 31.08 -61.72 -28.61
C ASN H 282 31.10 -62.00 -27.11
N PRO H 283 30.93 -63.26 -26.70
CA PRO H 283 30.90 -63.56 -25.27
C PRO H 283 32.29 -63.65 -24.65
N ASP H 284 33.28 -64.00 -25.45
CA ASP H 284 34.65 -64.21 -24.97
C ASP H 284 35.52 -62.97 -25.11
N HIS H 285 34.98 -61.86 -25.62
CA HIS H 285 35.76 -60.63 -25.84
C HIS H 285 36.98 -60.88 -26.71
N THR H 286 36.86 -61.77 -27.70
CA THR H 286 37.99 -62.14 -28.53
C THR H 286 38.19 -61.21 -29.71
N LEU H 287 37.30 -60.25 -29.92
CA LEU H 287 37.48 -59.23 -30.94
C LEU H 287 37.14 -57.87 -30.35
N LEU H 288 38.05 -56.91 -30.51
CA LEU H 288 38.00 -55.57 -29.96
C LEU H 288 37.54 -54.57 -31.00
N PRO H 289 36.92 -53.46 -30.58
CA PRO H 289 36.46 -52.46 -31.54
C PRO H 289 37.60 -51.88 -32.36
N GLY H 290 37.34 -51.63 -33.63
CA GLY H 290 38.28 -50.96 -34.50
C GLY H 290 39.27 -51.84 -35.23
N MET H 291 39.24 -53.16 -35.02
CA MET H 291 40.20 -54.04 -35.65
C MET H 291 39.79 -54.33 -37.09
N PHE H 292 40.53 -55.22 -37.74
CA PHE H 292 40.30 -55.57 -39.14
C PHE H 292 39.81 -57.00 -39.23
N VAL H 293 38.70 -57.22 -39.94
CA VAL H 293 38.12 -58.54 -40.13
C VAL H 293 37.67 -58.68 -41.58
N ARG H 294 37.63 -59.93 -42.04
CA ARG H 294 37.16 -60.26 -43.38
C ARG H 294 35.83 -60.99 -43.27
N ALA H 295 34.79 -60.40 -43.86
CA ALA H 295 33.45 -60.96 -43.75
C ALA H 295 33.08 -61.69 -45.04
N ARG H 296 32.56 -62.91 -44.89
CA ARG H 296 32.05 -63.69 -46.00
C ARG H 296 30.54 -63.78 -45.89
N LEU H 297 29.85 -63.35 -46.94
CA LEU H 297 28.40 -63.30 -46.96
C LEU H 297 27.84 -64.47 -47.76
N GLU H 298 26.54 -64.69 -47.61
CA GLU H 298 25.82 -65.69 -48.39
C GLU H 298 24.73 -64.98 -49.18
N GLU H 299 24.76 -65.16 -50.51
CA GLU H 299 23.78 -64.52 -51.39
C GLU H 299 22.66 -65.47 -51.80
N GLY H 300 23.01 -66.57 -52.44
CA GLY H 300 22.01 -67.48 -52.96
C GLY H 300 22.54 -68.87 -53.16
N LEU H 301 21.96 -69.58 -54.13
CA LEU H 301 22.29 -70.98 -54.36
C LEU H 301 22.62 -71.24 -55.81
N ASN H 302 22.05 -70.44 -56.72
CA ASN H 302 22.25 -70.59 -58.17
C ASN H 302 21.93 -72.03 -58.58
N PRO H 303 20.65 -72.41 -58.63
CA PRO H 303 20.29 -73.82 -58.81
C PRO H 303 20.95 -74.50 -60.01
N ASN H 304 20.75 -73.97 -61.21
CA ASN H 304 21.28 -74.57 -62.43
C ASN H 304 22.43 -73.72 -62.94
N ALA H 305 23.65 -74.27 -62.86
CA ALA H 305 24.85 -73.61 -63.33
C ALA H 305 25.65 -74.57 -64.19
N ILE H 306 26.34 -74.04 -65.19
CA ILE H 306 27.12 -74.84 -66.13
C ILE H 306 28.59 -74.47 -65.98
N LEU H 307 29.42 -75.46 -65.67
CA LEU H 307 30.85 -75.26 -65.46
C LEU H 307 31.62 -76.08 -66.48
N VAL H 308 32.60 -75.46 -67.13
CA VAL H 308 33.41 -76.14 -68.13
C VAL H 308 34.89 -75.87 -67.85
N PRO H 309 35.76 -76.88 -67.91
CA PRO H 309 37.17 -76.65 -67.60
C PRO H 309 37.80 -75.61 -68.53
N GLN H 310 38.78 -74.89 -67.99
CA GLN H 310 39.31 -73.71 -68.68
C GLN H 310 40.02 -74.10 -69.98
N GLN H 311 40.65 -75.27 -70.03
CA GLN H 311 41.41 -75.64 -71.22
C GLN H 311 40.52 -75.88 -72.43
N GLY H 312 39.23 -76.09 -72.23
CA GLY H 312 38.30 -76.32 -73.31
C GLY H 312 37.62 -75.09 -73.87
N VAL H 313 38.01 -73.89 -73.43
CA VAL H 313 37.39 -72.64 -73.85
C VAL H 313 38.46 -71.75 -74.46
N THR H 314 38.18 -71.20 -75.62
CA THR H 314 39.06 -70.26 -76.31
C THR H 314 38.31 -68.97 -76.61
N ARG H 315 39.04 -67.96 -77.08
CA ARG H 315 38.47 -66.67 -77.40
C ARG H 315 38.79 -66.32 -78.85
N THR H 316 37.79 -65.77 -79.54
CA THR H 316 37.95 -65.37 -80.93
C THR H 316 38.66 -64.03 -81.03
N PRO H 317 39.23 -63.72 -82.20
CA PRO H 317 39.84 -62.39 -82.38
C PRO H 317 38.88 -61.25 -82.14
N ARG H 318 37.60 -61.44 -82.44
CA ARG H 318 36.61 -60.41 -82.13
C ARG H 318 36.52 -60.16 -80.64
N GLY H 319 36.54 -61.21 -79.84
CA GLY H 319 36.47 -61.08 -78.40
C GLY H 319 35.49 -62.03 -77.75
N ASP H 320 34.76 -62.77 -78.57
CA ASP H 320 33.78 -63.74 -78.08
C ASP H 320 34.45 -65.05 -77.73
N ALA H 321 33.76 -65.87 -76.95
CA ALA H 321 34.25 -67.17 -76.53
C ALA H 321 33.50 -68.26 -77.28
N THR H 322 34.22 -69.27 -77.75
CA THR H 322 33.64 -70.42 -78.42
C THR H 322 34.25 -71.71 -77.89
N VAL H 323 33.50 -72.80 -78.05
CA VAL H 323 33.96 -74.12 -77.66
C VAL H 323 33.71 -75.08 -78.82
N LEU H 324 34.36 -76.24 -78.75
CA LEU H 324 34.19 -77.29 -79.73
C LEU H 324 33.33 -78.41 -79.13
N VAL H 325 32.24 -78.71 -79.82
CA VAL H 325 31.24 -79.69 -79.37
C VAL H 325 31.30 -80.89 -80.31
N VAL H 326 30.83 -82.03 -79.80
CA VAL H 326 30.77 -83.25 -80.59
C VAL H 326 29.32 -83.49 -80.99
N GLY H 327 29.07 -83.60 -82.30
CA GLY H 327 27.73 -83.79 -82.80
C GLY H 327 27.24 -85.21 -82.63
N ALA H 328 25.98 -85.43 -83.04
CA ALA H 328 25.40 -86.76 -82.97
C ALA H 328 26.12 -87.74 -83.88
N ASP H 329 26.54 -87.26 -85.07
CA ASP H 329 27.28 -88.08 -86.02
C ASP H 329 28.77 -88.13 -85.68
N ASP H 330 29.15 -87.79 -84.44
CA ASP H 330 30.55 -87.77 -84.00
C ASP H 330 31.40 -86.86 -84.88
N LYS H 331 30.84 -85.71 -85.23
CA LYS H 331 31.54 -84.68 -85.99
C LYS H 331 31.65 -83.43 -85.14
N VAL H 332 32.86 -82.89 -85.05
CA VAL H 332 33.12 -81.75 -84.16
C VAL H 332 32.69 -80.46 -84.84
N GLU H 333 32.02 -79.61 -84.08
CA GLU H 333 31.53 -78.32 -84.55
C GLU H 333 31.94 -77.25 -83.56
N THR H 334 31.91 -76.00 -84.00
CA THR H 334 32.25 -74.85 -83.16
C THR H 334 30.98 -74.11 -82.78
N ARG H 335 30.78 -73.87 -81.50
CA ARG H 335 29.60 -73.15 -81.03
C ARG H 335 30.04 -72.02 -80.10
N PRO H 336 29.51 -70.81 -80.30
CA PRO H 336 29.83 -69.71 -79.39
C PRO H 336 29.05 -69.79 -78.09
N ILE H 337 29.63 -69.24 -77.03
CA ILE H 337 29.05 -69.19 -75.70
C ILE H 337 29.44 -67.87 -75.05
N VAL H 338 28.98 -67.67 -73.82
CA VAL H 338 29.41 -66.54 -73.01
C VAL H 338 29.97 -67.09 -71.70
N ALA H 339 31.20 -66.69 -71.37
CA ALA H 339 31.88 -67.13 -70.16
C ALA H 339 32.18 -65.89 -69.32
N SER H 340 31.31 -65.61 -68.35
CA SER H 340 31.43 -64.41 -67.55
C SER H 340 32.42 -64.57 -66.41
N GLN H 341 32.28 -65.64 -65.62
CA GLN H 341 33.08 -65.83 -64.42
C GLN H 341 34.04 -67.00 -64.59
N ALA H 342 35.18 -66.92 -63.92
CA ALA H 342 36.18 -67.98 -63.89
C ALA H 342 36.30 -68.45 -62.44
N ILE H 343 35.58 -69.51 -62.09
CA ILE H 343 35.56 -70.03 -60.73
C ILE H 343 36.58 -71.14 -60.63
N GLY H 344 37.57 -70.96 -59.77
CA GLY H 344 38.64 -71.93 -59.64
C GLY H 344 39.41 -72.09 -60.93
N ASP H 345 39.24 -73.23 -61.60
CA ASP H 345 39.82 -73.48 -62.90
C ASP H 345 38.76 -73.87 -63.93
N LYS H 346 37.53 -73.37 -63.74
CA LYS H 346 36.43 -73.68 -64.63
C LYS H 346 35.68 -72.39 -64.98
N TRP H 347 35.43 -72.20 -66.26
CA TRP H 347 34.57 -71.12 -66.72
C TRP H 347 33.10 -71.43 -66.38
N LEU H 348 32.36 -70.38 -66.06
CA LEU H 348 30.93 -70.46 -65.80
C LEU H 348 30.19 -69.96 -67.04
N VAL H 349 29.38 -70.83 -67.64
CA VAL H 349 28.66 -70.51 -68.86
C VAL H 349 27.19 -70.32 -68.53
N THR H 350 26.64 -69.19 -68.93
CA THR H 350 25.24 -68.87 -68.71
C THR H 350 24.35 -69.21 -69.90
N GLU H 351 24.84 -69.03 -71.12
CA GLU H 351 24.09 -69.31 -72.33
C GLU H 351 25.00 -69.89 -73.39
N GLY H 352 24.41 -70.66 -74.30
CA GLY H 352 25.16 -71.24 -75.40
C GLY H 352 25.31 -72.75 -75.30
N LEU H 353 25.48 -73.25 -74.08
CA LEU H 353 25.63 -74.68 -73.84
C LEU H 353 24.41 -75.22 -73.11
N LYS H 354 24.01 -76.43 -73.46
CA LYS H 354 22.87 -77.09 -72.85
C LYS H 354 23.33 -78.29 -72.04
N ALA H 355 22.47 -78.72 -71.12
CA ALA H 355 22.79 -79.84 -70.25
C ALA H 355 22.92 -81.13 -71.04
N GLY H 356 23.86 -81.97 -70.62
CA GLY H 356 24.07 -83.26 -71.25
C GLY H 356 24.93 -83.24 -72.48
N ASP H 357 25.54 -82.10 -72.82
CA ASP H 357 26.33 -81.99 -74.03
C ASP H 357 27.74 -82.53 -73.80
N ARG H 358 28.57 -82.46 -74.84
CA ARG H 358 29.93 -82.97 -74.79
C ARG H 358 30.87 -81.96 -75.43
N VAL H 359 31.84 -81.46 -74.66
CA VAL H 359 32.80 -80.47 -75.11
C VAL H 359 34.21 -81.05 -74.99
N VAL H 360 34.98 -80.98 -76.08
CA VAL H 360 36.31 -81.57 -76.08
C VAL H 360 37.21 -80.80 -75.12
N ILE H 361 38.05 -81.54 -74.39
CA ILE H 361 38.93 -80.94 -73.41
C ILE H 361 40.38 -81.17 -73.79
N SER H 362 40.65 -82.30 -74.45
CA SER H 362 42.01 -82.66 -74.82
C SER H 362 42.05 -83.11 -76.27
N GLY H 363 43.07 -82.66 -77.00
CA GLY H 363 43.22 -82.99 -78.40
C GLY H 363 42.79 -81.91 -79.37
N LEU H 364 42.60 -80.67 -78.92
CA LEU H 364 42.17 -79.62 -79.83
C LEU H 364 43.22 -79.31 -80.87
N GLN H 365 44.50 -79.56 -80.55
CA GLN H 365 45.57 -79.21 -81.47
C GLN H 365 45.60 -80.12 -82.69
N LYS H 366 45.12 -81.36 -82.55
CA LYS H 366 45.14 -82.33 -83.64
C LYS H 366 43.80 -82.47 -84.35
N VAL H 367 42.84 -81.59 -84.06
CA VAL H 367 41.49 -81.71 -84.60
C VAL H 367 41.08 -80.38 -85.21
N ARG H 368 40.51 -80.43 -86.42
CA ARG H 368 39.92 -79.40 -87.26
C ARG H 368 38.40 -79.49 -87.19
N PRO H 369 37.69 -78.35 -87.29
CA PRO H 369 36.22 -78.41 -87.28
C PRO H 369 35.68 -79.23 -88.42
N GLY H 370 34.55 -79.89 -88.17
CA GLY H 370 33.92 -80.74 -89.17
C GLY H 370 34.72 -81.97 -89.53
N VAL H 371 35.29 -82.67 -88.55
CA VAL H 371 36.06 -83.88 -88.78
C VAL H 371 35.55 -84.95 -87.81
N GLN H 372 35.27 -86.13 -88.35
CA GLN H 372 34.86 -87.26 -87.51
C GLN H 372 36.05 -87.75 -86.69
N VAL H 373 35.82 -87.96 -85.39
CA VAL H 373 36.86 -88.34 -84.45
C VAL H 373 36.33 -89.44 -83.55
N LYS H 374 37.18 -89.89 -82.62
CA LYS H 374 36.79 -90.81 -81.56
C LYS H 374 36.91 -90.05 -80.23
N ALA H 375 35.79 -89.93 -79.52
CA ALA H 375 35.72 -89.14 -78.29
C ALA H 375 35.64 -90.08 -77.09
N GLN H 376 36.60 -89.99 -76.18
CA GLN H 376 36.56 -90.73 -74.93
C GLN H 376 36.33 -89.76 -73.78
N GLU H 377 35.40 -90.12 -72.89
CA GLU H 377 35.22 -89.34 -71.67
C GLU H 377 36.40 -89.59 -70.74
N VAL H 378 36.82 -88.54 -70.03
CA VAL H 378 38.00 -88.60 -69.18
C VAL H 378 37.64 -88.17 -67.77
N THR H 379 38.45 -88.60 -66.81
CA THR H 379 38.27 -88.25 -65.41
C THR H 379 39.57 -87.74 -64.80
N GLN I 36 121.92 -54.04 -32.76
CA GLN I 36 121.35 -52.74 -32.42
C GLN I 36 120.28 -52.87 -31.32
N MET I 37 119.93 -51.74 -30.72
CA MET I 37 119.01 -51.71 -29.59
C MET I 37 117.81 -50.84 -29.94
N PRO I 38 116.60 -51.39 -30.00
CA PRO I 38 115.42 -50.56 -30.33
C PRO I 38 115.18 -49.50 -29.27
N ALA I 39 114.69 -48.34 -29.72
CA ALA I 39 114.42 -47.21 -28.84
C ALA I 39 113.01 -46.69 -29.10
N VAL I 40 112.36 -46.24 -28.02
CA VAL I 40 110.98 -45.74 -28.09
C VAL I 40 110.86 -44.47 -27.25
N GLY I 41 110.03 -43.55 -27.74
CA GLY I 41 109.66 -42.38 -26.98
C GLY I 41 108.49 -42.70 -26.07
N VAL I 42 108.61 -42.24 -24.82
CA VAL I 42 107.67 -42.60 -23.76
C VAL I 42 107.27 -41.35 -23.00
N VAL I 43 106.02 -41.28 -22.58
CA VAL I 43 105.52 -40.16 -21.80
C VAL I 43 105.04 -40.66 -20.45
N THR I 44 105.40 -39.93 -19.40
CA THR I 44 104.96 -40.23 -18.05
C THR I 44 103.50 -39.83 -17.87
N VAL I 45 102.81 -40.54 -16.99
CA VAL I 45 101.38 -40.39 -16.77
C VAL I 45 101.16 -39.71 -15.42
N LYS I 46 100.36 -38.64 -15.42
CA LYS I 46 100.03 -37.93 -14.20
C LYS I 46 98.60 -37.43 -14.29
N THR I 47 98.01 -37.14 -13.12
CA THR I 47 96.63 -36.70 -13.03
C THR I 47 96.57 -35.18 -12.95
N GLU I 48 95.72 -34.57 -13.77
CA GLU I 48 95.56 -33.13 -13.77
C GLU I 48 94.07 -32.77 -13.76
N PRO I 49 93.64 -31.85 -12.91
CA PRO I 49 92.25 -31.39 -12.98
C PRO I 49 91.98 -30.66 -14.30
N LEU I 50 90.76 -30.80 -14.80
CA LEU I 50 90.36 -30.12 -16.02
C LEU I 50 88.89 -29.72 -15.91
N GLN I 51 88.59 -28.50 -16.34
CA GLN I 51 87.23 -27.97 -16.26
C GLN I 51 86.37 -28.61 -17.34
N ILE I 52 85.19 -29.09 -16.95
CA ILE I 52 84.25 -29.70 -17.88
C ILE I 52 83.15 -28.69 -18.19
N THR I 53 83.01 -28.35 -19.46
CA THR I 53 82.02 -27.38 -19.91
C THR I 53 81.24 -27.94 -21.07
N THR I 54 79.97 -27.53 -21.15
CA THR I 54 79.09 -27.91 -22.26
C THR I 54 78.58 -26.65 -22.93
N GLU I 55 78.70 -26.58 -24.25
CA GLU I 55 78.23 -25.45 -25.04
C GLU I 55 76.99 -25.88 -25.82
N LEU I 56 75.90 -25.14 -25.64
CA LEU I 56 74.62 -25.52 -26.20
C LEU I 56 73.93 -24.33 -26.85
N PRO I 57 73.09 -24.57 -27.85
CA PRO I 57 72.34 -23.47 -28.47
C PRO I 57 71.26 -22.94 -27.55
N GLY I 58 70.85 -21.70 -27.82
CA GLY I 58 69.78 -21.11 -27.04
C GLY I 58 69.25 -19.85 -27.69
N ARG I 59 68.08 -19.44 -27.19
CA ARG I 59 67.37 -18.26 -27.66
C ARG I 59 67.09 -17.33 -26.49
N THR I 60 67.17 -16.03 -26.75
CA THR I 60 66.95 -15.02 -25.72
C THR I 60 65.46 -14.69 -25.62
N SER I 61 65.09 -14.15 -24.46
CA SER I 61 63.70 -13.78 -24.20
C SER I 61 63.66 -12.63 -23.21
N ALA I 62 62.62 -11.81 -23.33
CA ALA I 62 62.49 -10.65 -22.47
C ALA I 62 62.11 -11.06 -21.05
N TYR I 63 62.56 -10.27 -20.08
CA TYR I 63 62.23 -10.54 -18.68
C TYR I 63 60.73 -10.42 -18.45
N ARG I 64 60.10 -9.41 -19.03
CA ARG I 64 58.66 -9.20 -18.91
C ARG I 64 58.14 -8.67 -20.23
N ILE I 65 57.22 -9.41 -20.85
CA ILE I 65 56.61 -9.02 -22.12
C ILE I 65 55.11 -9.00 -21.94
N ALA I 66 54.48 -7.89 -22.32
CA ALA I 66 53.04 -7.71 -22.19
C ALA I 66 52.45 -7.36 -23.55
N GLU I 67 51.44 -8.12 -23.96
CA GLU I 67 50.71 -7.84 -25.19
C GLU I 67 49.49 -7.00 -24.83
N VAL I 68 49.47 -5.76 -25.30
CA VAL I 68 48.38 -4.85 -24.97
C VAL I 68 47.13 -5.28 -25.72
N ARG I 69 46.10 -5.66 -24.97
CA ARG I 69 44.84 -6.10 -25.55
C ARG I 69 43.69 -5.24 -25.03
N PRO I 70 42.68 -4.99 -25.84
CA PRO I 70 41.58 -4.11 -25.40
C PRO I 70 40.68 -4.82 -24.40
N GLN I 71 40.39 -4.12 -23.29
CA GLN I 71 39.44 -4.63 -22.30
C GLN I 71 38.00 -4.29 -22.62
N VAL I 72 37.77 -3.41 -23.62
CA VAL I 72 36.43 -2.99 -24.02
C VAL I 72 36.37 -2.96 -25.54
N SER I 73 35.15 -2.84 -26.06
CA SER I 73 34.90 -2.84 -27.49
C SER I 73 34.51 -1.44 -27.95
N GLY I 74 34.95 -1.07 -29.14
CA GLY I 74 34.63 0.23 -29.70
C GLY I 74 35.56 0.57 -30.85
N ILE I 75 35.70 1.87 -31.09
CA ILE I 75 36.50 2.40 -32.20
C ILE I 75 37.63 3.22 -31.60
N ILE I 76 38.85 2.99 -32.09
CA ILE I 76 40.00 3.76 -31.66
C ILE I 76 39.97 5.12 -32.33
N LEU I 77 40.02 6.19 -31.53
CA LEU I 77 39.98 7.54 -32.07
C LEU I 77 41.32 8.25 -32.03
N LYS I 78 42.28 7.76 -31.24
CA LYS I 78 43.56 8.43 -31.11
C LYS I 78 44.62 7.43 -30.65
N ARG I 79 45.87 7.78 -30.92
CA ARG I 79 47.03 7.04 -30.45
C ARG I 79 47.92 8.01 -29.67
N ASN I 80 48.23 7.67 -28.43
CA ASN I 80 48.89 8.58 -27.51
C ASN I 80 50.30 8.11 -27.17
N PHE I 81 51.02 7.58 -28.15
CA PHE I 81 52.40 7.21 -27.95
C PHE I 81 53.13 7.23 -29.30
N LYS I 82 54.44 7.30 -29.22
CA LYS I 82 55.31 7.22 -30.40
C LYS I 82 56.06 5.90 -30.36
N GLU I 83 56.08 5.20 -31.50
CA GLU I 83 56.66 3.88 -31.54
C GLU I 83 58.16 3.92 -31.28
N GLY I 84 58.68 2.83 -30.71
CA GLY I 84 60.10 2.72 -30.41
C GLY I 84 60.60 3.69 -29.36
N SER I 85 59.83 3.90 -28.30
CA SER I 85 60.24 4.78 -27.22
C SER I 85 59.94 4.11 -25.88
N ASP I 86 60.82 4.36 -24.92
CA ASP I 86 60.61 3.82 -23.57
C ASP I 86 59.45 4.54 -22.90
N ILE I 87 58.51 3.78 -22.35
CA ILE I 87 57.31 4.31 -21.73
C ILE I 87 57.18 3.77 -20.32
N GLU I 88 56.49 4.54 -19.49
CA GLU I 88 56.29 4.23 -18.08
C GLU I 88 54.92 3.59 -17.86
N ALA I 89 54.79 2.84 -16.78
CA ALA I 89 53.55 2.16 -16.48
C ALA I 89 52.45 3.16 -16.14
N GLY I 90 51.22 2.84 -16.53
CA GLY I 90 50.07 3.64 -16.18
C GLY I 90 49.70 4.72 -17.17
N VAL I 91 50.53 5.00 -18.17
CA VAL I 91 50.21 6.01 -19.16
C VAL I 91 49.17 5.47 -20.14
N SER I 92 48.43 6.37 -20.76
CA SER I 92 47.40 5.99 -21.70
C SER I 92 47.99 5.79 -23.09
N LEU I 93 47.74 4.62 -23.67
CA LEU I 93 48.26 4.28 -25.00
C LEU I 93 47.31 4.70 -26.11
N TYR I 94 46.08 4.21 -26.07
CA TYR I 94 45.08 4.49 -27.10
C TYR I 94 43.88 5.20 -26.46
N GLN I 95 42.83 5.38 -27.26
CA GLN I 95 41.61 6.02 -26.77
C GLN I 95 40.43 5.43 -27.53
N ILE I 96 39.76 4.45 -26.90
CA ILE I 96 38.57 3.85 -27.51
C ILE I 96 37.36 4.76 -27.27
N ASP I 97 36.33 4.58 -28.08
CA ASP I 97 35.15 5.41 -28.01
C ASP I 97 34.41 5.20 -26.68
N PRO I 98 34.21 6.24 -25.87
CA PRO I 98 33.62 6.06 -24.53
C PRO I 98 32.13 6.35 -24.41
N ALA I 99 31.40 6.52 -25.53
CA ALA I 99 30.04 7.05 -25.45
C ALA I 99 29.12 6.13 -24.65
N THR I 100 29.08 4.84 -24.99
CA THR I 100 28.18 3.93 -24.30
C THR I 100 28.57 3.77 -22.83
N TYR I 101 29.87 3.70 -22.55
CA TYR I 101 30.32 3.59 -21.17
C TYR I 101 30.05 4.87 -20.40
N GLN I 102 30.12 6.03 -21.06
CA GLN I 102 29.72 7.28 -20.43
C GLN I 102 28.25 7.26 -20.04
N ALA I 103 27.40 6.76 -20.95
CA ALA I 103 25.98 6.66 -20.64
C ALA I 103 25.73 5.72 -19.46
N THR I 104 26.43 4.58 -19.43
CA THR I 104 26.28 3.66 -18.31
C THR I 104 26.72 4.30 -17.00
N TYR I 105 27.83 5.05 -17.04
CA TYR I 105 28.30 5.75 -15.85
C TYR I 105 27.28 6.76 -15.37
N ASP I 106 26.67 7.51 -16.30
CA ASP I 106 25.65 8.48 -15.91
C ASP I 106 24.44 7.80 -15.27
N SER I 107 24.01 6.67 -15.84
CA SER I 107 22.88 5.95 -15.26
C SER I 107 23.20 5.47 -13.85
N ALA I 108 24.40 4.93 -13.65
CA ALA I 108 24.79 4.47 -12.32
C ALA I 108 24.83 5.63 -11.32
N LYS I 109 25.34 6.78 -11.76
CA LYS I 109 25.39 7.94 -10.86
C LYS I 109 23.98 8.41 -10.49
N GLY I 110 23.06 8.39 -11.45
CA GLY I 110 21.68 8.74 -11.13
C GLY I 110 21.06 7.80 -10.12
N ASP I 111 21.29 6.49 -10.28
CA ASP I 111 20.78 5.53 -9.31
C ASP I 111 21.37 5.79 -7.93
N LEU I 112 22.66 6.10 -7.88
CA LEU I 112 23.30 6.43 -6.61
C LEU I 112 22.67 7.65 -5.97
N ALA I 113 22.36 8.67 -6.77
CA ALA I 113 21.72 9.87 -6.23
C ALA I 113 20.34 9.55 -5.65
N LYS I 114 19.57 8.71 -6.35
CA LYS I 114 18.27 8.31 -5.82
C LYS I 114 18.40 7.61 -4.47
N ALA I 115 19.34 6.65 -4.39
CA ALA I 115 19.55 5.95 -3.13
C ALA I 115 19.99 6.91 -2.02
N GLN I 116 20.84 7.88 -2.36
CA GLN I 116 21.30 8.84 -1.36
C GLN I 116 20.16 9.70 -0.85
N ALA I 117 19.25 10.12 -1.73
CA ALA I 117 18.09 10.90 -1.27
C ALA I 117 17.23 10.10 -0.31
N ALA I 118 16.97 8.82 -0.66
CA ALA I 118 16.18 7.99 0.24
C ALA I 118 16.86 7.82 1.60
N ALA I 119 18.17 7.60 1.59
CA ALA I 119 18.90 7.46 2.85
C ALA I 119 18.83 8.74 3.67
N ASN I 120 18.93 9.90 3.01
CA ASN I 120 18.89 11.17 3.71
C ASN I 120 17.56 11.39 4.41
N ILE I 121 16.45 11.12 3.72
CA ILE I 121 15.15 11.34 4.36
C ILE I 121 14.95 10.35 5.50
N ALA I 122 15.38 9.10 5.32
CA ALA I 122 15.28 8.14 6.40
C ALA I 122 16.09 8.57 7.62
N GLN I 123 17.30 9.08 7.40
CA GLN I 123 18.14 9.54 8.51
C GLN I 123 17.51 10.71 9.23
N LEU I 124 16.92 11.66 8.48
CA LEU I 124 16.26 12.79 9.12
C LEU I 124 15.12 12.32 10.01
N THR I 125 14.29 11.40 9.50
CA THR I 125 13.16 10.90 10.29
C THR I 125 13.64 10.19 11.55
N VAL I 126 14.68 9.35 11.42
CA VAL I 126 15.15 8.61 12.59
C VAL I 126 15.80 9.56 13.60
N ASN I 127 16.45 10.64 13.13
CA ASN I 127 17.00 11.61 14.06
C ASN I 127 15.90 12.31 14.85
N ARG I 128 14.82 12.70 14.17
CA ARG I 128 13.70 13.33 14.88
C ARG I 128 13.08 12.38 15.90
N TYR I 129 12.91 11.10 15.51
CA TYR I 129 12.36 10.13 16.45
C TYR I 129 13.27 9.91 17.65
N GLN I 130 14.58 9.87 17.43
CA GLN I 130 15.51 9.73 18.55
C GLN I 130 15.44 10.95 19.46
N LYS I 131 15.29 12.14 18.89
CA LYS I 131 15.13 13.34 19.71
C LYS I 131 13.88 13.24 20.57
N LEU I 132 12.79 12.73 20.01
CA LEU I 132 11.55 12.63 20.78
C LEU I 132 11.54 11.47 21.77
N LEU I 133 12.39 10.46 21.58
CA LEU I 133 12.35 9.27 22.43
C LEU I 133 12.74 9.55 23.88
N GLY I 134 13.45 10.64 24.14
CA GLY I 134 14.00 10.86 25.47
C GLY I 134 12.95 10.95 26.56
N THR I 135 11.80 11.56 26.27
CA THR I 135 10.77 11.80 27.26
C THR I 135 9.64 10.77 27.21
N GLN I 136 9.87 9.64 26.56
CA GLN I 136 8.89 8.55 26.48
C GLN I 136 7.58 9.03 25.84
N TYR I 137 7.69 9.60 24.65
CA TYR I 137 6.52 10.09 23.92
C TYR I 137 6.27 9.35 22.63
N ILE I 138 7.12 8.40 22.26
CA ILE I 138 6.88 7.52 21.12
C ILE I 138 7.19 6.09 21.54
N SER I 139 6.35 5.15 21.11
CA SER I 139 6.57 3.75 21.43
C SER I 139 7.87 3.26 20.82
N LYS I 140 8.56 2.38 21.56
CA LYS I 140 9.86 1.89 21.11
C LYS I 140 9.75 1.11 19.81
N GLN I 141 8.58 0.55 19.51
CA GLN I 141 8.39 -0.14 18.23
C GLN I 141 8.58 0.80 17.06
N GLU I 142 8.04 2.02 17.16
CA GLU I 142 8.19 3.00 16.09
C GLU I 142 9.66 3.36 15.87
N TYR I 143 10.39 3.58 16.96
CA TYR I 143 11.80 3.91 16.85
C TYR I 143 12.59 2.77 16.25
N ASP I 144 12.28 1.53 16.65
CA ASP I 144 12.96 0.38 16.06
C ASP I 144 12.69 0.28 14.56
N GLN I 145 11.44 0.52 14.15
CA GLN I 145 11.11 0.50 12.74
C GLN I 145 11.86 1.57 11.97
N ALA I 146 11.94 2.78 12.54
CA ALA I 146 12.68 3.86 11.87
C ALA I 146 14.16 3.53 11.75
N LEU I 147 14.75 2.96 12.81
CA LEU I 147 16.15 2.57 12.75
C LEU I 147 16.39 1.51 11.67
N ALA I 148 15.49 0.52 11.58
CA ALA I 148 15.63 -0.50 10.55
C ALA I 148 15.54 0.11 9.17
N ASP I 149 14.61 1.05 8.97
CA ASP I 149 14.48 1.70 7.67
C ASP I 149 15.75 2.45 7.31
N ALA I 150 16.33 3.18 8.27
CA ALA I 150 17.56 3.90 8.01
C ALA I 150 18.71 2.96 7.64
N GLN I 151 18.82 1.84 8.36
CA GLN I 151 19.87 0.87 8.06
C GLN I 151 19.71 0.28 6.66
N GLN I 152 18.46 -0.04 6.28
CA GLN I 152 18.22 -0.57 4.95
C GLN I 152 18.57 0.45 3.88
N ALA I 153 18.23 1.72 4.11
CA ALA I 153 18.58 2.76 3.14
C ALA I 153 20.09 2.90 3.00
N ASN I 154 20.82 2.83 4.12
CA ASN I 154 22.28 2.90 4.05
C ASN I 154 22.85 1.73 3.26
N ALA I 155 22.30 0.53 3.46
CA ALA I 155 22.77 -0.62 2.70
C ALA I 155 22.51 -0.45 1.21
N ALA I 156 21.34 0.09 0.86
CA ALA I 156 21.06 0.37 -0.55
C ALA I 156 22.04 1.38 -1.13
N VAL I 157 22.41 2.39 -0.34
CA VAL I 157 23.42 3.35 -0.78
C VAL I 157 24.74 2.65 -1.05
N THR I 158 25.12 1.71 -0.17
CA THR I 158 26.35 0.96 -0.38
C THR I 158 26.30 0.16 -1.68
N ALA I 159 25.17 -0.48 -1.96
CA ALA I 159 25.02 -1.22 -3.21
C ALA I 159 25.16 -0.31 -4.42
N ALA I 160 24.54 0.87 -4.36
CA ALA I 160 24.66 1.83 -5.46
C ALA I 160 26.10 2.27 -5.65
N LYS I 161 26.84 2.46 -4.54
CA LYS I 161 28.25 2.83 -4.63
C LYS I 161 29.05 1.73 -5.32
N ALA I 162 28.77 0.47 -4.99
CA ALA I 162 29.46 -0.63 -5.66
C ALA I 162 29.17 -0.62 -7.16
N ALA I 163 27.91 -0.39 -7.54
CA ALA I 163 27.56 -0.35 -8.95
C ALA I 163 28.28 0.79 -9.68
N VAL I 164 28.34 1.97 -9.07
CA VAL I 164 29.01 3.08 -9.73
C VAL I 164 30.51 2.85 -9.80
N GLU I 165 31.09 2.15 -8.82
CA GLU I 165 32.51 1.81 -8.92
C GLU I 165 32.77 0.86 -10.08
N THR I 166 31.89 -0.13 -10.26
CA THR I 166 32.03 -1.02 -11.42
C THR I 166 31.93 -0.24 -12.72
N ALA I 167 30.97 0.69 -12.80
CA ALA I 167 30.82 1.51 -14.00
C ALA I 167 32.06 2.36 -14.25
N ARG I 168 32.64 2.94 -13.20
CA ARG I 168 33.84 3.76 -13.36
C ARG I 168 35.01 2.91 -13.86
N ILE I 169 35.15 1.70 -13.34
CA ILE I 169 36.23 0.82 -13.80
C ILE I 169 36.04 0.49 -15.27
N ASN I 170 34.81 0.17 -15.67
CA ASN I 170 34.55 -0.13 -17.08
C ASN I 170 34.86 1.06 -17.97
N LEU I 171 34.48 2.27 -17.52
CA LEU I 171 34.77 3.46 -18.30
C LEU I 171 36.27 3.71 -18.42
N ALA I 172 37.01 3.54 -17.33
CA ALA I 172 38.45 3.74 -17.36
C ALA I 172 39.16 2.68 -18.18
N TYR I 173 38.52 1.54 -18.41
CA TYR I 173 39.12 0.52 -19.29
C TYR I 173 39.35 1.05 -20.70
N THR I 174 38.52 2.01 -21.15
CA THR I 174 38.67 2.53 -22.50
C THR I 174 40.00 3.23 -22.69
N LYS I 175 40.47 3.95 -21.67
CA LYS I 175 41.78 4.57 -21.72
C LYS I 175 42.85 3.49 -21.58
N VAL I 176 43.20 2.86 -22.70
CA VAL I 176 44.10 1.71 -22.67
C VAL I 176 45.42 2.12 -22.03
N THR I 177 45.75 1.49 -20.90
CA THR I 177 46.93 1.82 -20.13
C THR I 177 47.94 0.67 -20.22
N SER I 178 49.21 1.03 -20.33
CA SER I 178 50.25 0.02 -20.39
C SER I 178 50.43 -0.62 -19.02
N PRO I 179 50.36 -1.94 -18.91
CA PRO I 179 50.47 -2.57 -17.59
C PRO I 179 51.86 -2.51 -16.98
N ILE I 180 52.90 -2.37 -17.80
CA ILE I 180 54.29 -2.34 -17.32
C ILE I 180 55.03 -1.24 -18.04
N SER I 181 56.27 -1.02 -17.62
CA SER I 181 57.15 -0.01 -18.20
C SER I 181 58.23 -0.68 -19.02
N GLY I 182 58.53 -0.12 -20.20
CA GLY I 182 59.53 -0.71 -21.06
C GLY I 182 59.45 -0.14 -22.45
N ARG I 183 60.04 -0.86 -23.40
CA ARG I 183 60.09 -0.45 -24.80
C ARG I 183 58.86 -0.99 -25.53
N ILE I 184 58.21 -0.13 -26.31
CA ILE I 184 57.04 -0.50 -27.09
C ILE I 184 57.36 -0.32 -28.56
N GLY I 185 57.09 -1.35 -29.36
CA GLY I 185 57.40 -1.31 -30.77
C GLY I 185 56.33 -0.61 -31.60
N LYS I 186 56.05 -1.16 -32.78
CA LYS I 186 55.06 -0.58 -33.67
C LYS I 186 53.65 -0.89 -33.17
N SER I 187 52.68 -0.18 -33.75
CA SER I 187 51.27 -0.39 -33.43
C SER I 187 50.65 -1.25 -34.52
N ASN I 188 50.12 -2.41 -34.13
CA ASN I 188 49.51 -3.31 -35.11
C ASN I 188 48.21 -2.75 -35.68
N VAL I 189 47.57 -1.82 -34.98
CA VAL I 189 46.35 -1.17 -35.47
C VAL I 189 46.53 0.34 -35.36
N THR I 190 45.82 1.06 -36.23
CA THR I 190 45.89 2.51 -36.29
C THR I 190 44.53 3.09 -35.92
N GLU I 191 44.41 4.41 -36.04
CA GLU I 191 43.14 5.07 -35.77
C GLU I 191 42.09 4.60 -36.76
N GLY I 192 40.85 4.49 -36.29
CA GLY I 192 39.75 4.03 -37.10
C GLY I 192 39.50 2.54 -37.06
N ALA I 193 40.39 1.78 -36.41
CA ALA I 193 40.18 0.34 -36.30
C ALA I 193 39.09 0.03 -35.29
N LEU I 194 38.51 -1.16 -35.41
CA LEU I 194 37.50 -1.65 -34.49
C LEU I 194 38.08 -2.79 -33.66
N VAL I 195 37.98 -2.65 -32.34
CA VAL I 195 38.51 -3.65 -31.42
C VAL I 195 37.37 -4.26 -30.63
N GLN I 196 37.56 -5.50 -30.21
CA GLN I 196 36.57 -6.24 -29.44
C GLN I 196 37.13 -6.60 -28.08
N ASN I 197 36.24 -6.92 -27.15
CA ASN I 197 36.62 -7.19 -25.77
C ASN I 197 37.48 -8.45 -25.72
N GLY I 198 38.74 -8.29 -25.34
CA GLY I 198 39.64 -9.43 -25.18
C GLY I 198 39.91 -10.19 -26.47
N GLN I 199 40.14 -9.48 -27.57
CA GLN I 199 40.44 -10.14 -28.83
C GLN I 199 41.84 -10.75 -28.79
N ALA I 200 42.06 -11.74 -29.66
CA ALA I 200 43.35 -12.42 -29.70
C ALA I 200 44.44 -11.54 -30.31
N THR I 201 44.09 -10.70 -31.27
CA THR I 201 45.07 -9.86 -31.95
C THR I 201 45.52 -8.74 -31.02
N ALA I 202 46.79 -8.78 -30.63
CA ALA I 202 47.32 -7.78 -29.72
C ALA I 202 47.46 -6.43 -30.42
N LEU I 203 47.19 -5.36 -29.67
CA LEU I 203 47.33 -4.02 -30.23
C LEU I 203 48.80 -3.62 -30.36
N ALA I 204 49.61 -3.93 -29.34
CA ALA I 204 51.03 -3.61 -29.35
C ALA I 204 51.72 -4.52 -28.34
N THR I 205 53.03 -4.39 -28.24
CA THR I 205 53.83 -5.18 -27.32
C THR I 205 54.78 -4.28 -26.54
N VAL I 206 54.88 -4.53 -25.24
CA VAL I 206 55.78 -3.80 -24.36
C VAL I 206 56.73 -4.80 -23.72
N GLN I 207 58.03 -4.54 -23.83
CA GLN I 207 59.05 -5.48 -23.38
C GLN I 207 60.03 -4.81 -22.44
N GLN I 208 60.56 -5.60 -21.51
CA GLN I 208 61.64 -5.18 -20.62
C GLN I 208 62.93 -5.83 -21.08
N LEU I 209 64.02 -5.07 -21.07
CA LEU I 209 65.29 -5.55 -21.59
C LEU I 209 66.45 -5.50 -20.60
N ASP I 210 66.29 -4.83 -19.45
CA ASP I 210 67.42 -4.69 -18.54
C ASP I 210 67.90 -6.03 -17.99
N PRO I 211 67.03 -6.92 -17.45
CA PRO I 211 67.44 -8.33 -17.31
C PRO I 211 66.93 -9.14 -18.50
N ILE I 212 67.66 -10.19 -18.88
CA ILE I 212 67.24 -11.01 -20.02
C ILE I 212 67.29 -12.47 -19.62
N TYR I 213 66.41 -13.27 -20.23
CA TYR I 213 66.38 -14.71 -20.03
C TYR I 213 67.00 -15.38 -21.25
N VAL I 214 67.66 -16.51 -21.02
CA VAL I 214 68.25 -17.30 -22.09
C VAL I 214 67.76 -18.73 -21.91
N ASP I 215 67.00 -19.22 -22.89
CA ASP I 215 66.49 -20.59 -22.89
C ASP I 215 67.44 -21.43 -23.73
N VAL I 216 68.08 -22.41 -23.11
CA VAL I 216 69.13 -23.21 -23.71
C VAL I 216 68.62 -24.62 -23.88
N THR I 217 68.96 -25.26 -24.99
CA THR I 217 68.46 -26.60 -25.30
C THR I 217 69.60 -27.62 -25.18
N GLN I 218 69.37 -28.68 -24.42
CA GLN I 218 70.35 -29.75 -24.28
C GLN I 218 69.67 -31.10 -24.44
N SER I 219 70.34 -32.01 -25.15
CA SER I 219 69.78 -33.34 -25.36
C SER I 219 69.59 -34.06 -24.04
N SER I 220 68.51 -34.83 -23.94
CA SER I 220 68.17 -35.50 -22.69
C SER I 220 69.21 -36.53 -22.30
N ASN I 221 69.75 -37.25 -23.29
CA ASN I 221 70.73 -38.29 -23.00
C ASN I 221 71.98 -37.69 -22.35
N ASP I 222 72.46 -36.57 -22.88
CA ASP I 222 73.63 -35.92 -22.29
C ASP I 222 73.34 -35.39 -20.90
N PHE I 223 72.14 -34.85 -20.68
CA PHE I 223 71.76 -34.37 -19.36
C PHE I 223 71.76 -35.51 -18.35
N LEU I 224 71.16 -36.64 -18.72
CA LEU I 224 71.13 -37.79 -17.82
C LEU I 224 72.53 -38.34 -17.56
N ARG I 225 73.37 -38.37 -18.60
CA ARG I 225 74.74 -38.86 -18.41
C ARG I 225 75.52 -37.95 -17.48
N LEU I 226 75.36 -36.62 -17.63
CA LEU I 226 76.04 -35.69 -16.73
C LEU I 226 75.54 -35.84 -15.30
N LYS I 227 74.23 -36.02 -15.12
CA LYS I 227 73.70 -36.22 -13.78
C LYS I 227 74.25 -37.50 -13.15
N GLN I 228 74.30 -38.59 -13.93
CA GLN I 228 74.84 -39.85 -13.42
C GLN I 228 76.31 -39.70 -13.05
N GLU I 229 77.09 -39.01 -13.89
CA GLU I 229 78.50 -38.80 -13.59
C GLU I 229 78.67 -37.98 -12.33
N LEU I 230 77.84 -36.95 -12.15
CA LEU I 230 77.91 -36.13 -10.93
C LEU I 230 77.56 -36.96 -9.70
N ALA I 231 76.56 -37.84 -9.81
CA ALA I 231 76.11 -38.61 -8.66
C ALA I 231 77.11 -39.70 -8.25
N ASN I 232 78.11 -39.98 -9.08
CA ASN I 232 79.09 -41.01 -8.79
C ASN I 232 80.35 -40.47 -8.12
N GLY I 233 80.40 -39.18 -7.81
CA GLY I 233 81.57 -38.58 -7.20
C GLY I 233 82.68 -38.20 -8.14
N THR I 234 82.52 -38.43 -9.44
CA THR I 234 83.55 -38.07 -10.41
C THR I 234 83.52 -36.58 -10.74
N LEU I 235 82.42 -35.89 -10.45
CA LEU I 235 82.29 -34.47 -10.70
C LEU I 235 82.07 -33.73 -9.39
N LYS I 236 82.43 -32.45 -9.38
CA LYS I 236 82.33 -31.60 -8.21
C LYS I 236 81.44 -30.40 -8.50
N GLN I 237 80.70 -29.97 -7.47
CA GLN I 237 79.85 -28.79 -7.55
C GLN I 237 80.43 -27.69 -6.67
N GLU I 238 80.10 -26.44 -7.01
CA GLU I 238 80.63 -25.28 -6.31
C GLU I 238 79.46 -24.38 -5.89
N ASN I 239 79.30 -24.22 -4.57
CA ASN I 239 78.35 -23.28 -3.99
C ASN I 239 76.93 -23.49 -4.51
N GLY I 240 76.52 -22.69 -5.49
CA GLY I 240 75.15 -22.71 -5.95
C GLY I 240 75.00 -22.80 -7.46
N LYS I 241 74.29 -21.82 -8.03
CA LYS I 241 73.97 -21.85 -9.46
C LYS I 241 75.24 -21.70 -10.30
N ALA I 242 75.38 -22.58 -11.29
CA ALA I 242 76.55 -22.57 -12.16
C ALA I 242 76.55 -21.35 -13.07
N LYS I 243 77.75 -20.85 -13.35
CA LYS I 243 77.90 -19.68 -14.20
C LYS I 243 77.66 -20.05 -15.66
N VAL I 244 77.09 -19.10 -16.41
CA VAL I 244 76.78 -19.27 -17.82
C VAL I 244 77.50 -18.18 -18.60
N SER I 245 78.31 -18.59 -19.57
CA SER I 245 78.98 -17.65 -20.46
C SER I 245 78.27 -17.64 -21.81
N LEU I 246 78.35 -16.50 -22.50
CA LEU I 246 77.64 -16.32 -23.77
C LEU I 246 78.62 -16.16 -24.92
N ILE I 247 78.26 -16.73 -26.06
CA ILE I 247 78.96 -16.50 -27.32
C ILE I 247 77.92 -16.07 -28.35
N THR I 248 78.17 -14.95 -29.01
CA THR I 248 77.23 -14.39 -29.97
C THR I 248 77.47 -15.02 -31.34
N SER I 249 76.75 -14.53 -32.36
CA SER I 249 76.89 -15.08 -33.70
C SER I 249 78.29 -14.87 -34.25
N ASP I 250 78.87 -13.69 -34.03
CA ASP I 250 80.20 -13.40 -34.54
C ASP I 250 81.30 -14.13 -33.78
N GLY I 251 80.98 -14.78 -32.66
CA GLY I 251 81.97 -15.45 -31.85
C GLY I 251 82.57 -14.60 -30.76
N ILE I 252 82.22 -13.32 -30.68
CA ILE I 252 82.74 -12.45 -29.64
C ILE I 252 82.08 -12.79 -28.32
N LYS I 253 82.89 -12.94 -27.27
CA LYS I 253 82.36 -13.24 -25.95
C LYS I 253 81.59 -12.04 -25.40
N PHE I 254 80.40 -12.30 -24.89
CA PHE I 254 79.59 -11.23 -24.31
C PHE I 254 80.17 -10.84 -22.96
N PRO I 255 80.46 -9.54 -22.74
CA PRO I 255 81.28 -9.16 -21.58
C PRO I 255 80.72 -9.58 -20.23
N GLN I 256 79.40 -9.52 -20.05
CA GLN I 256 78.83 -9.85 -18.75
C GLN I 256 78.60 -11.35 -18.61
N ASP I 257 78.45 -11.80 -17.38
CA ASP I 257 78.22 -13.20 -17.06
C ASP I 257 76.86 -13.34 -16.39
N GLY I 258 76.24 -14.50 -16.60
CA GLY I 258 74.92 -14.78 -16.06
C GLY I 258 74.93 -15.99 -15.14
N THR I 259 73.75 -16.29 -14.61
CA THR I 259 73.55 -17.43 -13.74
C THR I 259 72.53 -18.37 -14.36
N LEU I 260 72.45 -19.59 -13.80
CA LEU I 260 71.56 -20.61 -14.32
C LEU I 260 70.54 -20.98 -13.24
N GLU I 261 69.26 -20.87 -13.58
CA GLU I 261 68.18 -21.29 -12.70
C GLU I 261 67.27 -22.25 -13.46
N PHE I 262 67.26 -23.51 -13.04
CA PHE I 262 66.48 -24.53 -13.73
C PHE I 262 64.99 -24.19 -13.68
N SER I 263 64.31 -24.37 -14.80
CA SER I 263 62.89 -24.09 -14.88
C SER I 263 62.05 -25.26 -15.40
N ASP I 264 62.52 -25.99 -16.41
CA ASP I 264 61.73 -27.00 -17.08
C ASP I 264 62.41 -28.35 -16.98
N VAL I 265 61.69 -29.34 -16.45
CA VAL I 265 62.24 -30.67 -16.23
C VAL I 265 61.66 -31.72 -17.17
N THR I 266 60.54 -31.45 -17.82
CA THR I 266 59.96 -32.41 -18.75
C THR I 266 60.80 -32.47 -20.03
N VAL I 267 60.68 -33.60 -20.73
CA VAL I 267 61.38 -33.84 -21.97
C VAL I 267 60.39 -33.69 -23.12
N ASP I 268 60.76 -32.87 -24.10
CA ASP I 268 59.87 -32.65 -25.24
C ASP I 268 59.80 -33.89 -26.12
N GLN I 269 58.69 -34.03 -26.83
CA GLN I 269 58.41 -35.27 -27.56
C GLN I 269 58.94 -35.25 -28.99
N THR I 270 58.94 -34.10 -29.65
CA THR I 270 59.36 -34.02 -31.04
C THR I 270 60.82 -33.58 -31.21
N THR I 271 61.52 -33.31 -30.11
CA THR I 271 62.94 -32.97 -30.18
C THR I 271 63.80 -33.71 -29.16
N GLY I 272 63.21 -34.35 -28.16
CA GLY I 272 63.98 -35.12 -27.20
C GLY I 272 65.01 -34.31 -26.44
N SER I 273 64.65 -33.10 -26.03
CA SER I 273 65.61 -32.20 -25.39
C SER I 273 64.96 -31.54 -24.18
N ILE I 274 65.82 -31.11 -23.26
CA ILE I 274 65.42 -30.41 -22.04
C ILE I 274 65.88 -28.97 -22.16
N THR I 275 65.05 -28.05 -21.69
CA THR I 275 65.32 -26.62 -21.78
C THR I 275 65.80 -26.10 -20.43
N LEU I 276 67.06 -25.71 -20.36
CA LEU I 276 67.61 -25.00 -19.22
C LEU I 276 67.29 -23.52 -19.35
N ARG I 277 67.24 -22.83 -18.21
CA ARG I 277 66.98 -21.39 -18.19
C ARG I 277 68.12 -20.69 -17.48
N ALA I 278 68.54 -19.55 -18.03
CA ALA I 278 69.59 -18.73 -17.46
C ALA I 278 69.14 -17.28 -17.44
N ILE I 279 69.71 -16.51 -16.52
CA ILE I 279 69.43 -15.09 -16.41
C ILE I 279 70.73 -14.33 -16.65
N PHE I 280 70.62 -13.20 -17.35
CA PHE I 280 71.77 -12.38 -17.72
C PHE I 280 71.46 -10.91 -17.47
N PRO I 281 72.42 -10.14 -16.95
CA PRO I 281 72.24 -8.69 -16.90
C PRO I 281 72.54 -8.06 -18.25
N ASN I 282 71.65 -7.19 -18.70
CA ASN I 282 71.78 -6.53 -20.01
C ASN I 282 71.60 -5.03 -19.82
N PRO I 283 72.63 -4.33 -19.36
CA PRO I 283 72.50 -2.89 -19.15
C PRO I 283 72.70 -2.08 -20.43
N ASP I 284 73.47 -2.63 -21.37
CA ASP I 284 73.79 -1.93 -22.61
C ASP I 284 72.82 -2.24 -23.74
N HIS I 285 71.83 -3.11 -23.51
CA HIS I 285 70.87 -3.51 -24.52
C HIS I 285 71.57 -4.08 -25.76
N THR I 286 72.66 -4.81 -25.54
CA THR I 286 73.45 -5.32 -26.65
C THR I 286 72.81 -6.56 -27.27
N LEU I 287 71.94 -7.26 -26.52
CA LEU I 287 71.25 -8.43 -27.03
C LEU I 287 69.75 -8.22 -26.92
N LEU I 288 69.05 -8.40 -28.03
CA LEU I 288 67.62 -8.21 -28.15
C LEU I 288 66.89 -9.53 -27.93
N PRO I 289 65.60 -9.49 -27.60
CA PRO I 289 64.86 -10.76 -27.45
C PRO I 289 64.72 -11.49 -28.77
N GLY I 290 64.93 -12.80 -28.72
CA GLY I 290 64.66 -13.67 -29.84
C GLY I 290 65.85 -14.13 -30.64
N MET I 291 67.03 -13.53 -30.45
CA MET I 291 68.17 -13.90 -31.28
C MET I 291 68.75 -15.25 -30.84
N PHE I 292 69.80 -15.67 -31.53
CA PHE I 292 70.44 -16.97 -31.32
C PHE I 292 71.77 -16.77 -30.63
N VAL I 293 72.01 -17.52 -29.55
CA VAL I 293 73.25 -17.44 -28.79
C VAL I 293 73.72 -18.85 -28.46
N ARG I 294 74.99 -18.96 -28.09
CA ARG I 294 75.57 -20.22 -27.65
C ARG I 294 76.01 -20.06 -26.19
N ALA I 295 75.43 -20.86 -25.30
CA ALA I 295 75.71 -20.76 -23.88
C ALA I 295 76.69 -21.85 -23.47
N ARG I 296 77.79 -21.43 -22.85
CA ARG I 296 78.80 -22.35 -22.31
C ARG I 296 78.58 -22.47 -20.81
N LEU I 297 78.38 -23.70 -20.35
CA LEU I 297 78.05 -23.98 -18.96
C LEU I 297 79.30 -24.38 -18.19
N GLU I 298 79.09 -24.71 -16.91
CA GLU I 298 80.15 -25.21 -16.04
C GLU I 298 79.64 -26.44 -15.30
N GLU I 299 80.47 -27.48 -15.23
CA GLU I 299 80.12 -28.71 -14.54
C GLU I 299 81.01 -28.96 -13.32
N GLY I 300 82.33 -28.96 -13.50
CA GLY I 300 83.21 -29.26 -12.39
C GLY I 300 84.66 -29.24 -12.84
N LEU I 301 85.53 -29.71 -11.96
CA LEU I 301 86.96 -29.70 -12.22
C LEU I 301 87.56 -31.08 -12.43
N ASN I 302 86.85 -32.16 -12.10
CA ASN I 302 87.30 -33.53 -12.33
C ASN I 302 88.71 -33.73 -11.77
N PRO I 303 88.85 -33.81 -10.44
CA PRO I 303 90.21 -33.75 -9.85
C PRO I 303 91.22 -34.70 -10.44
N ASN I 304 90.94 -36.01 -10.45
CA ASN I 304 91.87 -37.01 -10.96
C ASN I 304 91.43 -37.42 -12.36
N ALA I 305 92.13 -36.90 -13.37
CA ALA I 305 91.88 -37.23 -14.76
C ALA I 305 93.18 -37.63 -15.44
N ILE I 306 93.11 -38.64 -16.29
CA ILE I 306 94.28 -39.19 -16.96
C ILE I 306 94.13 -38.99 -18.47
N LEU I 307 95.12 -38.35 -19.08
CA LEU I 307 95.11 -38.04 -20.50
C LEU I 307 96.27 -38.74 -21.17
N VAL I 308 96.01 -39.35 -22.33
CA VAL I 308 97.03 -40.07 -23.08
C VAL I 308 96.98 -39.62 -24.54
N PRO I 309 98.12 -39.33 -25.17
CA PRO I 309 98.09 -38.89 -26.58
C PRO I 309 97.45 -39.94 -27.48
N GLN I 310 96.78 -39.45 -28.52
CA GLN I 310 95.99 -40.34 -29.37
C GLN I 310 96.86 -41.36 -30.09
N GLN I 311 98.09 -40.99 -30.41
CA GLN I 311 98.96 -41.89 -31.16
C GLN I 311 99.40 -43.10 -30.33
N GLY I 312 99.17 -43.08 -29.03
CA GLY I 312 99.57 -44.17 -28.16
C GLY I 312 98.52 -45.22 -27.87
N VAL I 313 97.28 -45.01 -28.30
CA VAL I 313 96.16 -45.91 -27.98
C VAL I 313 95.73 -46.62 -29.24
N THR I 314 95.59 -47.94 -29.17
CA THR I 314 95.10 -48.74 -30.29
C THR I 314 93.86 -49.50 -29.85
N ARG I 315 93.24 -50.21 -30.79
CA ARG I 315 92.01 -50.94 -30.51
C ARG I 315 92.11 -52.36 -31.05
N THR I 316 91.51 -53.29 -30.33
CA THR I 316 91.45 -54.69 -30.73
C THR I 316 90.44 -54.89 -31.85
N PRO I 317 90.54 -56.00 -32.59
CA PRO I 317 89.49 -56.32 -33.56
C PRO I 317 88.11 -56.43 -32.94
N ARG I 318 88.02 -56.85 -31.68
CA ARG I 318 86.72 -56.94 -31.02
C ARG I 318 86.14 -55.55 -30.75
N GLY I 319 86.97 -54.63 -30.25
CA GLY I 319 86.51 -53.28 -30.01
C GLY I 319 87.09 -52.62 -28.77
N ASP I 320 87.76 -53.39 -27.91
CA ASP I 320 88.36 -52.82 -26.71
C ASP I 320 89.57 -51.97 -27.07
N ALA I 321 89.89 -51.05 -26.17
CA ALA I 321 91.03 -50.16 -26.33
C ALA I 321 92.20 -50.66 -25.50
N THR I 322 93.39 -50.67 -26.11
CA THR I 322 94.60 -51.10 -25.42
C THR I 322 95.71 -50.07 -25.62
N VAL I 323 96.72 -50.19 -24.77
CA VAL I 323 97.92 -49.36 -24.82
C VAL I 323 99.11 -50.29 -24.60
N LEU I 324 100.29 -49.79 -24.96
CA LEU I 324 101.54 -50.51 -24.71
C LEU I 324 102.31 -49.77 -23.62
N VAL I 325 102.59 -50.46 -22.51
CA VAL I 325 103.23 -49.86 -21.35
C VAL I 325 104.54 -50.60 -21.08
N VAL I 326 105.62 -49.83 -20.91
CA VAL I 326 106.89 -50.44 -20.59
C VAL I 326 106.89 -50.89 -19.13
N GLY I 327 107.61 -51.98 -18.86
CA GLY I 327 107.68 -52.53 -17.52
C GLY I 327 108.83 -51.97 -16.72
N ALA I 328 108.93 -52.45 -15.47
CA ALA I 328 110.05 -52.07 -14.62
C ALA I 328 111.37 -52.58 -15.19
N ASP I 329 111.35 -53.77 -15.79
CA ASP I 329 112.52 -54.35 -16.42
C ASP I 329 112.71 -53.89 -17.86
N ASP I 330 112.12 -52.75 -18.23
CA ASP I 330 112.19 -52.22 -19.59
C ASP I 330 111.66 -53.21 -20.62
N LYS I 331 110.60 -53.93 -20.25
CA LYS I 331 109.93 -54.87 -21.14
C LYS I 331 108.51 -54.37 -21.37
N VAL I 332 108.13 -54.25 -22.64
CA VAL I 332 106.83 -53.70 -23.01
C VAL I 332 105.76 -54.77 -22.90
N GLU I 333 104.57 -54.36 -22.45
CA GLU I 333 103.44 -55.27 -22.31
C GLU I 333 102.17 -54.54 -22.72
N THR I 334 101.20 -55.30 -23.21
CA THR I 334 99.91 -54.74 -23.63
C THR I 334 98.98 -54.66 -22.43
N ARG I 335 98.41 -53.48 -22.21
CA ARG I 335 97.52 -53.23 -21.08
C ARG I 335 96.18 -52.74 -21.63
N PRO I 336 95.08 -53.45 -21.35
CA PRO I 336 93.76 -52.96 -21.77
C PRO I 336 93.29 -51.81 -20.90
N ILE I 337 92.53 -50.90 -21.51
CA ILE I 337 91.97 -49.74 -20.86
C ILE I 337 90.59 -49.47 -21.44
N VAL I 338 89.93 -48.44 -20.93
CA VAL I 338 88.68 -47.95 -21.49
C VAL I 338 88.84 -46.46 -21.77
N ALA I 339 88.80 -46.09 -23.05
CA ALA I 339 88.92 -44.70 -23.48
C ALA I 339 87.56 -44.24 -23.98
N SER I 340 86.92 -43.35 -23.23
CA SER I 340 85.56 -42.92 -23.52
C SER I 340 85.49 -41.60 -24.27
N GLN I 341 86.27 -40.60 -23.86
CA GLN I 341 86.19 -39.27 -24.43
C GLN I 341 87.52 -38.91 -25.08
N ALA I 342 87.44 -38.14 -26.17
CA ALA I 342 88.61 -37.63 -26.87
C ALA I 342 88.55 -36.11 -26.87
N ILE I 343 89.54 -35.49 -26.23
CA ILE I 343 89.59 -34.04 -26.11
C ILE I 343 90.91 -33.56 -26.70
N GLY I 344 90.83 -32.54 -27.57
CA GLY I 344 92.00 -32.05 -28.25
C GLY I 344 92.65 -33.11 -29.10
N ASP I 345 93.81 -33.61 -28.66
CA ASP I 345 94.48 -34.72 -29.33
C ASP I 345 94.85 -35.80 -28.31
N LYS I 346 94.07 -35.92 -27.25
CA LYS I 346 94.32 -36.88 -26.18
C LYS I 346 93.04 -37.59 -25.78
N TRP I 347 93.14 -38.91 -25.59
CA TRP I 347 92.07 -39.66 -24.98
C TRP I 347 92.08 -39.45 -23.47
N LEU I 348 90.88 -39.36 -22.89
CA LEU I 348 90.69 -39.25 -21.45
C LEU I 348 90.37 -40.64 -20.93
N VAL I 349 91.35 -41.31 -20.38
CA VAL I 349 91.17 -42.68 -19.90
C VAL I 349 90.74 -42.63 -18.44
N THR I 350 89.90 -43.58 -18.05
CA THR I 350 89.31 -43.60 -16.72
C THR I 350 89.70 -44.83 -15.90
N GLU I 351 89.75 -46.00 -16.51
CA GLU I 351 90.02 -47.25 -15.80
C GLU I 351 91.07 -48.05 -16.55
N GLY I 352 91.96 -48.68 -15.80
CA GLY I 352 92.98 -49.56 -16.37
C GLY I 352 94.38 -48.97 -16.41
N LEU I 353 94.52 -47.66 -16.25
CA LEU I 353 95.82 -47.00 -16.27
C LEU I 353 96.06 -46.33 -14.93
N LYS I 354 97.23 -46.56 -14.35
CA LYS I 354 97.62 -46.03 -13.05
C LYS I 354 98.53 -44.82 -13.25
N ALA I 355 98.28 -43.76 -12.50
CA ALA I 355 99.13 -42.58 -12.57
C ALA I 355 100.58 -42.94 -12.22
N GLY I 356 101.51 -42.45 -13.03
CA GLY I 356 102.91 -42.77 -12.86
C GLY I 356 103.45 -43.79 -13.84
N ASP I 357 102.58 -44.48 -14.57
CA ASP I 357 103.04 -45.46 -15.55
C ASP I 357 103.70 -44.77 -16.74
N ARG I 358 104.31 -45.58 -17.60
CA ARG I 358 105.04 -45.09 -18.77
C ARG I 358 104.41 -45.66 -20.03
N VAL I 359 104.10 -44.78 -20.98
CA VAL I 359 103.38 -45.15 -22.20
C VAL I 359 104.23 -44.81 -23.41
N VAL I 360 104.39 -45.77 -24.30
CA VAL I 360 105.14 -45.55 -25.54
C VAL I 360 104.29 -44.73 -26.50
N ILE I 361 104.94 -43.77 -27.16
CA ILE I 361 104.24 -42.90 -28.10
C ILE I 361 104.82 -43.09 -29.51
N SER I 362 106.10 -43.42 -29.58
CA SER I 362 106.79 -43.55 -30.85
C SER I 362 107.54 -44.88 -30.90
N GLY I 363 107.76 -45.37 -32.11
CA GLY I 363 108.48 -46.61 -32.32
C GLY I 363 107.66 -47.87 -32.16
N LEU I 364 106.32 -47.76 -32.09
CA LEU I 364 105.49 -48.95 -31.99
C LEU I 364 105.59 -49.84 -33.23
N GLN I 365 105.95 -49.27 -34.37
CA GLN I 365 106.07 -50.06 -35.59
C GLN I 365 107.29 -50.96 -35.58
N LYS I 366 108.30 -50.64 -34.78
CA LYS I 366 109.54 -51.41 -34.71
C LYS I 366 109.66 -52.21 -33.43
N VAL I 367 108.58 -52.33 -32.64
CA VAL I 367 108.61 -53.02 -31.37
C VAL I 367 107.44 -54.00 -31.31
N ARG I 368 107.73 -55.22 -30.88
CA ARG I 368 106.87 -56.37 -30.63
C ARG I 368 106.66 -56.53 -29.12
N PRO I 369 105.48 -56.95 -28.68
CA PRO I 369 105.26 -57.14 -27.24
C PRO I 369 106.19 -58.20 -26.67
N GLY I 370 106.59 -57.99 -25.41
CA GLY I 370 107.41 -58.95 -24.70
C GLY I 370 108.90 -58.86 -24.93
N VAL I 371 109.38 -57.75 -25.49
CA VAL I 371 110.81 -57.58 -25.75
C VAL I 371 111.32 -56.41 -24.91
N GLN I 372 112.64 -56.36 -24.76
CA GLN I 372 113.29 -55.32 -23.99
C GLN I 372 113.75 -54.20 -24.92
N VAL I 373 113.39 -52.95 -24.58
CA VAL I 373 113.70 -51.79 -25.39
C VAL I 373 114.24 -50.68 -24.50
N LYS I 374 114.89 -49.71 -25.14
CA LYS I 374 115.28 -48.46 -24.49
C LYS I 374 114.13 -47.47 -24.59
N ALA I 375 113.93 -46.69 -23.52
CA ALA I 375 112.85 -45.73 -23.44
C ALA I 375 113.40 -44.36 -23.10
N GLN I 376 113.05 -43.35 -23.90
CA GLN I 376 113.43 -41.97 -23.61
C GLN I 376 112.19 -41.09 -23.50
N GLU I 377 112.20 -40.20 -22.51
CA GLU I 377 111.14 -39.21 -22.37
C GLU I 377 111.16 -38.24 -23.55
N VAL I 378 109.98 -37.81 -23.97
CA VAL I 378 109.83 -36.93 -25.13
C VAL I 378 108.98 -35.73 -24.72
N THR I 379 109.41 -34.55 -25.12
CA THR I 379 108.67 -33.32 -24.86
C THR I 379 108.28 -32.62 -26.15
N GLN J 36 88.95 -93.36 -38.19
CA GLN J 36 89.08 -93.93 -36.86
C GLN J 36 87.74 -94.01 -36.14
N MET J 37 87.73 -93.68 -34.85
CA MET J 37 86.55 -93.73 -34.02
C MET J 37 86.37 -92.37 -33.35
N PRO J 38 85.71 -91.42 -34.01
CA PRO J 38 85.57 -90.08 -33.43
C PRO J 38 84.70 -90.09 -32.19
N ALA J 39 85.04 -89.18 -31.27
CA ALA J 39 84.27 -88.95 -30.05
C ALA J 39 83.99 -87.46 -29.92
N VAL J 40 82.77 -87.12 -29.53
CA VAL J 40 82.30 -85.74 -29.54
C VAL J 40 81.53 -85.45 -28.25
N GLY J 41 81.69 -84.24 -27.73
CA GLY J 41 80.92 -83.83 -26.57
C GLY J 41 79.47 -83.56 -26.94
N VAL J 42 78.55 -84.27 -26.29
CA VAL J 42 77.15 -84.28 -26.67
C VAL J 42 76.30 -84.10 -25.41
N VAL J 43 75.08 -83.57 -25.59
CA VAL J 43 74.15 -83.42 -24.48
C VAL J 43 72.83 -84.11 -24.81
N THR J 44 71.87 -84.03 -23.89
CA THR J 44 70.56 -84.65 -24.06
C THR J 44 69.48 -83.58 -23.99
N VAL J 45 68.34 -83.84 -24.63
CA VAL J 45 67.26 -82.88 -24.69
C VAL J 45 66.32 -83.08 -23.50
N LYS J 46 66.04 -82.01 -22.78
CA LYS J 46 65.09 -82.03 -21.68
C LYS J 46 64.21 -80.80 -21.74
N THR J 47 62.99 -80.92 -21.20
CA THR J 47 62.02 -79.84 -21.20
C THR J 47 62.15 -79.06 -19.90
N GLU J 48 62.39 -77.76 -20.02
CA GLU J 48 62.56 -76.87 -18.87
C GLU J 48 61.65 -75.66 -19.02
N PRO J 49 61.03 -75.22 -17.92
CA PRO J 49 60.21 -74.00 -17.98
C PRO J 49 61.07 -72.79 -18.31
N LEU J 50 60.49 -71.88 -19.10
CA LEU J 50 61.20 -70.70 -19.55
C LEU J 50 60.26 -69.51 -19.54
N GLN J 51 60.72 -68.40 -18.98
CA GLN J 51 59.95 -67.17 -18.98
C GLN J 51 59.93 -66.56 -20.37
N ILE J 52 58.78 -65.99 -20.74
CA ILE J 52 58.58 -65.41 -22.07
C ILE J 52 58.54 -63.90 -21.92
N THR J 53 59.39 -63.21 -22.68
CA THR J 53 59.52 -61.76 -22.61
C THR J 53 59.35 -61.16 -24.00
N THR J 54 58.65 -60.03 -24.06
CA THR J 54 58.43 -59.30 -25.31
C THR J 54 58.98 -57.89 -25.13
N GLU J 55 59.67 -57.39 -26.16
CA GLU J 55 60.23 -56.04 -26.14
C GLU J 55 59.31 -55.11 -26.91
N LEU J 56 58.84 -54.05 -26.25
CA LEU J 56 57.91 -53.12 -26.87
C LEU J 56 58.37 -51.69 -26.67
N PRO J 57 58.12 -50.80 -27.64
CA PRO J 57 58.48 -49.40 -27.47
C PRO J 57 57.36 -48.59 -26.83
N GLY J 58 57.77 -47.55 -26.11
CA GLY J 58 56.79 -46.69 -25.49
C GLY J 58 57.40 -45.39 -25.01
N ARG J 59 56.57 -44.60 -24.35
CA ARG J 59 56.96 -43.29 -23.84
C ARG J 59 56.51 -43.14 -22.40
N THR J 60 57.27 -42.36 -21.63
CA THR J 60 56.93 -42.13 -20.24
C THR J 60 55.96 -40.96 -20.10
N SER J 61 55.33 -40.89 -18.93
CA SER J 61 54.36 -39.84 -18.66
C SER J 61 54.26 -39.64 -17.15
N ALA J 62 53.88 -38.42 -16.77
CA ALA J 62 53.83 -38.06 -15.36
C ALA J 62 52.66 -38.75 -14.66
N TYR J 63 52.83 -38.99 -13.36
CA TYR J 63 51.78 -39.62 -12.57
C TYR J 63 50.54 -38.74 -12.50
N ARG J 64 50.73 -37.45 -12.27
CA ARG J 64 49.62 -36.50 -12.17
C ARG J 64 50.12 -35.15 -12.65
N ILE J 65 49.55 -34.66 -13.74
CA ILE J 65 49.93 -33.39 -14.34
C ILE J 65 48.70 -32.51 -14.41
N ALA J 66 48.82 -31.28 -13.90
CA ALA J 66 47.74 -30.31 -13.92
C ALA J 66 48.23 -29.04 -14.60
N GLU J 67 47.50 -28.60 -15.62
CA GLU J 67 47.78 -27.33 -16.28
C GLU J 67 46.96 -26.24 -15.60
N VAL J 68 47.63 -25.16 -15.23
CA VAL J 68 47.00 -24.09 -14.46
C VAL J 68 46.33 -23.13 -15.44
N ARG J 69 45.01 -23.01 -15.34
CA ARG J 69 44.23 -22.12 -16.17
C ARG J 69 43.44 -21.16 -15.30
N PRO J 70 43.27 -19.91 -15.73
CA PRO J 70 42.54 -18.93 -14.91
C PRO J 70 41.04 -19.19 -14.92
N GLN J 71 40.44 -19.07 -13.74
CA GLN J 71 38.99 -19.20 -13.60
C GLN J 71 38.27 -17.87 -13.75
N VAL J 72 39.00 -16.76 -13.88
CA VAL J 72 38.43 -15.44 -14.03
C VAL J 72 39.11 -14.76 -15.21
N SER J 73 38.70 -13.52 -15.48
CA SER J 73 39.26 -12.72 -16.57
C SER J 73 39.77 -11.40 -16.03
N GLY J 74 41.00 -11.06 -16.37
CA GLY J 74 41.59 -9.83 -15.90
C GLY J 74 43.06 -9.77 -16.26
N ILE J 75 43.70 -8.72 -15.79
CA ILE J 75 45.14 -8.51 -16.02
C ILE J 75 45.91 -9.02 -14.82
N ILE J 76 47.13 -9.45 -15.05
CA ILE J 76 47.99 -10.02 -14.02
C ILE J 76 48.85 -8.90 -13.43
N LEU J 77 49.08 -8.96 -12.13
CA LEU J 77 49.90 -7.95 -11.46
C LEU J 77 51.16 -8.50 -10.82
N LYS J 78 51.16 -9.76 -10.39
CA LYS J 78 52.29 -10.29 -9.65
C LYS J 78 52.36 -11.81 -9.82
N ARG J 79 53.57 -12.33 -9.84
CA ARG J 79 53.83 -13.76 -9.83
C ARG J 79 54.37 -14.13 -8.45
N ASN J 80 53.67 -15.00 -7.75
CA ASN J 80 53.95 -15.28 -6.34
C ASN J 80 54.83 -16.50 -6.12
N PHE J 81 55.34 -17.12 -7.18
CA PHE J 81 56.15 -18.32 -7.05
C PHE J 81 57.41 -18.19 -7.91
N LYS J 82 58.46 -18.90 -7.49
CA LYS J 82 59.71 -18.95 -8.23
C LYS J 82 59.73 -20.22 -9.09
N GLU J 83 60.20 -20.07 -10.32
CA GLU J 83 60.16 -21.16 -11.28
C GLU J 83 61.10 -22.29 -10.86
N GLY J 84 60.70 -23.52 -11.21
CA GLY J 84 61.51 -24.68 -10.92
C GLY J 84 61.64 -25.01 -9.44
N SER J 85 60.56 -24.91 -8.68
CA SER J 85 60.57 -25.19 -7.26
C SER J 85 59.38 -26.06 -6.91
N ASP J 86 59.56 -26.93 -5.92
CA ASP J 86 58.48 -27.79 -5.46
C ASP J 86 57.38 -26.94 -4.82
N ILE J 87 56.14 -27.23 -5.18
CA ILE J 87 55.00 -26.40 -4.81
C ILE J 87 54.04 -27.22 -3.96
N GLU J 88 53.60 -26.65 -2.85
CA GLU J 88 52.59 -27.28 -2.01
C GLU J 88 51.20 -26.95 -2.53
N ALA J 89 50.28 -27.88 -2.34
CA ALA J 89 48.91 -27.71 -2.84
C ALA J 89 48.22 -26.56 -2.11
N GLY J 90 47.43 -25.80 -2.88
CA GLY J 90 46.70 -24.67 -2.34
C GLY J 90 47.47 -23.37 -2.23
N VAL J 91 48.75 -23.36 -2.62
CA VAL J 91 49.55 -22.15 -2.54
C VAL J 91 49.24 -21.27 -3.75
N SER J 92 48.97 -19.99 -3.49
CA SER J 92 48.63 -19.06 -4.57
C SER J 92 49.82 -18.87 -5.50
N LEU J 93 49.54 -18.83 -6.80
CA LEU J 93 50.56 -18.69 -7.83
C LEU J 93 50.63 -17.29 -8.41
N TYR J 94 49.52 -16.76 -8.90
CA TYR J 94 49.49 -15.45 -9.55
C TYR J 94 48.57 -14.51 -8.76
N GLN J 95 48.35 -13.31 -9.32
CA GLN J 95 47.45 -12.34 -8.72
C GLN J 95 46.81 -11.55 -9.85
N ILE J 96 45.59 -11.93 -10.21
CA ILE J 96 44.83 -11.24 -11.25
C ILE J 96 44.14 -10.03 -10.62
N ASP J 97 43.73 -9.09 -11.46
CA ASP J 97 43.16 -7.83 -10.96
C ASP J 97 41.81 -8.08 -10.28
N PRO J 98 41.67 -7.76 -9.00
CA PRO J 98 40.42 -8.07 -8.27
C PRO J 98 39.43 -6.91 -8.14
N ALA J 99 39.64 -5.80 -8.83
CA ALA J 99 38.85 -4.60 -8.57
C ALA J 99 37.36 -4.84 -8.85
N THR J 100 37.04 -5.39 -10.02
CA THR J 100 35.63 -5.66 -10.35
C THR J 100 35.01 -6.65 -9.38
N TYR J 101 35.76 -7.71 -9.04
CA TYR J 101 35.25 -8.70 -8.11
C TYR J 101 35.15 -8.13 -6.70
N GLN J 102 36.04 -7.20 -6.34
CA GLN J 102 35.91 -6.51 -5.07
C GLN J 102 34.63 -5.69 -5.01
N ALA J 103 34.31 -4.98 -6.11
CA ALA J 103 33.06 -4.22 -6.15
C ALA J 103 31.85 -5.14 -6.03
N THR J 104 31.88 -6.28 -6.73
CA THR J 104 30.77 -7.23 -6.63
C THR J 104 30.63 -7.76 -5.21
N TYR J 105 31.76 -8.06 -4.55
CA TYR J 105 31.73 -8.53 -3.18
C TYR J 105 31.14 -7.47 -2.24
N ASP J 106 31.50 -6.21 -2.45
CA ASP J 106 30.95 -5.14 -1.62
C ASP J 106 29.44 -5.01 -1.81
N SER J 107 28.98 -5.14 -3.06
CA SER J 107 27.54 -5.11 -3.31
C SER J 107 26.83 -6.25 -2.58
N ALA J 108 27.40 -7.45 -2.63
CA ALA J 108 26.80 -8.58 -1.94
C ALA J 108 26.76 -8.34 -0.43
N LYS J 109 27.82 -7.77 0.13
CA LYS J 109 27.84 -7.49 1.56
C LYS J 109 26.76 -6.48 1.94
N GLY J 110 26.58 -5.45 1.11
CA GLY J 110 25.51 -4.49 1.39
C GLY J 110 24.14 -5.11 1.36
N ASP J 111 23.88 -5.97 0.37
CA ASP J 111 22.60 -6.66 0.32
C ASP J 111 22.39 -7.53 1.56
N LEU J 112 23.45 -8.23 1.99
CA LEU J 112 23.35 -9.05 3.19
C LEU J 112 23.04 -8.22 4.42
N ALA J 113 23.67 -7.05 4.54
CA ALA J 113 23.40 -6.17 5.67
C ALA J 113 21.95 -5.71 5.69
N LYS J 114 21.41 -5.34 4.52
CA LYS J 114 20.01 -4.92 4.46
C LYS J 114 19.08 -6.05 4.90
N ALA J 115 19.33 -7.26 4.41
CA ALA J 115 18.50 -8.40 4.79
C ALA J 115 18.60 -8.67 6.29
N GLN J 116 19.81 -8.53 6.85
CA GLN J 116 19.99 -8.77 8.28
C GLN J 116 19.23 -7.75 9.11
N ALA J 117 19.22 -6.48 8.69
CA ALA J 117 18.45 -5.48 9.41
C ALA J 117 16.95 -5.80 9.39
N ALA J 118 16.45 -6.21 8.22
CA ALA J 118 15.04 -6.59 8.15
C ALA J 118 14.74 -7.77 9.08
N ALA J 119 15.60 -8.78 9.09
CA ALA J 119 15.40 -9.92 9.96
C ALA J 119 15.42 -9.51 11.43
N ASN J 120 16.31 -8.59 11.79
CA ASN J 120 16.40 -8.14 13.18
C ASN J 120 15.12 -7.46 13.63
N ILE J 121 14.59 -6.55 12.82
CA ILE J 121 13.37 -5.87 13.23
C ILE J 121 12.20 -6.85 13.30
N ALA J 122 12.15 -7.81 12.37
CA ALA J 122 11.10 -8.81 12.42
C ALA J 122 11.18 -9.65 13.70
N GLN J 123 12.40 -10.04 14.09
CA GLN J 123 12.57 -10.83 15.31
C GLN J 123 12.16 -10.03 16.54
N LEU J 124 12.50 -8.74 16.59
CA LEU J 124 12.10 -7.92 17.74
C LEU J 124 10.58 -7.85 17.84
N THR J 125 9.90 -7.61 16.71
CA THR J 125 8.45 -7.55 16.72
C THR J 125 7.85 -8.88 17.16
N VAL J 126 8.42 -9.99 16.71
CA VAL J 126 7.92 -11.31 17.08
C VAL J 126 8.05 -11.52 18.58
N ASN J 127 9.20 -11.15 19.16
CA ASN J 127 9.39 -11.31 20.59
C ASN J 127 8.38 -10.49 21.39
N ARG J 128 8.16 -9.23 20.99
CA ARG J 128 7.23 -8.39 21.72
C ARG J 128 5.80 -8.94 21.62
N TYR J 129 5.40 -9.37 20.43
CA TYR J 129 4.04 -9.92 20.29
C TYR J 129 3.89 -11.23 21.06
N GLN J 130 4.94 -12.04 21.12
CA GLN J 130 4.86 -13.26 21.92
C GLN J 130 4.73 -12.95 23.40
N LYS J 131 5.40 -11.89 23.86
CA LYS J 131 5.22 -11.46 25.24
C LYS J 131 3.79 -11.00 25.49
N LEU J 132 3.20 -10.30 24.51
CA LEU J 132 1.80 -9.86 24.66
C LEU J 132 0.85 -11.05 24.71
N LEU J 133 1.08 -12.05 23.85
CA LEU J 133 0.10 -13.12 23.62
C LEU J 133 -0.20 -13.96 24.86
N GLY J 134 0.66 -13.94 25.88
CA GLY J 134 0.49 -14.85 27.00
C GLY J 134 -0.86 -14.73 27.69
N THR J 135 -1.32 -13.51 27.90
CA THR J 135 -2.58 -13.26 28.58
C THR J 135 -3.65 -12.71 27.64
N GLN J 136 -3.57 -13.05 26.36
CA GLN J 136 -4.61 -12.75 25.37
C GLN J 136 -4.87 -11.25 25.26
N TYR J 137 -3.82 -10.47 25.08
CA TYR J 137 -3.99 -9.04 24.86
C TYR J 137 -3.90 -8.66 23.39
N ILE J 138 -3.41 -9.55 22.53
CA ILE J 138 -3.43 -9.35 21.09
C ILE J 138 -3.99 -10.61 20.45
N SER J 139 -4.57 -10.45 19.26
CA SER J 139 -5.18 -11.58 18.57
C SER J 139 -4.12 -12.56 18.10
N LYS J 140 -4.53 -13.82 17.97
CA LYS J 140 -3.61 -14.85 17.48
C LYS J 140 -3.24 -14.62 16.02
N GLN J 141 -4.12 -13.95 15.26
CA GLN J 141 -3.82 -13.67 13.86
C GLN J 141 -2.60 -12.77 13.73
N GLU J 142 -2.49 -11.75 14.60
CA GLU J 142 -1.33 -10.88 14.55
C GLU J 142 -0.05 -11.63 14.90
N TYR J 143 -0.13 -12.54 15.87
CA TYR J 143 1.04 -13.35 16.22
C TYR J 143 1.46 -14.23 15.04
N ASP J 144 0.49 -14.85 14.36
CA ASP J 144 0.83 -15.68 13.21
C ASP J 144 1.43 -14.85 12.08
N GLN J 145 0.89 -13.64 11.86
CA GLN J 145 1.44 -12.76 10.84
C GLN J 145 2.87 -12.38 11.16
N ALA J 146 3.14 -12.05 12.42
CA ALA J 146 4.51 -11.70 12.81
C ALA J 146 5.45 -12.88 12.63
N LEU J 147 5.00 -14.08 13.01
CA LEU J 147 5.83 -15.27 12.83
C LEU J 147 6.15 -15.50 11.36
N ALA J 148 5.15 -15.35 10.49
CA ALA J 148 5.38 -15.51 9.06
C ALA J 148 6.36 -14.47 8.53
N ASP J 149 6.24 -13.22 8.99
CA ASP J 149 7.16 -12.19 8.56
C ASP J 149 8.59 -12.51 8.99
N ALA J 150 8.76 -13.00 10.22
CA ALA J 150 10.09 -13.36 10.69
C ALA J 150 10.67 -14.50 9.87
N GLN J 151 9.86 -15.52 9.56
CA GLN J 151 10.36 -16.63 8.77
C GLN J 151 10.76 -16.18 7.37
N GLN J 152 9.96 -15.31 6.75
CA GLN J 152 10.31 -14.79 5.43
C GLN J 152 11.61 -13.99 5.47
N ALA J 153 11.78 -13.17 6.51
CA ALA J 153 13.01 -12.40 6.64
C ALA J 153 14.22 -13.31 6.81
N ASN J 154 14.08 -14.38 7.61
CA ASN J 154 15.18 -15.32 7.78
C ASN J 154 15.52 -16.01 6.47
N ALA J 155 14.51 -16.38 5.69
CA ALA J 155 14.78 -16.99 4.38
C ALA J 155 15.51 -16.02 3.45
N ALA J 156 15.11 -14.75 3.46
CA ALA J 156 15.81 -13.75 2.67
C ALA J 156 17.26 -13.60 3.12
N VAL J 157 17.49 -13.67 4.44
CA VAL J 157 18.86 -13.61 4.95
C VAL J 157 19.68 -14.80 4.44
N THR J 158 19.07 -15.99 4.41
CA THR J 158 19.77 -17.16 3.89
C THR J 158 20.14 -16.98 2.42
N ALA J 159 19.21 -16.46 1.62
CA ALA J 159 19.51 -16.23 0.21
C ALA J 159 20.64 -15.20 0.04
N ALA J 160 20.62 -14.14 0.85
CA ALA J 160 21.68 -13.15 0.78
C ALA J 160 23.02 -13.76 1.17
N LYS J 161 23.03 -14.64 2.16
CA LYS J 161 24.27 -15.32 2.54
C LYS J 161 24.79 -16.19 1.41
N ALA J 162 23.90 -16.88 0.69
CA ALA J 162 24.33 -17.67 -0.45
C ALA J 162 24.95 -16.80 -1.53
N ALA J 163 24.33 -15.64 -1.79
CA ALA J 163 24.90 -14.71 -2.78
C ALA J 163 26.27 -14.22 -2.34
N VAL J 164 26.42 -13.89 -1.06
CA VAL J 164 27.73 -13.46 -0.56
C VAL J 164 28.75 -14.58 -0.71
N GLU J 165 28.33 -15.82 -0.48
CA GLU J 165 29.25 -16.95 -0.61
C GLU J 165 29.75 -17.12 -2.04
N THR J 166 28.84 -17.05 -3.02
CA THR J 166 29.31 -17.20 -4.40
C THR J 166 30.17 -16.01 -4.82
N ALA J 167 29.86 -14.80 -4.34
CA ALA J 167 30.71 -13.66 -4.62
C ALA J 167 32.11 -13.86 -4.03
N ARG J 168 32.18 -14.39 -2.80
CA ARG J 168 33.47 -14.66 -2.18
C ARG J 168 34.25 -15.72 -2.95
N ILE J 169 33.55 -16.75 -3.45
CA ILE J 169 34.23 -17.78 -4.24
C ILE J 169 34.83 -17.15 -5.50
N ASN J 170 34.05 -16.30 -6.19
CA ASN J 170 34.57 -15.65 -7.39
C ASN J 170 35.76 -14.75 -7.05
N LEU J 171 35.69 -14.03 -5.94
CA LEU J 171 36.80 -13.16 -5.55
C LEU J 171 38.06 -13.97 -5.25
N ALA J 172 37.91 -15.09 -4.56
CA ALA J 172 39.07 -15.93 -4.24
C ALA J 172 39.60 -16.65 -5.47
N TYR J 173 38.79 -16.80 -6.52
CA TYR J 173 39.28 -17.42 -7.74
C TYR J 173 40.42 -16.62 -8.37
N THR J 174 40.46 -15.31 -8.14
CA THR J 174 41.53 -14.48 -8.71
C THR J 174 42.89 -14.88 -8.15
N LYS J 175 42.95 -15.22 -6.87
CA LYS J 175 44.18 -15.71 -6.28
C LYS J 175 44.42 -17.14 -6.77
N VAL J 176 45.03 -17.27 -7.95
CA VAL J 176 45.15 -18.58 -8.60
C VAL J 176 45.92 -19.52 -7.69
N THR J 177 45.31 -20.65 -7.35
CA THR J 177 45.89 -21.63 -6.44
C THR J 177 46.25 -22.89 -7.21
N SER J 178 47.40 -23.45 -6.90
CA SER J 178 47.85 -24.68 -7.56
C SER J 178 46.94 -25.83 -7.17
N PRO J 179 46.30 -26.50 -8.13
CA PRO J 179 45.34 -27.57 -7.75
C PRO J 179 45.98 -28.73 -6.99
N ILE J 180 47.24 -29.06 -7.27
CA ILE J 180 47.89 -30.21 -6.66
C ILE J 180 49.33 -29.85 -6.34
N SER J 181 50.00 -30.76 -5.64
CA SER J 181 51.41 -30.60 -5.31
C SER J 181 52.28 -31.10 -6.47
N GLY J 182 53.58 -30.85 -6.35
CA GLY J 182 54.52 -31.29 -7.37
C GLY J 182 55.61 -30.26 -7.64
N ARG J 183 56.17 -30.30 -8.84
CA ARG J 183 57.20 -29.35 -9.25
C ARG J 183 56.67 -28.53 -10.43
N ILE J 184 56.81 -27.22 -10.34
CA ILE J 184 56.24 -26.31 -11.34
C ILE J 184 57.32 -25.90 -12.32
N GLY J 185 56.95 -25.88 -13.60
CA GLY J 185 57.89 -25.50 -14.64
C GLY J 185 58.03 -24.00 -14.80
N LYS J 186 58.19 -23.54 -16.03
CA LYS J 186 58.28 -22.11 -16.30
C LYS J 186 56.88 -21.49 -16.32
N SER J 187 56.85 -20.17 -16.52
CA SER J 187 55.60 -19.42 -16.60
C SER J 187 55.40 -18.99 -18.04
N ASN J 188 54.40 -19.56 -18.72
CA ASN J 188 54.13 -19.21 -20.11
C ASN J 188 53.68 -17.77 -20.27
N VAL J 189 53.16 -17.15 -19.21
CA VAL J 189 52.78 -15.75 -19.21
C VAL J 189 53.51 -15.04 -18.08
N THR J 190 53.62 -13.73 -18.21
CA THR J 190 54.31 -12.90 -17.24
C THR J 190 53.39 -11.77 -16.80
N GLU J 191 53.87 -10.97 -15.85
CA GLU J 191 53.09 -9.86 -15.33
C GLU J 191 52.75 -8.88 -16.45
N GLY J 192 51.52 -8.39 -16.44
CA GLY J 192 51.05 -7.48 -17.47
C GLY J 192 50.36 -8.12 -18.64
N ALA J 193 50.24 -9.44 -18.66
CA ALA J 193 49.60 -10.16 -19.75
C ALA J 193 48.16 -10.46 -19.40
N LEU J 194 47.24 -10.07 -20.28
CA LEU J 194 45.82 -10.28 -20.04
C LEU J 194 45.49 -11.77 -20.14
N VAL J 195 44.60 -12.22 -19.25
CA VAL J 195 44.09 -13.59 -19.27
C VAL J 195 42.57 -13.53 -19.25
N GLN J 196 41.96 -14.61 -19.71
CA GLN J 196 40.51 -14.70 -19.80
C GLN J 196 40.04 -16.02 -19.20
N ASN J 197 38.78 -16.02 -18.73
CA ASN J 197 38.24 -17.18 -18.03
C ASN J 197 38.24 -18.40 -18.93
N GLY J 198 38.81 -19.50 -18.42
CA GLY J 198 38.80 -20.77 -19.12
C GLY J 198 39.47 -20.75 -20.48
N GLN J 199 40.59 -20.04 -20.61
CA GLN J 199 41.30 -19.98 -21.88
C GLN J 199 42.03 -21.30 -22.13
N ALA J 200 42.29 -21.57 -23.42
CA ALA J 200 42.96 -22.82 -23.78
C ALA J 200 44.43 -22.79 -23.39
N THR J 201 45.09 -21.65 -23.50
CA THR J 201 46.50 -21.54 -23.15
C THR J 201 46.67 -21.71 -21.64
N ALA J 202 47.71 -22.44 -21.25
CA ALA J 202 47.96 -22.76 -19.85
C ALA J 202 49.00 -21.81 -19.28
N LEU J 203 48.71 -21.28 -18.08
CA LEU J 203 49.66 -20.38 -17.43
C LEU J 203 50.94 -21.12 -17.04
N ALA J 204 50.80 -22.32 -16.49
CA ALA J 204 51.95 -23.13 -16.07
C ALA J 204 51.50 -24.57 -15.98
N THR J 205 52.44 -25.46 -15.63
CA THR J 205 52.13 -26.86 -15.45
C THR J 205 52.79 -27.38 -14.19
N VAL J 206 52.06 -28.20 -13.43
CA VAL J 206 52.56 -28.80 -12.21
C VAL J 206 52.41 -30.31 -12.33
N GLN J 207 53.52 -31.03 -12.23
CA GLN J 207 53.53 -32.46 -12.46
C GLN J 207 54.22 -33.20 -11.32
N GLN J 208 53.76 -34.42 -11.09
CA GLN J 208 54.35 -35.30 -10.09
C GLN J 208 55.25 -36.31 -10.79
N LEU J 209 56.49 -36.44 -10.31
CA LEU J 209 57.49 -37.29 -10.95
C LEU J 209 57.71 -38.61 -10.24
N ASP J 210 56.85 -38.96 -9.29
CA ASP J 210 57.01 -40.24 -8.59
C ASP J 210 55.66 -40.72 -8.08
N PRO J 211 55.18 -41.89 -8.53
CA PRO J 211 55.77 -42.78 -9.53
C PRO J 211 55.62 -42.26 -10.95
N ILE J 212 55.95 -43.05 -11.96
CA ILE J 212 55.87 -42.60 -13.34
C ILE J 212 55.16 -43.68 -14.16
N TYR J 213 54.47 -43.26 -15.20
CA TYR J 213 53.79 -44.19 -16.09
C TYR J 213 54.63 -44.43 -17.33
N VAL J 214 54.55 -45.63 -17.87
CA VAL J 214 55.17 -45.97 -19.15
C VAL J 214 54.09 -46.57 -20.03
N ASP J 215 53.78 -45.88 -21.13
CA ASP J 215 52.77 -46.33 -22.07
C ASP J 215 53.50 -46.95 -23.26
N VAL J 216 53.32 -48.25 -23.45
CA VAL J 216 53.96 -48.99 -24.53
C VAL J 216 52.89 -49.42 -25.52
N THR J 217 53.34 -49.76 -26.73
CA THR J 217 52.43 -50.13 -27.81
C THR J 217 52.63 -51.59 -28.19
N GLN J 218 51.54 -52.36 -28.23
CA GLN J 218 51.59 -53.76 -28.61
C GLN J 218 50.59 -54.02 -29.72
N SER J 219 51.01 -54.77 -30.74
CA SER J 219 50.12 -55.07 -31.86
C SER J 219 48.93 -55.91 -31.41
N SER J 220 47.80 -55.70 -32.08
CA SER J 220 46.57 -56.41 -31.70
C SER J 220 46.69 -57.91 -31.97
N ASN J 221 47.36 -58.29 -33.05
CA ASN J 221 47.52 -59.71 -33.36
C ASN J 221 48.29 -60.43 -32.27
N ASP J 222 49.37 -59.83 -31.78
CA ASP J 222 50.13 -60.43 -30.70
C ASP J 222 49.30 -60.55 -29.42
N PHE J 223 48.52 -59.50 -29.12
CA PHE J 223 47.67 -59.53 -27.94
C PHE J 223 46.65 -60.67 -28.02
N LEU J 224 45.99 -60.81 -29.18
CA LEU J 224 45.00 -61.87 -29.34
C LEU J 224 45.65 -63.25 -29.29
N ARG J 225 46.82 -63.40 -29.91
CA ARG J 225 47.52 -64.67 -29.86
C ARG J 225 47.91 -65.04 -28.43
N LEU J 226 48.37 -64.05 -27.66
CA LEU J 226 48.74 -64.30 -26.27
C LEU J 226 47.52 -64.69 -25.44
N LYS J 227 46.40 -64.00 -25.65
CA LYS J 227 45.17 -64.35 -24.93
C LYS J 227 44.73 -65.76 -25.28
N GLN J 228 44.79 -66.13 -26.56
CA GLN J 228 44.38 -67.46 -26.98
C GLN J 228 45.31 -68.52 -26.39
N GLU J 229 46.61 -68.24 -26.36
CA GLU J 229 47.56 -69.19 -25.77
C GLU J 229 47.30 -69.36 -24.28
N LEU J 230 47.03 -68.26 -23.57
CA LEU J 230 46.73 -68.35 -22.14
C LEU J 230 45.46 -69.16 -21.89
N ALA J 231 44.44 -68.93 -22.73
CA ALA J 231 43.20 -69.69 -22.57
C ALA J 231 43.40 -71.16 -22.87
N ASN J 232 44.19 -71.49 -23.90
CA ASN J 232 44.39 -72.88 -24.29
C ASN J 232 45.11 -73.67 -23.20
N GLY J 233 46.13 -73.10 -22.57
CA GLY J 233 46.89 -73.77 -21.54
C GLY J 233 48.37 -73.91 -21.80
N THR J 234 48.86 -73.46 -22.96
CA THR J 234 50.29 -73.52 -23.25
C THR J 234 51.09 -72.47 -22.50
N LEU J 235 50.43 -71.53 -21.83
CA LEU J 235 51.09 -70.52 -21.01
C LEU J 235 50.40 -70.44 -19.66
N LYS J 236 51.19 -70.20 -18.62
CA LYS J 236 50.68 -70.11 -17.26
C LYS J 236 51.06 -68.76 -16.67
N GLN J 237 50.05 -67.97 -16.33
CA GLN J 237 50.28 -66.71 -15.63
C GLN J 237 50.51 -66.98 -14.15
N GLU J 238 50.81 -65.94 -13.39
CA GLU J 238 51.10 -66.15 -11.98
C GLU J 238 50.81 -64.87 -11.18
N ASN J 239 50.22 -65.07 -9.99
CA ASN J 239 50.03 -64.02 -8.99
C ASN J 239 49.14 -62.93 -9.59
N GLY J 240 49.70 -61.80 -9.99
CA GLY J 240 48.91 -60.68 -10.44
C GLY J 240 49.48 -59.94 -11.63
N LYS J 241 49.67 -58.63 -11.47
CA LYS J 241 50.21 -57.79 -12.52
C LYS J 241 51.56 -58.31 -13.00
N ALA J 242 51.74 -58.38 -14.32
CA ALA J 242 52.98 -58.87 -14.89
C ALA J 242 54.12 -57.89 -14.65
N LYS J 243 55.27 -58.42 -14.26
CA LYS J 243 56.45 -57.58 -14.05
C LYS J 243 56.97 -57.05 -15.38
N VAL J 244 57.37 -55.79 -15.39
CA VAL J 244 57.88 -55.13 -16.58
C VAL J 244 59.22 -54.49 -16.24
N SER J 245 60.26 -54.87 -16.96
CA SER J 245 61.57 -54.25 -16.83
C SER J 245 61.74 -53.21 -17.92
N LEU J 246 62.74 -52.35 -17.76
CA LEU J 246 62.91 -51.20 -18.65
C LEU J 246 64.30 -51.16 -19.22
N ILE J 247 64.40 -50.65 -20.44
CA ILE J 247 65.67 -50.35 -21.11
C ILE J 247 65.61 -48.89 -21.56
N THR J 248 66.57 -48.10 -21.08
CA THR J 248 66.60 -46.68 -21.35
C THR J 248 67.27 -46.42 -22.69
N SER J 249 67.48 -45.14 -23.02
CA SER J 249 68.07 -44.77 -24.30
C SER J 249 69.48 -45.33 -24.44
N ASP J 250 70.29 -45.24 -23.38
CA ASP J 250 71.65 -45.76 -23.43
C ASP J 250 71.68 -47.28 -23.44
N GLY J 251 70.55 -47.95 -23.18
CA GLY J 251 70.51 -49.39 -23.06
C GLY J 251 70.69 -49.91 -21.65
N ILE J 252 70.85 -49.01 -20.67
CA ILE J 252 71.05 -49.43 -19.29
C ILE J 252 69.77 -50.06 -18.76
N LYS J 253 69.91 -51.22 -18.12
CA LYS J 253 68.77 -51.84 -17.45
C LYS J 253 68.36 -50.99 -16.26
N PHE J 254 67.06 -50.75 -16.13
CA PHE J 254 66.56 -49.92 -15.04
C PHE J 254 66.72 -50.67 -13.72
N PRO J 255 67.31 -50.04 -12.70
CA PRO J 255 67.57 -50.77 -11.44
C PRO J 255 66.31 -51.34 -10.80
N GLN J 256 65.19 -50.62 -10.85
CA GLN J 256 63.95 -51.09 -10.24
C GLN J 256 63.03 -51.68 -11.31
N ASP J 257 61.88 -52.18 -10.89
CA ASP J 257 60.91 -52.74 -11.81
C ASP J 257 59.52 -52.19 -11.50
N GLY J 258 58.71 -52.09 -12.55
CA GLY J 258 57.33 -51.67 -12.43
C GLY J 258 56.39 -52.82 -12.76
N THR J 259 55.11 -52.53 -12.67
CA THR J 259 54.07 -53.52 -12.92
C THR J 259 53.14 -53.06 -14.02
N LEU J 260 52.73 -53.99 -14.88
CA LEU J 260 51.77 -53.71 -15.92
C LEU J 260 50.36 -53.71 -15.32
N GLU J 261 49.57 -52.72 -15.67
CA GLU J 261 48.18 -52.63 -15.25
C GLU J 261 47.37 -51.96 -16.35
N PHE J 262 46.09 -52.29 -16.41
CA PHE J 262 45.18 -51.65 -17.36
C PHE J 262 45.67 -51.89 -18.79
N SER J 263 45.57 -53.12 -19.27
CA SER J 263 45.73 -53.36 -20.70
C SER J 263 44.48 -52.85 -21.43
N ASP J 264 44.67 -51.95 -22.38
CA ASP J 264 43.55 -51.26 -23.01
C ASP J 264 42.81 -52.20 -23.97
N VAL J 265 41.70 -51.71 -24.50
CA VAL J 265 40.85 -52.51 -25.37
C VAL J 265 40.59 -51.86 -26.73
N THR J 266 40.73 -50.54 -26.87
CA THR J 266 40.52 -49.91 -28.16
C THR J 266 41.72 -50.14 -29.07
N VAL J 267 41.46 -50.14 -30.37
CA VAL J 267 42.47 -50.47 -31.38
C VAL J 267 42.71 -49.24 -32.24
N ASP J 268 43.99 -48.84 -32.35
CA ASP J 268 44.34 -47.74 -33.23
C ASP J 268 44.06 -48.09 -34.67
N GLN J 269 43.41 -47.16 -35.39
CA GLN J 269 43.07 -47.41 -36.79
C GLN J 269 44.29 -47.29 -37.70
N THR J 270 45.14 -46.29 -37.46
CA THR J 270 46.24 -46.02 -38.38
C THR J 270 47.25 -47.16 -38.39
N THR J 271 47.58 -47.71 -37.23
CA THR J 271 48.58 -48.77 -37.12
C THR J 271 47.97 -50.15 -36.93
N GLY J 272 47.03 -50.29 -36.00
CA GLY J 272 46.44 -51.59 -35.73
C GLY J 272 46.99 -52.20 -34.46
N SER J 273 47.19 -51.37 -33.43
CA SER J 273 47.82 -51.81 -32.20
C SER J 273 47.11 -51.15 -31.02
N ILE J 274 47.17 -51.81 -29.87
CA ILE J 274 46.61 -51.30 -28.64
C ILE J 274 47.74 -50.82 -27.74
N THR J 275 47.37 -50.15 -26.66
CA THR J 275 48.32 -49.54 -25.73
C THR J 275 48.26 -50.25 -24.37
N LEU J 276 49.42 -50.46 -23.78
CA LEU J 276 49.55 -51.03 -22.46
C LEU J 276 50.20 -50.02 -21.52
N ARG J 277 49.83 -50.07 -20.26
CA ARG J 277 50.30 -49.12 -19.26
C ARG J 277 51.06 -49.86 -18.17
N ALA J 278 52.20 -49.32 -17.76
CA ALA J 278 52.97 -49.86 -16.65
C ALA J 278 53.32 -48.73 -15.70
N ILE J 279 53.55 -49.08 -14.44
CA ILE J 279 53.87 -48.11 -13.39
C ILE J 279 55.23 -48.45 -12.82
N PHE J 280 56.09 -47.43 -12.71
CA PHE J 280 57.46 -47.56 -12.25
C PHE J 280 57.71 -46.64 -11.07
N PRO J 281 58.24 -47.13 -9.96
CA PRO J 281 58.71 -46.22 -8.91
C PRO J 281 59.93 -45.44 -9.38
N ASN J 282 59.93 -44.14 -9.10
CA ASN J 282 60.97 -43.23 -9.57
C ASN J 282 61.44 -42.35 -8.41
N PRO J 283 62.25 -42.90 -7.51
CA PRO J 283 62.68 -42.12 -6.34
C PRO J 283 63.79 -41.13 -6.65
N ASP J 284 64.73 -41.49 -7.52
CA ASP J 284 65.89 -40.68 -7.81
C ASP J 284 65.71 -39.78 -9.03
N HIS J 285 64.52 -39.76 -9.61
CA HIS J 285 64.21 -38.92 -10.78
C HIS J 285 65.16 -39.19 -11.94
N THR J 286 65.50 -40.45 -12.18
CA THR J 286 66.29 -40.81 -13.35
C THR J 286 65.43 -40.96 -14.61
N LEU J 287 64.11 -40.88 -14.48
CA LEU J 287 63.20 -40.96 -15.60
C LEU J 287 62.45 -39.64 -15.73
N LEU J 288 62.39 -39.09 -16.93
CA LEU J 288 61.65 -37.87 -17.13
C LEU J 288 60.49 -38.09 -18.09
N PRO J 289 59.38 -37.37 -17.92
CA PRO J 289 58.20 -37.62 -18.75
C PRO J 289 58.44 -37.31 -20.22
N GLY J 290 57.81 -38.10 -21.08
CA GLY J 290 57.75 -37.83 -22.50
C GLY J 290 58.83 -38.45 -23.34
N MET J 291 59.84 -39.07 -22.74
CA MET J 291 60.95 -39.59 -23.52
C MET J 291 60.67 -41.02 -23.97
N PHE J 292 61.55 -41.54 -24.84
CA PHE J 292 61.36 -42.82 -25.51
C PHE J 292 62.10 -43.91 -24.73
N VAL J 293 61.39 -45.01 -24.43
CA VAL J 293 61.95 -46.12 -23.67
C VAL J 293 61.51 -47.43 -24.29
N ARG J 294 62.24 -48.49 -23.96
CA ARG J 294 61.87 -49.85 -24.33
C ARG J 294 61.47 -50.60 -23.08
N ALA J 295 60.49 -51.49 -23.20
CA ALA J 295 59.99 -52.24 -22.06
C ALA J 295 60.04 -53.73 -22.37
N ARG J 296 60.60 -54.50 -21.45
CA ARG J 296 60.59 -55.96 -21.52
C ARG J 296 59.48 -56.46 -20.62
N LEU J 297 58.52 -57.16 -21.24
CA LEU J 297 57.28 -57.56 -20.59
C LEU J 297 57.24 -59.08 -20.47
N GLU J 298 57.01 -59.56 -19.25
CA GLU J 298 56.92 -60.99 -18.98
C GLU J 298 55.46 -61.42 -19.06
N GLU J 299 55.18 -62.41 -19.90
CA GLU J 299 53.83 -62.88 -20.12
C GLU J 299 53.53 -64.22 -19.48
N GLY J 300 54.52 -64.88 -18.92
CA GLY J 300 54.32 -66.17 -18.30
C GLY J 300 55.49 -67.09 -18.61
N LEU J 301 55.33 -68.35 -18.20
CA LEU J 301 56.34 -69.37 -18.43
C LEU J 301 55.70 -70.55 -19.12
N ASN J 302 56.36 -71.05 -20.17
CA ASN J 302 55.92 -72.25 -20.86
C ASN J 302 56.67 -73.44 -20.29
N PRO J 303 56.01 -74.35 -19.56
CA PRO J 303 56.74 -75.47 -18.97
C PRO J 303 56.94 -76.62 -19.92
N ASN J 304 57.24 -76.31 -21.18
CA ASN J 304 57.56 -77.31 -22.20
C ASN J 304 58.74 -76.88 -23.06
N ALA J 305 59.38 -75.75 -22.75
CA ALA J 305 60.39 -75.19 -23.62
C ALA J 305 61.57 -76.14 -23.80
N ILE J 306 62.05 -76.25 -25.03
CA ILE J 306 63.21 -77.06 -25.37
C ILE J 306 64.28 -76.12 -25.91
N LEU J 307 65.44 -76.11 -25.25
CA LEU J 307 66.55 -75.28 -25.64
C LEU J 307 67.68 -76.15 -26.16
N VAL J 308 68.18 -75.83 -27.36
CA VAL J 308 69.25 -76.57 -28.00
C VAL J 308 70.44 -75.62 -28.15
N PRO J 309 71.64 -76.00 -27.74
CA PRO J 309 72.80 -75.13 -27.95
C PRO J 309 73.00 -74.86 -29.43
N GLN J 310 73.40 -73.62 -29.75
CA GLN J 310 73.50 -73.18 -31.13
C GLN J 310 74.60 -73.88 -31.91
N GLN J 311 75.51 -74.58 -31.22
CA GLN J 311 76.57 -75.29 -31.93
C GLN J 311 76.08 -76.56 -32.60
N GLY J 312 74.92 -77.07 -32.21
CA GLY J 312 74.44 -78.35 -32.71
C GLY J 312 73.36 -78.26 -33.77
N VAL J 313 73.20 -77.09 -34.38
CA VAL J 313 72.19 -76.87 -35.41
C VAL J 313 72.86 -76.27 -36.65
N THR J 314 72.56 -76.83 -37.81
CA THR J 314 73.09 -76.34 -39.08
C THR J 314 71.95 -75.76 -39.90
N ARG J 315 72.14 -74.54 -40.39
CA ARG J 315 71.11 -73.82 -41.13
C ARG J 315 71.54 -73.65 -42.57
N THR J 316 70.70 -74.12 -43.50
CA THR J 316 70.95 -73.94 -44.92
C THR J 316 70.78 -72.47 -45.30
N PRO J 317 71.44 -72.02 -46.36
CA PRO J 317 71.31 -70.61 -46.75
C PRO J 317 69.88 -70.15 -46.97
N ARG J 318 69.00 -71.01 -47.49
CA ARG J 318 67.62 -70.60 -47.70
C ARG J 318 66.89 -70.37 -46.38
N GLY J 319 67.24 -71.11 -45.33
CA GLY J 319 66.70 -70.83 -44.02
C GLY J 319 66.36 -72.01 -43.14
N ASP J 320 66.18 -73.19 -43.73
CA ASP J 320 65.83 -74.36 -42.95
C ASP J 320 66.97 -74.78 -42.03
N ALA J 321 66.61 -75.40 -40.90
CA ALA J 321 67.56 -75.80 -39.89
C ALA J 321 67.43 -77.29 -39.60
N THR J 322 68.57 -77.95 -39.41
CA THR J 322 68.63 -79.38 -39.14
C THR J 322 69.57 -79.65 -37.98
N VAL J 323 69.37 -80.79 -37.32
CA VAL J 323 70.19 -81.21 -36.20
C VAL J 323 70.67 -82.63 -36.43
N LEU J 324 71.78 -82.98 -35.79
CA LEU J 324 72.37 -84.31 -35.86
C LEU J 324 71.96 -85.09 -34.62
N VAL J 325 71.01 -85.99 -34.78
CA VAL J 325 70.53 -86.83 -33.71
C VAL J 325 71.37 -88.10 -33.67
N VAL J 326 71.46 -88.72 -32.48
CA VAL J 326 72.16 -89.98 -32.29
C VAL J 326 71.13 -91.03 -31.93
N GLY J 327 71.09 -92.11 -32.71
CA GLY J 327 70.16 -93.19 -32.47
C GLY J 327 70.68 -94.18 -31.43
N ALA J 328 69.81 -95.11 -31.06
CA ALA J 328 70.20 -96.16 -30.12
C ALA J 328 71.21 -97.11 -30.75
N ASP J 329 71.23 -97.20 -32.07
CA ASP J 329 72.18 -98.04 -32.79
C ASP J 329 73.55 -97.38 -32.95
N ASP J 330 73.83 -96.33 -32.19
CA ASP J 330 75.08 -95.57 -32.29
C ASP J 330 75.27 -95.00 -33.69
N LYS J 331 74.17 -94.71 -34.38
CA LYS J 331 74.19 -94.07 -35.68
C LYS J 331 73.75 -92.62 -35.54
N VAL J 332 74.20 -91.78 -36.49
CA VAL J 332 73.84 -90.37 -36.52
C VAL J 332 72.91 -90.13 -37.69
N GLU J 333 71.87 -89.31 -37.46
CA GLU J 333 70.89 -88.97 -38.47
C GLU J 333 70.71 -87.47 -38.50
N THR J 334 70.21 -86.97 -39.63
CA THR J 334 69.91 -85.54 -39.79
C THR J 334 68.40 -85.36 -39.76
N ARG J 335 67.91 -84.57 -38.81
CA ARG J 335 66.48 -84.33 -38.69
C ARG J 335 66.21 -82.83 -38.73
N PRO J 336 65.29 -82.38 -39.58
CA PRO J 336 64.94 -80.95 -39.59
C PRO J 336 64.19 -80.55 -38.33
N ILE J 337 64.35 -79.29 -37.94
CA ILE J 337 63.68 -78.70 -36.80
C ILE J 337 63.17 -77.32 -37.19
N VAL J 338 62.49 -76.67 -36.25
CA VAL J 338 62.02 -75.30 -36.43
C VAL J 338 62.54 -74.51 -35.22
N ALA J 339 63.72 -73.92 -35.35
CA ALA J 339 64.31 -73.10 -34.31
C ALA J 339 64.13 -71.64 -34.70
N SER J 340 62.90 -71.14 -34.52
CA SER J 340 62.57 -69.79 -34.96
C SER J 340 63.18 -68.73 -34.04
N GLN J 341 63.17 -68.97 -32.73
CA GLN J 341 63.58 -67.99 -31.75
C GLN J 341 64.91 -68.38 -31.11
N ALA J 342 65.74 -67.38 -30.85
CA ALA J 342 67.02 -67.57 -30.16
C ALA J 342 66.94 -66.88 -28.81
N ILE J 343 67.13 -67.65 -27.74
CA ILE J 343 67.16 -67.14 -26.38
C ILE J 343 68.62 -67.20 -25.92
N GLY J 344 69.21 -66.03 -25.70
CA GLY J 344 70.61 -65.96 -25.32
C GLY J 344 71.52 -66.57 -26.37
N ASP J 345 72.11 -67.72 -26.05
CA ASP J 345 72.96 -68.46 -26.98
C ASP J 345 72.38 -69.81 -27.37
N LYS J 346 71.09 -70.02 -27.11
CA LYS J 346 70.41 -71.27 -27.43
C LYS J 346 69.26 -71.00 -28.39
N TRP J 347 68.79 -72.05 -29.04
CA TRP J 347 67.65 -71.98 -29.94
C TRP J 347 66.46 -72.69 -29.29
N LEU J 348 65.30 -72.04 -29.34
CA LEU J 348 64.07 -72.60 -28.79
C LEU J 348 63.41 -73.46 -29.87
N VAL J 349 63.34 -74.75 -29.63
CA VAL J 349 62.79 -75.70 -30.60
C VAL J 349 61.31 -75.87 -30.34
N THR J 350 60.50 -75.74 -31.38
CA THR J 350 59.05 -75.90 -31.29
C THR J 350 58.58 -77.23 -31.87
N GLU J 351 59.02 -77.57 -33.08
CA GLU J 351 58.63 -78.81 -33.73
C GLU J 351 59.86 -79.53 -34.24
N GLY J 352 59.77 -80.85 -34.31
CA GLY J 352 60.85 -81.67 -34.81
C GLY J 352 61.70 -82.35 -33.76
N LEU J 353 61.39 -82.17 -32.47
CA LEU J 353 62.15 -82.81 -31.42
C LEU J 353 61.21 -83.09 -30.25
N LYS J 354 61.61 -84.06 -29.42
CA LYS J 354 60.84 -84.47 -28.26
C LYS J 354 61.77 -84.59 -27.06
N ALA J 355 61.17 -84.72 -25.89
CA ALA J 355 61.94 -84.85 -24.66
C ALA J 355 62.78 -86.12 -24.68
N GLY J 356 63.99 -86.03 -24.12
CA GLY J 356 64.89 -87.17 -24.08
C GLY J 356 65.60 -87.48 -25.38
N ASP J 357 65.52 -86.59 -26.37
CA ASP J 357 66.19 -86.84 -27.64
C ASP J 357 67.70 -86.75 -27.46
N ARG J 358 68.43 -87.23 -28.48
CA ARG J 358 69.86 -87.55 -28.35
C ARG J 358 70.58 -86.91 -29.54
N VAL J 359 70.95 -85.64 -29.41
CA VAL J 359 71.44 -84.84 -30.54
C VAL J 359 72.86 -84.38 -30.27
N VAL J 360 73.70 -84.42 -31.30
CA VAL J 360 75.11 -84.06 -31.19
C VAL J 360 75.27 -82.56 -31.06
N ILE J 361 76.26 -82.14 -30.25
CA ILE J 361 76.53 -80.73 -30.02
C ILE J 361 77.88 -80.30 -30.57
N SER J 362 78.89 -81.18 -30.58
CA SER J 362 80.24 -80.79 -30.92
C SER J 362 80.78 -81.69 -32.01
N GLY J 363 81.79 -81.18 -32.73
CA GLY J 363 82.46 -81.95 -33.75
C GLY J 363 81.58 -82.38 -34.91
N LEU J 364 80.70 -81.49 -35.36
CA LEU J 364 79.80 -81.84 -36.47
C LEU J 364 80.57 -82.08 -37.76
N GLN J 365 81.70 -81.38 -37.95
CA GLN J 365 82.50 -81.59 -39.14
C GLN J 365 83.07 -83.00 -39.19
N LYS J 366 83.54 -83.52 -38.05
CA LYS J 366 84.18 -84.83 -38.01
C LYS J 366 83.22 -85.99 -38.22
N VAL J 367 81.92 -85.80 -37.95
CA VAL J 367 80.94 -86.88 -38.02
C VAL J 367 80.17 -86.75 -39.32
N ARG J 368 80.02 -87.86 -40.04
CA ARG J 368 79.26 -87.94 -41.28
C ARG J 368 77.98 -88.75 -41.06
N PRO J 369 76.90 -88.41 -41.76
CA PRO J 369 75.65 -89.16 -41.59
C PRO J 369 75.82 -90.62 -41.99
N GLY J 370 75.12 -91.49 -41.25
CA GLY J 370 75.18 -92.92 -41.52
C GLY J 370 76.47 -93.58 -41.07
N VAL J 371 77.21 -92.94 -40.16
CA VAL J 371 78.48 -93.47 -39.67
C VAL J 371 78.33 -93.75 -38.19
N GLN J 372 78.75 -94.94 -37.77
CA GLN J 372 78.71 -95.30 -36.35
C GLN J 372 79.57 -94.34 -35.55
N VAL J 373 79.00 -93.78 -34.49
CA VAL J 373 79.69 -92.84 -33.62
C VAL J 373 79.36 -93.21 -32.17
N LYS J 374 80.39 -93.29 -31.34
CA LYS J 374 80.19 -93.58 -29.92
C LYS J 374 79.61 -92.36 -29.20
N ALA J 375 78.76 -92.64 -28.21
CA ALA J 375 78.07 -91.60 -27.47
C ALA J 375 78.86 -91.21 -26.22
N GLN J 376 78.98 -89.90 -26.01
CA GLN J 376 79.70 -89.38 -24.85
C GLN J 376 79.02 -88.07 -24.43
N GLU J 377 78.63 -87.98 -23.17
CA GLU J 377 77.91 -86.81 -22.67
C GLU J 377 78.87 -85.84 -22.00
N VAL J 378 78.66 -84.55 -22.27
CA VAL J 378 79.39 -83.46 -21.63
C VAL J 378 78.38 -82.44 -21.14
N THR J 379 78.51 -82.02 -19.88
CA THR J 379 77.57 -81.08 -19.28
C THR J 379 77.59 -79.73 -20.00
N GLN K 36 39.12 -51.12 -118.65
CA GLN K 36 37.71 -51.47 -118.85
C GLN K 36 36.81 -50.34 -118.37
N MET K 37 35.60 -50.69 -117.97
CA MET K 37 34.63 -49.69 -117.51
C MET K 37 34.34 -49.90 -116.03
N PRO K 38 34.88 -49.06 -115.13
CA PRO K 38 34.62 -49.25 -113.70
C PRO K 38 33.17 -49.04 -113.31
N ALA K 39 32.74 -49.79 -112.30
CA ALA K 39 31.36 -49.74 -111.81
C ALA K 39 31.38 -49.65 -110.29
N VAL K 40 30.90 -48.53 -109.76
CA VAL K 40 30.96 -48.26 -108.32
C VAL K 40 29.63 -47.70 -107.85
N GLY K 41 29.24 -48.08 -106.65
CA GLY K 41 28.01 -47.56 -106.05
C GLY K 41 28.20 -46.14 -105.55
N VAL K 42 27.23 -45.29 -105.85
CA VAL K 42 27.31 -43.86 -105.59
C VAL K 42 25.98 -43.39 -105.00
N VAL K 43 26.05 -42.51 -104.00
CA VAL K 43 24.85 -42.04 -103.30
C VAL K 43 24.74 -40.52 -103.44
N THR K 44 23.52 -40.04 -103.30
CA THR K 44 23.22 -38.61 -103.41
C THR K 44 23.14 -37.98 -102.02
N VAL K 45 23.67 -36.77 -101.90
CA VAL K 45 23.70 -36.06 -100.62
C VAL K 45 22.37 -35.34 -100.42
N LYS K 46 21.72 -35.60 -99.29
CA LYS K 46 20.48 -34.92 -98.92
C LYS K 46 20.60 -34.45 -97.48
N THR K 47 19.64 -33.63 -97.06
CA THR K 47 19.61 -33.05 -95.73
C THR K 47 18.55 -33.75 -94.89
N GLU K 48 18.94 -34.20 -93.69
CA GLU K 48 18.02 -34.84 -92.78
C GLU K 48 18.12 -34.19 -91.41
N PRO K 49 17.01 -34.14 -90.66
CA PRO K 49 17.05 -33.56 -89.31
C PRO K 49 17.69 -34.54 -88.33
N LEU K 50 18.78 -34.12 -87.70
CA LEU K 50 19.53 -34.95 -86.77
C LEU K 50 19.55 -34.28 -85.40
N GLN K 51 19.24 -35.06 -84.37
CA GLN K 51 19.25 -34.57 -82.99
C GLN K 51 20.68 -34.61 -82.46
N ILE K 52 21.15 -33.49 -81.93
CA ILE K 52 22.51 -33.40 -81.40
C ILE K 52 22.46 -33.63 -79.89
N THR K 53 23.31 -34.52 -79.41
CA THR K 53 23.38 -34.86 -78.00
C THR K 53 24.80 -34.66 -77.49
N THR K 54 24.90 -34.18 -76.25
CA THR K 54 26.18 -33.97 -75.59
C THR K 54 26.29 -34.91 -74.40
N GLU K 55 27.44 -35.55 -74.25
CA GLU K 55 27.69 -36.47 -73.15
C GLU K 55 28.49 -35.72 -72.07
N LEU K 56 27.94 -35.68 -70.86
CA LEU K 56 28.55 -34.94 -69.77
C LEU K 56 28.68 -35.82 -68.53
N PRO K 57 29.68 -35.57 -67.69
CA PRO K 57 29.80 -36.31 -66.44
C PRO K 57 29.07 -35.62 -65.29
N GLY K 58 28.55 -36.45 -64.39
CA GLY K 58 27.85 -35.90 -63.24
C GLY K 58 27.71 -36.90 -62.12
N ARG K 59 27.05 -36.44 -61.06
CA ARG K 59 26.84 -37.22 -59.85
C ARG K 59 25.38 -37.12 -59.43
N THR K 60 24.88 -38.21 -58.85
CA THR K 60 23.50 -38.24 -58.39
C THR K 60 23.39 -37.71 -56.96
N SER K 61 22.16 -37.40 -56.57
CA SER K 61 21.89 -36.85 -55.25
C SER K 61 20.43 -37.10 -54.90
N ALA K 62 20.15 -37.07 -53.61
CA ALA K 62 18.82 -37.40 -53.12
C ALA K 62 17.84 -36.27 -53.41
N TYR K 63 16.56 -36.64 -53.57
CA TYR K 63 15.52 -35.64 -53.80
C TYR K 63 15.37 -34.73 -52.59
N ARG K 64 15.20 -35.31 -51.40
CA ARG K 64 15.07 -34.55 -50.17
C ARG K 64 15.88 -35.27 -49.10
N ILE K 65 16.89 -34.59 -48.55
CA ILE K 65 17.75 -35.15 -47.53
C ILE K 65 17.73 -34.23 -46.32
N ALA K 66 17.49 -34.81 -45.15
CA ALA K 66 17.46 -34.06 -43.90
C ALA K 66 18.39 -34.73 -42.91
N GLU K 67 19.31 -33.95 -42.35
CA GLU K 67 20.19 -34.43 -41.29
C GLU K 67 19.58 -34.05 -39.95
N VAL K 68 19.50 -35.04 -39.04
CA VAL K 68 18.83 -34.85 -37.76
C VAL K 68 19.83 -34.24 -36.78
N ARG K 69 19.49 -33.07 -36.25
CA ARG K 69 20.32 -32.39 -35.27
C ARG K 69 19.47 -32.09 -34.04
N PRO K 70 20.06 -32.17 -32.84
CA PRO K 70 19.26 -31.97 -31.62
C PRO K 70 18.93 -30.50 -31.41
N GLN K 71 17.66 -30.23 -31.14
CA GLN K 71 17.21 -28.87 -30.85
C GLN K 71 17.42 -28.48 -29.40
N VAL K 72 17.80 -29.42 -28.54
CA VAL K 72 18.04 -29.18 -27.13
C VAL K 72 19.41 -29.75 -26.76
N SER K 73 19.75 -29.63 -25.48
CA SER K 73 21.01 -30.12 -24.95
C SER K 73 20.73 -31.10 -23.84
N GLY K 74 21.45 -32.23 -23.84
CA GLY K 74 21.24 -33.24 -22.84
C GLY K 74 21.99 -34.50 -23.19
N ILE K 75 21.64 -35.59 -22.51
CA ILE K 75 22.29 -36.88 -22.66
C ILE K 75 21.24 -37.88 -23.12
N ILE K 76 21.57 -38.62 -24.19
CA ILE K 76 20.61 -39.56 -24.79
C ILE K 76 20.36 -40.72 -23.85
N LEU K 77 19.12 -41.19 -23.81
CA LEU K 77 18.74 -42.35 -22.99
C LEU K 77 18.33 -43.56 -23.81
N LYS K 78 17.66 -43.35 -24.95
CA LYS K 78 17.15 -44.47 -25.73
C LYS K 78 17.07 -44.08 -27.19
N ARG K 79 17.15 -45.10 -28.05
CA ARG K 79 16.96 -44.93 -29.49
C ARG K 79 15.68 -45.66 -29.88
N ASN K 80 14.74 -44.94 -30.48
CA ASN K 80 13.40 -45.44 -30.69
C ASN K 80 13.16 -45.97 -32.11
N PHE K 81 14.19 -46.04 -32.94
CA PHE K 81 14.05 -46.51 -34.31
C PHE K 81 15.08 -47.59 -34.60
N LYS K 82 14.72 -48.48 -35.52
CA LYS K 82 15.65 -49.50 -35.98
C LYS K 82 16.34 -49.03 -37.25
N GLU K 83 17.64 -49.29 -37.34
CA GLU K 83 18.43 -48.78 -38.44
C GLU K 83 18.03 -49.42 -39.76
N GLY K 84 18.19 -48.65 -40.84
CA GLY K 84 17.89 -49.14 -42.17
C GLY K 84 16.43 -49.43 -42.42
N SER K 85 15.54 -48.54 -41.99
CA SER K 85 14.10 -48.75 -42.10
C SER K 85 13.43 -47.49 -42.65
N ASP K 86 12.24 -47.68 -43.22
CA ASP K 86 11.44 -46.57 -43.68
C ASP K 86 10.79 -45.85 -42.51
N ILE K 87 10.87 -44.53 -42.51
CA ILE K 87 10.43 -43.69 -41.41
C ILE K 87 9.37 -42.72 -41.91
N GLU K 88 8.24 -42.66 -41.22
CA GLU K 88 7.21 -41.69 -41.51
C GLU K 88 7.51 -40.37 -40.79
N ALA K 89 6.96 -39.28 -41.33
CA ALA K 89 7.19 -37.97 -40.74
C ALA K 89 6.53 -37.86 -39.37
N GLY K 90 7.24 -37.23 -38.44
CA GLY K 90 6.72 -37.01 -37.10
C GLY K 90 6.97 -38.12 -36.11
N VAL K 91 7.56 -39.23 -36.53
CA VAL K 91 7.84 -40.34 -35.63
C VAL K 91 9.06 -40.01 -34.79
N SER K 92 8.94 -40.18 -33.47
CA SER K 92 10.05 -39.89 -32.57
C SER K 92 11.21 -40.83 -32.82
N LEU K 93 12.43 -40.28 -32.79
CA LEU K 93 13.64 -41.04 -33.05
C LEU K 93 14.44 -41.34 -31.79
N TYR K 94 14.77 -40.33 -31.01
CA TYR K 94 15.61 -40.48 -29.83
C TYR K 94 14.84 -40.04 -28.58
N GLN K 95 15.55 -40.00 -27.45
CA GLN K 95 14.96 -39.54 -26.20
C GLN K 95 16.08 -38.90 -25.38
N ILE K 96 16.16 -37.58 -25.42
CA ILE K 96 17.13 -36.84 -24.64
C ILE K 96 16.56 -36.66 -23.22
N ASP K 97 17.45 -36.38 -22.27
CA ASP K 97 17.04 -36.29 -20.87
C ASP K 97 16.12 -35.09 -20.65
N PRO K 98 14.90 -35.30 -20.16
CA PRO K 98 13.93 -34.20 -20.03
C PRO K 98 13.80 -33.58 -18.64
N ALA K 99 14.69 -33.90 -17.70
CA ALA K 99 14.48 -33.51 -16.31
C ALA K 99 14.43 -31.99 -16.16
N THR K 100 15.43 -31.29 -16.72
CA THR K 100 15.45 -29.83 -16.60
C THR K 100 14.24 -29.20 -17.29
N TYR K 101 13.89 -29.71 -18.48
CA TYR K 101 12.73 -29.18 -19.19
C TYR K 101 11.45 -29.53 -18.47
N GLN K 102 11.40 -30.70 -17.81
CA GLN K 102 10.24 -31.03 -16.97
C GLN K 102 10.08 -30.03 -15.84
N ALA K 103 11.18 -29.67 -15.18
CA ALA K 103 11.12 -28.68 -14.10
C ALA K 103 10.65 -27.34 -14.63
N THR K 104 11.16 -26.92 -15.79
CA THR K 104 10.73 -25.65 -16.37
C THR K 104 9.24 -25.68 -16.71
N TYR K 105 8.76 -26.80 -17.25
CA TYR K 105 7.34 -26.94 -17.56
C TYR K 105 6.49 -26.86 -16.31
N ASP K 106 6.94 -27.49 -15.23
CA ASP K 106 6.20 -27.42 -13.97
C ASP K 106 6.14 -25.99 -13.44
N SER K 107 7.25 -25.26 -13.53
CA SER K 107 7.24 -23.86 -13.11
C SER K 107 6.26 -23.03 -13.93
N ALA K 108 6.24 -23.25 -15.25
CA ALA K 108 5.30 -22.52 -16.10
C ALA K 108 3.85 -22.85 -15.72
N LYS K 109 3.58 -24.13 -15.45
CA LYS K 109 2.23 -24.53 -15.04
C LYS K 109 1.82 -23.86 -13.74
N GLY K 110 2.74 -23.77 -12.78
CA GLY K 110 2.43 -23.10 -11.53
C GLY K 110 2.11 -21.63 -11.73
N ASP K 111 2.90 -20.95 -12.56
CA ASP K 111 2.62 -19.54 -12.85
C ASP K 111 1.26 -19.39 -13.51
N LEU K 112 0.93 -20.29 -14.44
CA LEU K 112 -0.38 -20.24 -15.09
C LEU K 112 -1.51 -20.42 -14.08
N ALA K 113 -1.34 -21.35 -13.13
CA ALA K 113 -2.37 -21.56 -12.12
C ALA K 113 -2.56 -20.32 -11.25
N LYS K 114 -1.47 -19.67 -10.86
CA LYS K 114 -1.59 -18.45 -10.07
C LYS K 114 -2.35 -17.37 -10.83
N ALA K 115 -2.00 -17.16 -12.10
CA ALA K 115 -2.69 -16.17 -12.90
C ALA K 115 -4.17 -16.52 -13.05
N GLN K 116 -4.47 -17.81 -13.21
CA GLN K 116 -5.87 -18.23 -13.35
C GLN K 116 -6.67 -17.94 -12.09
N ALA K 117 -6.07 -18.18 -10.92
CA ALA K 117 -6.77 -17.87 -9.66
C ALA K 117 -7.05 -16.37 -9.55
N ALA K 118 -6.07 -15.54 -9.91
CA ALA K 118 -6.28 -14.10 -9.87
C ALA K 118 -7.42 -13.68 -10.81
N ALA K 119 -7.43 -14.25 -12.02
CA ALA K 119 -8.49 -13.93 -12.97
C ALA K 119 -9.85 -14.38 -12.45
N ASN K 120 -9.90 -15.54 -11.79
CA ASN K 120 -11.16 -16.03 -11.26
C ASN K 120 -11.74 -15.08 -10.21
N ILE K 121 -10.91 -14.64 -9.27
CA ILE K 121 -11.43 -13.75 -8.23
C ILE K 121 -11.84 -12.42 -8.84
N ALA K 122 -11.07 -11.93 -9.83
CA ALA K 122 -11.46 -10.69 -10.50
C ALA K 122 -12.81 -10.82 -11.19
N GLN K 123 -13.04 -11.95 -11.86
CA GLN K 123 -14.32 -12.16 -12.55
C GLN K 123 -15.47 -12.23 -11.56
N LEU K 124 -15.27 -12.91 -10.43
CA LEU K 124 -16.32 -12.97 -9.41
C LEU K 124 -16.69 -11.57 -8.91
N THR K 125 -15.67 -10.77 -8.60
CA THR K 125 -15.92 -9.41 -8.14
C THR K 125 -16.66 -8.59 -9.19
N VAL K 126 -16.27 -8.75 -10.46
CA VAL K 126 -16.93 -8.00 -11.54
C VAL K 126 -18.39 -8.39 -11.63
N ASN K 127 -18.69 -9.69 -11.56
CA ASN K 127 -20.09 -10.12 -11.63
C ASN K 127 -20.90 -9.55 -10.48
N ARG K 128 -20.37 -9.60 -9.26
CA ARG K 128 -21.12 -9.09 -8.12
C ARG K 128 -21.35 -7.58 -8.24
N TYR K 129 -20.33 -6.83 -8.66
CA TYR K 129 -20.50 -5.39 -8.80
C TYR K 129 -21.48 -5.05 -9.91
N GLN K 130 -21.47 -5.82 -10.99
CA GLN K 130 -22.44 -5.59 -12.06
C GLN K 130 -23.86 -5.85 -11.58
N LYS K 131 -24.04 -6.88 -10.73
CA LYS K 131 -25.35 -7.11 -10.15
C LYS K 131 -25.77 -5.95 -9.25
N LEU K 132 -24.83 -5.39 -8.49
CA LEU K 132 -25.14 -4.23 -7.65
C LEU K 132 -25.54 -3.01 -8.49
N LEU K 133 -24.83 -2.78 -9.59
CA LEU K 133 -24.94 -1.53 -10.34
C LEU K 133 -26.32 -1.29 -10.94
N GLY K 134 -27.18 -2.31 -11.01
CA GLY K 134 -28.45 -2.16 -11.69
C GLY K 134 -29.31 -1.04 -11.13
N THR K 135 -29.35 -0.92 -9.80
CA THR K 135 -30.16 0.09 -9.14
C THR K 135 -29.32 1.14 -8.43
N GLN K 136 -28.12 1.41 -8.96
CA GLN K 136 -27.26 2.49 -8.48
C GLN K 136 -26.94 2.37 -7.00
N TYR K 137 -26.66 1.15 -6.55
CA TYR K 137 -26.26 0.95 -5.16
C TYR K 137 -24.75 1.03 -4.97
N ILE K 138 -23.98 1.08 -6.06
CA ILE K 138 -22.55 1.33 -6.00
C ILE K 138 -22.19 2.36 -7.07
N SER K 139 -21.07 3.03 -6.85
CA SER K 139 -20.62 4.04 -7.80
C SER K 139 -20.19 3.40 -9.11
N LYS K 140 -20.29 4.19 -10.18
CA LYS K 140 -19.82 3.71 -11.49
C LYS K 140 -18.30 3.61 -11.54
N GLN K 141 -17.61 4.43 -10.74
CA GLN K 141 -16.15 4.36 -10.69
C GLN K 141 -15.68 3.00 -10.17
N GLU K 142 -16.36 2.47 -9.16
CA GLU K 142 -15.99 1.15 -8.64
C GLU K 142 -16.19 0.07 -9.70
N TYR K 143 -17.30 0.16 -10.45
CA TYR K 143 -17.54 -0.80 -11.52
C TYR K 143 -16.46 -0.72 -12.59
N ASP K 144 -16.08 0.49 -12.98
CA ASP K 144 -15.02 0.65 -13.98
C ASP K 144 -13.69 0.09 -13.46
N GLN K 145 -13.39 0.33 -12.18
CA GLN K 145 -12.15 -0.21 -11.61
C GLN K 145 -12.16 -1.73 -11.62
N ALA K 146 -13.30 -2.33 -11.26
CA ALA K 146 -13.40 -3.78 -11.28
C ALA K 146 -13.24 -4.33 -12.70
N LEU K 147 -13.85 -3.67 -13.68
CA LEU K 147 -13.72 -4.10 -15.06
C LEU K 147 -12.26 -4.04 -15.52
N ALA K 148 -11.56 -2.95 -15.18
CA ALA K 148 -10.15 -2.83 -15.53
C ALA K 148 -9.32 -3.92 -14.88
N ASP K 149 -9.59 -4.22 -13.60
CA ASP K 149 -8.86 -5.27 -12.91
C ASP K 149 -9.08 -6.63 -13.58
N ALA K 150 -10.32 -6.92 -13.97
CA ALA K 150 -10.60 -8.17 -14.65
C ALA K 150 -9.88 -8.26 -15.99
N GLN K 151 -9.87 -7.16 -16.75
CA GLN K 151 -9.18 -7.18 -18.04
C GLN K 151 -7.69 -7.40 -17.86
N GLN K 152 -7.08 -6.74 -16.86
CA GLN K 152 -5.66 -6.93 -16.60
C GLN K 152 -5.36 -8.36 -16.20
N ALA K 153 -6.22 -8.96 -15.36
CA ALA K 153 -6.01 -10.35 -14.97
C ALA K 153 -6.12 -11.29 -16.16
N ASN K 154 -7.07 -11.04 -17.06
CA ASN K 154 -7.20 -11.87 -18.26
C ASN K 154 -5.96 -11.75 -19.14
N ALA K 155 -5.42 -10.54 -19.28
CA ALA K 155 -4.20 -10.37 -20.06
C ALA K 155 -3.03 -11.11 -19.44
N ALA K 156 -2.91 -11.06 -18.11
CA ALA K 156 -1.87 -11.83 -17.44
C ALA K 156 -2.04 -13.32 -17.66
N VAL K 157 -3.28 -13.80 -17.66
CA VAL K 157 -3.55 -15.21 -17.96
C VAL K 157 -3.07 -15.55 -19.37
N THR K 158 -3.32 -14.66 -20.33
CA THR K 158 -2.86 -14.90 -21.70
C THR K 158 -1.33 -15.00 -21.76
N ALA K 159 -0.64 -14.09 -21.05
CA ALA K 159 0.82 -14.15 -21.05
C ALA K 159 1.32 -15.44 -20.41
N ALA K 160 0.68 -15.88 -19.32
CA ALA K 160 1.07 -17.14 -18.69
C ALA K 160 0.85 -18.32 -19.62
N LYS K 161 -0.25 -18.29 -20.39
CA LYS K 161 -0.50 -19.35 -21.36
C LYS K 161 0.58 -19.38 -22.44
N ALA K 162 1.02 -18.20 -22.89
CA ALA K 162 2.10 -18.16 -23.88
C ALA K 162 3.38 -18.75 -23.31
N ALA K 163 3.70 -18.43 -22.05
CA ALA K 163 4.89 -19.00 -21.43
C ALA K 163 4.78 -20.51 -21.31
N VAL K 164 3.61 -21.02 -20.92
CA VAL K 164 3.40 -22.46 -20.84
C VAL K 164 3.57 -23.10 -22.21
N GLU K 165 3.10 -22.42 -23.26
CA GLU K 165 3.23 -22.96 -24.61
C GLU K 165 4.69 -23.06 -25.02
N THR K 166 5.50 -22.04 -24.74
CA THR K 166 6.91 -22.14 -25.12
C THR K 166 7.63 -23.20 -24.29
N ALA K 167 7.25 -23.35 -23.01
CA ALA K 167 7.83 -24.43 -22.21
C ALA K 167 7.47 -25.80 -22.78
N ARG K 168 6.22 -25.97 -23.21
CA ARG K 168 5.81 -27.24 -23.81
C ARG K 168 6.55 -27.50 -25.11
N ILE K 169 6.76 -26.47 -25.92
CA ILE K 169 7.51 -26.65 -27.16
C ILE K 169 8.93 -27.11 -26.86
N ASN K 170 9.58 -26.46 -25.89
CA ASN K 170 10.94 -26.88 -25.53
C ASN K 170 10.97 -28.31 -25.00
N LEU K 171 9.98 -28.68 -24.17
CA LEU K 171 9.95 -30.04 -23.64
C LEU K 171 9.74 -31.07 -24.74
N ALA K 172 8.87 -30.77 -25.70
CA ALA K 172 8.63 -31.70 -26.80
C ALA K 172 9.79 -31.74 -27.78
N TYR K 173 10.65 -30.72 -27.79
CA TYR K 173 11.83 -30.77 -28.65
C TYR K 173 12.76 -31.91 -28.28
N THR K 174 12.75 -32.33 -27.01
CA THR K 174 13.61 -33.44 -26.59
C THR K 174 13.24 -34.73 -27.31
N LYS K 175 11.95 -34.96 -27.53
CA LYS K 175 11.52 -36.13 -28.29
C LYS K 175 11.84 -35.91 -29.75
N VAL K 176 13.08 -36.22 -30.15
CA VAL K 176 13.55 -35.90 -31.49
C VAL K 176 12.65 -36.56 -32.52
N THR K 177 12.07 -35.74 -33.39
CA THR K 177 11.14 -36.20 -34.41
C THR K 177 11.75 -36.01 -35.80
N SER K 178 11.60 -37.02 -36.64
CA SER K 178 12.13 -36.93 -37.99
C SER K 178 11.34 -35.89 -38.78
N PRO K 179 11.99 -34.88 -39.35
CA PRO K 179 11.24 -33.82 -40.03
C PRO K 179 10.53 -34.28 -41.28
N ILE K 180 11.05 -35.29 -41.98
CA ILE K 180 10.46 -35.77 -43.22
C ILE K 180 10.45 -37.29 -43.22
N SER K 181 9.61 -37.85 -44.10
CA SER K 181 9.60 -39.29 -44.34
C SER K 181 10.78 -39.69 -45.21
N GLY K 182 11.02 -40.99 -45.28
CA GLY K 182 12.10 -41.49 -46.11
C GLY K 182 12.62 -42.80 -45.57
N ARG K 183 13.92 -43.02 -45.77
CA ARG K 183 14.61 -44.17 -45.21
C ARG K 183 15.76 -43.68 -44.34
N ILE K 184 15.86 -44.21 -43.12
CA ILE K 184 16.85 -43.75 -42.16
C ILE K 184 18.03 -44.71 -42.17
N GLY K 185 19.23 -44.17 -42.03
CA GLY K 185 20.44 -44.97 -42.10
C GLY K 185 21.09 -45.25 -40.76
N LYS K 186 22.42 -45.29 -40.75
CA LYS K 186 23.16 -45.56 -39.53
C LYS K 186 22.98 -44.42 -38.53
N SER K 187 23.05 -44.77 -37.25
CA SER K 187 22.98 -43.79 -36.17
C SER K 187 24.41 -43.43 -35.76
N ASN K 188 24.80 -42.19 -36.05
CA ASN K 188 26.16 -41.75 -35.75
C ASN K 188 26.44 -41.70 -34.25
N VAL K 189 25.39 -41.67 -33.41
CA VAL K 189 25.54 -41.68 -31.97
C VAL K 189 24.69 -42.79 -31.40
N THR K 190 25.03 -43.21 -30.19
CA THR K 190 24.34 -44.29 -29.49
C THR K 190 23.87 -43.78 -28.14
N GLU K 191 23.15 -44.63 -27.42
CA GLU K 191 22.67 -44.27 -26.09
C GLU K 191 23.85 -43.99 -25.17
N GLY K 192 23.70 -42.96 -24.34
CA GLY K 192 24.75 -42.56 -23.43
C GLY K 192 25.68 -41.47 -23.94
N ALA K 193 25.45 -40.97 -25.15
CA ALA K 193 26.30 -39.95 -25.75
C ALA K 193 25.67 -38.59 -25.55
N LEU K 194 26.46 -37.64 -25.05
CA LEU K 194 25.95 -36.29 -24.84
C LEU K 194 25.77 -35.55 -26.16
N VAL K 195 24.72 -34.73 -26.23
CA VAL K 195 24.46 -33.87 -27.38
C VAL K 195 24.26 -32.45 -26.88
N GLN K 196 24.43 -31.50 -27.80
CA GLN K 196 24.27 -30.09 -27.48
C GLN K 196 23.33 -29.45 -28.49
N ASN K 197 22.74 -28.32 -28.09
CA ASN K 197 21.75 -27.66 -28.93
C ASN K 197 22.38 -27.17 -30.23
N GLY K 198 21.82 -27.61 -31.35
CA GLY K 198 22.26 -27.14 -32.66
C GLY K 198 23.70 -27.45 -32.98
N GLN K 199 24.17 -28.65 -32.66
CA GLN K 199 25.53 -29.02 -32.98
C GLN K 199 25.68 -29.31 -34.47
N ALA K 200 26.93 -29.27 -34.93
CA ALA K 200 27.20 -29.50 -36.34
C ALA K 200 27.11 -30.99 -36.70
N THR K 201 27.45 -31.88 -35.76
CA THR K 201 27.45 -33.30 -36.03
C THR K 201 26.02 -33.84 -36.06
N ALA K 202 25.63 -34.42 -37.19
CA ALA K 202 24.28 -34.93 -37.34
C ALA K 202 24.12 -36.29 -36.67
N LEU K 203 22.96 -36.51 -36.05
CA LEU K 203 22.69 -37.78 -35.40
C LEU K 203 22.40 -38.87 -36.43
N ALA K 204 21.63 -38.54 -37.47
CA ALA K 204 21.27 -39.50 -38.50
C ALA K 204 20.88 -38.72 -39.76
N THR K 205 20.59 -39.47 -40.82
CA THR K 205 20.22 -38.88 -42.10
C THR K 205 18.98 -39.58 -42.64
N VAL K 206 18.02 -38.80 -43.12
CA VAL K 206 16.80 -39.34 -43.73
C VAL K 206 16.72 -38.77 -45.15
N GLN K 207 16.70 -39.67 -46.14
CA GLN K 207 16.72 -39.25 -47.53
C GLN K 207 15.62 -39.95 -48.33
N GLN K 208 15.13 -39.25 -49.34
CA GLN K 208 14.12 -39.78 -50.25
C GLN K 208 14.81 -40.23 -51.53
N LEU K 209 14.55 -41.47 -51.93
CA LEU K 209 15.23 -42.09 -53.07
C LEU K 209 14.38 -42.09 -54.33
N ASP K 210 13.25 -41.39 -54.35
CA ASP K 210 12.42 -41.35 -55.54
C ASP K 210 11.61 -40.06 -55.58
N PRO K 211 11.84 -39.18 -56.56
CA PRO K 211 12.82 -39.28 -57.65
C PRO K 211 14.24 -38.96 -57.18
N ILE K 212 15.18 -38.81 -58.11
CA ILE K 212 16.58 -38.58 -57.78
C ILE K 212 17.09 -37.46 -58.69
N TYR K 213 18.04 -36.67 -58.17
CA TYR K 213 18.64 -35.60 -58.94
C TYR K 213 19.95 -36.08 -59.55
N VAL K 214 20.25 -35.55 -60.73
CA VAL K 214 21.54 -35.78 -61.38
C VAL K 214 22.12 -34.42 -61.72
N ASP K 215 23.26 -34.09 -61.11
CA ASP K 215 23.95 -32.84 -61.36
C ASP K 215 25.13 -33.13 -62.27
N VAL K 216 25.08 -32.62 -63.49
CA VAL K 216 26.14 -32.81 -64.46
C VAL K 216 26.86 -31.49 -64.67
N THR K 217 28.06 -31.57 -65.24
CA THR K 217 28.91 -30.40 -65.41
C THR K 217 29.11 -30.11 -66.89
N GLN K 218 28.84 -28.86 -67.30
CA GLN K 218 29.02 -28.44 -68.68
C GLN K 218 29.90 -27.21 -68.73
N SER K 219 30.88 -27.21 -69.63
CA SER K 219 31.78 -26.08 -69.76
C SER K 219 31.02 -24.83 -70.22
N SER K 220 31.50 -23.67 -69.77
CA SER K 220 30.81 -22.41 -70.06
C SER K 220 30.86 -22.07 -71.54
N ASN K 221 31.98 -22.39 -72.21
CA ASN K 221 32.10 -22.07 -73.63
C ASN K 221 31.07 -22.82 -74.46
N ASP K 222 30.86 -24.11 -74.16
CA ASP K 222 29.85 -24.89 -74.86
C ASP K 222 28.45 -24.32 -74.60
N PHE K 223 28.18 -23.93 -73.36
CA PHE K 223 26.89 -23.33 -73.04
C PHE K 223 26.65 -22.06 -73.84
N LEU K 224 27.66 -21.19 -73.90
CA LEU K 224 27.51 -19.94 -74.63
C LEU K 224 27.34 -20.18 -76.13
N ARG K 225 28.11 -21.12 -76.69
CA ARG K 225 27.97 -21.37 -78.12
C ARG K 225 26.62 -22.02 -78.45
N LEU K 226 26.12 -22.88 -77.56
CA LEU K 226 24.79 -23.45 -77.77
C LEU K 226 23.71 -22.38 -77.69
N LYS K 227 23.82 -21.47 -76.73
CA LYS K 227 22.84 -20.39 -76.63
C LYS K 227 22.89 -19.50 -77.86
N GLN K 228 24.09 -19.20 -78.36
CA GLN K 228 24.22 -18.39 -79.56
C GLN K 228 23.63 -19.10 -80.78
N GLU K 229 23.87 -20.42 -80.91
CA GLU K 229 23.29 -21.17 -82.00
C GLU K 229 21.78 -21.19 -81.93
N LEU K 230 21.23 -21.36 -80.73
CA LEU K 230 19.78 -21.34 -80.55
C LEU K 230 19.20 -19.98 -80.93
N ALA K 231 19.87 -18.90 -80.51
CA ALA K 231 19.38 -17.56 -80.86
C ALA K 231 19.46 -17.31 -82.35
N ASN K 232 20.54 -17.75 -82.99
CA ASN K 232 20.72 -17.51 -84.42
C ASN K 232 19.64 -18.19 -85.26
N GLY K 233 19.31 -19.44 -84.92
CA GLY K 233 18.30 -20.18 -85.65
C GLY K 233 18.77 -21.50 -86.25
N THR K 234 20.05 -21.83 -86.12
CA THR K 234 20.53 -23.11 -86.65
C THR K 234 20.04 -24.29 -85.82
N LEU K 235 19.51 -24.04 -84.63
CA LEU K 235 18.99 -25.09 -83.76
C LEU K 235 17.52 -24.84 -83.48
N LYS K 236 16.76 -25.92 -83.34
CA LYS K 236 15.32 -25.85 -83.11
C LYS K 236 14.98 -26.65 -81.86
N GLN K 237 14.82 -25.97 -80.73
CA GLN K 237 14.28 -26.61 -79.54
C GLN K 237 12.79 -26.86 -79.72
N GLU K 238 12.29 -27.88 -79.01
CA GLU K 238 10.90 -28.27 -79.15
C GLU K 238 10.27 -28.47 -77.78
N ASN K 239 8.96 -28.21 -77.71
CA ASN K 239 8.16 -28.46 -76.51
C ASN K 239 8.67 -27.68 -75.32
N GLY K 240 9.27 -28.38 -74.36
CA GLY K 240 9.69 -27.77 -73.11
C GLY K 240 11.07 -28.21 -72.66
N LYS K 241 11.14 -28.74 -71.44
CA LYS K 241 12.41 -29.17 -70.86
C LYS K 241 13.06 -30.24 -71.73
N ALA K 242 14.39 -30.13 -71.87
CA ALA K 242 15.13 -31.07 -72.68
C ALA K 242 15.20 -32.43 -72.00
N LYS K 243 15.10 -33.49 -72.81
CA LYS K 243 15.16 -34.85 -72.29
C LYS K 243 16.60 -35.30 -72.12
N VAL K 244 16.88 -35.97 -71.01
CA VAL K 244 18.21 -36.44 -70.67
C VAL K 244 18.16 -37.94 -70.45
N SER K 245 19.06 -38.66 -71.11
CA SER K 245 19.20 -40.10 -70.90
C SER K 245 20.46 -40.37 -70.08
N LEU K 246 20.52 -41.58 -69.51
CA LEU K 246 21.53 -41.91 -68.52
C LEU K 246 22.38 -43.09 -68.99
N ILE K 247 23.66 -43.06 -68.63
CA ILE K 247 24.58 -44.17 -68.78
C ILE K 247 25.24 -44.41 -67.44
N THR K 248 25.04 -45.61 -66.89
CA THR K 248 25.52 -45.95 -65.56
C THR K 248 27.00 -46.36 -65.63
N SER K 249 27.56 -46.69 -64.48
CA SER K 249 28.98 -47.05 -64.40
C SER K 249 29.31 -48.25 -65.27
N ASP K 250 28.39 -49.22 -65.37
CA ASP K 250 28.62 -50.37 -66.23
C ASP K 250 28.44 -50.05 -67.71
N GLY K 251 27.85 -48.90 -68.03
CA GLY K 251 27.54 -48.55 -69.40
C GLY K 251 26.12 -48.88 -69.82
N ILE K 252 25.31 -49.41 -68.91
CA ILE K 252 23.93 -49.79 -69.23
C ILE K 252 23.10 -48.53 -69.39
N LYS K 253 22.35 -48.44 -70.48
CA LYS K 253 21.40 -47.35 -70.66
C LYS K 253 20.26 -47.48 -69.65
N PHE K 254 19.94 -46.37 -68.99
CA PHE K 254 18.85 -46.38 -68.03
C PHE K 254 17.53 -46.65 -68.74
N PRO K 255 16.69 -47.53 -68.23
CA PRO K 255 15.42 -47.84 -68.92
C PRO K 255 14.54 -46.62 -69.15
N GLN K 256 14.55 -45.65 -68.25
CA GLN K 256 13.73 -44.46 -68.39
C GLN K 256 14.61 -43.27 -68.75
N ASP K 257 14.02 -42.32 -69.47
CA ASP K 257 14.72 -41.10 -69.90
C ASP K 257 14.24 -39.93 -69.06
N GLY K 258 15.17 -39.24 -68.41
CA GLY K 258 14.85 -38.14 -67.52
C GLY K 258 14.68 -36.83 -68.25
N THR K 259 14.48 -35.77 -67.46
CA THR K 259 14.28 -34.43 -67.98
C THR K 259 15.12 -33.44 -67.20
N LEU K 260 15.62 -32.43 -67.91
CA LEU K 260 16.51 -31.43 -67.35
C LEU K 260 15.74 -30.14 -67.07
N GLU K 261 16.14 -29.44 -66.01
CA GLU K 261 15.63 -28.10 -65.75
C GLU K 261 16.66 -27.37 -64.90
N PHE K 262 16.44 -26.07 -64.71
CA PHE K 262 17.29 -25.24 -63.87
C PHE K 262 18.74 -25.26 -64.39
N SER K 263 18.91 -24.62 -65.55
CA SER K 263 20.26 -24.29 -66.00
C SER K 263 20.85 -23.21 -65.13
N ASP K 264 21.97 -23.52 -64.46
CA ASP K 264 22.55 -22.59 -63.51
C ASP K 264 23.23 -21.42 -64.24
N VAL K 265 23.59 -20.40 -63.47
CA VAL K 265 24.15 -19.19 -64.04
C VAL K 265 25.52 -18.84 -63.49
N THR K 266 25.88 -19.31 -62.30
CA THR K 266 27.21 -19.04 -61.76
C THR K 266 28.24 -19.97 -62.40
N VAL K 267 29.47 -19.48 -62.50
CA VAL K 267 30.55 -20.19 -63.18
C VAL K 267 31.61 -20.57 -62.14
N ASP K 268 31.98 -21.84 -62.12
CA ASP K 268 33.06 -22.30 -61.26
C ASP K 268 34.37 -21.62 -61.66
N GLN K 269 35.08 -21.08 -60.67
CA GLN K 269 36.33 -20.37 -60.94
C GLN K 269 37.47 -21.33 -61.27
N THR K 270 37.56 -22.44 -60.55
CA THR K 270 38.70 -23.34 -60.69
C THR K 270 38.73 -23.99 -62.09
N THR K 271 37.57 -24.42 -62.59
CA THR K 271 37.49 -25.12 -63.86
C THR K 271 36.97 -24.23 -64.99
N GLY K 272 35.88 -23.52 -64.76
CA GLY K 272 35.30 -22.68 -65.79
C GLY K 272 34.06 -23.30 -66.41
N SER K 273 33.26 -23.94 -65.57
CA SER K 273 32.09 -24.67 -66.04
C SER K 273 30.91 -24.40 -65.11
N ILE K 274 29.72 -24.54 -65.66
CA ILE K 274 28.48 -24.41 -64.91
C ILE K 274 27.87 -25.80 -64.71
N THR K 275 26.82 -25.86 -63.91
CA THR K 275 26.17 -27.12 -63.56
C THR K 275 24.75 -27.16 -64.13
N LEU K 276 24.34 -28.37 -64.52
CA LEU K 276 23.02 -28.64 -65.03
C LEU K 276 22.35 -29.67 -64.13
N ARG K 277 21.04 -29.54 -63.96
CA ARG K 277 20.29 -30.42 -63.08
C ARG K 277 19.22 -31.16 -63.88
N ALA K 278 19.13 -32.47 -63.66
CA ALA K 278 18.09 -33.29 -64.25
C ALA K 278 17.44 -34.13 -63.16
N ILE K 279 16.21 -34.57 -63.41
CA ILE K 279 15.45 -35.33 -62.43
C ILE K 279 15.04 -36.66 -63.06
N PHE K 280 15.32 -37.76 -62.36
CA PHE K 280 15.04 -39.10 -62.85
C PHE K 280 14.15 -39.81 -61.84
N PRO K 281 12.94 -40.21 -62.20
CA PRO K 281 12.17 -41.09 -61.31
C PRO K 281 12.90 -42.42 -61.12
N ASN K 282 12.86 -42.92 -59.88
CA ASN K 282 13.63 -44.09 -59.48
C ASN K 282 12.69 -45.07 -58.78
N PRO K 283 11.91 -45.83 -59.55
CA PRO K 283 10.91 -46.71 -58.92
C PRO K 283 11.51 -47.95 -58.28
N ASP K 284 12.55 -48.54 -58.87
CA ASP K 284 13.11 -49.79 -58.38
C ASP K 284 14.37 -49.58 -57.52
N HIS K 285 14.67 -48.34 -57.17
CA HIS K 285 15.86 -48.02 -56.36
C HIS K 285 17.14 -48.56 -56.98
N THR K 286 17.25 -48.48 -58.31
CA THR K 286 18.46 -48.92 -58.99
C THR K 286 19.53 -47.84 -59.04
N LEU K 287 19.22 -46.63 -58.59
CA LEU K 287 20.19 -45.55 -58.51
C LEU K 287 20.30 -45.08 -57.06
N LEU K 288 21.52 -44.99 -56.56
CA LEU K 288 21.75 -44.54 -55.19
C LEU K 288 22.48 -43.20 -55.23
N PRO K 289 22.22 -42.32 -54.26
CA PRO K 289 22.88 -41.00 -54.28
C PRO K 289 24.39 -41.12 -54.16
N GLY K 290 25.10 -40.28 -54.90
CA GLY K 290 26.54 -40.16 -54.80
C GLY K 290 27.35 -40.83 -55.88
N MET K 291 26.73 -41.63 -56.75
CA MET K 291 27.51 -42.36 -57.74
C MET K 291 27.90 -41.45 -58.90
N PHE K 292 28.75 -41.99 -59.77
CA PHE K 292 29.25 -41.28 -60.94
C PHE K 292 28.50 -41.79 -62.18
N VAL K 293 27.89 -40.86 -62.93
CA VAL K 293 27.06 -41.22 -64.08
C VAL K 293 27.41 -40.32 -65.26
N ARG K 294 27.05 -40.80 -66.45
CA ARG K 294 27.19 -40.02 -67.68
C ARG K 294 25.81 -39.70 -68.22
N ALA K 295 25.60 -38.45 -68.63
CA ALA K 295 24.30 -38.01 -69.11
C ALA K 295 24.38 -37.62 -70.57
N ARG K 296 23.45 -38.14 -71.36
CA ARG K 296 23.28 -37.74 -72.76
C ARG K 296 22.16 -36.72 -72.81
N LEU K 297 22.52 -35.48 -73.14
CA LEU K 297 21.63 -34.33 -73.07
C LEU K 297 21.35 -33.83 -74.49
N GLU K 298 20.09 -33.78 -74.87
CA GLU K 298 19.70 -33.32 -76.20
C GLU K 298 19.55 -31.81 -76.21
N GLU K 299 20.01 -31.18 -77.30
CA GLU K 299 20.02 -29.73 -77.42
C GLU K 299 19.29 -29.26 -78.67
N GLY K 300 18.30 -30.01 -79.15
CA GLY K 300 17.48 -29.53 -80.24
C GLY K 300 17.65 -30.28 -81.54
N LEU K 301 17.21 -29.67 -82.65
CA LEU K 301 17.19 -30.29 -83.96
C LEU K 301 17.93 -29.40 -84.95
N ASN K 302 18.73 -30.01 -85.81
CA ASN K 302 19.43 -29.30 -86.88
C ASN K 302 18.91 -29.82 -88.22
N PRO K 303 17.96 -29.13 -88.85
CA PRO K 303 17.38 -29.65 -90.09
C PRO K 303 18.20 -29.33 -91.32
N ASN K 304 19.53 -29.46 -91.22
CA ASN K 304 20.41 -29.30 -92.37
C ASN K 304 21.57 -30.30 -92.33
N ALA K 305 21.51 -31.32 -91.47
CA ALA K 305 22.63 -32.21 -91.28
C ALA K 305 22.95 -32.97 -92.56
N ILE K 306 24.24 -33.09 -92.86
CA ILE K 306 24.73 -33.87 -93.99
C ILE K 306 25.49 -35.06 -93.44
N LEU K 307 24.98 -36.26 -93.73
CA LEU K 307 25.62 -37.49 -93.28
C LEU K 307 26.23 -38.21 -94.47
N VAL K 308 27.50 -38.58 -94.34
CA VAL K 308 28.24 -39.28 -95.39
C VAL K 308 28.76 -40.58 -94.81
N PRO K 309 28.52 -41.73 -95.43
CA PRO K 309 29.06 -42.98 -94.90
C PRO K 309 30.57 -42.93 -94.83
N GLN K 310 31.12 -43.49 -93.75
CA GLN K 310 32.56 -43.41 -93.50
C GLN K 310 33.38 -44.21 -94.50
N GLN K 311 32.75 -45.06 -95.30
CA GLN K 311 33.45 -45.86 -96.30
C GLN K 311 33.69 -45.09 -97.60
N GLY K 312 33.26 -43.84 -97.70
CA GLY K 312 33.42 -43.07 -98.92
C GLY K 312 34.20 -41.78 -98.72
N VAL K 313 35.02 -41.71 -97.68
CA VAL K 313 35.85 -40.55 -97.40
C VAL K 313 37.27 -41.03 -97.09
N THR K 314 38.26 -40.30 -97.60
CA THR K 314 39.65 -40.64 -97.40
C THR K 314 40.33 -39.57 -96.55
N ARG K 315 41.04 -40.01 -95.51
CA ARG K 315 41.67 -39.10 -94.56
C ARG K 315 43.19 -39.19 -94.69
N THR K 316 43.83 -38.04 -94.91
CA THR K 316 45.26 -37.97 -94.97
C THR K 316 45.86 -38.16 -93.58
N PRO K 317 47.12 -38.60 -93.49
CA PRO K 317 47.73 -38.80 -92.17
C PRO K 317 47.74 -37.56 -91.30
N ARG K 318 47.93 -36.38 -91.89
CA ARG K 318 47.94 -35.16 -91.09
C ARG K 318 46.55 -34.81 -90.58
N GLY K 319 45.50 -35.19 -91.31
CA GLY K 319 44.15 -35.02 -90.82
C GLY K 319 43.10 -34.57 -91.81
N ASP K 320 43.54 -34.12 -92.99
CA ASP K 320 42.59 -33.61 -93.98
C ASP K 320 41.75 -34.74 -94.56
N ALA K 321 40.52 -34.43 -94.94
CA ALA K 321 39.56 -35.40 -95.45
C ALA K 321 39.05 -34.97 -96.81
N THR K 322 38.96 -35.94 -97.74
CA THR K 322 38.51 -35.68 -99.09
C THR K 322 37.48 -36.74 -99.49
N VAL K 323 36.62 -36.37 -100.44
CA VAL K 323 35.55 -37.23 -100.92
C VAL K 323 35.56 -37.22 -102.45
N LEU K 324 35.23 -38.37 -103.04
CA LEU K 324 35.21 -38.53 -104.50
C LEU K 324 33.80 -38.26 -105.00
N VAL K 325 33.54 -37.01 -105.40
CA VAL K 325 32.26 -36.66 -105.99
C VAL K 325 32.24 -37.08 -107.46
N VAL K 326 31.03 -37.27 -107.99
CA VAL K 326 30.83 -37.61 -109.39
C VAL K 326 30.18 -36.41 -110.07
N GLY K 327 30.85 -35.84 -111.06
CA GLY K 327 30.33 -34.69 -111.77
C GLY K 327 29.31 -35.07 -112.83
N ALA K 328 28.71 -34.03 -113.43
CA ALA K 328 27.74 -34.24 -114.48
C ALA K 328 28.36 -34.84 -115.75
N ASP K 329 29.67 -34.66 -115.95
CA ASP K 329 30.38 -35.20 -117.10
C ASP K 329 30.78 -36.67 -116.91
N ASP K 330 30.17 -37.36 -115.96
CA ASP K 330 30.51 -38.75 -115.63
C ASP K 330 31.98 -38.89 -115.23
N LYS K 331 32.53 -37.84 -114.64
CA LYS K 331 33.90 -37.82 -114.15
C LYS K 331 33.91 -37.73 -112.63
N VAL K 332 34.97 -38.26 -112.03
CA VAL K 332 35.15 -38.26 -110.58
C VAL K 332 36.15 -37.17 -110.22
N GLU K 333 35.84 -36.41 -109.18
CA GLU K 333 36.68 -35.33 -108.71
C GLU K 333 36.84 -35.41 -107.19
N THR K 334 38.05 -35.18 -106.71
CA THR K 334 38.31 -35.18 -105.28
C THR K 334 38.06 -33.79 -104.72
N ARG K 335 37.18 -33.70 -103.73
CA ARG K 335 36.84 -32.43 -103.09
C ARG K 335 37.12 -32.53 -101.59
N PRO K 336 37.83 -31.57 -101.01
CA PRO K 336 38.07 -31.61 -99.57
C PRO K 336 36.80 -31.24 -98.80
N ILE K 337 36.63 -31.87 -97.64
CA ILE K 337 35.48 -31.62 -96.78
C ILE K 337 35.96 -31.55 -95.33
N VAL K 338 35.10 -30.98 -94.48
CA VAL K 338 35.34 -30.90 -93.05
C VAL K 338 34.34 -31.79 -92.35
N ALA K 339 34.81 -32.91 -91.79
CA ALA K 339 33.97 -33.87 -91.09
C ALA K 339 34.64 -34.21 -89.77
N SER K 340 34.19 -33.57 -88.70
CA SER K 340 34.78 -33.75 -87.38
C SER K 340 34.00 -34.77 -86.54
N GLN K 341 32.70 -34.54 -86.35
CA GLN K 341 31.89 -35.42 -85.54
C GLN K 341 31.40 -36.61 -86.36
N ALA K 342 31.42 -37.79 -85.74
CA ALA K 342 30.96 -39.02 -86.38
C ALA K 342 29.72 -39.51 -85.64
N ILE K 343 28.64 -39.70 -86.38
CA ILE K 343 27.39 -40.22 -85.83
C ILE K 343 27.26 -41.67 -86.27
N GLY K 344 27.45 -42.59 -85.33
CA GLY K 344 27.46 -44.00 -85.68
C GLY K 344 28.62 -44.29 -86.62
N ASP K 345 28.28 -44.61 -87.87
CA ASP K 345 29.28 -44.78 -88.93
C ASP K 345 29.16 -43.73 -90.01
N LYS K 346 28.47 -42.62 -89.73
CA LYS K 346 28.27 -41.54 -90.68
C LYS K 346 29.00 -40.29 -90.20
N TRP K 347 29.88 -39.76 -91.03
CA TRP K 347 30.53 -38.49 -90.77
C TRP K 347 29.56 -37.34 -91.04
N LEU K 348 29.57 -36.36 -90.14
CA LEU K 348 28.71 -35.18 -90.27
C LEU K 348 29.50 -34.08 -90.99
N VAL K 349 29.15 -33.84 -92.24
CA VAL K 349 29.84 -32.84 -93.05
C VAL K 349 29.29 -31.46 -92.71
N THR K 350 30.20 -30.52 -92.42
CA THR K 350 29.82 -29.15 -92.13
C THR K 350 30.10 -28.19 -93.28
N GLU K 351 31.19 -28.41 -94.02
CA GLU K 351 31.55 -27.54 -95.13
C GLU K 351 32.15 -28.38 -96.25
N GLY K 352 31.98 -27.90 -97.48
CA GLY K 352 32.57 -28.53 -98.64
C GLY K 352 31.63 -29.39 -99.46
N LEU K 353 30.36 -29.50 -99.07
CA LEU K 353 29.40 -30.28 -99.83
C LEU K 353 28.06 -29.56 -99.84
N LYS K 354 27.29 -29.79 -100.91
CA LYS K 354 25.98 -29.20 -101.09
C LYS K 354 24.94 -30.30 -101.24
N ALA K 355 23.68 -29.92 -101.02
CA ALA K 355 22.58 -30.87 -101.19
C ALA K 355 22.51 -31.31 -102.65
N GLY K 356 22.29 -32.62 -102.85
CA GLY K 356 22.23 -33.17 -104.18
C GLY K 356 23.57 -33.57 -104.78
N ASP K 357 24.68 -33.29 -104.10
CA ASP K 357 25.99 -33.75 -104.57
C ASP K 357 26.06 -35.26 -104.49
N ARG K 358 26.66 -35.87 -105.51
CA ARG K 358 26.54 -37.30 -105.70
C ARG K 358 27.93 -37.91 -105.66
N VAL K 359 28.21 -38.69 -104.61
CA VAL K 359 29.57 -39.09 -104.26
C VAL K 359 29.65 -40.60 -104.13
N VAL K 360 30.84 -41.13 -104.38
CA VAL K 360 31.10 -42.57 -104.40
C VAL K 360 31.28 -43.07 -102.97
N ILE K 361 30.78 -44.28 -102.71
CA ILE K 361 30.95 -44.91 -101.40
C ILE K 361 31.60 -46.28 -101.47
N SER K 362 31.67 -46.93 -102.63
CA SER K 362 32.24 -48.27 -102.75
C SER K 362 33.22 -48.32 -103.91
N GLY K 363 34.17 -49.25 -103.83
CA GLY K 363 35.16 -49.39 -104.88
C GLY K 363 36.04 -48.17 -105.06
N LEU K 364 36.46 -47.54 -103.96
CA LEU K 364 37.30 -46.36 -104.06
C LEU K 364 38.66 -46.69 -104.67
N GLN K 365 39.22 -47.84 -104.31
CA GLN K 365 40.51 -48.25 -104.84
C GLN K 365 40.46 -48.57 -106.34
N LYS K 366 39.27 -48.77 -106.91
CA LYS K 366 39.13 -49.10 -108.32
C LYS K 366 38.93 -47.89 -109.21
N VAL K 367 38.81 -46.69 -108.64
CA VAL K 367 38.52 -45.48 -109.40
C VAL K 367 39.62 -44.46 -109.15
N ARG K 368 40.15 -43.87 -110.23
CA ARG K 368 41.17 -42.85 -110.18
C ARG K 368 40.61 -41.50 -110.64
N PRO K 369 41.13 -40.39 -110.12
CA PRO K 369 40.62 -39.08 -110.52
C PRO K 369 40.84 -38.81 -112.00
N GLY K 370 39.91 -38.10 -112.61
CA GLY K 370 39.99 -37.78 -114.02
C GLY K 370 39.56 -38.87 -114.96
N VAL K 371 39.05 -39.99 -114.44
CA VAL K 371 38.65 -41.14 -115.25
C VAL K 371 37.13 -41.15 -115.35
N GLN K 372 36.62 -41.26 -116.58
CA GLN K 372 35.18 -41.34 -116.79
C GLN K 372 34.66 -42.69 -116.27
N VAL K 373 33.69 -42.63 -115.36
CA VAL K 373 33.16 -43.79 -114.64
C VAL K 373 31.64 -43.77 -114.70
N LYS K 374 31.03 -44.91 -114.97
CA LYS K 374 29.61 -45.11 -114.70
C LYS K 374 29.36 -45.23 -113.21
N ALA K 375 28.42 -44.41 -112.73
CA ALA K 375 28.03 -44.36 -111.33
C ALA K 375 26.58 -44.77 -111.23
N GLN K 376 26.29 -45.70 -110.32
CA GLN K 376 24.97 -46.26 -110.15
C GLN K 376 24.50 -46.03 -108.73
N GLU K 377 23.26 -45.59 -108.59
CA GLU K 377 22.67 -45.40 -107.28
C GLU K 377 22.49 -46.73 -106.56
N VAL K 378 22.89 -46.77 -105.30
CA VAL K 378 22.73 -47.95 -104.46
C VAL K 378 22.12 -47.54 -103.13
N THR K 379 21.03 -48.19 -102.75
CA THR K 379 20.35 -47.86 -101.51
C THR K 379 21.20 -48.18 -100.29
N GLN L 36 114.64 1.33 -70.64
CA GLN L 36 114.58 2.78 -70.61
C GLN L 36 114.06 3.29 -69.28
N MET L 37 113.84 4.60 -69.19
CA MET L 37 113.33 5.21 -67.97
C MET L 37 111.81 5.19 -67.97
N PRO L 38 111.18 4.48 -67.03
CA PRO L 38 109.72 4.40 -67.01
C PRO L 38 109.10 5.59 -66.29
N ALA L 39 108.02 6.10 -66.88
CA ALA L 39 107.26 7.20 -66.30
C ALA L 39 105.80 6.79 -66.24
N VAL L 40 105.23 6.82 -65.03
CA VAL L 40 103.86 6.38 -64.81
C VAL L 40 103.15 7.39 -63.90
N GLY L 41 101.82 7.37 -63.96
CA GLY L 41 101.03 8.23 -63.10
C GLY L 41 100.89 7.62 -61.71
N VAL L 42 101.27 8.38 -60.69
CA VAL L 42 101.32 7.89 -59.32
C VAL L 42 100.73 8.96 -58.41
N VAL L 43 99.89 8.54 -57.46
CA VAL L 43 99.21 9.49 -56.58
C VAL L 43 99.42 9.09 -55.12
N THR L 44 99.20 10.07 -54.24
CA THR L 44 99.33 9.88 -52.81
C THR L 44 97.95 9.64 -52.20
N VAL L 45 97.88 8.69 -51.27
CA VAL L 45 96.63 8.31 -50.64
C VAL L 45 96.38 9.20 -49.42
N LYS L 46 95.17 9.71 -49.31
CA LYS L 46 94.77 10.55 -48.19
C LYS L 46 93.43 10.07 -47.64
N THR L 47 93.19 10.34 -46.36
CA THR L 47 91.94 9.97 -45.72
C THR L 47 90.87 11.00 -46.03
N GLU L 48 89.71 10.53 -46.46
CA GLU L 48 88.59 11.40 -46.79
C GLU L 48 87.34 10.94 -46.05
N PRO L 49 86.52 11.88 -45.59
CA PRO L 49 85.26 11.50 -44.92
C PRO L 49 84.26 10.95 -45.91
N LEU L 50 83.82 9.72 -45.68
CA LEU L 50 82.89 9.04 -46.57
C LEU L 50 81.70 8.52 -45.78
N GLN L 51 80.50 8.76 -46.30
CA GLN L 51 79.27 8.31 -45.69
C GLN L 51 78.94 6.91 -46.21
N ILE L 52 78.65 5.99 -45.30
CA ILE L 52 78.37 4.60 -45.67
C ILE L 52 76.86 4.40 -45.71
N THR L 53 76.41 3.62 -46.69
CA THR L 53 75.01 3.33 -46.92
C THR L 53 74.83 1.84 -47.14
N THR L 54 73.70 1.31 -46.66
CA THR L 54 73.32 -0.07 -46.89
C THR L 54 72.00 -0.13 -47.62
N GLU L 55 71.87 -1.09 -48.52
CA GLU L 55 70.65 -1.26 -49.32
C GLU L 55 69.86 -2.44 -48.77
N LEU L 56 68.59 -2.19 -48.46
CA LEU L 56 67.73 -3.20 -47.87
C LEU L 56 66.41 -3.28 -48.61
N PRO L 57 65.90 -4.48 -48.84
CA PRO L 57 64.60 -4.63 -49.50
C PRO L 57 63.45 -4.53 -48.51
N GLY L 58 62.35 -3.97 -48.98
CA GLY L 58 61.20 -3.78 -48.10
C GLY L 58 59.94 -3.54 -48.89
N ARG L 59 58.87 -3.24 -48.14
CA ARG L 59 57.55 -3.05 -48.71
C ARG L 59 56.92 -1.79 -48.14
N THR L 60 56.09 -1.14 -48.95
CA THR L 60 55.42 0.08 -48.53
C THR L 60 54.12 -0.26 -47.79
N SER L 61 53.58 0.75 -47.13
CA SER L 61 52.33 0.60 -46.39
C SER L 61 51.69 1.97 -46.20
N ALA L 62 50.38 1.95 -46.00
CA ALA L 62 49.61 3.19 -45.91
C ALA L 62 49.84 3.87 -44.56
N TYR L 63 49.69 5.20 -44.56
CA TYR L 63 49.87 5.97 -43.34
C TYR L 63 48.80 5.63 -42.31
N ARG L 64 47.53 5.63 -42.73
CA ARG L 64 46.41 5.28 -41.86
C ARG L 64 45.42 4.48 -42.68
N ILE L 65 45.17 3.24 -42.28
CA ILE L 65 44.23 2.35 -42.96
C ILE L 65 43.17 1.91 -41.95
N ALA L 66 41.91 2.06 -42.33
CA ALA L 66 40.79 1.66 -41.49
C ALA L 66 39.91 0.71 -42.27
N GLU L 67 39.63 -0.45 -41.68
CA GLU L 67 38.73 -1.44 -42.27
C GLU L 67 37.34 -1.26 -41.67
N VAL L 68 36.38 -0.87 -42.51
CA VAL L 68 35.04 -0.58 -42.03
C VAL L 68 34.34 -1.89 -41.69
N ARG L 69 34.00 -2.06 -40.42
CA ARG L 69 33.25 -3.22 -39.96
C ARG L 69 31.97 -2.76 -39.29
N PRO L 70 30.86 -3.48 -39.49
CA PRO L 70 29.59 -3.04 -38.90
C PRO L 70 29.61 -3.14 -37.38
N GLN L 71 28.97 -2.17 -36.74
CA GLN L 71 28.81 -2.16 -35.29
C GLN L 71 27.49 -2.77 -34.85
N VAL L 72 26.61 -3.11 -35.79
CA VAL L 72 25.31 -3.70 -35.51
C VAL L 72 25.11 -4.89 -36.45
N SER L 73 23.95 -5.52 -36.33
CA SER L 73 23.61 -6.68 -37.14
C SER L 73 22.29 -6.42 -37.86
N GLY L 74 22.29 -6.68 -39.17
CA GLY L 74 21.10 -6.45 -39.96
C GLY L 74 21.40 -6.67 -41.43
N ILE L 75 20.38 -6.40 -42.24
CA ILE L 75 20.46 -6.58 -43.69
C ILE L 75 20.62 -5.20 -44.33
N ILE L 76 21.59 -5.10 -45.25
CA ILE L 76 21.89 -3.82 -45.87
C ILE L 76 20.76 -3.41 -46.81
N LEU L 77 20.55 -2.09 -46.93
CA LEU L 77 19.52 -1.55 -47.81
C LEU L 77 20.11 -0.75 -48.96
N LYS L 78 20.98 0.21 -48.68
CA LYS L 78 21.53 1.09 -49.70
C LYS L 78 23.02 1.28 -49.47
N ARG L 79 23.71 1.70 -50.53
CA ARG L 79 25.11 2.09 -50.47
C ARG L 79 25.19 3.58 -50.80
N ASN L 80 25.71 4.37 -49.87
CA ASN L 80 25.63 5.82 -49.94
C ASN L 80 26.88 6.48 -50.52
N PHE L 81 27.85 5.70 -50.98
CA PHE L 81 29.09 6.25 -51.52
C PHE L 81 29.42 5.60 -52.85
N LYS L 82 30.09 6.36 -53.71
CA LYS L 82 30.56 5.85 -54.99
C LYS L 82 31.99 5.33 -54.85
N GLU L 83 32.26 4.20 -55.47
CA GLU L 83 33.54 3.53 -55.29
C GLU L 83 34.68 4.35 -55.90
N GLY L 84 35.84 4.26 -55.26
CA GLY L 84 37.03 4.94 -55.75
C GLY L 84 36.96 6.45 -55.70
N SER L 85 36.37 7.01 -54.65
CA SER L 85 36.25 8.45 -54.49
C SER L 85 36.76 8.86 -53.12
N ASP L 86 37.31 10.07 -53.06
CA ASP L 86 37.79 10.61 -51.80
C ASP L 86 36.63 10.81 -50.83
N ILE L 87 36.84 10.40 -49.58
CA ILE L 87 35.78 10.35 -48.58
C ILE L 87 36.16 11.25 -47.42
N GLU L 88 35.23 12.10 -47.00
CA GLU L 88 35.41 12.92 -45.82
C GLU L 88 35.02 12.14 -44.57
N ALA L 89 35.70 12.43 -43.46
CA ALA L 89 35.46 11.73 -42.21
C ALA L 89 34.06 12.03 -41.69
N GLY L 90 33.39 11.00 -41.18
CA GLY L 90 32.06 11.13 -40.64
C GLY L 90 30.92 10.98 -41.64
N VAL L 91 31.24 10.83 -42.92
CA VAL L 91 30.21 10.68 -43.94
C VAL L 91 29.67 9.25 -43.91
N SER L 92 28.35 9.12 -43.88
CA SER L 92 27.72 7.81 -43.83
C SER L 92 28.02 7.03 -45.11
N LEU L 93 28.22 5.73 -44.97
CA LEU L 93 28.56 4.85 -46.09
C LEU L 93 27.45 3.90 -46.47
N TYR L 94 26.90 3.16 -45.52
CA TYR L 94 25.89 2.15 -45.78
C TYR L 94 24.60 2.52 -45.02
N GLN L 95 23.63 1.59 -45.06
CA GLN L 95 22.39 1.76 -44.32
C GLN L 95 21.87 0.38 -43.94
N ILE L 96 22.16 -0.04 -42.72
CA ILE L 96 21.64 -1.29 -42.19
C ILE L 96 20.19 -1.08 -41.72
N ASP L 97 19.39 -2.12 -41.86
CA ASP L 97 17.96 -2.03 -41.52
C ASP L 97 17.76 -1.62 -40.08
N PRO L 98 17.11 -0.48 -39.82
CA PRO L 98 17.01 0.05 -38.44
C PRO L 98 15.71 -0.25 -37.71
N ALA L 99 14.86 -1.14 -38.22
CA ALA L 99 13.52 -1.31 -37.66
C ALA L 99 13.56 -1.73 -36.19
N THR L 100 14.36 -2.75 -35.87
CA THR L 100 14.46 -3.21 -34.49
C THR L 100 15.02 -2.11 -33.59
N TYR L 101 16.06 -1.42 -34.05
CA TYR L 101 16.64 -0.34 -33.27
C TYR L 101 15.67 0.83 -33.15
N GLN L 102 14.85 1.07 -34.17
CA GLN L 102 13.80 2.07 -34.06
C GLN L 102 12.80 1.72 -32.98
N ALA L 103 12.39 0.46 -32.91
CA ALA L 103 11.46 0.03 -31.86
C ALA L 103 12.08 0.21 -30.48
N THR L 104 13.36 -0.17 -30.33
CA THR L 104 14.03 0.01 -29.06
C THR L 104 14.11 1.49 -28.67
N TYR L 105 14.40 2.35 -29.64
CA TYR L 105 14.46 3.78 -29.39
C TYR L 105 13.10 4.31 -28.95
N ASP L 106 12.02 3.85 -29.59
CA ASP L 106 10.69 4.29 -29.20
C ASP L 106 10.35 3.85 -27.78
N SER L 107 10.74 2.63 -27.41
CA SER L 107 10.53 2.17 -26.04
C SER L 107 11.28 3.04 -25.04
N ALA L 108 12.53 3.39 -25.36
CA ALA L 108 13.30 4.26 -24.47
C ALA L 108 12.65 5.63 -24.33
N LYS L 109 12.14 6.17 -25.44
CA LYS L 109 11.48 7.48 -25.39
C LYS L 109 10.23 7.42 -24.52
N GLY L 110 9.46 6.33 -24.62
CA GLY L 110 8.28 6.18 -23.76
C GLY L 110 8.64 6.13 -22.30
N ASP L 111 9.70 5.38 -21.95
CA ASP L 111 10.14 5.34 -20.56
C ASP L 111 10.56 6.72 -20.08
N LEU L 112 11.27 7.47 -20.93
CA LEU L 112 11.68 8.82 -20.58
C LEU L 112 10.47 9.71 -20.33
N ALA L 113 9.44 9.59 -21.17
CA ALA L 113 8.23 10.40 -20.99
C ALA L 113 7.55 10.08 -19.67
N LYS L 114 7.46 8.81 -19.31
CA LYS L 114 6.86 8.43 -18.04
C LYS L 114 7.63 9.03 -16.86
N ALA L 115 8.95 8.91 -16.90
CA ALA L 115 9.76 9.48 -15.82
C ALA L 115 9.60 10.99 -15.74
N GLN L 116 9.51 11.66 -16.90
CA GLN L 116 9.33 13.11 -16.91
C GLN L 116 8.01 13.51 -16.29
N ALA L 117 6.94 12.77 -16.58
CA ALA L 117 5.65 13.07 -15.97
C ALA L 117 5.70 12.93 -14.45
N ALA L 118 6.35 11.86 -13.97
CA ALA L 118 6.49 11.68 -12.53
C ALA L 118 7.27 12.84 -11.91
N ALA L 119 8.36 13.26 -12.56
CA ALA L 119 9.15 14.38 -12.05
C ALA L 119 8.33 15.65 -12.02
N ASN L 120 7.51 15.88 -13.04
CA ASN L 120 6.69 17.09 -13.11
C ASN L 120 5.71 17.15 -11.95
N ILE L 121 5.00 16.05 -11.69
CA ILE L 121 4.03 16.09 -10.60
C ILE L 121 4.74 16.24 -9.25
N ALA L 122 5.90 15.61 -9.10
CA ALA L 122 6.65 15.78 -7.85
C ALA L 122 7.08 17.23 -7.66
N GLN L 123 7.54 17.88 -8.73
CA GLN L 123 7.95 19.28 -8.63
C GLN L 123 6.78 20.18 -8.28
N LEU L 124 5.61 19.93 -8.88
CA LEU L 124 4.43 20.72 -8.54
C LEU L 124 4.08 20.59 -7.06
N THR L 125 4.09 19.35 -6.56
CA THR L 125 3.78 19.14 -5.14
C THR L 125 4.80 19.84 -4.25
N VAL L 126 6.07 19.78 -4.61
CA VAL L 126 7.11 20.42 -3.81
C VAL L 126 6.91 21.93 -3.78
N ASN L 127 6.60 22.53 -4.94
CA ASN L 127 6.38 23.97 -4.97
C ASN L 127 5.20 24.37 -4.10
N ARG L 128 4.09 23.63 -4.18
CA ARG L 128 2.93 23.97 -3.36
C ARG L 128 3.24 23.83 -1.86
N TYR L 129 3.94 22.76 -1.48
CA TYR L 129 4.25 22.58 -0.07
C TYR L 129 5.22 23.64 0.43
N GLN L 130 6.15 24.07 -0.42
CA GLN L 130 7.05 25.15 -0.03
C GLN L 130 6.30 26.46 0.13
N LYS L 131 5.28 26.69 -0.72
CA LYS L 131 4.42 27.85 -0.55
C LYS L 131 3.70 27.81 0.79
N LEU L 132 3.21 26.63 1.19
CA LEU L 132 2.48 26.53 2.44
C LEU L 132 3.38 26.63 3.66
N LEU L 133 4.59 26.07 3.59
CA LEU L 133 5.46 25.95 4.75
C LEU L 133 5.94 27.28 5.31
N GLY L 134 5.94 28.35 4.51
CA GLY L 134 6.61 29.58 4.92
C GLY L 134 6.12 30.13 6.24
N THR L 135 4.85 29.92 6.55
CA THR L 135 4.24 30.45 7.76
C THR L 135 3.63 29.34 8.63
N GLN L 136 4.25 28.16 8.58
CA GLN L 136 3.94 27.05 9.49
C GLN L 136 2.47 26.62 9.41
N TYR L 137 2.08 26.11 8.24
CA TYR L 137 0.76 25.53 8.09
C TYR L 137 0.80 24.05 7.72
N ILE L 138 1.96 23.53 7.32
CA ILE L 138 2.17 22.11 7.15
C ILE L 138 3.44 21.72 7.91
N SER L 139 3.51 20.46 8.29
CA SER L 139 4.65 19.97 9.05
C SER L 139 5.92 20.00 8.21
N LYS L 140 7.06 20.14 8.89
CA LYS L 140 8.34 20.07 8.21
C LYS L 140 8.62 18.68 7.66
N GLN L 141 8.07 17.65 8.31
CA GLN L 141 8.25 16.29 7.84
C GLN L 141 7.63 16.10 6.45
N GLU L 142 6.45 16.68 6.23
CA GLU L 142 5.82 16.60 4.91
C GLU L 142 6.67 17.28 3.85
N TYR L 143 7.25 18.45 4.18
CA TYR L 143 8.12 19.14 3.23
C TYR L 143 9.35 18.30 2.91
N ASP L 144 9.96 17.70 3.93
CA ASP L 144 11.13 16.86 3.68
C ASP L 144 10.77 15.65 2.82
N GLN L 145 9.61 15.04 3.07
CA GLN L 145 9.17 13.91 2.26
C GLN L 145 8.96 14.32 0.81
N ALA L 146 8.34 15.47 0.59
CA ALA L 146 8.12 15.95 -0.77
C ALA L 146 9.46 16.23 -1.46
N LEU L 147 10.40 16.84 -0.74
CA LEU L 147 11.71 17.12 -1.32
C LEU L 147 12.42 15.82 -1.72
N ALA L 148 12.35 14.80 -0.85
CA ALA L 148 12.97 13.52 -1.18
C ALA L 148 12.31 12.89 -2.40
N ASP L 149 10.97 12.97 -2.49
CA ASP L 149 10.28 12.42 -3.64
C ASP L 149 10.71 13.12 -4.93
N ALA L 150 10.84 14.44 -4.88
CA ALA L 150 11.27 15.18 -6.07
C ALA L 150 12.69 14.80 -6.47
N GLN L 151 13.58 14.65 -5.50
CA GLN L 151 14.96 14.26 -5.82
C GLN L 151 15.01 12.87 -6.44
N GLN L 152 14.22 11.94 -5.91
CA GLN L 152 14.19 10.59 -6.48
C GLN L 152 13.63 10.62 -7.90
N ALA L 153 12.60 11.43 -8.14
CA ALA L 153 12.05 11.54 -9.49
C ALA L 153 13.08 12.12 -10.46
N ASN L 154 13.83 13.13 -10.02
CA ASN L 154 14.87 13.69 -10.87
C ASN L 154 15.95 12.66 -11.19
N ALA L 155 16.33 11.85 -10.21
CA ALA L 155 17.31 10.80 -10.46
C ALA L 155 16.79 9.78 -11.47
N ALA L 156 15.52 9.41 -11.34
CA ALA L 156 14.92 8.50 -12.31
C ALA L 156 14.92 9.11 -13.71
N VAL L 157 14.65 10.41 -13.80
CA VAL L 157 14.71 11.10 -15.10
C VAL L 157 16.12 11.01 -15.68
N THR L 158 17.14 11.21 -14.84
CA THR L 158 18.51 11.12 -15.32
C THR L 158 18.81 9.72 -15.85
N ALA L 159 18.38 8.68 -15.13
CA ALA L 159 18.61 7.32 -15.61
C ALA L 159 17.90 7.06 -16.93
N ALA L 160 16.66 7.54 -17.06
CA ALA L 160 15.93 7.37 -18.31
C ALA L 160 16.63 8.10 -19.46
N LYS L 161 17.18 9.28 -19.18
CA LYS L 161 17.93 10.00 -20.21
C LYS L 161 19.16 9.22 -20.65
N ALA L 162 19.85 8.60 -19.69
CA ALA L 162 21.02 7.78 -20.05
C ALA L 162 20.61 6.61 -20.94
N ALA L 163 19.50 5.96 -20.60
CA ALA L 163 19.01 4.85 -21.44
C ALA L 163 18.65 5.33 -22.83
N VAL L 164 18.00 6.50 -22.93
CA VAL L 164 17.66 7.06 -24.23
C VAL L 164 18.93 7.36 -25.02
N GLU L 165 19.96 7.84 -24.34
CA GLU L 165 21.22 8.16 -25.01
C GLU L 165 21.87 6.90 -25.59
N THR L 166 21.92 5.83 -24.81
CA THR L 166 22.54 4.61 -25.36
C THR L 166 21.70 4.02 -26.49
N ALA L 167 20.37 4.11 -26.39
CA ALA L 167 19.53 3.66 -27.50
C ALA L 167 19.78 4.48 -28.75
N ARG L 168 19.94 5.80 -28.60
CA ARG L 168 20.22 6.65 -29.75
C ARG L 168 21.58 6.34 -30.36
N ILE L 169 22.57 6.05 -29.52
CA ILE L 169 23.89 5.67 -30.02
C ILE L 169 23.79 4.40 -30.85
N ASN L 170 23.07 3.40 -30.34
CA ASN L 170 22.90 2.16 -31.09
C ASN L 170 22.16 2.41 -32.41
N LEU L 171 21.14 3.27 -32.38
CA LEU L 171 20.40 3.57 -33.62
C LEU L 171 21.30 4.26 -34.64
N ALA L 172 22.13 5.20 -34.20
CA ALA L 172 23.03 5.88 -35.12
C ALA L 172 24.17 4.99 -35.59
N TYR L 173 24.46 3.90 -34.86
CA TYR L 173 25.48 2.96 -35.32
C TYR L 173 25.12 2.34 -36.67
N THR L 174 23.82 2.17 -36.95
CA THR L 174 23.41 1.57 -38.21
C THR L 174 23.84 2.42 -39.40
N LYS L 175 23.81 3.75 -39.24
CA LYS L 175 24.32 4.64 -40.27
C LYS L 175 25.84 4.56 -40.29
N VAL L 176 26.38 3.55 -40.97
CA VAL L 176 27.82 3.28 -40.90
C VAL L 176 28.59 4.49 -41.39
N THR L 177 29.45 5.01 -40.52
CA THR L 177 30.23 6.22 -40.81
C THR L 177 31.70 5.87 -40.92
N SER L 178 32.36 6.44 -41.92
CA SER L 178 33.79 6.21 -42.09
C SER L 178 34.55 6.84 -40.94
N PRO L 179 35.39 6.08 -40.23
CA PRO L 179 36.07 6.65 -39.06
C PRO L 179 37.13 7.68 -39.42
N ILE L 180 37.78 7.56 -40.58
CA ILE L 180 38.83 8.49 -40.99
C ILE L 180 38.61 8.90 -42.43
N SER L 181 39.28 9.98 -42.82
CA SER L 181 39.27 10.44 -44.20
C SER L 181 40.28 9.63 -45.03
N GLY L 182 40.15 9.75 -46.34
CA GLY L 182 41.03 9.06 -47.26
C GLY L 182 40.29 8.70 -48.53
N ARG L 183 40.79 7.70 -49.22
CA ARG L 183 40.18 7.20 -50.44
C ARG L 183 39.65 5.80 -50.21
N ILE L 184 38.37 5.59 -50.50
CA ILE L 184 37.71 4.31 -50.29
C ILE L 184 37.83 3.47 -51.54
N GLY L 185 38.11 2.18 -51.36
CA GLY L 185 38.29 1.29 -52.50
C GLY L 185 37.01 0.63 -52.95
N LYS L 186 37.01 -0.70 -52.98
CA LYS L 186 35.86 -1.47 -53.43
C LYS L 186 34.88 -1.69 -52.28
N SER L 187 33.77 -2.31 -52.60
CA SER L 187 32.76 -2.72 -51.61
C SER L 187 32.69 -4.24 -51.63
N ASN L 188 33.21 -4.87 -50.57
CA ASN L 188 33.22 -6.32 -50.51
C ASN L 188 31.80 -6.89 -50.48
N VAL L 189 30.90 -6.24 -49.76
CA VAL L 189 29.50 -6.64 -49.73
C VAL L 189 28.67 -5.59 -50.46
N THR L 190 27.53 -6.03 -50.97
CA THR L 190 26.62 -5.17 -51.72
C THR L 190 25.28 -5.11 -51.00
N GLU L 191 24.33 -4.40 -51.59
CA GLU L 191 22.99 -4.31 -51.01
C GLU L 191 22.34 -5.67 -50.97
N GLY L 192 21.55 -5.92 -49.92
CA GLY L 192 20.89 -7.19 -49.74
C GLY L 192 21.72 -8.26 -49.07
N ALA L 193 22.93 -7.93 -48.61
CA ALA L 193 23.81 -8.90 -47.97
C ALA L 193 23.75 -8.73 -46.46
N LEU L 194 23.49 -9.82 -45.75
CA LEU L 194 23.40 -9.78 -44.31
C LEU L 194 24.77 -9.51 -43.70
N VAL L 195 24.79 -8.69 -42.64
CA VAL L 195 25.98 -8.41 -41.88
C VAL L 195 25.67 -8.64 -40.40
N GLN L 196 26.73 -8.87 -39.63
CA GLN L 196 26.59 -9.15 -38.21
C GLN L 196 27.56 -8.27 -37.42
N ASN L 197 27.25 -8.09 -36.14
CA ASN L 197 28.00 -7.17 -35.29
C ASN L 197 29.44 -7.64 -35.14
N GLY L 198 30.38 -6.77 -35.51
CA GLY L 198 31.79 -7.05 -35.32
C GLY L 198 32.31 -8.26 -36.08
N GLN L 199 31.87 -8.44 -37.32
CA GLN L 199 32.33 -9.57 -38.11
C GLN L 199 33.76 -9.33 -38.60
N ALA L 200 34.48 -10.45 -38.82
CA ALA L 200 35.86 -10.34 -39.27
C ALA L 200 35.95 -9.78 -40.68
N THR L 201 35.02 -10.16 -41.56
CA THR L 201 35.02 -9.65 -42.92
C THR L 201 34.80 -8.15 -42.93
N ALA L 202 35.58 -7.45 -43.75
CA ALA L 202 35.55 -6.00 -43.81
C ALA L 202 34.63 -5.54 -44.94
N LEU L 203 33.83 -4.50 -44.66
CA LEU L 203 32.94 -3.96 -45.68
C LEU L 203 33.73 -3.19 -46.74
N ALA L 204 34.68 -2.37 -46.32
CA ALA L 204 35.51 -1.58 -47.24
C ALA L 204 36.77 -1.16 -46.49
N THR L 205 37.68 -0.51 -47.22
CA THR L 205 38.92 -0.02 -46.64
C THR L 205 39.12 1.43 -47.03
N VAL L 206 39.51 2.25 -46.05
CA VAL L 206 39.81 3.66 -46.27
C VAL L 206 41.25 3.90 -45.85
N GLN L 207 42.08 4.35 -46.80
CA GLN L 207 43.50 4.48 -46.55
C GLN L 207 43.99 5.87 -46.96
N GLN L 208 45.00 6.34 -46.23
CA GLN L 208 45.65 7.61 -46.51
C GLN L 208 46.96 7.35 -47.24
N LEU L 209 47.16 8.06 -48.34
CA LEU L 209 48.30 7.82 -49.22
C LEU L 209 49.42 8.84 -49.07
N ASP L 210 49.32 9.74 -48.10
CA ASP L 210 50.33 10.77 -47.95
C ASP L 210 50.43 11.23 -46.49
N PRO L 211 51.56 11.00 -45.82
CA PRO L 211 52.78 10.35 -46.31
C PRO L 211 52.65 8.83 -46.37
N ILE L 212 53.71 8.10 -46.72
CA ILE L 212 53.66 6.66 -46.85
C ILE L 212 54.77 6.07 -46.00
N TYR L 213 54.55 4.84 -45.53
CA TYR L 213 55.54 4.14 -44.73
C TYR L 213 56.30 3.14 -45.60
N VAL L 214 57.57 2.96 -45.29
CA VAL L 214 58.40 1.93 -45.93
C VAL L 214 58.98 1.07 -44.81
N ASP L 215 58.59 -0.19 -44.79
CA ASP L 215 59.09 -1.15 -43.80
C ASP L 215 60.16 -2.00 -44.48
N VAL L 216 61.38 -1.89 -43.98
CA VAL L 216 62.51 -2.64 -44.50
C VAL L 216 62.97 -3.62 -43.43
N THR L 217 63.75 -4.60 -43.87
CA THR L 217 64.22 -5.68 -43.00
C THR L 217 65.75 -5.68 -43.00
N GLN L 218 66.33 -5.63 -41.80
CA GLN L 218 67.78 -5.58 -41.66
C GLN L 218 68.23 -6.65 -40.68
N SER L 219 69.30 -7.35 -41.02
CA SER L 219 69.77 -8.46 -40.20
C SER L 219 70.24 -7.97 -38.83
N SER L 220 70.02 -8.82 -37.81
CA SER L 220 70.40 -8.45 -36.46
C SER L 220 71.91 -8.33 -36.30
N ASN L 221 72.67 -9.16 -37.03
CA ASN L 221 74.13 -9.09 -36.94
C ASN L 221 74.64 -7.73 -37.42
N ASP L 222 74.12 -7.26 -38.56
CA ASP L 222 74.52 -5.95 -39.05
C ASP L 222 74.09 -4.84 -38.10
N PHE L 223 72.90 -4.96 -37.52
CA PHE L 223 72.43 -3.95 -36.57
C PHE L 223 73.36 -3.87 -35.36
N LEU L 224 73.72 -5.02 -34.80
CA LEU L 224 74.60 -5.04 -33.64
C LEU L 224 76.00 -4.53 -34.00
N ARG L 225 76.51 -4.91 -35.18
CA ARG L 225 77.81 -4.40 -35.61
C ARG L 225 77.80 -2.88 -35.75
N LEU L 226 76.74 -2.34 -36.35
CA LEU L 226 76.63 -0.89 -36.50
C LEU L 226 76.53 -0.19 -35.15
N LYS L 227 75.75 -0.76 -34.22
CA LYS L 227 75.64 -0.17 -32.89
C LYS L 227 76.99 -0.17 -32.18
N GLN L 228 77.73 -1.29 -32.27
CA GLN L 228 79.04 -1.35 -31.63
C GLN L 228 80.02 -0.37 -32.27
N GLU L 229 79.96 -0.23 -33.60
CA GLU L 229 80.82 0.73 -34.27
C GLU L 229 80.50 2.16 -33.85
N LEU L 230 79.21 2.49 -33.73
CA LEU L 230 78.82 3.80 -33.25
C LEU L 230 79.30 4.04 -31.84
N ALA L 231 79.19 3.03 -30.97
CA ALA L 231 79.67 3.18 -29.59
C ALA L 231 81.18 3.37 -29.54
N ASN L 232 81.92 2.64 -30.38
CA ASN L 232 83.37 2.73 -30.37
C ASN L 232 83.86 4.10 -30.80
N GLY L 233 83.11 4.78 -31.66
CA GLY L 233 83.53 6.06 -32.21
C GLY L 233 84.07 6.00 -33.63
N THR L 234 84.09 4.82 -34.24
CA THR L 234 84.50 4.70 -35.64
C THR L 234 83.57 5.46 -36.57
N LEU L 235 82.29 5.55 -36.23
CA LEU L 235 81.29 6.19 -37.07
C LEU L 235 80.75 7.43 -36.38
N LYS L 236 80.19 8.33 -37.18
CA LYS L 236 79.59 9.56 -36.69
C LYS L 236 78.08 9.53 -36.91
N GLN L 237 77.40 10.52 -36.33
CA GLN L 237 75.96 10.66 -36.48
C GLN L 237 75.60 12.13 -36.29
N GLU L 238 74.89 12.69 -37.25
CA GLU L 238 74.55 14.11 -37.26
C GLU L 238 73.08 14.31 -36.94
N ASN L 239 72.81 15.18 -35.97
CA ASN L 239 71.46 15.60 -35.61
C ASN L 239 70.57 14.42 -35.21
N GLY L 240 69.56 14.13 -36.02
CA GLY L 240 68.54 13.17 -35.63
C GLY L 240 68.35 12.01 -36.58
N LYS L 241 67.15 11.91 -37.16
CA LYS L 241 66.78 10.76 -37.97
C LYS L 241 67.69 10.61 -39.18
N ALA L 242 67.99 9.37 -39.53
CA ALA L 242 68.84 9.09 -40.68
C ALA L 242 68.05 9.22 -41.98
N LYS L 243 68.67 9.87 -42.97
CA LYS L 243 68.05 10.04 -44.27
C LYS L 243 68.04 8.72 -45.02
N VAL L 244 66.93 8.46 -45.72
CA VAL L 244 66.74 7.23 -46.48
C VAL L 244 66.31 7.60 -47.89
N SER L 245 67.02 7.06 -48.88
CA SER L 245 66.64 7.23 -50.28
C SER L 245 65.99 5.95 -50.78
N LEU L 246 65.29 6.06 -51.90
CA LEU L 246 64.46 4.97 -52.41
C LEU L 246 64.86 4.60 -53.83
N ILE L 247 64.83 3.30 -54.11
CA ILE L 247 64.98 2.76 -55.45
C ILE L 247 63.72 1.95 -55.74
N THR L 248 62.97 2.37 -56.75
CA THR L 248 61.69 1.76 -57.08
C THR L 248 61.92 0.45 -57.83
N SER L 249 60.83 -0.20 -58.23
CA SER L 249 60.94 -1.48 -58.93
C SER L 249 61.70 -1.33 -60.24
N ASP L 250 61.43 -0.27 -61.00
CA ASP L 250 62.15 -0.02 -62.23
C ASP L 250 63.61 0.34 -61.99
N GLY L 251 63.95 0.73 -60.76
CA GLY L 251 65.28 1.23 -60.46
C GLY L 251 65.39 2.73 -60.43
N ILE L 252 64.29 3.45 -60.63
CA ILE L 252 64.31 4.91 -60.65
C ILE L 252 64.52 5.42 -59.23
N LYS L 253 65.47 6.32 -59.06
CA LYS L 253 65.66 6.97 -57.78
C LYS L 253 64.47 7.87 -57.45
N PHE L 254 64.02 7.81 -56.20
CA PHE L 254 62.88 8.62 -55.80
C PHE L 254 63.26 10.10 -55.85
N PRO L 255 62.44 10.95 -56.47
CA PRO L 255 62.78 12.38 -56.53
C PRO L 255 62.94 13.01 -55.15
N GLN L 256 62.17 12.55 -54.17
CA GLN L 256 62.24 13.08 -52.81
C GLN L 256 62.98 12.09 -51.91
N ASP L 257 63.08 12.45 -50.63
CA ASP L 257 63.81 11.66 -49.65
C ASP L 257 62.96 11.44 -48.42
N GLY L 258 63.21 10.33 -47.73
CA GLY L 258 62.49 9.99 -46.53
C GLY L 258 63.42 9.97 -45.32
N THR L 259 62.81 9.73 -44.16
CA THR L 259 63.57 9.67 -42.92
C THR L 259 63.22 8.41 -42.14
N LEU L 260 64.24 7.77 -41.57
CA LEU L 260 64.03 6.58 -40.75
C LEU L 260 63.66 7.02 -39.33
N GLU L 261 62.49 6.62 -38.87
CA GLU L 261 62.05 6.86 -37.50
C GLU L 261 61.62 5.53 -36.90
N PHE L 262 62.14 5.23 -35.71
CA PHE L 262 61.80 4.03 -34.95
C PHE L 262 62.38 2.78 -35.62
N SER L 263 63.18 2.04 -34.85
CA SER L 263 63.70 0.73 -35.28
C SER L 263 63.26 -0.31 -34.26
N ASP L 264 62.65 -1.39 -34.73
CA ASP L 264 62.07 -2.37 -33.83
C ASP L 264 63.17 -3.12 -33.07
N VAL L 265 62.76 -3.77 -31.98
CA VAL L 265 63.69 -4.48 -31.12
C VAL L 265 63.50 -5.99 -31.17
N THR L 266 62.28 -6.48 -31.42
CA THR L 266 62.06 -7.91 -31.52
C THR L 266 62.73 -8.46 -32.78
N VAL L 267 63.09 -9.74 -32.72
CA VAL L 267 63.84 -10.41 -33.77
C VAL L 267 62.99 -11.52 -34.35
N ASP L 268 62.82 -11.52 -35.67
CA ASP L 268 62.14 -12.60 -36.36
C ASP L 268 62.95 -13.88 -36.21
N GLN L 269 62.37 -14.90 -35.59
CA GLN L 269 63.10 -16.14 -35.36
C GLN L 269 63.24 -16.96 -36.64
N THR L 270 62.30 -16.81 -37.57
CA THR L 270 62.37 -17.58 -38.81
C THR L 270 63.60 -17.21 -39.64
N THR L 271 63.92 -15.92 -39.71
CA THR L 271 65.05 -15.43 -40.51
C THR L 271 66.22 -14.96 -39.66
N GLY L 272 65.97 -14.14 -38.64
CA GLY L 272 67.04 -13.63 -37.81
C GLY L 272 67.32 -12.16 -38.06
N SER L 273 66.26 -11.40 -38.33
CA SER L 273 66.40 -10.00 -38.70
C SER L 273 65.30 -9.18 -38.03
N ILE L 274 65.58 -7.89 -37.84
CA ILE L 274 64.62 -6.96 -37.27
C ILE L 274 64.09 -6.07 -38.39
N THR L 275 63.07 -5.27 -38.05
CA THR L 275 62.38 -4.43 -39.00
C THR L 275 62.62 -2.96 -38.68
N LEU L 276 62.86 -2.17 -39.72
CA LEU L 276 63.02 -0.72 -39.62
C LEU L 276 61.89 -0.05 -40.39
N ARG L 277 61.49 1.12 -39.90
CA ARG L 277 60.38 1.87 -40.48
C ARG L 277 60.85 3.25 -40.89
N ALA L 278 60.49 3.66 -42.09
CA ALA L 278 60.83 4.99 -42.60
C ALA L 278 59.58 5.65 -43.15
N ILE L 279 59.58 6.98 -43.15
CA ILE L 279 58.47 7.77 -43.65
C ILE L 279 58.91 8.54 -44.88
N PHE L 280 58.03 8.59 -45.89
CA PHE L 280 58.32 9.23 -47.16
C PHE L 280 57.16 10.15 -47.53
N PRO L 281 57.43 11.41 -47.87
CA PRO L 281 56.35 12.26 -48.42
C PRO L 281 55.97 11.81 -49.82
N ASN L 282 54.67 11.71 -50.06
CA ASN L 282 54.12 11.19 -51.32
C ASN L 282 53.05 12.14 -51.83
N PRO L 283 53.44 13.28 -52.41
CA PRO L 283 52.45 14.25 -52.87
C PRO L 283 51.84 13.90 -54.22
N ASP L 284 52.63 13.31 -55.11
CA ASP L 284 52.18 13.00 -56.46
C ASP L 284 51.58 11.60 -56.59
N HIS L 285 51.49 10.86 -55.48
CA HIS L 285 50.92 9.52 -55.47
C HIS L 285 51.64 8.58 -56.44
N THR L 286 52.96 8.72 -56.55
CA THR L 286 53.75 7.78 -57.33
C THR L 286 54.02 6.48 -56.59
N LEU L 287 53.68 6.41 -55.31
CA LEU L 287 53.84 5.21 -54.50
C LEU L 287 52.50 4.76 -53.97
N LEU L 288 52.29 3.46 -53.93
CA LEU L 288 51.06 2.85 -53.44
C LEU L 288 51.40 1.82 -52.37
N PRO L 289 50.51 1.59 -51.42
CA PRO L 289 50.82 0.64 -50.34
C PRO L 289 50.88 -0.79 -50.86
N GLY L 290 52.08 -1.37 -50.85
CA GLY L 290 52.19 -2.78 -51.11
C GLY L 290 53.35 -3.30 -51.96
N MET L 291 53.89 -2.49 -52.85
CA MET L 291 54.89 -3.03 -53.78
C MET L 291 56.22 -3.29 -53.07
N PHE L 292 57.18 -3.76 -53.85
CA PHE L 292 58.52 -4.10 -53.38
C PHE L 292 59.48 -2.98 -53.77
N VAL L 293 60.21 -2.44 -52.78
CA VAL L 293 61.12 -1.33 -53.01
C VAL L 293 62.45 -1.65 -52.35
N ARG L 294 63.47 -0.89 -52.73
CA ARG L 294 64.78 -0.96 -52.11
C ARG L 294 65.06 0.37 -51.42
N ALA L 295 65.64 0.32 -50.23
CA ALA L 295 65.92 1.52 -49.46
C ALA L 295 67.42 1.62 -49.23
N ARG L 296 67.99 2.77 -49.56
CA ARG L 296 69.38 3.09 -49.26
C ARG L 296 69.40 3.90 -47.98
N LEU L 297 69.96 3.31 -46.92
CA LEU L 297 69.97 3.88 -45.59
C LEU L 297 71.39 4.28 -45.23
N GLU L 298 71.59 5.55 -44.88
CA GLU L 298 72.90 6.06 -44.49
C GLU L 298 73.12 5.83 -43.00
N GLU L 299 74.37 5.62 -42.61
CA GLU L 299 74.70 5.42 -41.21
C GLU L 299 75.51 6.56 -40.60
N GLY L 300 76.57 7.00 -41.25
CA GLY L 300 77.35 8.10 -40.75
C GLY L 300 78.66 8.23 -41.49
N LEU L 301 79.26 9.40 -41.33
CA LEU L 301 80.53 9.71 -42.00
C LEU L 301 81.65 8.94 -41.31
N ASN L 302 82.43 8.21 -42.10
CA ASN L 302 83.64 7.57 -41.58
C ASN L 302 84.79 8.57 -41.68
N PRO L 303 85.32 9.06 -40.57
CA PRO L 303 86.34 10.13 -40.64
C PRO L 303 87.62 9.70 -41.33
N ASN L 304 88.02 8.44 -41.23
CA ASN L 304 89.25 7.94 -41.82
C ASN L 304 88.89 6.85 -42.82
N ALA L 305 88.62 7.24 -44.06
CA ALA L 305 88.30 6.31 -45.12
C ALA L 305 89.32 6.46 -46.25
N ILE L 306 89.74 5.33 -46.81
CA ILE L 306 90.77 5.29 -47.84
C ILE L 306 90.14 4.78 -49.13
N LEU L 307 90.25 5.56 -50.19
CA LEU L 307 89.74 5.20 -51.51
C LEU L 307 90.91 5.10 -52.47
N VAL L 308 90.97 4.00 -53.21
CA VAL L 308 92.03 3.78 -54.18
C VAL L 308 91.40 3.48 -55.53
N PRO L 309 91.85 4.11 -56.61
CA PRO L 309 91.29 3.79 -57.93
C PRO L 309 91.47 2.32 -58.26
N GLN L 310 90.43 1.73 -58.87
CA GLN L 310 90.44 0.30 -59.16
C GLN L 310 91.42 -0.08 -60.26
N GLN L 311 92.00 0.89 -60.95
CA GLN L 311 92.95 0.63 -62.01
C GLN L 311 94.37 0.36 -61.50
N GLY L 312 94.58 0.44 -60.19
CA GLY L 312 95.92 0.24 -59.64
C GLY L 312 96.00 -0.86 -58.59
N VAL L 313 95.06 -1.81 -58.63
CA VAL L 313 95.04 -2.94 -57.70
C VAL L 313 94.93 -4.22 -58.51
N THR L 314 95.84 -5.16 -58.25
CA THR L 314 95.87 -6.43 -58.95
C THR L 314 95.30 -7.53 -58.07
N ARG L 315 94.33 -8.26 -58.59
CA ARG L 315 93.66 -9.32 -57.85
C ARG L 315 94.04 -10.67 -58.42
N THR L 316 94.52 -11.55 -57.56
CA THR L 316 94.83 -12.91 -57.95
C THR L 316 93.53 -13.68 -58.19
N PRO L 317 93.59 -14.78 -58.96
CA PRO L 317 92.37 -15.58 -59.17
C PRO L 317 91.74 -16.06 -57.87
N ARG L 318 92.54 -16.36 -56.85
CA ARG L 318 91.98 -16.76 -55.56
C ARG L 318 91.18 -15.64 -54.93
N GLY L 319 91.69 -14.42 -54.96
CA GLY L 319 90.97 -13.29 -54.43
C GLY L 319 91.82 -12.25 -53.71
N ASP L 320 93.09 -12.58 -53.46
CA ASP L 320 93.96 -11.65 -52.76
C ASP L 320 94.29 -10.45 -53.64
N ALA L 321 94.42 -9.28 -53.01
CA ALA L 321 94.64 -8.03 -53.71
C ALA L 321 95.98 -7.43 -53.31
N THR L 322 96.77 -7.03 -54.31
CA THR L 322 98.07 -6.41 -54.10
C THR L 322 98.11 -5.07 -54.83
N VAL L 323 99.00 -4.20 -54.37
CA VAL L 323 99.14 -2.85 -54.92
C VAL L 323 100.62 -2.50 -54.98
N LEU L 324 100.98 -1.71 -55.99
CA LEU L 324 102.34 -1.23 -56.17
C LEU L 324 102.50 0.14 -55.53
N VAL L 325 103.52 0.27 -54.68
CA VAL L 325 103.80 1.49 -53.94
C VAL L 325 105.19 1.99 -54.32
N VAL L 326 105.29 3.29 -54.59
CA VAL L 326 106.58 3.92 -54.91
C VAL L 326 107.28 4.27 -53.61
N GLY L 327 108.45 3.68 -53.40
CA GLY L 327 109.20 3.92 -52.19
C GLY L 327 109.96 5.24 -52.22
N ALA L 328 110.61 5.53 -51.08
CA ALA L 328 111.39 6.76 -50.97
C ALA L 328 112.59 6.73 -51.91
N ASP L 329 113.18 5.56 -52.15
CA ASP L 329 114.32 5.41 -53.04
C ASP L 329 113.94 5.30 -54.51
N ASP L 330 112.74 5.77 -54.86
CA ASP L 330 112.23 5.76 -56.24
C ASP L 330 112.07 4.34 -56.79
N LYS L 331 111.98 3.35 -55.91
CA LYS L 331 111.71 1.97 -56.30
C LYS L 331 110.22 1.68 -56.19
N VAL L 332 109.85 0.48 -56.61
CA VAL L 332 108.47 0.02 -56.56
C VAL L 332 108.41 -1.27 -55.75
N GLU L 333 107.49 -1.33 -54.79
CA GLU L 333 107.28 -2.50 -53.96
C GLU L 333 105.83 -2.98 -54.13
N THR L 334 105.62 -4.26 -53.87
CA THR L 334 104.30 -4.86 -53.93
C THR L 334 103.82 -5.20 -52.52
N ARG L 335 102.66 -4.69 -52.14
CA ARG L 335 102.16 -4.98 -50.82
C ARG L 335 100.70 -5.41 -50.88
N PRO L 336 100.28 -6.33 -50.02
CA PRO L 336 98.89 -6.78 -50.03
C PRO L 336 97.99 -5.82 -49.27
N ILE L 337 96.75 -5.70 -49.76
CA ILE L 337 95.74 -4.86 -49.14
C ILE L 337 94.42 -5.62 -49.09
N VAL L 338 93.53 -5.17 -48.21
CA VAL L 338 92.22 -5.78 -48.03
C VAL L 338 91.18 -4.78 -48.51
N ALA L 339 90.71 -4.96 -49.73
CA ALA L 339 89.66 -4.12 -50.31
C ALA L 339 88.45 -5.00 -50.60
N SER L 340 87.33 -4.72 -49.93
CA SER L 340 86.14 -5.54 -50.03
C SER L 340 84.97 -4.81 -50.68
N GLN L 341 84.75 -3.55 -50.31
CA GLN L 341 83.61 -2.78 -50.80
C GLN L 341 84.08 -1.75 -51.81
N ALA L 342 83.36 -1.65 -52.92
CA ALA L 342 83.68 -0.70 -53.99
C ALA L 342 82.66 0.42 -54.01
N ILE L 343 83.14 1.65 -53.89
CA ILE L 343 82.30 2.84 -53.96
C ILE L 343 82.44 3.43 -55.35
N GLY L 344 81.41 3.29 -56.17
CA GLY L 344 81.49 3.77 -57.53
C GLY L 344 82.55 3.00 -58.30
N ASP L 345 83.65 3.66 -58.59
CA ASP L 345 84.78 3.05 -59.30
C ASP L 345 86.05 3.03 -58.46
N LYS L 346 85.92 3.12 -57.14
CA LYS L 346 87.05 3.11 -56.23
C LYS L 346 86.89 2.01 -55.19
N TRP L 347 88.01 1.39 -54.85
CA TRP L 347 88.07 0.34 -53.85
C TRP L 347 88.37 0.94 -52.48
N LEU L 348 87.60 0.51 -51.48
CA LEU L 348 87.76 1.00 -50.12
C LEU L 348 88.75 0.11 -49.38
N VAL L 349 89.90 0.67 -49.00
CA VAL L 349 90.96 -0.09 -48.35
C VAL L 349 90.81 0.05 -46.85
N THR L 350 90.84 -1.08 -46.13
CA THR L 350 90.73 -1.10 -44.68
C THR L 350 92.08 -1.39 -44.02
N GLU L 351 92.83 -2.35 -44.54
CA GLU L 351 94.13 -2.72 -43.97
C GLU L 351 95.14 -2.87 -45.09
N GLY L 352 96.41 -2.65 -44.74
CA GLY L 352 97.50 -2.79 -45.67
C GLY L 352 98.02 -1.50 -46.27
N LEU L 353 97.50 -0.35 -45.87
CA LEU L 353 97.98 0.92 -46.39
C LEU L 353 97.86 1.98 -45.29
N LYS L 354 98.67 3.03 -45.43
CA LYS L 354 98.70 4.12 -44.47
C LYS L 354 98.52 5.44 -45.22
N ALA L 355 98.05 6.45 -44.49
CA ALA L 355 97.87 7.77 -45.08
C ALA L 355 99.20 8.34 -45.52
N GLY L 356 99.20 9.02 -46.66
CA GLY L 356 100.41 9.60 -47.21
C GLY L 356 101.25 8.69 -48.06
N ASP L 357 100.86 7.42 -48.21
CA ASP L 357 101.60 6.50 -49.07
C ASP L 357 101.42 6.92 -50.53
N ARG L 358 102.30 6.40 -51.39
CA ARG L 358 102.41 6.87 -52.77
C ARG L 358 102.38 5.66 -53.69
N VAL L 359 101.28 5.50 -54.45
CA VAL L 359 101.02 4.28 -55.19
C VAL L 359 100.71 4.59 -56.66
N VAL L 360 100.97 3.58 -57.51
CA VAL L 360 100.86 3.68 -58.96
C VAL L 360 99.46 3.30 -59.40
N ILE L 361 98.98 3.95 -60.46
CA ILE L 361 97.64 3.67 -60.98
C ILE L 361 97.73 3.39 -62.48
N SER L 362 98.77 3.88 -63.13
CA SER L 362 98.90 3.80 -64.58
C SER L 362 100.16 3.05 -64.96
N GLY L 363 100.11 2.39 -66.12
CA GLY L 363 101.27 1.67 -66.63
C GLY L 363 101.76 0.56 -65.73
N LEU L 364 100.84 -0.20 -65.14
CA LEU L 364 101.23 -1.28 -64.22
C LEU L 364 102.02 -2.36 -64.96
N GLN L 365 101.59 -2.71 -66.18
CA GLN L 365 102.30 -3.71 -66.95
C GLN L 365 103.66 -3.23 -67.43
N LYS L 366 103.93 -1.93 -67.37
CA LYS L 366 105.20 -1.38 -67.80
C LYS L 366 106.22 -1.28 -66.67
N VAL L 367 105.85 -1.62 -65.44
CA VAL L 367 106.72 -1.51 -64.27
C VAL L 367 106.82 -2.86 -63.60
N ARG L 368 108.05 -3.30 -63.33
CA ARG L 368 108.33 -4.54 -62.61
C ARG L 368 108.89 -4.22 -61.22
N PRO L 369 108.66 -5.09 -60.24
CA PRO L 369 109.18 -4.85 -58.90
C PRO L 369 110.70 -4.78 -58.89
N GLY L 370 111.24 -3.90 -58.05
CA GLY L 370 112.67 -3.72 -57.93
C GLY L 370 113.28 -2.80 -58.97
N VAL L 371 112.49 -2.21 -59.85
CA VAL L 371 112.98 -1.33 -60.90
C VAL L 371 112.71 0.11 -60.49
N GLN L 372 113.74 0.95 -60.56
CA GLN L 372 113.58 2.37 -60.23
C GLN L 372 112.68 3.05 -61.26
N VAL L 373 111.61 3.67 -60.79
CA VAL L 373 110.63 4.32 -61.66
C VAL L 373 110.41 5.75 -61.15
N LYS L 374 110.48 6.71 -62.05
CA LYS L 374 110.20 8.10 -61.68
C LYS L 374 108.72 8.24 -61.31
N ALA L 375 108.47 8.98 -60.24
CA ALA L 375 107.12 9.17 -59.72
C ALA L 375 106.60 10.54 -60.18
N GLN L 376 105.48 10.53 -60.90
CA GLN L 376 104.86 11.74 -61.42
C GLN L 376 103.41 11.79 -61.00
N GLU L 377 103.03 12.87 -60.32
CA GLU L 377 101.67 13.01 -59.83
C GLU L 377 100.71 13.33 -60.97
N VAL L 378 99.55 12.69 -60.95
CA VAL L 378 98.48 12.93 -61.93
C VAL L 378 97.19 13.15 -61.17
N THR L 379 96.49 14.24 -61.49
CA THR L 379 95.25 14.58 -60.80
C THR L 379 94.11 13.62 -61.19
#